data_8AA1
#
_entry.id   8AA1
#
_cell.length_a   1.00
_cell.length_b   1.00
_cell.length_c   1.00
_cell.angle_alpha   90.00
_cell.angle_beta   90.00
_cell.angle_gamma   90.00
#
_symmetry.space_group_name_H-M   'P 1'
#
loop_
_entity.id
_entity.type
_entity.pdbx_description
1 polymer 'SusD homolog'
2 polymer 'SusC homolog'
3 branched beta-D-fructofuranose-(2-6)-beta-D-fructofuranose-(2-6)-beta-D-fructofuranose-(2-6)-beta-D-fructofuranose
4 branched beta-D-fructofuranose-(2-6)-beta-D-fructofuranose-(2-6)-beta-D-fructofuranose-(2-6)-[beta-D-fructofuranose-(2-1)]beta-D-fructofuranose-(2-6)-beta-D-fructofuranose-(2-6)-beta-D-fructofuranose
5 non-polymer 'MAGNESIUM ION'
#
loop_
_entity_poly.entity_id
_entity_poly.type
_entity_poly.pdbx_seq_one_letter_code
_entity_poly.pdbx_strand_id
1 'polypeptide(L)'
;MKKIIYIATIGITLLTTSCDDFLDRQVPQGIVTGDQIASPEYVDNLVISAYAIWATGDDINSSFSLWNYDVRSDDCYKGG
SGTEDGGVFNALEISKGINTTDWNINDIWKRLYQCITRANTALQSLDQMDEKTYPLKNQRIAEMRFLRGHAHFMLKQLFK
KIVIVNDENMEPDAYNELSNTTYTNDEQWQKIADDFQFAYDNLPEVQIEKGRPAQAAAAAYLAKTYLYKAYRQDGADNAL
TGINEEDLKQVVKYTDPLIMAKGGYGLETDYSMNFLPQYENGAESVWAIQYSINDGTYNGNLNWGMGLTTPQILGCCDFH
KPSQNLVNAFKTDSQGKPLFSTYDNENYEVATDNVDPRLFHTVGMPGFPYKYNEGYIIQKNDDWSRSKGLYGYYVSLKEN
VDPDCDCLKKGSYWASSLNHIVIRYADVLLMRAEALIQLNDGRITDAISLINEVRSRAAGSTMLIFNYKEDYGVNFKVTP
YDLKAYAQDEAMKMLKWERRVEFGMESSRFFDLVRWGEAKDVINAYYVTEASRCSIYKNAGFTENKNEYLPVPFEQISAS
NGNYTQNFGWAAAAHHHHHH
;
B,J
2 'polypeptide(L)'
;MPGIMKNKKLLCSVCFLFAFMSALWGQNITVKGNVTSKTDGQPIIGASVVETTATTNGTITDFDGNFTLSVPVNSTLKIT
YIGYKPVTVKAAAIVNVLLEEDTQMVDEVVVTGYTTQRKADLTGAVSVVKVDEIQKQGENNPVKALQGRVPGMNITADGN
PSGSATVRIRGIGTLNNNDPLYIIDGVPTKAGMHELNGNDIESIQVLKDAASASIYGSRAANGVIIITTKQGKKGQIKIN
FDASVSASMYQSKMNVLNTEQYGRAMWQAYVNDGENPNGNALGYAYNWGYNADGNPVLYGMTLSKYLDSKNTMPVADTDW
FDEITRTGVIQQYNLSVSNGSEKGSSFFSLGYYKNLGVIKDTDFDRFSARMNSDYKLIDDILTIGQHFTLNRTSEVQAPG
GIIETALDIPSAIPVYASDGSWGGPVGGWPDRRNPRAVLEYNKDNRYTYWRMFGDAYVNLTPFKGFNLRSTFGLDYANKQ
ARYFTYPYQEGTQTNNGKSAVEAKQEHWTKWMWNAIATYQLEVGKHRGDVMIGMELNREDDSHFSGYKEDFSILTPDYMW
PDAGSGTAQAYGAGEGYSLVSFFGKMNYSYADRYLLSLTLRRDGSSRFGKNHRYATFPSVSLGWRITQENFMKELTWLDD
LKLRASWGQTGNQEISNLARYTIYAPNYGTTDSFGGQSYGTAYDITGSNGGGVLPSGFKRNQIGNDNIKWETTTQTNVGI
DFSLFKQSLYGSLEYYYKKATDILTEMAGVGVLGEGGSRWINSGAMKNQGFEFNLGYRNKTAFGLTYDLNGNISTYRNEI
LELPETVAANGKFGGNGVKSVVGHTYGAQVGYIADGIFKSQDEVDNHATQEGAAVGRIRYRDIDHNGVIDERDQNWIYDP
TPSFSYGLNIYLEYKNFDLTMFWQGVQGVDIISDVKKKSDFWSASNVGFLNKGTRLLNAWSPTNPNSDIPALTRSDTNNE
QRVSTYFVENGSFLKLRNIQLGYTVPAVISKKMRMDRLRFYCSAQNLLTIKSKNFTGEDPENPNFSYPIPVNITFGLNIG
F
;
A,I
#
loop_
_chem_comp.id
_chem_comp.type
_chem_comp.name
_chem_comp.formula
FRU D-saccharide, beta linking beta-D-fructofuranose 'C6 H12 O6'
MG non-polymer 'MAGNESIUM ION' 'Mg 2'
#
# COMPACT_ATOMS: atom_id res chain seq x y z
N ASP A 20 -29.19 8.77 -22.53
CA ASP A 20 -28.62 7.53 -22.03
C ASP A 20 -27.28 7.78 -21.34
N ASP A 21 -27.29 7.81 -20.01
CA ASP A 21 -26.09 8.06 -19.23
C ASP A 21 -25.35 6.78 -18.87
N PHE A 22 -25.76 5.64 -19.43
CA PHE A 22 -25.07 4.38 -19.15
C PHE A 22 -23.62 4.42 -19.61
N LEU A 23 -23.38 4.98 -20.79
CA LEU A 23 -22.03 4.99 -21.37
C LEU A 23 -21.26 6.27 -21.03
N ASP A 24 -21.78 7.12 -20.15
CA ASP A 24 -21.19 8.43 -19.93
C ASP A 24 -20.83 8.73 -18.48
N ARG A 25 -21.15 7.87 -17.51
CA ARG A 25 -20.77 8.21 -16.15
C ARG A 25 -19.27 8.23 -16.00
N GLN A 26 -18.59 7.30 -16.67
CA GLN A 26 -17.23 6.92 -16.33
C GLN A 26 -16.24 7.92 -16.91
N VAL A 27 -15.25 8.28 -16.11
CA VAL A 27 -14.28 9.30 -16.47
C VAL A 27 -12.89 8.74 -16.25
N PRO A 28 -11.87 9.34 -16.85
CA PRO A 28 -10.50 8.89 -16.62
C PRO A 28 -10.14 8.91 -15.14
N GLN A 29 -9.40 7.89 -14.71
CA GLN A 29 -9.02 7.72 -13.32
C GLN A 29 -7.53 7.99 -13.15
N GLY A 30 -7.20 8.91 -12.25
CA GLY A 30 -5.82 9.17 -11.91
C GLY A 30 -5.00 9.91 -12.94
N ILE A 31 -5.63 10.48 -13.97
CA ILE A 31 -4.91 11.21 -15.01
C ILE A 31 -5.59 12.56 -15.21
N VAL A 32 -4.91 13.42 -15.96
CA VAL A 32 -5.42 14.75 -16.31
C VAL A 32 -5.57 14.80 -17.82
N THR A 33 -6.73 15.23 -18.29
CA THR A 33 -6.99 15.28 -19.72
C THR A 33 -6.20 16.42 -20.35
N GLY A 34 -6.13 16.39 -21.69
CA GLY A 34 -5.34 17.37 -22.41
C GLY A 34 -5.88 18.78 -22.34
N ASP A 35 -7.20 18.92 -22.18
CA ASP A 35 -7.80 20.25 -22.10
C ASP A 35 -7.60 20.91 -20.74
N GLN A 36 -7.25 20.15 -19.72
CA GLN A 36 -7.02 20.68 -18.39
C GLN A 36 -5.56 20.98 -18.09
N ILE A 37 -4.64 20.50 -18.94
CA ILE A 37 -3.21 20.71 -18.68
C ILE A 37 -2.80 22.16 -18.95
N ALA A 38 -3.64 22.93 -19.64
CA ALA A 38 -3.35 24.32 -19.94
C ALA A 38 -3.76 25.27 -18.82
N SER A 39 -4.29 24.75 -17.72
CA SER A 39 -4.74 25.60 -16.63
C SER A 39 -3.55 26.29 -15.97
N PRO A 40 -3.73 27.53 -15.49
CA PRO A 40 -2.60 28.27 -14.92
C PRO A 40 -2.00 27.63 -13.67
N GLU A 41 -2.74 26.78 -12.95
CA GLU A 41 -2.22 26.22 -11.72
C GLU A 41 -1.32 25.01 -11.92
N TYR A 42 -1.20 24.53 -13.17
CA TYR A 42 -0.35 23.38 -13.46
C TYR A 42 0.96 23.73 -14.14
N VAL A 43 1.07 24.96 -14.67
CA VAL A 43 2.20 25.29 -15.55
C VAL A 43 3.52 25.11 -14.82
N ASP A 44 3.60 25.57 -13.56
CA ASP A 44 4.83 25.39 -12.79
C ASP A 44 5.21 23.93 -12.73
N ASN A 45 4.24 23.05 -12.45
CA ASN A 45 4.49 21.61 -12.47
C ASN A 45 5.12 21.20 -13.79
N LEU A 46 4.53 21.64 -14.90
CA LEU A 46 5.06 21.30 -16.21
C LEU A 46 6.50 21.77 -16.35
N VAL A 47 6.80 22.96 -15.82
CA VAL A 47 8.17 23.46 -15.86
C VAL A 47 9.12 22.46 -15.20
N ILE A 48 8.73 21.99 -14.00
CA ILE A 48 9.56 21.01 -13.31
C ILE A 48 9.71 19.75 -14.16
N SER A 49 8.64 19.38 -14.87
CA SER A 49 8.72 18.23 -15.76
C SER A 49 9.86 18.38 -16.74
N ALA A 50 10.01 19.55 -17.33
CA ALA A 50 11.05 19.74 -18.34
C ALA A 50 12.45 19.54 -17.76
N TYR A 51 12.61 19.69 -16.45
CA TYR A 51 13.89 19.37 -15.83
C TYR A 51 14.01 17.88 -15.53
N ALA A 52 12.92 17.26 -15.09
CA ALA A 52 12.99 15.87 -14.65
C ALA A 52 13.38 14.94 -15.79
N ILE A 53 12.96 15.27 -17.03
CA ILE A 53 13.31 14.44 -18.17
C ILE A 53 14.82 14.40 -18.38
N TRP A 54 15.53 15.42 -17.90
CA TRP A 54 16.98 15.45 -18.03
C TRP A 54 17.67 14.60 -16.97
N ALA A 55 16.95 14.12 -15.96
CA ALA A 55 17.51 13.25 -14.94
C ALA A 55 16.89 11.86 -14.91
N THR A 56 15.74 11.65 -15.52
CA THR A 56 15.06 10.36 -15.52
C THR A 56 14.84 9.79 -16.90
N GLY A 57 15.13 10.54 -17.96
CA GLY A 57 14.90 10.09 -19.31
C GLY A 57 16.07 9.42 -20.00
N ASP A 58 17.17 9.18 -19.28
CA ASP A 58 18.37 8.58 -19.86
C ASP A 58 18.52 7.15 -19.37
N ASP A 59 18.85 6.24 -20.29
CA ASP A 59 19.05 4.84 -19.97
C ASP A 59 20.54 4.58 -19.75
N ILE A 60 20.89 3.33 -19.45
CA ILE A 60 22.29 2.97 -19.26
C ILE A 60 23.05 3.04 -20.58
N ASN A 61 22.41 2.64 -21.68
CA ASN A 61 23.04 2.67 -22.99
C ASN A 61 22.87 3.99 -23.71
N SER A 62 22.07 4.92 -23.18
CA SER A 62 21.86 6.22 -23.79
C SER A 62 21.77 7.25 -22.66
N SER A 63 22.91 7.85 -22.34
CA SER A 63 22.99 8.87 -21.30
C SER A 63 23.15 10.25 -21.93
N PHE A 64 22.63 11.26 -21.25
CA PHE A 64 22.72 12.63 -21.74
C PHE A 64 24.14 13.19 -21.64
N SER A 65 25.04 12.51 -20.93
CA SER A 65 26.45 12.86 -20.98
C SER A 65 27.12 12.39 -22.26
N LEU A 66 26.47 11.49 -23.00
CA LEU A 66 26.95 11.02 -24.30
C LEU A 66 28.32 10.35 -24.21
N TRP A 67 28.53 9.60 -23.12
CA TRP A 67 29.75 8.82 -23.01
C TRP A 67 29.70 7.57 -23.89
N ASN A 68 28.49 7.07 -24.16
CA ASN A 68 28.35 5.88 -25.00
C ASN A 68 28.86 6.13 -26.41
N TYR A 69 28.60 7.32 -26.95
CA TYR A 69 29.02 7.67 -28.29
C TYR A 69 30.37 8.37 -28.33
N ASP A 70 31.00 8.58 -27.17
CA ASP A 70 32.33 9.16 -27.11
C ASP A 70 33.43 8.10 -27.17
N VAL A 71 33.07 6.81 -27.16
CA VAL A 71 34.06 5.76 -27.30
C VAL A 71 34.72 5.79 -28.66
N ARG A 72 34.12 6.47 -29.64
CA ARG A 72 34.73 6.61 -30.95
C ARG A 72 36.03 7.41 -30.89
N SER A 73 36.21 8.24 -29.87
CA SER A 73 37.41 9.05 -29.75
C SER A 73 38.58 8.23 -29.25
N ASP A 74 39.71 8.90 -29.01
CA ASP A 74 40.93 8.25 -28.55
C ASP A 74 41.06 8.24 -27.03
N ASP A 75 40.08 8.79 -26.31
CA ASP A 75 40.21 8.89 -24.86
C ASP A 75 39.98 7.55 -24.17
N CYS A 76 39.04 6.75 -24.65
CA CYS A 76 38.63 5.56 -23.92
C CYS A 76 38.20 4.46 -24.87
N TYR A 77 38.18 3.24 -24.36
CA TYR A 77 37.60 2.10 -25.05
C TYR A 77 36.15 1.91 -24.57
N LYS A 78 35.54 0.79 -24.97
CA LYS A 78 34.25 0.37 -24.45
C LYS A 78 34.46 -0.79 -23.49
N GLY A 79 33.93 -0.67 -22.29
CA GLY A 79 34.11 -1.67 -21.27
C GLY A 79 33.29 -2.92 -21.50
N GLY A 80 32.91 -3.56 -20.40
CA GLY A 80 32.12 -4.78 -20.46
C GLY A 80 32.96 -6.02 -20.61
N SER A 81 32.26 -7.15 -20.75
CA SER A 81 32.93 -8.44 -20.87
C SER A 81 33.75 -8.52 -22.15
N GLY A 82 33.23 -7.98 -23.24
CA GLY A 82 33.94 -8.06 -24.50
C GLY A 82 33.29 -7.18 -25.55
N THR A 83 33.65 -7.46 -26.81
CA THR A 83 33.12 -6.69 -27.92
C THR A 83 31.61 -6.88 -28.06
N GLU A 84 31.13 -8.11 -27.81
CA GLU A 84 29.70 -8.40 -27.95
C GLU A 84 28.85 -7.66 -26.93
N ASP A 85 29.43 -7.20 -25.83
CA ASP A 85 28.69 -6.44 -24.84
C ASP A 85 28.45 -5.03 -25.37
N GLY A 86 27.32 -4.82 -26.04
CA GLY A 86 27.09 -3.59 -26.75
C GLY A 86 27.77 -3.59 -28.10
N GLY A 87 27.37 -4.54 -28.96
CA GLY A 87 28.02 -4.69 -30.25
C GLY A 87 27.91 -3.46 -31.13
N VAL A 88 26.77 -2.76 -31.04
CA VAL A 88 26.61 -1.53 -31.81
C VAL A 88 27.61 -0.47 -31.37
N PHE A 89 27.82 -0.37 -30.05
CA PHE A 89 28.80 0.59 -29.55
C PHE A 89 30.22 0.18 -29.91
N ASN A 90 30.51 -1.12 -29.95
CA ASN A 90 31.82 -1.57 -30.42
C ASN A 90 32.03 -1.21 -31.88
N ALA A 91 31.00 -1.39 -32.70
CA ALA A 91 31.08 -1.01 -34.11
C ALA A 91 31.30 0.50 -34.26
N LEU A 92 30.63 1.29 -33.43
CA LEU A 92 30.87 2.73 -33.43
C LEU A 92 32.30 3.05 -33.05
N GLU A 93 32.83 2.37 -32.03
CA GLU A 93 34.19 2.63 -31.58
C GLU A 93 35.21 2.30 -32.65
N ILE A 94 35.04 1.16 -33.34
CA ILE A 94 35.96 0.79 -34.41
C ILE A 94 35.58 1.40 -35.76
N SER A 95 34.43 2.07 -35.84
CA SER A 95 33.98 2.74 -37.06
C SER A 95 33.85 1.76 -38.23
N LYS A 96 33.56 0.49 -37.93
CA LYS A 96 33.38 -0.53 -38.94
C LYS A 96 32.10 -1.30 -38.65
N GLY A 97 31.37 -1.64 -39.71
CA GLY A 97 30.13 -2.37 -39.55
C GLY A 97 29.04 -1.58 -38.85
N ILE A 98 28.93 -0.28 -39.15
CA ILE A 98 27.90 0.57 -38.58
C ILE A 98 26.72 0.59 -39.53
N ASN A 99 25.54 0.23 -39.03
CA ASN A 99 24.33 0.17 -39.82
C ASN A 99 23.36 1.25 -39.36
N THR A 100 22.61 1.82 -40.31
CA THR A 100 21.60 2.81 -39.97
C THR A 100 20.46 2.21 -39.16
N THR A 101 20.27 0.90 -39.23
CA THR A 101 19.23 0.21 -38.46
C THR A 101 19.76 -0.29 -37.12
N ASP A 102 20.34 0.62 -36.34
CA ASP A 102 20.88 0.29 -35.02
C ASP A 102 19.98 0.87 -33.95
N TRP A 103 19.76 0.10 -32.88
CA TRP A 103 18.80 0.50 -31.86
C TRP A 103 19.29 1.68 -31.04
N ASN A 104 20.60 1.79 -30.79
CA ASN A 104 21.11 2.87 -29.95
C ASN A 104 20.91 4.24 -30.59
N ILE A 105 21.15 4.34 -31.91
CA ILE A 105 21.02 5.62 -32.60
C ILE A 105 19.57 6.10 -32.54
N ASN A 106 18.63 5.21 -32.89
CA ASN A 106 17.22 5.56 -32.84
C ASN A 106 16.80 5.88 -31.41
N ASP A 107 17.33 5.15 -30.44
CA ASP A 107 16.96 5.38 -29.05
C ASP A 107 17.39 6.76 -28.58
N ILE A 108 18.63 7.15 -28.89
CA ILE A 108 19.10 8.46 -28.44
C ILE A 108 18.37 9.58 -29.18
N TRP A 109 18.08 9.38 -30.47
CA TRP A 109 17.29 10.33 -31.22
C TRP A 109 15.92 10.54 -30.56
N LYS A 110 15.24 9.43 -30.25
CA LYS A 110 13.91 9.51 -29.66
C LYS A 110 13.95 10.16 -28.28
N ARG A 111 14.96 9.82 -27.47
CA ARG A 111 15.03 10.39 -26.12
C ARG A 111 15.28 11.89 -26.15
N LEU A 112 16.21 12.34 -27.01
CA LEU A 112 16.47 13.77 -27.11
C LEU A 112 15.24 14.51 -27.61
N TYR A 113 14.53 13.95 -28.60
CA TYR A 113 13.32 14.62 -29.05
C TYR A 113 12.21 14.56 -28.01
N GLN A 114 12.19 13.53 -27.16
CA GLN A 114 11.23 13.51 -26.05
C GLN A 114 11.49 14.66 -25.10
N CYS A 115 12.77 14.92 -24.77
CA CYS A 115 13.10 16.09 -23.96
C CYS A 115 12.65 17.37 -24.66
N ILE A 116 12.87 17.45 -25.98
CA ILE A 116 12.47 18.64 -26.73
C ILE A 116 10.97 18.88 -26.62
N THR A 117 10.17 17.82 -26.80
CA THR A 117 8.71 18.01 -26.77
C THR A 117 8.20 18.27 -25.36
N ARG A 118 8.85 17.73 -24.33
CA ARG A 118 8.46 18.11 -22.98
C ARG A 118 8.71 19.60 -22.75
N ALA A 119 9.86 20.10 -23.19
CA ALA A 119 10.13 21.53 -23.08
C ALA A 119 9.13 22.34 -23.89
N ASN A 120 8.76 21.85 -25.08
CA ASN A 120 7.80 22.55 -25.93
C ASN A 120 6.42 22.60 -25.29
N THR A 121 6.00 21.51 -24.66
CA THR A 121 4.72 21.51 -23.96
C THR A 121 4.72 22.51 -22.81
N ALA A 122 5.81 22.56 -22.05
CA ALA A 122 5.91 23.55 -20.99
C ALA A 122 5.87 24.97 -21.54
N LEU A 123 6.56 25.20 -22.66
CA LEU A 123 6.55 26.52 -23.30
C LEU A 123 5.15 26.90 -23.77
N GLN A 124 4.43 25.94 -24.36
CA GLN A 124 3.07 26.20 -24.83
C GLN A 124 2.15 26.55 -23.66
N SER A 125 2.32 25.85 -22.53
CA SER A 125 1.55 26.20 -21.34
C SER A 125 1.90 27.59 -20.85
N LEU A 126 3.19 27.94 -20.87
CA LEU A 126 3.62 29.25 -20.37
C LEU A 126 3.11 30.39 -21.23
N ASP A 127 3.10 30.21 -22.55
CA ASP A 127 2.81 31.30 -23.47
C ASP A 127 1.37 31.80 -23.38
N GLN A 128 0.48 31.05 -22.75
CA GLN A 128 -0.94 31.42 -22.66
C GLN A 128 -1.29 31.96 -21.28
N MET A 129 -0.39 32.71 -20.65
CA MET A 129 -0.60 33.22 -19.30
C MET A 129 -0.28 34.72 -19.25
N ASP A 130 -0.97 35.41 -18.36
CA ASP A 130 -0.82 36.85 -18.23
C ASP A 130 0.47 37.19 -17.49
N GLU A 131 1.16 38.23 -17.97
CA GLU A 131 2.42 38.65 -17.36
C GLU A 131 2.21 39.20 -15.96
N LYS A 132 1.15 40.00 -15.76
CA LYS A 132 0.93 40.63 -14.46
C LYS A 132 0.58 39.60 -13.40
N THR A 133 -0.24 38.61 -13.76
CA THR A 133 -0.62 37.59 -12.79
C THR A 133 0.57 36.68 -12.44
N TYR A 134 1.43 36.41 -13.42
CA TYR A 134 2.60 35.55 -13.24
C TYR A 134 3.85 36.36 -13.57
N PRO A 135 4.46 37.01 -12.57
CA PRO A 135 5.61 37.87 -12.86
C PRO A 135 6.80 37.13 -13.46
N LEU A 136 6.99 35.85 -13.12
CA LEU A 136 8.14 35.08 -13.57
C LEU A 136 7.89 34.37 -14.90
N LYS A 137 6.97 34.87 -15.71
CA LYS A 137 6.69 34.24 -17.00
C LYS A 137 7.91 34.27 -17.91
N ASN A 138 8.57 35.43 -18.00
CA ASN A 138 9.71 35.56 -18.88
C ASN A 138 10.87 34.67 -18.45
N GLN A 139 11.13 34.59 -17.14
CA GLN A 139 12.22 33.75 -16.66
C GLN A 139 11.96 32.27 -16.94
N ARG A 140 10.73 31.82 -16.70
CA ARG A 140 10.39 30.42 -16.99
C ARG A 140 10.50 30.13 -18.48
N ILE A 141 10.03 31.06 -19.31
CA ILE A 141 10.13 30.87 -20.76
C ILE A 141 11.59 30.80 -21.17
N ALA A 142 12.44 31.66 -20.59
CA ALA A 142 13.87 31.63 -20.91
C ALA A 142 14.50 30.31 -20.49
N GLU A 143 14.13 29.80 -19.32
CA GLU A 143 14.67 28.51 -18.87
C GLU A 143 14.25 27.39 -19.82
N MET A 144 12.98 27.41 -20.25
CA MET A 144 12.50 26.34 -21.11
C MET A 144 13.17 26.41 -22.48
N ARG A 145 13.36 27.63 -22.99
CA ARG A 145 14.08 27.82 -24.23
C ARG A 145 15.52 27.33 -24.10
N PHE A 146 16.14 27.57 -22.94
CA PHE A 146 17.50 27.10 -22.70
C PHE A 146 17.56 25.58 -22.75
N LEU A 147 16.61 24.91 -22.11
CA LEU A 147 16.62 23.44 -22.14
C LEU A 147 16.38 22.92 -23.55
N ARG A 148 15.44 23.51 -24.28
CA ARG A 148 15.19 23.09 -25.65
C ARG A 148 16.42 23.29 -26.52
N GLY A 149 17.10 24.42 -26.35
CA GLY A 149 18.32 24.67 -27.11
C GLY A 149 19.43 23.71 -26.75
N HIS A 150 19.53 23.35 -25.47
CA HIS A 150 20.53 22.36 -25.07
C HIS A 150 20.28 21.01 -25.72
N ALA A 151 19.02 20.58 -25.75
CA ALA A 151 18.70 19.33 -26.43
C ALA A 151 18.99 19.42 -27.93
N HIS A 152 18.65 20.55 -28.55
CA HIS A 152 18.94 20.73 -29.97
C HIS A 152 20.44 20.73 -30.24
N PHE A 153 21.22 21.34 -29.35
CA PHE A 153 22.66 21.37 -29.50
C PHE A 153 23.25 19.96 -29.41
N MET A 154 22.78 19.16 -28.45
CA MET A 154 23.29 17.80 -28.36
C MET A 154 22.90 16.97 -29.57
N LEU A 155 21.68 17.16 -30.08
CA LEU A 155 21.27 16.48 -31.31
C LEU A 155 22.14 16.90 -32.49
N LYS A 156 22.44 18.20 -32.59
CA LYS A 156 23.30 18.71 -33.66
C LYS A 156 24.70 18.12 -33.56
N GLN A 157 25.22 17.98 -32.34
CA GLN A 157 26.52 17.34 -32.16
C GLN A 157 26.48 15.89 -32.61
N LEU A 158 25.43 15.16 -32.22
CA LEU A 158 25.33 13.75 -32.61
C LEU A 158 25.03 13.61 -34.10
N PHE A 159 24.05 14.35 -34.59
CA PHE A 159 23.63 14.27 -35.99
C PHE A 159 23.78 15.64 -36.64
N LYS A 160 24.48 15.69 -37.78
CA LYS A 160 24.64 16.96 -38.48
C LYS A 160 23.31 17.52 -38.95
N LYS A 161 22.45 16.65 -39.49
CA LYS A 161 21.14 17.06 -39.98
C LYS A 161 20.08 16.65 -38.97
N ILE A 162 19.41 17.65 -38.38
CA ILE A 162 18.40 17.41 -37.36
C ILE A 162 17.16 18.22 -37.71
N VAL A 163 16.04 17.85 -37.10
CA VAL A 163 14.79 18.57 -37.25
C VAL A 163 14.70 19.61 -36.14
N ILE A 164 14.52 20.87 -36.53
CA ILE A 164 14.45 21.98 -35.58
C ILE A 164 12.99 22.13 -35.14
N VAL A 165 12.67 21.58 -33.98
CA VAL A 165 11.32 21.68 -33.41
C VAL A 165 11.37 22.83 -32.42
N ASN A 166 11.08 24.04 -32.92
CA ASN A 166 11.11 25.25 -32.12
C ASN A 166 9.79 26.00 -32.17
N ASP A 167 8.69 25.27 -32.38
CA ASP A 167 7.35 25.85 -32.42
C ASP A 167 6.49 25.11 -31.40
N GLU A 168 6.28 25.73 -30.24
CA GLU A 168 5.48 25.10 -29.20
C GLU A 168 4.01 24.99 -29.59
N ASN A 169 3.52 25.95 -30.36
CA ASN A 169 2.12 25.94 -30.80
C ASN A 169 1.95 25.21 -32.13
N MET A 170 2.42 23.97 -32.18
CA MET A 170 2.34 23.14 -33.37
C MET A 170 1.48 21.91 -33.07
N GLU A 171 0.50 21.67 -33.94
CA GLU A 171 -0.36 20.51 -33.77
C GLU A 171 0.43 19.23 -34.09
N PRO A 172 0.06 18.11 -33.45
CA PRO A 172 0.78 16.85 -33.73
C PRO A 172 0.73 16.44 -35.19
N ASP A 173 -0.39 16.69 -35.87
CA ASP A 173 -0.50 16.30 -37.27
C ASP A 173 0.50 17.04 -38.14
N ALA A 174 0.91 18.25 -37.74
CA ALA A 174 1.93 18.98 -38.48
C ALA A 174 3.32 18.38 -38.31
N TYR A 175 3.53 17.59 -37.26
CA TYR A 175 4.85 17.01 -37.03
C TYR A 175 5.28 16.06 -38.14
N ASN A 176 4.33 15.50 -38.88
CA ASN A 176 4.68 14.65 -40.00
C ASN A 176 5.23 15.45 -41.19
N GLU A 177 4.98 16.76 -41.22
CA GLU A 177 5.43 17.60 -42.31
C GLU A 177 6.81 18.20 -42.07
N LEU A 178 7.39 18.00 -40.89
CA LEU A 178 8.71 18.55 -40.60
C LEU A 178 9.79 17.79 -41.35
N SER A 179 10.90 18.48 -41.60
CA SER A 179 12.04 17.90 -42.32
C SER A 179 13.33 18.45 -41.73
N ASN A 180 14.40 17.69 -41.92
CA ASN A 180 15.73 18.09 -41.45
C ASN A 180 16.49 18.92 -42.47
N THR A 181 15.93 19.10 -43.68
CA THR A 181 16.56 19.92 -44.71
C THR A 181 15.84 21.25 -44.90
N THR A 182 14.94 21.62 -43.99
CA THR A 182 14.26 22.91 -44.09
C THR A 182 15.25 24.05 -43.98
N TYR A 183 16.21 23.94 -43.06
CA TYR A 183 17.25 24.94 -42.87
C TYR A 183 18.61 24.34 -43.18
N THR A 184 19.53 25.19 -43.63
CA THR A 184 20.90 24.75 -43.88
C THR A 184 21.63 24.60 -42.55
N ASN A 185 22.90 24.18 -42.62
CA ASN A 185 23.68 23.97 -41.41
C ASN A 185 23.83 25.28 -40.64
N ASP A 186 24.19 26.36 -41.33
CA ASP A 186 24.31 27.66 -40.67
C ASP A 186 22.97 28.13 -40.13
N GLU A 187 21.91 27.93 -40.90
CA GLU A 187 20.58 28.33 -40.44
C GLU A 187 20.15 27.52 -39.22
N GLN A 188 20.45 26.22 -39.21
CA GLN A 188 20.13 25.40 -38.05
C GLN A 188 20.92 25.85 -36.83
N TRP A 189 22.20 26.17 -37.00
CA TRP A 189 22.99 26.69 -35.89
C TRP A 189 22.41 28.00 -35.37
N GLN A 190 21.98 28.88 -36.26
CA GLN A 190 21.37 30.14 -35.84
C GLN A 190 20.07 29.91 -35.09
N LYS A 191 19.25 28.95 -35.57
CA LYS A 191 18.01 28.63 -34.88
C LYS A 191 18.29 28.09 -33.48
N ILE A 192 19.33 27.27 -33.34
CA ILE A 192 19.71 26.77 -32.02
C ILE A 192 20.16 27.92 -31.12
N ALA A 193 20.96 28.84 -31.68
CA ALA A 193 21.51 29.93 -30.88
C ALA A 193 20.47 30.99 -30.52
N ASP A 194 19.35 31.04 -31.25
CA ASP A 194 18.31 32.02 -30.93
C ASP A 194 17.73 31.79 -29.54
N ASP A 195 17.49 30.52 -29.18
CA ASP A 195 16.97 30.22 -27.86
C ASP A 195 17.95 30.64 -26.77
N PHE A 196 19.25 30.39 -26.98
CA PHE A 196 20.25 30.82 -26.01
C PHE A 196 20.31 32.33 -25.90
N GLN A 197 20.19 33.03 -27.03
CA GLN A 197 20.16 34.49 -26.99
C GLN A 197 18.98 35.00 -26.19
N PHE A 198 17.80 34.41 -26.41
CA PHE A 198 16.62 34.81 -25.65
C PHE A 198 16.81 34.53 -24.15
N ALA A 199 17.36 33.37 -23.82
CA ALA A 199 17.58 33.03 -22.42
C ALA A 199 18.56 34.01 -21.78
N TYR A 200 19.65 34.33 -22.48
CA TYR A 200 20.60 35.30 -21.94
C TYR A 200 19.95 36.66 -21.75
N ASP A 201 19.08 37.07 -22.67
CA ASP A 201 18.40 38.34 -22.54
C ASP A 201 17.34 38.33 -21.43
N ASN A 202 16.85 37.16 -21.03
CA ASN A 202 15.76 37.10 -20.07
C ASN A 202 16.10 36.42 -18.73
N LEU A 203 17.11 35.57 -18.68
CA LEU A 203 17.41 34.87 -17.43
C LEU A 203 17.96 35.83 -16.38
N PRO A 204 17.66 35.58 -15.11
CA PRO A 204 18.22 36.41 -14.04
C PRO A 204 19.71 36.18 -13.87
N GLU A 205 20.37 37.18 -13.27
CA GLU A 205 21.81 37.10 -13.09
C GLU A 205 22.20 35.97 -12.14
N VAL A 206 21.47 35.81 -11.05
CA VAL A 206 21.75 34.79 -10.05
C VAL A 206 20.46 34.04 -9.73
N GLN A 207 20.57 32.73 -9.55
CA GLN A 207 19.45 31.86 -9.24
C GLN A 207 19.59 31.33 -7.83
N ILE A 208 18.55 31.52 -7.01
CA ILE A 208 18.55 30.96 -5.66
C ILE A 208 18.52 29.43 -5.72
N GLU A 209 17.79 28.87 -6.68
CA GLU A 209 17.74 27.43 -6.89
C GLU A 209 18.83 27.05 -7.88
N LYS A 210 19.75 26.18 -7.44
CA LYS A 210 20.88 25.81 -8.28
C LYS A 210 20.47 25.02 -9.52
N GLY A 211 19.31 24.37 -9.49
CA GLY A 211 18.87 23.61 -10.66
C GLY A 211 18.57 24.49 -11.85
N ARG A 212 17.97 25.65 -11.62
CA ARG A 212 17.61 26.54 -12.71
C ARG A 212 18.86 27.20 -13.27
N PRO A 213 19.03 27.24 -14.59
CA PRO A 213 20.21 27.91 -15.16
C PRO A 213 20.15 29.41 -14.94
N ALA A 214 21.34 30.01 -14.85
CA ALA A 214 21.47 31.45 -14.68
C ALA A 214 21.84 32.11 -16.00
N GLN A 215 22.00 33.43 -15.96
CA GLN A 215 22.36 34.17 -17.18
C GLN A 215 23.75 33.79 -17.65
N ALA A 216 24.68 33.55 -16.72
CA ALA A 216 26.04 33.18 -17.10
C ALA A 216 26.06 31.86 -17.86
N ALA A 217 25.27 30.88 -17.42
CA ALA A 217 25.21 29.60 -18.11
C ALA A 217 24.67 29.77 -19.53
N ALA A 218 23.63 30.58 -19.68
CA ALA A 218 23.08 30.83 -21.01
C ALA A 218 24.09 31.51 -21.90
N ALA A 219 24.83 32.49 -21.37
CA ALA A 219 25.85 33.17 -22.16
C ALA A 219 26.96 32.21 -22.58
N ALA A 220 27.41 31.36 -21.65
CA ALA A 220 28.47 30.40 -21.97
C ALA A 220 28.02 29.41 -23.03
N TYR A 221 26.79 28.91 -22.92
CA TYR A 221 26.32 27.94 -23.89
C TYR A 221 26.05 28.59 -25.25
N LEU A 222 25.62 29.85 -25.25
CA LEU A 222 25.49 30.60 -26.50
C LEU A 222 26.85 30.79 -27.16
N ALA A 223 27.88 31.10 -26.36
CA ALA A 223 29.22 31.21 -26.90
C ALA A 223 29.70 29.89 -27.47
N LYS A 224 29.38 28.78 -26.80
CA LYS A 224 29.75 27.46 -27.32
C LYS A 224 29.04 27.19 -28.65
N THR A 225 27.76 27.53 -28.74
CA THR A 225 27.03 27.34 -29.99
C THR A 225 27.61 28.18 -31.11
N TYR A 226 27.96 29.43 -30.83
CA TYR A 226 28.57 30.27 -31.85
C TYR A 226 29.94 29.74 -32.25
N LEU A 227 30.71 29.20 -31.30
CA LEU A 227 32.01 28.61 -31.62
C LEU A 227 31.85 27.41 -32.55
N TYR A 228 30.86 26.55 -32.27
CA TYR A 228 30.59 25.44 -33.17
C TYR A 228 30.09 25.92 -34.53
N LYS A 229 29.34 27.03 -34.55
CA LYS A 229 28.87 27.60 -35.80
C LYS A 229 30.01 28.20 -36.63
N ALA A 230 31.08 28.64 -35.97
CA ALA A 230 32.19 29.28 -36.67
C ALA A 230 32.84 28.32 -37.66
N TYR A 231 33.06 27.07 -37.25
CA TYR A 231 33.67 26.06 -38.12
C TYR A 231 32.62 25.60 -39.12
N ARG A 232 32.57 26.29 -40.25
CA ARG A 232 31.52 26.04 -41.24
C ARG A 232 31.69 24.67 -41.88
N GLN A 233 30.57 23.98 -42.05
CA GLN A 233 30.52 22.67 -42.70
C GLN A 233 29.70 22.75 -43.98
N ASP A 234 29.90 23.82 -44.75
CA ASP A 234 29.14 24.02 -45.97
C ASP A 234 29.48 22.96 -47.02
N GLY A 235 28.50 22.66 -47.86
CA GLY A 235 28.64 21.64 -48.88
C GLY A 235 28.00 20.33 -48.46
N ALA A 236 27.92 19.42 -49.43
CA ALA A 236 27.31 18.11 -49.18
C ALA A 236 28.12 17.31 -48.17
N ASP A 237 29.45 17.34 -48.27
CA ASP A 237 30.30 16.57 -47.39
C ASP A 237 30.44 17.26 -46.04
N ASN A 238 31.16 16.61 -45.12
CA ASN A 238 31.36 17.12 -43.76
C ASN A 238 32.76 17.67 -43.57
N ALA A 239 33.31 18.34 -44.58
CA ALA A 239 34.66 18.88 -44.52
C ALA A 239 34.64 20.35 -44.14
N LEU A 240 35.66 20.77 -43.40
CA LEU A 240 35.77 22.17 -43.01
C LEU A 240 35.99 23.04 -44.24
N THR A 241 35.22 24.13 -44.34
CA THR A 241 35.27 25.02 -45.49
C THR A 241 35.68 26.44 -45.11
N GLY A 242 36.21 26.65 -43.91
CA GLY A 242 36.65 27.97 -43.50
C GLY A 242 36.21 28.34 -42.11
N ILE A 243 36.73 29.47 -41.60
CA ILE A 243 36.40 29.96 -40.26
C ILE A 243 35.73 31.32 -40.41
N ASN A 244 34.58 31.48 -39.77
CA ASN A 244 33.82 32.72 -39.82
C ASN A 244 34.28 33.65 -38.70
N GLU A 245 34.63 34.89 -39.06
CA GLU A 245 35.15 35.84 -38.08
C GLU A 245 34.03 36.40 -37.21
N GLU A 246 32.83 36.60 -37.77
CA GLU A 246 31.72 37.16 -37.00
C GLU A 246 31.32 36.24 -35.86
N ASP A 247 31.30 34.93 -36.12
CA ASP A 247 30.97 33.98 -35.06
C ASP A 247 31.98 34.03 -33.93
N LEU A 248 33.27 34.13 -34.27
CA LEU A 248 34.30 34.23 -33.24
C LEU A 248 34.16 35.54 -32.46
N LYS A 249 33.83 36.63 -33.15
CA LYS A 249 33.59 37.89 -32.46
C LYS A 249 32.43 37.77 -31.48
N GLN A 250 31.35 37.10 -31.89
CA GLN A 250 30.22 36.87 -30.99
C GLN A 250 30.63 36.00 -29.81
N VAL A 251 31.46 34.99 -30.05
CA VAL A 251 31.95 34.15 -28.96
C VAL A 251 32.70 34.99 -27.95
N VAL A 252 33.63 35.83 -28.42
CA VAL A 252 34.41 36.67 -27.53
C VAL A 252 33.49 37.64 -26.78
N LYS A 253 32.46 38.15 -27.45
CA LYS A 253 31.52 39.06 -26.81
C LYS A 253 30.77 38.38 -25.68
N TYR A 254 30.32 37.14 -25.89
CA TYR A 254 29.49 36.45 -24.92
C TYR A 254 30.27 35.64 -23.90
N THR A 255 31.61 35.64 -23.97
CA THR A 255 32.44 34.97 -22.99
C THR A 255 33.22 35.96 -22.13
N ASP A 256 32.79 37.22 -22.10
CA ASP A 256 33.51 38.25 -21.37
C ASP A 256 33.56 37.89 -19.89
N PRO A 257 34.71 38.06 -19.24
CA PRO A 257 34.81 37.70 -17.81
C PRO A 257 33.89 38.51 -16.91
N LEU A 258 33.45 39.69 -17.34
CA LEU A 258 32.51 40.46 -16.53
C LEU A 258 31.19 39.72 -16.35
N ILE A 259 30.69 39.11 -17.42
CA ILE A 259 29.43 38.36 -17.34
C ILE A 259 29.57 37.18 -16.38
N MET A 260 30.67 36.45 -16.49
CA MET A 260 30.89 35.29 -15.62
C MET A 260 31.04 35.72 -14.16
N ALA A 261 31.80 36.80 -13.91
CA ALA A 261 31.99 37.27 -12.55
C ALA A 261 30.72 37.87 -11.96
N LYS A 262 29.81 38.36 -12.81
CA LYS A 262 28.55 38.89 -12.31
C LYS A 262 27.72 37.81 -11.64
N GLY A 263 27.76 36.59 -12.18
CA GLY A 263 27.10 35.45 -11.60
C GLY A 263 27.89 34.71 -10.54
N GLY A 264 29.08 35.20 -10.20
CA GLY A 264 29.91 34.56 -9.19
C GLY A 264 30.43 33.18 -9.59
N TYR A 265 30.93 33.04 -10.81
CA TYR A 265 31.47 31.79 -11.31
C TYR A 265 32.97 31.92 -11.55
N GLY A 266 33.72 30.90 -11.18
CA GLY A 266 35.16 30.90 -11.36
C GLY A 266 35.72 29.51 -11.14
N LEU A 267 37.01 29.39 -11.44
CA LEU A 267 37.69 28.11 -11.26
C LEU A 267 37.80 27.75 -9.79
N GLU A 268 37.62 26.47 -9.48
CA GLU A 268 37.77 26.00 -8.12
C GLU A 268 39.24 25.99 -7.72
N THR A 269 39.47 26.03 -6.40
CA THR A 269 40.84 25.99 -5.90
C THR A 269 41.49 24.63 -6.17
N ASP A 270 40.71 23.57 -6.18
CA ASP A 270 41.21 22.22 -6.42
C ASP A 270 40.39 21.58 -7.53
N TYR A 271 41.07 20.82 -8.39
CA TYR A 271 40.40 20.18 -9.52
C TYR A 271 39.38 19.14 -9.04
N SER A 272 39.77 18.32 -8.06
CA SER A 272 38.93 17.20 -7.63
C SER A 272 37.57 17.65 -7.10
N MET A 273 37.45 18.89 -6.61
CA MET A 273 36.18 19.37 -6.12
C MET A 273 35.13 19.44 -7.22
N ASN A 274 35.54 19.44 -8.48
CA ASN A 274 34.57 19.39 -9.57
C ASN A 274 33.91 18.03 -9.71
N PHE A 275 34.43 16.99 -9.05
CA PHE A 275 33.91 15.64 -9.18
C PHE A 275 33.79 14.96 -7.82
N LEU A 276 33.35 15.71 -6.82
CA LEU A 276 33.14 15.16 -5.50
C LEU A 276 31.75 15.51 -4.99
N PRO A 277 31.06 14.57 -4.34
CA PRO A 277 29.72 14.87 -3.82
C PRO A 277 29.70 15.98 -2.79
N GLN A 278 30.78 16.13 -2.01
CA GLN A 278 30.80 17.15 -0.97
C GLN A 278 30.87 18.56 -1.53
N TYR A 279 31.27 18.73 -2.79
CA TYR A 279 31.44 20.05 -3.39
C TYR A 279 30.53 20.22 -4.60
N GLU A 280 29.29 19.73 -4.51
CA GLU A 280 28.33 19.92 -5.57
C GLU A 280 27.89 21.38 -5.65
N ASN A 281 27.50 21.80 -6.84
CA ASN A 281 27.04 23.17 -7.10
C ASN A 281 28.08 24.19 -6.67
N GLY A 282 29.33 23.95 -7.08
CA GLY A 282 30.42 24.83 -6.75
C GLY A 282 30.50 26.02 -7.69
N ALA A 283 31.59 26.78 -7.52
CA ALA A 283 31.80 27.96 -8.35
C ALA A 283 31.99 27.60 -9.81
N GLU A 284 32.74 26.54 -10.09
CA GLU A 284 33.00 26.12 -11.46
C GLU A 284 31.80 25.44 -12.09
N SER A 285 30.85 24.95 -11.29
CA SER A 285 29.65 24.29 -11.80
C SER A 285 28.71 25.37 -12.31
N VAL A 286 28.91 25.77 -13.58
CA VAL A 286 28.06 26.81 -14.17
C VAL A 286 26.62 26.31 -14.29
N TRP A 287 26.44 25.08 -14.76
CA TRP A 287 25.13 24.45 -14.80
C TRP A 287 25.32 22.95 -14.80
N ALA A 288 24.57 22.26 -13.95
CA ALA A 288 24.69 20.82 -13.80
C ALA A 288 23.31 20.19 -13.64
N ILE A 289 23.23 18.91 -13.99
CA ILE A 289 22.01 18.15 -13.78
C ILE A 289 21.96 17.71 -12.33
N GLN A 290 20.88 18.04 -11.64
CA GLN A 290 20.76 17.80 -10.21
C GLN A 290 20.27 16.37 -9.98
N TYR A 291 21.17 15.51 -9.51
CA TYR A 291 20.83 14.15 -9.14
C TYR A 291 20.71 14.07 -7.62
N SER A 292 19.64 13.44 -7.14
CA SER A 292 19.31 13.43 -5.73
C SER A 292 19.05 12.01 -5.27
N ILE A 293 19.22 11.80 -3.96
CA ILE A 293 18.98 10.53 -3.31
C ILE A 293 18.09 10.77 -2.09
N ASN A 294 17.33 9.75 -1.71
CA ASN A 294 16.39 9.83 -0.59
C ASN A 294 15.41 10.98 -0.79
N ASP A 295 14.64 10.89 -1.88
CA ASP A 295 13.73 11.96 -2.28
C ASP A 295 12.34 11.45 -2.62
N GLY A 296 11.94 10.31 -2.06
CA GLY A 296 10.63 9.75 -2.31
C GLY A 296 10.52 8.89 -3.54
N THR A 297 11.57 8.81 -4.35
CA THR A 297 11.58 7.95 -5.53
C THR A 297 11.87 6.51 -5.10
N TYR A 298 11.67 5.58 -6.04
CA TYR A 298 11.91 4.17 -5.73
C TYR A 298 13.37 3.93 -5.34
N ASN A 299 14.30 4.52 -6.08
CA ASN A 299 15.71 4.45 -5.75
C ASN A 299 16.39 5.82 -5.75
N GLY A 300 15.65 6.89 -5.97
CA GLY A 300 16.24 8.21 -6.08
C GLY A 300 16.59 8.58 -7.50
N ASN A 301 16.63 9.89 -7.75
CA ASN A 301 16.98 10.41 -9.08
C ASN A 301 18.50 10.35 -9.26
N LEU A 302 19.01 9.12 -9.30
CA LEU A 302 20.44 8.89 -9.44
C LEU A 302 20.85 8.99 -10.90
N ASN A 303 22.17 9.03 -11.12
CA ASN A 303 22.73 9.10 -12.48
C ASN A 303 22.79 7.69 -13.04
N TRP A 304 21.63 7.22 -13.52
CA TRP A 304 21.56 5.87 -14.08
C TRP A 304 22.30 5.75 -15.40
N GLY A 305 22.57 6.88 -16.08
CA GLY A 305 23.33 6.81 -17.32
C GLY A 305 24.75 6.33 -17.11
N MET A 306 25.33 6.65 -15.96
CA MET A 306 26.70 6.25 -15.64
C MET A 306 26.77 4.97 -14.81
N GLY A 307 25.65 4.27 -14.67
CA GLY A 307 25.64 3.06 -13.86
C GLY A 307 26.54 1.96 -14.42
N LEU A 308 26.65 1.88 -15.74
CA LEU A 308 27.52 0.89 -16.36
C LEU A 308 29.00 1.16 -16.12
N THR A 309 29.35 2.41 -15.85
CA THR A 309 30.75 2.82 -15.75
C THR A 309 31.43 2.39 -14.45
N THR A 310 30.68 1.81 -13.51
CA THR A 310 31.26 1.43 -12.24
C THR A 310 32.28 0.31 -12.41
N PRO A 311 33.33 0.28 -11.61
CA PRO A 311 34.35 -0.76 -11.74
C PRO A 311 33.83 -2.12 -11.31
N GLN A 312 34.64 -3.14 -11.59
CA GLN A 312 34.28 -4.50 -11.20
C GLN A 312 34.25 -4.68 -9.69
N ILE A 313 34.98 -3.86 -8.93
CA ILE A 313 34.92 -3.94 -7.48
C ILE A 313 33.53 -3.55 -6.99
N LEU A 314 32.89 -2.59 -7.67
CA LEU A 314 31.52 -2.24 -7.34
C LEU A 314 30.52 -3.30 -7.76
N GLY A 315 30.94 -4.28 -8.55
CA GLY A 315 30.11 -5.44 -8.82
C GLY A 315 29.95 -5.89 -10.26
N CYS A 316 29.85 -4.97 -11.23
CA CYS A 316 29.59 -5.45 -12.59
C CYS A 316 29.80 -4.35 -13.62
N CYS A 317 29.90 -4.81 -14.87
CA CYS A 317 29.78 -4.09 -16.14
C CYS A 317 30.98 -3.23 -16.56
N ASP A 318 31.88 -2.89 -15.63
CA ASP A 318 33.20 -2.36 -15.94
C ASP A 318 33.28 -1.50 -17.21
N PHE A 319 32.35 -0.56 -17.40
CA PHE A 319 32.33 0.20 -18.65
C PHE A 319 33.12 1.50 -18.52
N HIS A 320 33.34 2.14 -19.68
CA HIS A 320 33.97 3.45 -19.79
C HIS A 320 35.37 3.44 -19.19
N LYS A 321 36.22 2.60 -19.78
CA LYS A 321 37.59 2.45 -19.33
C LYS A 321 38.52 3.38 -20.12
N PRO A 322 39.24 4.28 -19.47
CA PRO A 322 40.12 5.19 -20.20
C PRO A 322 41.25 4.44 -20.90
N SER A 323 41.69 4.98 -22.03
CA SER A 323 42.69 4.34 -22.85
C SER A 323 44.10 4.70 -22.40
N GLN A 324 45.07 3.90 -22.85
CA GLN A 324 46.48 4.19 -22.57
C GLN A 324 46.94 5.47 -23.24
N ASN A 325 46.31 5.84 -24.36
CA ASN A 325 46.68 7.05 -25.07
C ASN A 325 46.47 8.29 -24.20
N LEU A 326 45.35 8.35 -23.48
CA LEU A 326 45.09 9.48 -22.59
C LEU A 326 46.11 9.53 -21.45
N VAL A 327 46.44 8.36 -20.89
CA VAL A 327 47.41 8.31 -19.80
C VAL A 327 48.77 8.80 -20.28
N ASN A 328 49.19 8.38 -21.48
CA ASN A 328 50.44 8.88 -22.04
C ASN A 328 50.36 10.38 -22.35
N ALA A 329 49.18 10.87 -22.73
CA ALA A 329 49.01 12.29 -22.98
C ALA A 329 49.18 13.09 -21.70
N PHE A 330 48.74 12.54 -20.56
CA PHE A 330 48.91 13.24 -19.30
C PHE A 330 50.37 13.37 -18.88
N LYS A 331 51.26 12.61 -19.49
CA LYS A 331 52.68 12.68 -19.16
C LYS A 331 53.28 14.00 -19.62
N THR A 332 54.13 14.57 -18.78
CA THR A 332 54.79 15.84 -19.07
C THR A 332 56.31 15.64 -19.10
N ASP A 333 57.00 16.65 -19.60
CA ASP A 333 58.45 16.61 -19.73
C ASP A 333 59.10 17.19 -18.48
N SER A 334 60.41 17.41 -18.53
CA SER A 334 61.12 18.00 -17.40
C SER A 334 60.79 19.48 -17.20
N GLN A 335 60.33 20.15 -18.25
CA GLN A 335 59.97 21.57 -18.17
C GLN A 335 58.52 21.79 -17.78
N GLY A 336 57.76 20.72 -17.54
CA GLY A 336 56.36 20.85 -17.18
C GLY A 336 55.41 20.96 -18.35
N LYS A 337 55.90 20.88 -19.59
CA LYS A 337 55.05 20.97 -20.76
C LYS A 337 54.70 19.58 -21.28
N PRO A 338 53.51 19.42 -21.88
CA PRO A 338 53.16 18.11 -22.45
C PRO A 338 54.05 17.76 -23.63
N LEU A 339 54.28 16.46 -23.80
CA LEU A 339 55.07 15.94 -24.92
C LEU A 339 54.22 15.98 -26.17
N PHE A 340 54.48 16.94 -27.05
CA PHE A 340 53.63 17.15 -28.21
C PHE A 340 53.84 16.09 -29.29
N SER A 341 54.96 15.38 -29.28
CA SER A 341 55.27 14.42 -30.33
C SER A 341 55.74 13.06 -29.83
N THR A 342 56.26 12.95 -28.62
CA THR A 342 56.80 11.69 -28.11
C THR A 342 56.07 11.21 -26.86
N TYR A 343 54.81 11.61 -26.69
CA TYR A 343 54.07 11.20 -25.50
C TYR A 343 53.63 9.74 -25.59
N ASP A 344 53.22 9.30 -26.78
CA ASP A 344 52.69 7.95 -26.97
C ASP A 344 53.74 6.95 -27.45
N ASN A 345 54.99 7.38 -27.59
CA ASN A 345 56.04 6.46 -28.04
C ASN A 345 56.26 5.34 -27.02
N GLU A 346 56.27 5.69 -25.73
CA GLU A 346 56.43 4.71 -24.67
C GLU A 346 55.37 4.95 -23.60
N ASN A 347 54.99 3.86 -22.93
CA ASN A 347 53.98 3.96 -21.88
C ASN A 347 54.51 4.79 -20.70
N TYR A 348 53.60 5.47 -20.02
CA TYR A 348 53.98 6.29 -18.89
C TYR A 348 54.52 5.44 -17.75
N GLU A 349 55.63 5.89 -17.17
CA GLU A 349 56.26 5.21 -16.04
C GLU A 349 56.14 6.11 -14.81
N VAL A 350 55.65 5.52 -13.71
CA VAL A 350 55.40 6.30 -12.50
C VAL A 350 56.70 6.79 -11.89
N ALA A 351 57.78 6.02 -12.02
CA ALA A 351 59.03 6.33 -11.32
C ALA A 351 59.95 7.26 -12.10
N THR A 352 59.86 7.29 -13.43
CA THR A 352 60.82 8.01 -14.25
C THR A 352 60.21 9.10 -15.13
N ASP A 353 58.90 9.32 -15.07
CA ASP A 353 58.25 10.30 -15.93
C ASP A 353 57.47 11.30 -15.09
N ASN A 354 57.66 12.58 -15.38
CA ASN A 354 56.82 13.61 -14.77
C ASN A 354 55.40 13.52 -15.32
N VAL A 355 54.42 13.70 -14.45
CA VAL A 355 53.02 13.51 -14.80
C VAL A 355 52.20 14.68 -14.31
N ASP A 356 51.24 15.11 -15.12
CA ASP A 356 50.29 16.12 -14.69
C ASP A 356 49.43 15.58 -13.54
N PRO A 357 49.22 16.36 -12.49
CA PRO A 357 48.37 15.87 -11.38
C PRO A 357 46.93 15.61 -11.77
N ARG A 358 46.47 16.15 -12.91
CA ARG A 358 45.11 15.90 -13.35
C ARG A 358 44.86 14.44 -13.70
N LEU A 359 45.91 13.67 -13.95
CA LEU A 359 45.74 12.27 -14.32
C LEU A 359 45.08 11.47 -13.19
N PHE A 360 45.53 11.70 -11.94
CA PHE A 360 45.00 10.95 -10.82
C PHE A 360 43.61 11.40 -10.40
N HIS A 361 43.14 12.54 -10.89
CA HIS A 361 41.75 12.96 -10.72
C HIS A 361 40.86 12.49 -11.85
N THR A 362 41.44 11.86 -12.88
CA THR A 362 40.70 11.43 -14.06
C THR A 362 40.77 9.93 -14.27
N VAL A 363 41.97 9.35 -14.21
CA VAL A 363 42.18 7.93 -14.51
C VAL A 363 42.69 7.24 -13.26
N GLY A 364 42.06 6.14 -12.90
CA GLY A 364 42.53 5.33 -11.78
C GLY A 364 43.45 4.22 -12.23
N MET A 365 44.75 4.42 -12.10
CA MET A 365 45.73 3.45 -12.54
C MET A 365 45.90 2.33 -11.51
N PRO A 366 46.30 1.15 -11.94
CA PRO A 366 46.59 0.07 -10.98
C PRO A 366 47.72 0.45 -10.04
N GLY A 367 47.61 -0.03 -8.80
CA GLY A 367 48.59 0.29 -7.79
C GLY A 367 48.37 1.61 -7.08
N PHE A 368 47.23 2.26 -7.30
CA PHE A 368 46.90 3.54 -6.70
C PHE A 368 45.54 3.47 -6.04
N PRO A 369 45.28 4.31 -5.03
CA PRO A 369 43.97 4.31 -4.38
C PRO A 369 42.87 4.66 -5.37
N TYR A 370 41.72 4.02 -5.20
CA TYR A 370 40.56 4.23 -6.07
C TYR A 370 39.68 5.32 -5.47
N LYS A 371 39.53 6.42 -6.20
CA LYS A 371 38.74 7.58 -5.74
C LYS A 371 39.22 8.07 -4.38
N TYR A 372 40.53 8.20 -4.25
CA TYR A 372 41.17 8.72 -3.04
C TYR A 372 40.80 7.91 -1.80
N ASN A 373 40.65 6.61 -1.95
CA ASN A 373 40.34 5.71 -0.85
C ASN A 373 41.50 4.75 -0.65
N GLU A 374 42.15 4.83 0.50
CA GLU A 374 43.29 3.97 0.77
C GLU A 374 42.88 2.51 0.94
N GLY A 375 41.62 2.26 1.29
CA GLY A 375 41.15 0.90 1.50
C GLY A 375 40.93 0.12 0.22
N TYR A 376 40.91 0.78 -0.93
CA TYR A 376 40.74 0.13 -2.22
C TYR A 376 41.95 0.46 -3.09
N ILE A 377 42.65 -0.59 -3.53
CA ILE A 377 43.82 -0.45 -4.39
C ILE A 377 43.54 -1.17 -5.70
N ILE A 378 43.71 -0.48 -6.81
CA ILE A 378 43.44 -1.06 -8.12
C ILE A 378 44.54 -2.04 -8.47
N GLN A 379 44.16 -3.24 -8.90
CA GLN A 379 45.09 -4.29 -9.25
C GLN A 379 44.75 -4.84 -10.63
N LYS A 380 45.77 -5.41 -11.29
CA LYS A 380 45.60 -6.01 -12.61
C LYS A 380 45.14 -7.46 -12.45
N ASN A 381 43.91 -7.61 -11.96
CA ASN A 381 43.30 -8.91 -11.75
C ASN A 381 41.84 -8.85 -12.16
N ASP A 382 41.13 -9.96 -11.97
CA ASP A 382 39.72 -10.02 -12.32
C ASP A 382 38.83 -9.20 -11.40
N ASP A 383 39.35 -8.78 -10.24
CA ASP A 383 38.55 -7.95 -9.33
C ASP A 383 38.36 -6.53 -9.84
N TRP A 384 39.13 -6.10 -10.84
CA TRP A 384 39.02 -4.76 -11.38
C TRP A 384 38.83 -4.74 -12.90
N SER A 385 38.85 -5.90 -13.56
CA SER A 385 38.66 -5.97 -15.01
C SER A 385 37.64 -7.06 -15.32
N ARG A 386 36.70 -6.73 -16.19
CA ARG A 386 35.67 -7.69 -16.61
C ARG A 386 36.04 -8.38 -17.90
N SER A 387 36.85 -7.75 -18.75
CA SER A 387 37.25 -8.30 -20.04
C SER A 387 38.55 -9.09 -19.97
N LYS A 388 39.10 -9.28 -18.77
CA LYS A 388 40.34 -10.04 -18.57
C LYS A 388 41.50 -9.41 -19.34
N GLY A 389 41.64 -8.09 -19.22
CA GLY A 389 42.73 -7.37 -19.83
C GLY A 389 42.52 -6.97 -21.27
N LEU A 390 41.35 -7.27 -21.86
CA LEU A 390 41.10 -6.88 -23.24
C LEU A 390 41.06 -5.36 -23.39
N TYR A 391 40.43 -4.67 -22.43
CA TYR A 391 40.32 -3.22 -22.46
C TYR A 391 41.19 -2.56 -21.40
N GLY A 392 42.26 -3.23 -20.99
CA GLY A 392 43.16 -2.67 -20.00
C GLY A 392 42.60 -2.80 -18.59
N TYR A 393 43.27 -2.10 -17.66
CA TYR A 393 42.90 -2.13 -16.25
C TYR A 393 42.68 -0.73 -15.68
N TYR A 394 42.50 0.26 -16.55
CA TYR A 394 42.28 1.63 -16.08
C TYR A 394 40.81 1.85 -15.76
N VAL A 395 40.57 2.71 -14.76
CA VAL A 395 39.23 2.98 -14.27
C VAL A 395 38.99 4.48 -14.30
N SER A 396 37.88 4.89 -14.90
CA SER A 396 37.50 6.31 -14.89
C SER A 396 37.03 6.70 -13.50
N LEU A 397 37.39 7.91 -13.08
CA LEU A 397 37.09 8.38 -11.73
C LEU A 397 36.19 9.61 -11.68
N LYS A 398 36.02 10.33 -12.78
CA LYS A 398 35.26 11.58 -12.73
C LYS A 398 33.79 11.32 -12.40
N GLU A 399 33.18 10.30 -12.99
CA GLU A 399 31.79 9.99 -12.72
C GLU A 399 31.61 8.99 -11.58
N ASN A 400 32.68 8.38 -11.10
CA ASN A 400 32.60 7.43 -10.00
C ASN A 400 32.76 8.16 -8.66
N VAL A 401 32.30 7.50 -7.60
CA VAL A 401 32.37 8.04 -6.25
C VAL A 401 33.00 7.00 -5.34
N ASP A 402 33.33 7.43 -4.12
CA ASP A 402 33.88 6.53 -3.14
C ASP A 402 32.85 5.46 -2.78
N PRO A 403 33.26 4.20 -2.64
CA PRO A 403 32.29 3.16 -2.24
C PRO A 403 31.67 3.40 -0.89
N ASP A 404 32.31 4.18 -0.02
CA ASP A 404 31.76 4.53 1.28
C ASP A 404 31.15 5.93 1.29
N CYS A 405 30.65 6.39 0.15
CA CYS A 405 30.08 7.74 0.07
C CYS A 405 28.84 7.88 0.92
N ASP A 406 27.98 6.86 0.95
CA ASP A 406 26.57 6.84 1.36
C ASP A 406 25.68 7.54 0.34
N CYS A 407 26.25 8.15 -0.69
CA CYS A 407 25.54 8.73 -1.82
C CYS A 407 25.39 7.75 -2.97
N LEU A 408 25.88 6.53 -2.81
CA LEU A 408 25.83 5.50 -3.84
C LEU A 408 24.82 4.44 -3.44
N LYS A 409 23.92 4.09 -4.37
CA LYS A 409 22.85 3.16 -4.10
C LYS A 409 22.79 2.10 -5.20
N LYS A 410 22.36 0.90 -4.82
CA LYS A 410 22.24 -0.24 -5.75
C LYS A 410 20.77 -0.35 -6.16
N GLY A 411 20.49 0.06 -7.40
CA GLY A 411 19.15 -0.03 -7.96
C GLY A 411 19.11 -0.92 -9.17
N SER A 412 19.77 -2.07 -9.09
CA SER A 412 20.12 -3.01 -10.15
C SER A 412 21.28 -2.47 -10.99
N TYR A 413 21.72 -1.24 -10.77
CA TYR A 413 22.92 -0.68 -11.36
C TYR A 413 23.46 0.35 -10.39
N TRP A 414 24.76 0.27 -10.09
CA TRP A 414 25.36 1.18 -9.11
C TRP A 414 25.37 2.59 -9.67
N ALA A 415 24.55 3.46 -9.09
CA ALA A 415 24.46 4.85 -9.49
C ALA A 415 24.54 5.73 -8.25
N SER A 416 25.07 6.94 -8.44
CA SER A 416 25.26 7.90 -7.36
C SER A 416 24.46 9.16 -7.64
N SER A 417 24.47 10.06 -6.66
CA SER A 417 23.78 11.33 -6.75
C SER A 417 24.69 12.47 -7.17
N LEU A 418 25.91 12.16 -7.60
CA LEU A 418 26.84 13.19 -8.04
C LEU A 418 26.29 13.92 -9.26
N ASN A 419 26.34 15.25 -9.22
CA ASN A 419 25.80 16.04 -10.32
C ASN A 419 26.68 15.94 -11.55
N HIS A 420 26.04 15.91 -12.72
CA HIS A 420 26.73 15.91 -14.00
C HIS A 420 26.85 17.35 -14.47
N ILE A 421 28.06 17.90 -14.44
CA ILE A 421 28.28 19.31 -14.76
C ILE A 421 28.32 19.45 -16.28
N VAL A 422 27.27 20.04 -16.85
CA VAL A 422 27.21 20.25 -18.28
C VAL A 422 28.21 21.33 -18.71
N ILE A 423 28.28 22.43 -17.97
CA ILE A 423 29.12 23.56 -18.31
C ILE A 423 30.08 23.82 -17.15
N ARG A 424 31.37 23.87 -17.45
CA ARG A 424 32.39 24.21 -16.47
C ARG A 424 33.09 25.49 -16.89
N TYR A 425 33.55 26.26 -15.89
CA TYR A 425 34.22 27.52 -16.18
C TYR A 425 35.51 27.31 -16.97
N ALA A 426 36.19 26.19 -16.74
CA ALA A 426 37.36 25.87 -17.55
C ALA A 426 36.99 25.73 -19.02
N ASP A 427 35.82 25.17 -19.30
CA ASP A 427 35.34 25.10 -20.68
C ASP A 427 35.15 26.49 -21.26
N VAL A 428 34.57 27.41 -20.49
CA VAL A 428 34.37 28.77 -20.97
C VAL A 428 35.70 29.43 -21.28
N LEU A 429 36.68 29.26 -20.39
CA LEU A 429 38.00 29.83 -20.62
C LEU A 429 38.65 29.25 -21.87
N LEU A 430 38.52 27.93 -22.07
CA LEU A 430 39.15 27.30 -23.23
C LEU A 430 38.48 27.72 -24.53
N MET A 431 37.15 27.87 -24.53
CA MET A 431 36.48 28.40 -25.72
C MET A 431 36.91 29.84 -26.01
N ARG A 432 37.04 30.67 -24.96
CA ARG A 432 37.51 32.02 -25.18
C ARG A 432 38.91 32.04 -25.77
N ALA A 433 39.79 31.19 -25.24
CA ALA A 433 41.15 31.11 -25.76
C ALA A 433 41.17 30.64 -27.21
N GLU A 434 40.35 29.64 -27.54
CA GLU A 434 40.29 29.15 -28.92
C GLU A 434 39.77 30.22 -29.87
N ALA A 435 38.74 30.97 -29.45
CA ALA A 435 38.22 32.04 -30.28
C ALA A 435 39.26 33.12 -30.49
N LEU A 436 39.99 33.49 -29.43
CA LEU A 436 41.04 34.50 -29.57
C LEU A 436 42.15 34.02 -30.50
N ILE A 437 42.53 32.75 -30.40
CA ILE A 437 43.58 32.22 -31.27
C ILE A 437 43.11 32.21 -32.73
N GLN A 438 41.87 31.77 -32.96
CA GLN A 438 41.36 31.71 -34.33
C GLN A 438 41.18 33.10 -34.93
N LEU A 439 40.82 34.09 -34.11
CA LEU A 439 40.69 35.46 -34.62
C LEU A 439 42.02 35.98 -35.12
N ASN A 440 43.10 35.73 -34.39
CA ASN A 440 44.45 36.15 -34.76
C ASN A 440 44.55 37.66 -34.92
N ASP A 441 43.71 38.40 -34.21
CA ASP A 441 43.72 39.86 -34.25
C ASP A 441 44.61 40.44 -33.15
N GLY A 442 45.84 39.97 -33.06
CA GLY A 442 46.77 40.46 -32.06
C GLY A 442 46.33 40.25 -30.64
N ARG A 443 45.72 39.09 -30.35
CA ARG A 443 45.25 38.79 -29.00
C ARG A 443 45.59 37.36 -28.60
N ILE A 444 46.69 36.82 -29.13
CA ILE A 444 47.11 35.48 -28.75
C ILE A 444 47.55 35.45 -27.29
N THR A 445 48.14 36.53 -26.80
CA THR A 445 48.65 36.56 -25.43
C THR A 445 47.53 36.38 -24.41
N ASP A 446 46.32 36.85 -24.72
CA ASP A 446 45.19 36.63 -23.80
C ASP A 446 44.85 35.15 -23.72
N ALA A 447 44.85 34.45 -24.85
CA ALA A 447 44.62 33.02 -24.84
C ALA A 447 45.73 32.29 -24.08
N ILE A 448 46.97 32.74 -24.26
CA ILE A 448 48.08 32.14 -23.52
C ILE A 448 47.88 32.35 -22.02
N SER A 449 47.42 33.53 -21.62
CA SER A 449 47.16 33.80 -20.21
C SER A 449 46.05 32.91 -19.67
N LEU A 450 45.00 32.69 -20.45
CA LEU A 450 43.92 31.79 -20.02
C LEU A 450 44.43 30.37 -19.86
N ILE A 451 45.23 29.89 -20.81
CA ILE A 451 45.81 28.55 -20.71
C ILE A 451 46.71 28.45 -19.50
N ASN A 452 47.49 29.49 -19.23
CA ASN A 452 48.36 29.50 -18.06
C ASN A 452 47.54 29.48 -16.78
N GLU A 453 46.41 30.18 -16.76
CA GLU A 453 45.53 30.14 -15.59
C GLU A 453 44.99 28.73 -15.35
N VAL A 454 44.58 28.06 -16.43
CA VAL A 454 44.09 26.69 -16.29
C VAL A 454 45.19 25.77 -15.79
N ARG A 455 46.41 25.92 -16.33
CA ARG A 455 47.51 25.08 -15.90
C ARG A 455 47.91 25.36 -14.46
N SER A 456 47.83 26.63 -14.04
CA SER A 456 48.13 26.96 -12.65
C SER A 456 47.09 26.37 -11.71
N ARG A 457 45.82 26.38 -12.12
CA ARG A 457 44.79 25.69 -11.35
C ARG A 457 45.10 24.20 -11.25
N ALA A 458 45.54 23.59 -12.35
CA ALA A 458 45.86 22.18 -12.34
C ALA A 458 47.04 21.88 -11.42
N ALA A 459 48.06 22.74 -11.43
CA ALA A 459 49.29 22.48 -10.68
C ALA A 459 49.02 22.42 -9.18
N GLY A 460 48.18 23.33 -8.68
CA GLY A 460 47.86 23.35 -7.26
C GLY A 460 46.84 22.35 -6.82
N SER A 461 46.32 21.52 -7.73
CA SER A 461 45.29 20.54 -7.40
C SER A 461 45.95 19.25 -6.90
N THR A 462 46.52 19.34 -5.70
CA THR A 462 47.16 18.19 -5.06
C THR A 462 46.74 18.07 -3.60
N MET A 463 45.53 18.49 -3.26
CA MET A 463 45.09 18.45 -1.86
C MET A 463 44.78 17.03 -1.40
N LEU A 464 44.50 16.12 -2.32
CA LEU A 464 44.19 14.74 -1.97
C LEU A 464 45.22 13.73 -2.50
N ILE A 465 46.20 14.19 -3.27
CA ILE A 465 47.19 13.29 -3.87
C ILE A 465 48.59 13.77 -3.51
N PHE A 466 48.70 14.56 -2.45
CA PHE A 466 50.00 15.10 -2.06
C PHE A 466 50.94 14.00 -1.56
N ASN A 467 50.40 13.00 -0.87
CA ASN A 467 51.24 11.96 -0.26
C ASN A 467 51.79 10.98 -1.29
N TYR A 468 51.30 11.00 -2.52
CA TYR A 468 51.74 10.02 -3.52
C TYR A 468 53.25 10.08 -3.71
N LYS A 469 53.82 11.30 -3.67
CA LYS A 469 55.27 11.44 -3.82
C LYS A 469 56.02 10.63 -2.78
N GLU A 470 55.52 10.58 -1.56
CA GLU A 470 56.15 9.78 -0.50
C GLU A 470 55.50 8.43 -0.33
N ASP A 471 54.61 8.03 -1.24
CA ASP A 471 53.95 6.74 -1.17
C ASP A 471 54.11 5.91 -2.44
N TYR A 472 54.20 6.53 -3.60
CA TYR A 472 54.33 5.79 -4.85
C TYR A 472 55.40 6.38 -5.78
N GLY A 473 56.17 7.35 -5.33
CA GLY A 473 57.19 7.95 -6.17
C GLY A 473 56.65 8.68 -7.38
N VAL A 474 55.59 9.46 -7.20
CA VAL A 474 54.96 10.19 -8.28
C VAL A 474 55.55 11.59 -8.34
N ASN A 475 56.03 11.97 -9.53
CA ASN A 475 56.63 13.29 -9.73
C ASN A 475 55.64 14.18 -10.48
N PHE A 476 55.25 15.28 -9.85
CA PHE A 476 54.36 16.25 -10.46
C PHE A 476 55.17 17.44 -10.99
N LYS A 477 54.95 17.79 -12.26
CA LYS A 477 55.69 18.89 -12.88
C LYS A 477 54.79 19.52 -13.93
N VAL A 478 54.14 20.63 -13.55
CA VAL A 478 53.31 21.40 -14.47
C VAL A 478 53.64 22.88 -14.28
N THR A 479 53.97 23.55 -15.38
CA THR A 479 54.32 24.97 -15.34
C THR A 479 53.56 25.72 -16.42
N PRO A 480 53.15 26.97 -16.14
CA PRO A 480 52.47 27.76 -17.17
C PRO A 480 53.42 28.13 -18.30
N TYR A 481 52.84 28.30 -19.49
CA TYR A 481 53.62 28.74 -20.64
C TYR A 481 54.08 30.19 -20.46
N ASP A 482 55.26 30.48 -20.98
CA ASP A 482 55.79 31.84 -20.91
C ASP A 482 54.97 32.78 -21.79
N LEU A 483 54.74 33.98 -21.29
CA LEU A 483 53.96 34.98 -22.02
C LEU A 483 54.85 35.66 -23.05
N LYS A 484 54.65 35.32 -24.31
CA LYS A 484 55.43 35.90 -25.40
C LYS A 484 54.66 35.67 -26.70
N ALA A 485 55.29 36.06 -27.82
CA ALA A 485 54.67 35.87 -29.12
C ALA A 485 54.66 34.41 -29.51
N TYR A 486 53.51 33.91 -29.94
CA TYR A 486 53.35 32.53 -30.36
C TYR A 486 52.71 32.48 -31.75
N ALA A 487 53.15 31.52 -32.55
CA ALA A 487 52.52 31.31 -33.85
C ALA A 487 51.13 30.73 -33.67
N GLN A 488 50.28 30.94 -34.68
CA GLN A 488 48.90 30.50 -34.59
C GLN A 488 48.80 28.98 -34.47
N ASP A 489 49.59 28.26 -35.26
CA ASP A 489 49.53 26.79 -35.22
C ASP A 489 50.05 26.25 -33.88
N GLU A 490 51.14 26.82 -33.37
CA GLU A 490 51.67 26.37 -32.09
C GLU A 490 50.69 26.63 -30.96
N ALA A 491 50.09 27.83 -30.95
CA ALA A 491 49.10 28.15 -29.93
C ALA A 491 47.88 27.25 -30.03
N MET A 492 47.43 26.96 -31.26
CA MET A 492 46.29 26.07 -31.44
C MET A 492 46.62 24.66 -30.96
N LYS A 493 47.84 24.18 -31.23
CA LYS A 493 48.25 22.87 -30.75
C LYS A 493 48.27 22.83 -29.22
N MET A 494 48.79 23.88 -28.59
CA MET A 494 48.80 23.93 -27.13
C MET A 494 47.39 23.97 -26.56
N LEU A 495 46.49 24.70 -27.24
CA LEU A 495 45.09 24.73 -26.81
C LEU A 495 44.45 23.35 -26.93
N LYS A 496 44.73 22.64 -28.03
CA LYS A 496 44.22 21.28 -28.19
C LYS A 496 44.73 20.37 -27.09
N TRP A 497 46.02 20.47 -26.76
CA TRP A 497 46.58 19.64 -25.71
C TRP A 497 45.97 19.96 -24.36
N GLU A 498 45.76 21.24 -24.07
CA GLU A 498 45.13 21.62 -22.81
C GLU A 498 43.71 21.11 -22.73
N ARG A 499 42.96 21.19 -23.82
CA ARG A 499 41.61 20.64 -23.84
C ARG A 499 41.62 19.14 -23.62
N ARG A 500 42.57 18.44 -24.25
CA ARG A 500 42.63 16.99 -24.11
C ARG A 500 42.97 16.58 -22.68
N VAL A 501 43.93 17.27 -22.06
CA VAL A 501 44.32 16.92 -20.69
C VAL A 501 43.40 17.49 -19.63
N GLU A 502 42.50 18.40 -19.99
CA GLU A 502 41.58 19.01 -19.04
C GLU A 502 40.21 18.34 -19.04
N PHE A 503 39.71 17.93 -20.20
CA PHE A 503 38.38 17.35 -20.31
C PHE A 503 38.44 15.88 -20.71
N GLY A 504 39.42 15.15 -20.18
CA GLY A 504 39.42 13.71 -20.35
C GLY A 504 38.26 13.09 -19.61
N MET A 505 37.72 12.02 -20.18
CA MET A 505 36.60 11.25 -19.63
C MET A 505 35.31 12.06 -19.58
N GLU A 506 35.30 13.29 -20.09
CA GLU A 506 34.14 14.17 -20.01
C GLU A 506 33.30 14.16 -21.28
N SER A 507 33.61 13.28 -22.24
CA SER A 507 32.76 13.04 -23.41
C SER A 507 32.65 14.28 -24.30
N SER A 508 33.81 14.86 -24.64
CA SER A 508 33.85 15.96 -25.57
C SER A 508 35.01 15.89 -26.55
N ARG A 509 35.82 14.82 -26.52
CA ARG A 509 36.98 14.75 -27.38
C ARG A 509 36.58 14.55 -28.84
N PHE A 510 35.66 13.62 -29.10
CA PHE A 510 35.26 13.35 -30.48
C PHE A 510 34.57 14.55 -31.10
N PHE A 511 33.72 15.24 -30.33
CA PHE A 511 33.07 16.43 -30.85
C PHE A 511 34.07 17.52 -31.19
N ASP A 512 35.08 17.71 -30.34
CA ASP A 512 36.13 18.68 -30.63
C ASP A 512 36.90 18.29 -31.88
N LEU A 513 37.22 17.01 -32.04
CA LEU A 513 37.92 16.55 -33.24
C LEU A 513 37.09 16.79 -34.49
N VAL A 514 35.79 16.54 -34.43
CA VAL A 514 34.91 16.77 -35.57
C VAL A 514 34.85 18.26 -35.88
N ARG A 515 34.72 19.10 -34.86
CA ARG A 515 34.64 20.54 -35.08
C ARG A 515 35.92 21.07 -35.71
N TRP A 516 37.08 20.59 -35.23
CA TRP A 516 38.35 21.05 -35.77
C TRP A 516 38.61 20.52 -37.18
N GLY A 517 37.88 19.49 -37.60
CA GLY A 517 38.06 18.92 -38.92
C GLY A 517 39.21 17.96 -39.06
N GLU A 518 39.90 17.63 -37.97
CA GLU A 518 41.03 16.71 -38.00
C GLU A 518 40.69 15.36 -37.38
N ALA A 519 39.41 15.00 -37.35
CA ALA A 519 38.99 13.76 -36.70
C ALA A 519 39.58 12.54 -37.39
N LYS A 520 39.59 12.55 -38.73
CA LYS A 520 40.01 11.37 -39.47
C LYS A 520 41.46 11.00 -39.18
N ASP A 521 42.38 11.97 -39.29
CA ASP A 521 43.79 11.68 -39.09
C ASP A 521 44.08 11.24 -37.66
N VAL A 522 43.50 11.94 -36.68
CA VAL A 522 43.74 11.60 -35.28
C VAL A 522 43.19 10.21 -34.97
N ILE A 523 41.99 9.91 -35.46
CA ILE A 523 41.38 8.61 -35.19
C ILE A 523 42.18 7.50 -35.85
N ASN A 524 42.66 7.71 -37.09
CA ASN A 524 43.47 6.70 -37.75
C ASN A 524 44.78 6.47 -37.01
N ALA A 525 45.43 7.55 -36.57
CA ALA A 525 46.67 7.40 -35.80
C ALA A 525 46.42 6.66 -34.50
N TYR A 526 45.31 6.98 -33.81
CA TYR A 526 44.97 6.28 -32.58
C TYR A 526 44.72 4.79 -32.83
N TYR A 527 44.02 4.47 -33.92
CA TYR A 527 43.77 3.07 -34.25
C TYR A 527 45.09 2.33 -34.50
N VAL A 528 45.98 2.95 -35.29
CA VAL A 528 47.25 2.30 -35.61
C VAL A 528 48.08 2.10 -34.34
N THR A 529 48.13 3.13 -33.49
CA THR A 529 48.94 3.03 -32.27
C THR A 529 48.39 1.99 -31.30
N GLU A 530 47.07 1.95 -31.13
CA GLU A 530 46.46 1.09 -30.13
C GLU A 530 46.13 -0.31 -30.65
N ALA A 531 46.34 -0.58 -31.94
CA ALA A 531 46.13 -1.93 -32.45
C ALA A 531 47.09 -2.92 -31.79
N SER A 532 48.28 -2.46 -31.38
CA SER A 532 49.25 -3.35 -30.75
C SER A 532 48.78 -3.77 -29.36
N ARG A 533 48.33 -2.82 -28.56
CA ARG A 533 47.94 -3.09 -27.18
C ARG A 533 46.45 -3.40 -27.03
N CYS A 534 45.68 -3.34 -28.12
CA CYS A 534 44.26 -3.67 -28.07
C CYS A 534 43.88 -4.34 -29.39
N SER A 535 43.43 -5.59 -29.30
CA SER A 535 43.12 -6.35 -30.51
C SER A 535 41.85 -5.88 -31.19
N ILE A 536 40.97 -5.17 -30.47
CA ILE A 536 39.71 -4.73 -31.06
C ILE A 536 39.95 -3.80 -32.24
N TYR A 537 41.08 -3.10 -32.24
CA TYR A 537 41.43 -2.19 -33.32
C TYR A 537 42.22 -2.86 -34.43
N LYS A 538 42.17 -4.20 -34.50
CA LYS A 538 42.87 -4.90 -35.57
C LYS A 538 42.33 -4.54 -36.94
N ASN A 539 41.00 -4.44 -37.07
CA ASN A 539 40.35 -4.15 -38.34
C ASN A 539 39.63 -2.80 -38.32
N ALA A 540 39.98 -1.93 -37.39
CA ALA A 540 39.32 -0.62 -37.30
C ALA A 540 39.71 0.27 -38.47
N GLY A 541 38.78 1.13 -38.86
CA GLY A 541 39.01 2.06 -39.95
C GLY A 541 38.01 3.20 -39.97
N PHE A 542 38.50 4.43 -40.16
CA PHE A 542 37.67 5.62 -40.14
C PHE A 542 37.53 6.19 -41.54
N THR A 543 36.30 6.44 -41.96
CA THR A 543 36.04 6.98 -43.28
C THR A 543 36.15 8.51 -43.27
N GLU A 544 36.63 9.06 -44.38
CA GLU A 544 36.94 10.49 -44.43
C GLU A 544 35.70 11.35 -44.23
N ASN A 545 34.59 10.98 -44.88
CA ASN A 545 33.39 11.81 -44.84
C ASN A 545 32.14 10.99 -44.50
N LYS A 546 32.29 9.96 -43.69
CA LYS A 546 31.12 9.16 -43.32
C LYS A 546 30.98 8.97 -41.83
N ASN A 547 32.09 8.82 -41.09
CA ASN A 547 32.03 8.41 -39.70
C ASN A 547 32.21 9.56 -38.72
N GLU A 548 32.19 10.80 -39.19
CA GLU A 548 32.29 11.94 -38.29
C GLU A 548 30.94 12.38 -37.73
N TYR A 549 29.84 11.77 -38.19
CA TYR A 549 28.52 12.06 -37.68
C TYR A 549 27.70 10.77 -37.68
N LEU A 550 26.86 10.61 -36.66
CA LEU A 550 25.97 9.46 -36.62
C LEU A 550 24.94 9.56 -37.73
N PRO A 551 24.68 8.47 -38.45
CA PRO A 551 23.67 8.52 -39.52
C PRO A 551 22.27 8.73 -38.95
N VAL A 552 21.43 9.38 -39.75
CA VAL A 552 20.02 9.52 -39.36
C VAL A 552 19.39 8.14 -39.29
N PRO A 553 18.65 7.81 -38.24
CA PRO A 553 18.10 6.45 -38.12
C PRO A 553 17.21 6.09 -39.30
N PHE A 554 17.33 4.84 -39.74
CA PHE A 554 16.54 4.38 -40.88
C PHE A 554 15.05 4.33 -40.55
N GLU A 555 14.71 4.03 -39.30
CA GLU A 555 13.31 3.99 -38.90
C GLU A 555 12.66 5.36 -39.05
N GLN A 556 13.38 6.43 -38.65
CA GLN A 556 12.83 7.77 -38.78
C GLN A 556 12.64 8.15 -40.23
N ILE A 557 13.61 7.81 -41.09
CA ILE A 557 13.49 8.13 -42.51
C ILE A 557 12.31 7.38 -43.13
N SER A 558 12.14 6.12 -42.76
CA SER A 558 11.00 5.35 -43.27
C SER A 558 9.69 5.94 -42.78
N ALA A 559 9.63 6.36 -41.51
CA ALA A 559 8.41 6.93 -40.96
C ALA A 559 8.04 8.24 -41.66
N SER A 560 9.03 9.09 -41.93
CA SER A 560 8.81 10.35 -42.64
C SER A 560 9.40 10.20 -44.03
N ASN A 561 8.60 9.66 -44.95
CA ASN A 561 9.09 9.42 -46.30
C ASN A 561 9.23 10.72 -47.08
N GLY A 562 10.32 10.82 -47.82
CA GLY A 562 10.56 12.01 -48.64
C GLY A 562 10.79 13.27 -47.87
N ASN A 563 11.13 13.18 -46.59
CA ASN A 563 11.37 14.36 -45.77
C ASN A 563 12.73 14.36 -45.10
N TYR A 564 13.23 13.20 -44.70
CA TYR A 564 14.52 13.09 -44.03
C TYR A 564 15.56 12.60 -45.03
N THR A 565 16.70 13.29 -45.09
CA THR A 565 17.80 12.93 -45.96
C THR A 565 18.96 12.41 -45.12
N GLN A 566 19.52 11.28 -45.52
CA GLN A 566 20.64 10.69 -44.80
C GLN A 566 21.88 11.56 -44.97
N ASN A 567 22.77 11.49 -43.98
CA ASN A 567 24.02 12.24 -44.03
C ASN A 567 24.90 11.74 -45.17
N PHE A 568 25.89 12.56 -45.53
CA PHE A 568 26.78 12.23 -46.63
C PHE A 568 27.61 11.00 -46.30
N GLY A 569 27.88 10.19 -47.32
CA GLY A 569 28.68 9.00 -47.17
C GLY A 569 27.90 7.73 -46.90
N TRP A 570 26.60 7.81 -46.65
CA TRP A 570 25.79 6.63 -46.40
C TRP A 570 24.91 6.30 -47.60
N ARG B 118 -26.67 -31.39 -32.35
CA ARG B 118 -27.55 -30.29 -32.74
C ARG B 118 -26.84 -28.95 -32.63
N LYS B 119 -26.53 -28.34 -33.77
CA LYS B 119 -25.87 -27.05 -33.81
C LYS B 119 -26.83 -25.95 -33.39
N ALA B 120 -26.29 -24.93 -32.73
CA ALA B 120 -27.14 -23.85 -32.21
C ALA B 120 -27.48 -22.85 -33.30
N ASP B 121 -26.87 -22.97 -34.47
CA ASP B 121 -27.15 -22.06 -35.57
C ASP B 121 -27.68 -22.78 -36.81
N LEU B 122 -27.09 -23.94 -37.12
CA LEU B 122 -27.51 -24.82 -38.21
C LEU B 122 -27.29 -24.20 -39.58
N THR B 123 -26.80 -22.96 -39.65
CA THR B 123 -26.56 -22.33 -40.94
C THR B 123 -25.27 -21.53 -40.96
N GLY B 124 -24.33 -21.81 -40.05
CA GLY B 124 -23.07 -21.11 -40.00
C GLY B 124 -21.92 -22.06 -39.75
N ALA B 125 -20.72 -21.49 -39.71
CA ALA B 125 -19.49 -22.25 -39.46
C ALA B 125 -19.40 -22.52 -37.95
N VAL B 126 -20.00 -23.62 -37.53
CA VAL B 126 -20.05 -24.02 -36.12
C VAL B 126 -19.38 -25.38 -35.99
N SER B 127 -18.44 -25.49 -35.07
CA SER B 127 -17.75 -26.76 -34.79
C SER B 127 -18.17 -27.25 -33.41
N VAL B 128 -18.71 -28.46 -33.36
CA VAL B 128 -19.16 -29.07 -32.11
C VAL B 128 -18.08 -30.01 -31.62
N VAL B 129 -17.59 -29.77 -30.39
CA VAL B 129 -16.53 -30.58 -29.81
C VAL B 129 -17.16 -31.62 -28.91
N LYS B 130 -16.75 -32.87 -29.08
CA LYS B 130 -17.23 -33.96 -28.24
C LYS B 130 -16.59 -33.85 -26.86
N VAL B 131 -17.40 -33.51 -25.85
CA VAL B 131 -16.87 -33.27 -24.52
C VAL B 131 -16.34 -34.55 -23.89
N ASP B 132 -16.88 -35.70 -24.27
CA ASP B 132 -16.41 -36.96 -23.68
C ASP B 132 -14.95 -37.20 -23.99
N GLU B 133 -14.52 -36.90 -25.22
CA GLU B 133 -13.11 -37.03 -25.57
C GLU B 133 -12.27 -35.94 -24.92
N ILE B 134 -12.88 -34.82 -24.55
CA ILE B 134 -12.14 -33.73 -23.93
C ILE B 134 -11.66 -34.13 -22.54
N GLN B 135 -12.54 -34.73 -21.74
CA GLN B 135 -12.16 -35.13 -20.39
C GLN B 135 -11.18 -36.29 -20.38
N LYS B 136 -11.00 -36.98 -21.51
CA LYS B 136 -10.05 -38.09 -21.56
C LYS B 136 -8.62 -37.61 -21.34
N GLN B 137 -8.27 -36.45 -21.91
CA GLN B 137 -6.91 -35.93 -21.77
C GLN B 137 -6.59 -35.55 -20.33
N GLY B 138 -7.60 -35.31 -19.50
CA GLY B 138 -7.35 -34.99 -18.10
C GLY B 138 -6.60 -33.68 -17.90
N GLU B 139 -6.97 -32.65 -18.64
CA GLU B 139 -6.32 -31.35 -18.56
C GLU B 139 -7.17 -30.39 -17.73
N ASN B 140 -6.51 -29.57 -16.92
CA ASN B 140 -7.22 -28.59 -16.11
C ASN B 140 -8.00 -27.61 -16.98
N ASN B 141 -7.37 -27.13 -18.06
CA ASN B 141 -8.03 -26.19 -18.97
C ASN B 141 -8.74 -26.96 -20.06
N PRO B 142 -10.08 -26.88 -20.15
CA PRO B 142 -10.78 -27.55 -21.26
C PRO B 142 -10.35 -27.03 -22.62
N VAL B 143 -9.97 -25.75 -22.72
CA VAL B 143 -9.52 -25.21 -23.99
C VAL B 143 -8.21 -25.85 -24.42
N LYS B 144 -7.31 -26.08 -23.46
CA LYS B 144 -6.04 -26.74 -23.78
C LYS B 144 -6.25 -28.17 -24.26
N ALA B 145 -7.33 -28.81 -23.79
CA ALA B 145 -7.61 -30.19 -24.21
C ALA B 145 -7.90 -30.27 -25.71
N LEU B 146 -8.69 -29.34 -26.23
CA LEU B 146 -9.00 -29.31 -27.67
C LEU B 146 -7.99 -28.48 -28.44
N GLN B 147 -6.71 -28.80 -28.23
CA GLN B 147 -5.63 -28.02 -28.85
C GLN B 147 -5.65 -28.13 -30.37
N GLY B 148 -5.90 -29.33 -30.91
CA GLY B 148 -5.91 -29.51 -32.34
C GLY B 148 -7.12 -30.26 -32.84
N ARG B 149 -8.22 -30.20 -32.09
CA ARG B 149 -9.44 -30.91 -32.44
C ARG B 149 -10.44 -30.05 -33.21
N VAL B 150 -10.13 -28.78 -33.44
CA VAL B 150 -11.03 -27.85 -34.11
C VAL B 150 -10.31 -27.27 -35.31
N PRO B 151 -10.86 -27.35 -36.52
CA PRO B 151 -10.21 -26.74 -37.68
C PRO B 151 -10.14 -25.23 -37.55
N GLY B 152 -9.04 -24.67 -38.06
CA GLY B 152 -8.87 -23.22 -38.06
C GLY B 152 -8.87 -22.60 -36.69
N MET B 153 -8.27 -23.27 -35.71
CA MET B 153 -8.25 -22.76 -34.34
C MET B 153 -6.98 -23.25 -33.67
N ASN B 154 -6.04 -22.34 -33.45
CA ASN B 154 -4.71 -22.68 -32.95
C ASN B 154 -4.64 -22.39 -31.46
N ILE B 155 -4.20 -23.39 -30.68
CA ILE B 155 -4.03 -23.27 -29.24
C ILE B 155 -2.55 -23.43 -28.94
N THR B 156 -1.98 -22.44 -28.26
CA THR B 156 -0.57 -22.48 -27.87
C THR B 156 -0.49 -22.47 -26.35
N ALA B 157 0.13 -23.50 -25.78
CA ALA B 157 0.29 -23.63 -24.34
C ALA B 157 1.77 -23.84 -24.03
N ASP B 158 2.29 -23.07 -23.08
CA ASP B 158 3.70 -23.16 -22.75
C ASP B 158 4.02 -24.47 -22.03
N GLY B 159 3.20 -24.85 -21.06
CA GLY B 159 3.45 -26.06 -20.30
C GLY B 159 3.55 -25.82 -18.81
N ASN B 160 3.15 -24.62 -18.37
CA ASN B 160 3.14 -24.30 -16.96
C ASN B 160 2.07 -25.11 -16.24
N PRO B 161 2.18 -25.23 -14.90
CA PRO B 161 1.18 -26.02 -14.17
C PRO B 161 -0.26 -25.55 -14.39
N SER B 162 -0.47 -24.25 -14.54
CA SER B 162 -1.79 -23.75 -14.89
C SER B 162 -2.12 -24.10 -16.34
N GLY B 163 -3.40 -24.08 -16.66
CA GLY B 163 -3.83 -24.42 -18.00
C GLY B 163 -3.89 -23.23 -18.94
N SER B 164 -3.24 -22.14 -18.55
CA SER B 164 -3.28 -20.92 -19.35
C SER B 164 -2.74 -21.18 -20.75
N ALA B 165 -3.48 -20.73 -21.77
CA ALA B 165 -3.10 -20.93 -23.15
C ALA B 165 -3.66 -19.80 -24.00
N THR B 166 -3.06 -19.61 -25.17
CA THR B 166 -3.47 -18.58 -26.11
C THR B 166 -4.25 -19.22 -27.25
N VAL B 167 -5.38 -18.60 -27.61
CA VAL B 167 -6.30 -19.12 -28.61
C VAL B 167 -6.36 -18.14 -29.77
N ARG B 168 -6.24 -18.66 -30.99
CA ARG B 168 -6.34 -17.86 -32.21
C ARG B 168 -7.33 -18.56 -33.14
N ILE B 169 -8.47 -17.94 -33.38
CA ILE B 169 -9.52 -18.52 -34.22
C ILE B 169 -9.45 -17.86 -35.59
N ARG B 170 -9.40 -18.68 -36.65
CA ARG B 170 -9.36 -18.21 -38.03
C ARG B 170 -8.14 -17.30 -38.26
N GLY B 171 -7.01 -17.67 -37.66
CA GLY B 171 -5.81 -16.88 -37.81
C GLY B 171 -5.87 -15.58 -37.04
N ILE B 172 -4.93 -14.69 -37.37
CA ILE B 172 -4.88 -13.36 -36.77
C ILE B 172 -5.83 -12.45 -37.54
N GLY B 173 -6.81 -11.90 -36.83
CA GLY B 173 -7.85 -11.13 -37.49
C GLY B 173 -7.78 -9.63 -37.30
N THR B 174 -6.96 -9.17 -36.37
CA THR B 174 -6.89 -7.74 -36.09
C THR B 174 -5.55 -7.41 -35.45
N LEU B 175 -5.23 -6.12 -35.45
CA LEU B 175 -4.04 -5.59 -34.79
C LEU B 175 -4.28 -5.29 -33.31
N ASN B 176 -5.31 -5.89 -32.72
CA ASN B 176 -5.65 -5.69 -31.32
C ASN B 176 -5.69 -7.04 -30.61
N ASN B 177 -6.22 -7.07 -29.39
CA ASN B 177 -6.30 -8.33 -28.66
C ASN B 177 -7.15 -9.34 -29.44
N ASN B 178 -6.63 -10.55 -29.60
CA ASN B 178 -7.24 -11.56 -30.45
C ASN B 178 -7.92 -12.69 -29.68
N ASP B 179 -8.00 -12.61 -28.36
CA ASP B 179 -8.62 -13.69 -27.61
C ASP B 179 -10.10 -13.79 -27.94
N PRO B 180 -10.63 -14.98 -28.17
CA PRO B 180 -12.06 -15.12 -28.45
C PRO B 180 -12.89 -14.89 -27.20
N LEU B 181 -14.18 -14.64 -27.43
CA LEU B 181 -15.13 -14.36 -26.36
C LEU B 181 -15.78 -15.68 -25.93
N TYR B 182 -15.42 -16.15 -24.75
CA TYR B 182 -16.06 -17.34 -24.19
C TYR B 182 -17.45 -16.98 -23.69
N ILE B 183 -18.36 -17.95 -23.77
CA ILE B 183 -19.71 -17.78 -23.25
C ILE B 183 -20.03 -18.98 -22.36
N ILE B 184 -20.27 -18.71 -21.08
CA ILE B 184 -20.61 -19.76 -20.12
C ILE B 184 -22.02 -19.46 -19.61
N ASP B 185 -22.95 -20.38 -19.88
CA ASP B 185 -24.33 -20.26 -19.41
C ASP B 185 -24.96 -18.95 -19.84
N GLY B 186 -24.60 -18.50 -21.05
CA GLY B 186 -25.13 -17.26 -21.58
C GLY B 186 -24.42 -16.00 -21.16
N VAL B 187 -23.42 -16.09 -20.29
CA VAL B 187 -22.68 -14.92 -19.81
C VAL B 187 -21.35 -14.86 -20.57
N PRO B 188 -21.03 -13.75 -21.23
CA PRO B 188 -19.76 -13.66 -21.95
C PRO B 188 -18.62 -13.23 -21.05
N THR B 189 -17.41 -13.64 -21.46
CA THR B 189 -16.20 -13.32 -20.72
C THR B 189 -15.01 -13.50 -21.65
N LYS B 190 -13.84 -13.04 -21.20
CA LYS B 190 -12.59 -13.22 -21.91
C LYS B 190 -11.49 -13.81 -21.04
N ALA B 191 -11.75 -14.07 -19.76
CA ALA B 191 -10.75 -14.67 -18.91
C ALA B 191 -10.52 -16.13 -19.30
N GLY B 192 -9.31 -16.60 -19.04
CA GLY B 192 -8.97 -17.98 -19.37
C GLY B 192 -9.78 -18.97 -18.56
N MET B 193 -9.97 -20.16 -19.13
CA MET B 193 -10.74 -21.20 -18.48
C MET B 193 -9.91 -22.08 -17.56
N HIS B 194 -8.62 -21.81 -17.42
CA HIS B 194 -7.78 -22.58 -16.50
C HIS B 194 -8.20 -22.37 -15.05
N GLU B 195 -8.91 -21.28 -14.76
CA GLU B 195 -9.34 -20.95 -13.41
C GLU B 195 -10.78 -21.39 -13.14
N LEU B 196 -11.38 -22.13 -14.07
CA LEU B 196 -12.73 -22.67 -13.91
C LEU B 196 -12.68 -24.18 -14.04
N ASN B 197 -13.61 -24.85 -13.37
CA ASN B 197 -13.68 -26.31 -13.43
C ASN B 197 -14.19 -26.74 -14.80
N GLY B 198 -13.34 -27.44 -15.55
CA GLY B 198 -13.70 -27.92 -16.87
C GLY B 198 -14.29 -29.31 -16.92
N ASN B 199 -14.53 -29.93 -15.77
CA ASN B 199 -15.04 -31.31 -15.73
C ASN B 199 -16.56 -31.37 -15.64
N ASP B 200 -17.25 -30.23 -15.66
CA ASP B 200 -18.70 -30.17 -15.62
C ASP B 200 -19.25 -29.46 -16.86
N ILE B 201 -18.72 -29.81 -18.03
CA ILE B 201 -19.12 -29.22 -19.30
C ILE B 201 -19.85 -30.29 -20.10
N GLU B 202 -21.05 -29.96 -20.57
CA GLU B 202 -21.86 -30.90 -21.34
C GLU B 202 -21.73 -30.72 -22.85
N SER B 203 -21.48 -29.50 -23.32
CA SER B 203 -21.37 -29.25 -24.74
C SER B 203 -20.44 -28.07 -24.98
N ILE B 204 -19.62 -28.17 -26.02
CA ILE B 204 -18.73 -27.10 -26.45
C ILE B 204 -18.97 -26.84 -27.93
N GLN B 205 -19.24 -25.59 -28.27
CA GLN B 205 -19.46 -25.18 -29.65
C GLN B 205 -18.60 -23.95 -29.95
N VAL B 206 -17.83 -24.02 -31.03
CA VAL B 206 -16.99 -22.92 -31.48
C VAL B 206 -17.66 -22.30 -32.70
N LEU B 207 -18.01 -21.02 -32.60
CA LEU B 207 -18.63 -20.29 -33.69
C LEU B 207 -17.55 -19.43 -34.36
N LYS B 208 -17.01 -19.92 -35.47
CA LYS B 208 -15.94 -19.25 -36.17
C LYS B 208 -16.44 -18.33 -37.28
N ASP B 209 -17.76 -18.20 -37.44
CA ASP B 209 -18.34 -17.37 -38.49
C ASP B 209 -18.91 -16.10 -37.86
N ALA B 210 -18.66 -14.97 -38.52
CA ALA B 210 -19.16 -13.69 -38.02
C ALA B 210 -20.69 -13.66 -37.99
N ALA B 211 -21.32 -14.20 -39.03
CA ALA B 211 -22.79 -14.17 -39.11
C ALA B 211 -23.41 -14.98 -37.97
N SER B 212 -22.85 -16.16 -37.68
CA SER B 212 -23.42 -17.00 -36.63
C SER B 212 -23.10 -16.47 -35.24
N ALA B 213 -21.90 -15.94 -35.04
CA ALA B 213 -21.46 -15.52 -33.72
C ALA B 213 -21.80 -14.07 -33.39
N SER B 214 -22.34 -13.30 -34.35
CA SER B 214 -22.65 -11.91 -34.07
C SER B 214 -23.75 -11.78 -33.03
N ILE B 215 -24.78 -12.63 -33.09
CA ILE B 215 -25.92 -12.52 -32.21
C ILE B 215 -25.54 -12.76 -30.76
N TYR B 216 -24.38 -13.36 -30.50
CA TYR B 216 -23.97 -13.70 -29.15
C TYR B 216 -23.19 -12.59 -28.44
N GLY B 217 -22.93 -11.49 -29.12
CA GLY B 217 -22.26 -10.37 -28.46
C GLY B 217 -21.58 -9.48 -29.47
N SER B 218 -21.17 -8.30 -28.98
CA SER B 218 -20.45 -7.33 -29.79
C SER B 218 -18.94 -7.56 -29.80
N ARG B 219 -18.45 -8.52 -29.00
CA ARG B 219 -17.03 -8.87 -28.96
C ARG B 219 -16.76 -10.18 -29.69
N ALA B 220 -17.47 -10.42 -30.78
CA ALA B 220 -17.38 -11.67 -31.53
C ALA B 220 -16.47 -11.57 -32.75
N ALA B 221 -15.66 -10.52 -32.85
CA ALA B 221 -14.80 -10.36 -34.01
C ALA B 221 -13.75 -11.46 -34.09
N ASN B 222 -13.29 -11.96 -32.95
CA ASN B 222 -12.26 -12.99 -32.91
C ASN B 222 -12.84 -14.40 -32.72
N GLY B 223 -14.15 -14.55 -32.81
CA GLY B 223 -14.79 -15.84 -32.63
C GLY B 223 -15.38 -16.00 -31.24
N VAL B 224 -16.39 -16.86 -31.15
CA VAL B 224 -17.11 -17.12 -29.92
C VAL B 224 -17.07 -18.62 -29.63
N ILE B 225 -16.69 -18.97 -28.41
CA ILE B 225 -16.72 -20.36 -27.93
C ILE B 225 -17.85 -20.48 -26.93
N ILE B 226 -18.84 -21.30 -27.24
CA ILE B 226 -20.02 -21.48 -26.42
C ILE B 226 -19.81 -22.70 -25.54
N ILE B 227 -19.86 -22.51 -24.23
CA ILE B 227 -19.66 -23.58 -23.25
C ILE B 227 -20.92 -23.71 -22.42
N THR B 228 -21.48 -24.92 -22.40
CA THR B 228 -22.69 -25.22 -21.63
C THR B 228 -22.31 -26.13 -20.48
N THR B 229 -22.77 -25.79 -19.28
CA THR B 229 -22.47 -26.58 -18.10
C THR B 229 -23.50 -27.70 -17.92
N LYS B 230 -23.11 -28.72 -17.17
CA LYS B 230 -23.99 -29.87 -16.95
C LYS B 230 -25.22 -29.45 -16.16
N GLN B 231 -26.37 -30.03 -16.52
CA GLN B 231 -27.62 -29.82 -15.83
C GLN B 231 -28.28 -31.17 -15.60
N GLY B 232 -29.09 -31.25 -14.54
CA GLY B 232 -29.77 -32.48 -14.19
C GLY B 232 -30.71 -32.99 -15.26
N LYS B 233 -30.57 -34.26 -15.63
CA LYS B 233 -31.40 -34.85 -16.67
C LYS B 233 -32.75 -35.26 -16.11
N LYS B 234 -33.81 -34.89 -16.82
CA LYS B 234 -35.17 -35.04 -16.33
C LYS B 234 -35.47 -36.48 -15.89
N GLY B 235 -36.04 -36.61 -14.70
CA GLY B 235 -36.52 -37.88 -14.22
C GLY B 235 -35.49 -38.83 -13.68
N GLN B 236 -34.27 -38.37 -13.40
CA GLN B 236 -33.25 -39.29 -12.92
C GLN B 236 -32.21 -38.55 -12.10
N ILE B 237 -31.42 -39.33 -11.36
CA ILE B 237 -30.32 -38.83 -10.54
C ILE B 237 -29.05 -39.54 -10.96
N LYS B 238 -27.94 -38.81 -10.94
CA LYS B 238 -26.63 -39.37 -11.26
C LYS B 238 -25.57 -38.80 -10.33
N ILE B 239 -24.62 -39.63 -9.93
CA ILE B 239 -23.45 -39.16 -9.20
C ILE B 239 -22.20 -39.77 -9.85
N ASN B 240 -21.21 -38.93 -10.09
CA ASN B 240 -19.96 -39.34 -10.70
C ASN B 240 -18.79 -38.86 -9.87
N PHE B 241 -17.89 -39.80 -9.53
CA PHE B 241 -16.68 -39.49 -8.79
C PHE B 241 -15.48 -39.87 -9.64
N ASP B 242 -14.64 -38.91 -9.97
CA ASP B 242 -13.47 -39.12 -10.81
C ASP B 242 -12.22 -38.83 -10.01
N ALA B 243 -11.29 -39.78 -10.00
CA ALA B 243 -10.01 -39.62 -9.33
C ALA B 243 -8.90 -39.82 -10.35
N SER B 244 -7.83 -39.04 -10.22
CA SER B 244 -6.75 -39.09 -11.19
C SER B 244 -5.43 -38.69 -10.53
N VAL B 245 -4.42 -39.54 -10.67
CA VAL B 245 -3.08 -39.26 -10.17
C VAL B 245 -2.10 -39.42 -11.32
N SER B 246 -1.28 -38.41 -11.55
CA SER B 246 -0.38 -38.37 -12.69
C SER B 246 1.02 -37.96 -12.26
N ALA B 247 2.01 -38.48 -12.98
CA ALA B 247 3.40 -38.09 -12.83
C ALA B 247 3.85 -37.40 -14.11
N SER B 248 4.38 -36.19 -13.98
CA SER B 248 4.88 -35.41 -15.10
C SER B 248 6.40 -35.44 -15.06
N MET B 249 7.00 -35.87 -16.17
CA MET B 249 8.45 -36.03 -16.28
C MET B 249 9.00 -35.05 -17.30
N TYR B 250 10.13 -34.44 -16.96
CA TYR B 250 10.80 -33.49 -17.83
C TYR B 250 11.52 -34.23 -18.96
N GLN B 251 11.09 -33.98 -20.20
CA GLN B 251 11.61 -34.70 -21.36
C GLN B 251 12.54 -33.88 -22.22
N SER B 252 12.24 -32.60 -22.46
CA SER B 252 13.04 -31.76 -23.35
C SER B 252 14.21 -31.17 -22.57
N LYS B 253 15.17 -32.03 -22.25
CA LYS B 253 16.36 -31.65 -21.51
C LYS B 253 17.40 -31.12 -22.49
N MET B 254 17.63 -29.82 -22.46
CA MET B 254 18.62 -29.22 -23.36
C MET B 254 20.01 -29.68 -22.98
N ASN B 255 20.75 -30.18 -23.97
CA ASN B 255 22.10 -30.68 -23.74
C ASN B 255 23.08 -29.53 -23.71
N VAL B 256 23.71 -29.31 -22.56
CA VAL B 256 24.68 -28.24 -22.38
C VAL B 256 26.03 -28.86 -22.05
N LEU B 257 27.08 -28.07 -22.28
CA LEU B 257 28.44 -28.54 -22.05
C LEU B 257 28.68 -28.76 -20.57
N ASN B 258 29.36 -29.86 -20.24
CA ASN B 258 29.82 -30.09 -18.88
C ASN B 258 31.15 -29.37 -18.68
N THR B 259 31.82 -29.65 -17.56
CA THR B 259 33.07 -28.95 -17.25
C THR B 259 34.14 -29.24 -18.30
N GLU B 260 34.37 -30.52 -18.60
CA GLU B 260 35.38 -30.88 -19.58
C GLU B 260 35.01 -30.37 -20.98
N GLN B 261 33.73 -30.50 -21.35
CA GLN B 261 33.31 -30.02 -22.65
C GLN B 261 33.42 -28.49 -22.75
N TYR B 262 33.07 -27.79 -21.66
CA TYR B 262 33.23 -26.34 -21.65
C TYR B 262 34.69 -25.94 -21.81
N GLY B 263 35.60 -26.62 -21.10
CA GLY B 263 37.00 -26.33 -21.24
C GLY B 263 37.52 -26.61 -22.65
N ARG B 264 37.08 -27.72 -23.23
CA ARG B 264 37.49 -28.05 -24.59
C ARG B 264 37.00 -27.01 -25.59
N ALA B 265 35.74 -26.57 -25.44
CA ALA B 265 35.21 -25.56 -26.34
C ALA B 265 35.95 -24.24 -26.19
N MET B 266 36.26 -23.84 -24.96
CA MET B 266 37.01 -22.60 -24.75
C MET B 266 38.40 -22.70 -25.35
N TRP B 267 39.07 -23.85 -25.18
CA TRP B 267 40.38 -24.04 -25.78
C TRP B 267 40.31 -23.98 -27.30
N GLN B 268 39.27 -24.59 -27.89
CA GLN B 268 39.11 -24.55 -29.34
C GLN B 268 38.91 -23.13 -29.83
N ALA B 269 38.08 -22.35 -29.13
CA ALA B 269 37.88 -20.96 -29.51
C ALA B 269 39.18 -20.17 -29.42
N TYR B 270 39.94 -20.38 -28.33
CA TYR B 270 41.19 -19.65 -28.15
C TYR B 270 42.20 -19.99 -29.24
N VAL B 271 42.32 -21.27 -29.60
CA VAL B 271 43.30 -21.64 -30.62
C VAL B 271 42.83 -21.21 -32.00
N ASN B 272 41.51 -21.20 -32.25
CA ASN B 272 41.01 -20.69 -33.52
C ASN B 272 41.29 -19.21 -33.67
N ASP B 273 41.12 -18.44 -32.59
CA ASP B 273 41.42 -17.01 -32.63
C ASP B 273 42.91 -16.73 -32.67
N GLY B 274 43.77 -17.73 -32.46
CA GLY B 274 45.19 -17.54 -32.46
C GLY B 274 45.78 -17.06 -31.15
N GLU B 275 44.96 -16.93 -30.11
CA GLU B 275 45.43 -16.47 -28.81
C GLU B 275 45.90 -17.65 -27.97
N ASN B 276 46.55 -17.34 -26.85
CA ASN B 276 47.06 -18.36 -25.96
C ASN B 276 45.90 -18.92 -25.12
N PRO B 277 45.60 -20.23 -25.21
CA PRO B 277 44.50 -20.77 -24.40
C PRO B 277 44.75 -20.73 -22.91
N ASN B 278 46.00 -20.60 -22.47
CA ASN B 278 46.30 -20.58 -21.04
C ASN B 278 46.01 -19.23 -20.39
N GLY B 279 45.66 -18.22 -21.18
CA GLY B 279 45.32 -16.91 -20.63
C GLY B 279 43.84 -16.75 -20.36
N ASN B 280 43.11 -17.86 -20.29
CA ASN B 280 41.67 -17.81 -20.07
C ASN B 280 41.33 -17.24 -18.70
N ALA B 281 42.24 -17.38 -17.74
CA ALA B 281 42.05 -16.87 -16.37
C ALA B 281 40.79 -17.44 -15.73
N LEU B 282 40.49 -18.71 -16.04
CA LEU B 282 39.34 -19.39 -15.45
C LEU B 282 39.77 -20.68 -14.75
N GLY B 283 41.05 -20.83 -14.44
CA GLY B 283 41.55 -22.02 -13.78
C GLY B 283 41.82 -23.20 -14.68
N TYR B 284 41.64 -23.06 -15.99
CA TYR B 284 41.88 -24.14 -16.94
C TYR B 284 43.34 -24.08 -17.42
N ALA B 285 44.08 -25.16 -17.23
CA ALA B 285 45.42 -25.31 -17.75
C ALA B 285 45.40 -26.40 -18.81
N TYR B 286 45.80 -26.07 -20.03
CA TYR B 286 45.71 -26.97 -21.16
C TYR B 286 47.10 -27.44 -21.57
N ASN B 287 47.25 -28.76 -21.70
CA ASN B 287 48.42 -29.37 -22.32
C ASN B 287 48.02 -29.74 -23.75
N TRP B 288 48.68 -29.12 -24.72
CA TRP B 288 48.27 -29.22 -26.11
C TRP B 288 49.48 -29.02 -27.01
N GLY B 289 49.31 -29.39 -28.28
CA GLY B 289 50.37 -29.23 -29.26
C GLY B 289 49.81 -29.13 -30.66
N TYR B 290 50.67 -29.41 -31.64
CA TYR B 290 50.29 -29.38 -33.05
C TYR B 290 50.48 -30.76 -33.66
N ASN B 291 49.65 -31.07 -34.65
CA ASN B 291 49.74 -32.34 -35.36
C ASN B 291 50.72 -32.20 -36.54
N ALA B 292 50.74 -33.20 -37.42
CA ALA B 292 51.61 -33.14 -38.59
C ALA B 292 51.23 -32.00 -39.51
N ASP B 293 49.93 -31.77 -39.70
CA ASP B 293 49.46 -30.73 -40.60
C ASP B 293 49.50 -29.34 -39.97
N GLY B 294 49.86 -29.23 -38.69
CA GLY B 294 49.91 -27.95 -38.01
C GLY B 294 48.64 -27.53 -37.33
N ASN B 295 47.55 -28.29 -37.47
CA ASN B 295 46.32 -27.96 -36.78
C ASN B 295 46.47 -28.20 -35.29
N PRO B 296 46.05 -27.27 -34.43
CA PRO B 296 46.18 -27.49 -32.99
C PRO B 296 45.38 -28.69 -32.52
N VAL B 297 45.94 -29.43 -31.57
CA VAL B 297 45.30 -30.58 -30.97
C VAL B 297 45.45 -30.50 -29.46
N LEU B 298 44.39 -30.86 -28.75
CA LEU B 298 44.36 -30.80 -27.29
C LEU B 298 44.66 -32.16 -26.71
N TYR B 299 45.67 -32.23 -25.85
CA TYR B 299 46.05 -33.50 -25.22
C TYR B 299 45.36 -33.70 -23.87
N GLY B 300 45.26 -32.65 -23.07
CA GLY B 300 44.62 -32.79 -21.77
C GLY B 300 44.36 -31.44 -21.14
N MET B 301 43.53 -31.46 -20.10
CA MET B 301 43.19 -30.25 -19.36
C MET B 301 43.17 -30.54 -17.87
N THR B 302 43.47 -29.51 -17.08
CA THR B 302 43.42 -29.58 -15.63
C THR B 302 42.73 -28.32 -15.10
N LEU B 303 42.16 -28.44 -13.91
CA LEU B 303 41.43 -27.34 -13.31
C LEU B 303 41.91 -27.09 -11.89
N SER B 304 41.86 -25.82 -11.49
CA SER B 304 42.11 -25.46 -10.11
C SER B 304 40.96 -25.95 -9.23
N LYS B 305 41.29 -26.36 -8.01
CA LYS B 305 40.28 -26.91 -7.13
C LYS B 305 39.24 -25.88 -6.74
N TYR B 306 39.66 -24.64 -6.50
CA TYR B 306 38.76 -23.56 -6.13
C TYR B 306 38.77 -22.48 -7.21
N LEU B 307 37.57 -21.99 -7.54
CA LEU B 307 37.44 -20.99 -8.58
C LEU B 307 37.94 -19.62 -8.15
N ASP B 308 38.11 -19.39 -6.86
CA ASP B 308 38.56 -18.10 -6.35
C ASP B 308 39.73 -18.31 -5.39
N SER B 309 40.53 -17.26 -5.22
CA SER B 309 41.68 -17.31 -4.34
C SER B 309 41.28 -17.41 -2.86
N LYS B 310 40.03 -17.17 -2.53
CA LYS B 310 39.55 -17.28 -1.16
C LYS B 310 39.15 -18.70 -0.78
N ASN B 311 39.22 -19.64 -1.71
CA ASN B 311 38.88 -21.05 -1.47
C ASN B 311 37.46 -21.19 -0.93
N THR B 312 36.54 -20.43 -1.50
CA THR B 312 35.14 -20.46 -1.08
C THR B 312 34.21 -21.07 -2.13
N MET B 313 34.67 -21.24 -3.37
CA MET B 313 33.85 -21.76 -4.45
C MET B 313 34.58 -22.92 -5.12
N PRO B 314 34.49 -24.12 -4.55
CA PRO B 314 35.16 -25.28 -5.17
C PRO B 314 34.57 -25.60 -6.53
N VAL B 315 35.42 -26.12 -7.42
CA VAL B 315 34.97 -26.50 -8.76
C VAL B 315 34.14 -27.77 -8.66
N ALA B 316 33.13 -27.87 -9.53
CA ALA B 316 32.24 -29.01 -9.54
C ALA B 316 31.62 -29.15 -10.91
N ASP B 317 31.02 -30.31 -11.16
CA ASP B 317 30.32 -30.60 -12.41
C ASP B 317 28.83 -30.66 -12.08
N THR B 318 28.14 -29.55 -12.27
CA THR B 318 26.74 -29.39 -11.88
C THR B 318 25.84 -29.46 -13.10
N ASP B 319 24.83 -30.32 -13.06
CA ASP B 319 23.80 -30.39 -14.10
C ASP B 319 22.67 -29.46 -13.65
N TRP B 320 22.71 -28.22 -14.14
CA TRP B 320 21.76 -27.21 -13.69
C TRP B 320 20.33 -27.55 -14.10
N PHE B 321 20.15 -28.08 -15.31
CA PHE B 321 18.81 -28.46 -15.75
C PHE B 321 18.24 -29.56 -14.87
N ASP B 322 19.06 -30.55 -14.51
CA ASP B 322 18.60 -31.58 -13.58
C ASP B 322 18.44 -31.02 -12.18
N GLU B 323 19.24 -30.01 -11.81
CA GLU B 323 19.17 -29.45 -10.47
C GLU B 323 17.88 -28.67 -10.26
N ILE B 324 17.40 -27.96 -11.30
CA ILE B 324 16.21 -27.13 -11.15
C ILE B 324 14.93 -27.84 -11.55
N THR B 325 15.02 -29.09 -12.01
CA THR B 325 13.85 -29.84 -12.43
C THR B 325 13.56 -30.97 -11.46
N ARG B 326 12.32 -31.47 -11.52
CA ARG B 326 11.87 -32.55 -10.66
C ARG B 326 10.79 -33.33 -11.39
N THR B 327 10.23 -34.32 -10.71
CA THR B 327 9.12 -35.11 -11.22
C THR B 327 7.84 -34.59 -10.59
N GLY B 328 7.01 -33.90 -11.37
CA GLY B 328 5.81 -33.29 -10.83
C GLY B 328 4.71 -34.30 -10.58
N VAL B 329 3.85 -33.98 -9.62
CA VAL B 329 2.71 -34.81 -9.25
C VAL B 329 1.43 -34.02 -9.49
N ILE B 330 0.49 -34.63 -10.21
CA ILE B 330 -0.79 -34.00 -10.52
C ILE B 330 -1.89 -34.83 -9.86
N GLN B 331 -2.76 -34.16 -9.12
CA GLN B 331 -3.90 -34.81 -8.47
C GLN B 331 -5.18 -34.14 -8.92
N GLN B 332 -6.21 -34.94 -9.19
CA GLN B 332 -7.50 -34.42 -9.62
C GLN B 332 -8.61 -35.25 -8.99
N TYR B 333 -9.55 -34.59 -8.33
CA TYR B 333 -10.67 -35.27 -7.69
C TYR B 333 -11.93 -34.47 -7.94
N ASN B 334 -12.89 -35.07 -8.64
CA ASN B 334 -14.14 -34.42 -8.97
C ASN B 334 -15.30 -35.26 -8.46
N LEU B 335 -16.34 -34.58 -7.96
CA LEU B 335 -17.54 -35.25 -7.44
C LEU B 335 -18.75 -34.44 -7.89
N SER B 336 -19.55 -34.99 -8.78
CA SER B 336 -20.70 -34.29 -9.34
C SER B 336 -21.98 -35.07 -9.09
N VAL B 337 -23.06 -34.35 -8.83
CA VAL B 337 -24.38 -34.94 -8.65
C VAL B 337 -25.39 -34.14 -9.47
N SER B 338 -26.27 -34.85 -10.16
CA SER B 338 -27.19 -34.26 -11.13
C SER B 338 -28.59 -34.78 -10.87
N ASN B 339 -29.54 -33.87 -10.88
CA ASN B 339 -30.91 -34.12 -10.43
C ASN B 339 -31.86 -33.58 -11.49
N GLY B 340 -32.74 -34.43 -12.00
CA GLY B 340 -33.74 -34.01 -12.97
C GLY B 340 -35.15 -34.34 -12.52
N SER B 341 -36.12 -33.64 -13.10
CA SER B 341 -37.52 -33.90 -12.87
C SER B 341 -38.34 -33.34 -14.03
N GLU B 342 -39.59 -33.77 -14.12
CA GLU B 342 -40.49 -33.20 -15.11
C GLU B 342 -40.77 -31.74 -14.80
N LYS B 343 -40.44 -31.32 -13.58
CA LYS B 343 -40.90 -30.08 -12.98
C LYS B 343 -39.75 -29.17 -12.55
N GLY B 344 -38.51 -29.65 -12.54
CA GLY B 344 -37.36 -28.83 -12.22
C GLY B 344 -36.10 -29.67 -12.14
N SER B 345 -34.96 -28.99 -11.99
CA SER B 345 -33.69 -29.70 -12.01
C SER B 345 -32.63 -28.96 -11.21
N SER B 346 -31.54 -29.67 -10.90
CA SER B 346 -30.43 -29.11 -10.14
C SER B 346 -29.16 -29.91 -10.42
N PHE B 347 -28.02 -29.33 -10.04
CA PHE B 347 -26.72 -29.96 -10.25
C PHE B 347 -25.71 -29.32 -9.30
N PHE B 348 -24.92 -30.15 -8.64
CA PHE B 348 -23.91 -29.69 -7.68
C PHE B 348 -22.62 -30.43 -7.92
N SER B 349 -21.52 -29.69 -8.13
CA SER B 349 -20.24 -30.27 -8.46
C SER B 349 -19.15 -29.67 -7.57
N LEU B 350 -18.25 -30.54 -7.10
CA LEU B 350 -17.06 -30.14 -6.35
C LEU B 350 -15.83 -30.65 -7.08
N GLY B 351 -14.77 -29.84 -7.09
CA GLY B 351 -13.57 -30.24 -7.79
C GLY B 351 -12.30 -29.74 -7.14
N TYR B 352 -11.26 -30.57 -7.15
CA TYR B 352 -9.96 -30.20 -6.63
C TYR B 352 -8.90 -30.62 -7.63
N TYR B 353 -8.01 -29.70 -7.96
CA TYR B 353 -6.91 -29.95 -8.89
C TYR B 353 -5.63 -29.42 -8.29
N LYS B 354 -4.54 -30.16 -8.48
CA LYS B 354 -3.23 -29.72 -8.01
C LYS B 354 -2.18 -30.19 -9.01
N ASN B 355 -1.28 -29.28 -9.40
CA ASN B 355 -0.25 -29.59 -10.37
C ASN B 355 1.06 -29.01 -9.88
N LEU B 356 2.05 -29.87 -9.69
CA LEU B 356 3.41 -29.46 -9.37
C LEU B 356 4.21 -29.48 -10.67
N GLY B 357 4.76 -28.34 -11.05
CA GLY B 357 5.51 -28.25 -12.29
C GLY B 357 6.82 -28.99 -12.21
N VAL B 358 7.39 -29.26 -13.40
CA VAL B 358 8.71 -29.89 -13.45
C VAL B 358 9.76 -28.96 -12.86
N ILE B 359 9.62 -27.66 -13.06
CA ILE B 359 10.50 -26.69 -12.41
C ILE B 359 10.16 -26.62 -10.93
N LYS B 360 11.18 -26.67 -10.08
CA LYS B 360 10.97 -26.71 -8.64
C LYS B 360 10.36 -25.41 -8.15
N ASP B 361 9.61 -25.51 -7.03
CA ASP B 361 9.01 -24.36 -6.36
C ASP B 361 8.00 -23.63 -7.24
N THR B 362 7.40 -24.34 -8.18
CA THR B 362 6.32 -23.81 -9.01
C THR B 362 5.16 -24.77 -8.94
N ASP B 363 3.96 -24.25 -8.68
CA ASP B 363 2.80 -25.12 -8.48
C ASP B 363 1.53 -24.33 -8.72
N PHE B 364 0.43 -25.07 -8.89
CA PHE B 364 -0.87 -24.46 -9.12
C PHE B 364 -1.96 -25.39 -8.63
N ASP B 365 -2.78 -24.92 -7.70
CA ASP B 365 -3.91 -25.70 -7.21
C ASP B 365 -5.19 -24.89 -7.33
N ARG B 366 -6.31 -25.61 -7.41
CA ARG B 366 -7.61 -24.99 -7.66
C ARG B 366 -8.71 -25.79 -6.99
N PHE B 367 -9.51 -25.11 -6.18
CA PHE B 367 -10.77 -25.64 -5.66
C PHE B 367 -11.92 -25.04 -6.44
N SER B 368 -12.96 -25.82 -6.67
CA SER B 368 -14.10 -25.35 -7.46
C SER B 368 -15.39 -25.93 -6.90
N ALA B 369 -16.44 -25.11 -6.90
CA ALA B 369 -17.76 -25.53 -6.48
C ALA B 369 -18.80 -24.89 -7.38
N ARG B 370 -19.61 -25.70 -8.05
CA ARG B 370 -20.60 -25.22 -9.00
C ARG B 370 -21.99 -25.69 -8.58
N MET B 371 -22.96 -24.79 -8.60
CA MET B 371 -24.35 -25.11 -8.31
C MET B 371 -25.22 -24.50 -9.41
N ASN B 372 -25.94 -25.37 -10.13
CA ASN B 372 -26.89 -24.95 -11.14
C ASN B 372 -28.27 -25.47 -10.76
N SER B 373 -29.31 -24.74 -11.15
CA SER B 373 -30.66 -25.17 -10.86
C SER B 373 -31.63 -24.47 -11.80
N ASP B 374 -32.80 -25.06 -11.96
CA ASP B 374 -33.89 -24.44 -12.69
C ASP B 374 -35.22 -24.94 -12.16
N TYR B 375 -36.22 -24.05 -12.16
CA TYR B 375 -37.52 -24.31 -11.58
C TYR B 375 -38.58 -23.84 -12.58
N LYS B 376 -39.64 -24.62 -12.73
CA LYS B 376 -40.75 -24.26 -13.60
C LYS B 376 -42.00 -24.08 -12.76
N LEU B 377 -42.64 -22.92 -12.87
CA LEU B 377 -43.81 -22.63 -12.07
C LEU B 377 -45.06 -22.74 -12.95
N ILE B 378 -46.23 -22.56 -12.32
CA ILE B 378 -47.52 -22.70 -12.96
C ILE B 378 -47.58 -24.05 -13.67
N ASP B 379 -47.62 -24.03 -15.00
CA ASP B 379 -47.50 -25.23 -15.82
C ASP B 379 -46.27 -25.18 -16.72
N ASP B 380 -46.13 -24.12 -17.50
CA ASP B 380 -44.92 -23.91 -18.30
C ASP B 380 -44.40 -22.49 -18.22
N ILE B 381 -45.14 -21.55 -17.65
CA ILE B 381 -44.68 -20.17 -17.52
C ILE B 381 -43.76 -20.06 -16.30
N LEU B 382 -43.00 -18.96 -16.22
CA LEU B 382 -42.17 -18.65 -15.07
C LEU B 382 -41.15 -19.75 -14.80
N THR B 383 -40.20 -19.85 -15.73
CA THR B 383 -39.04 -20.72 -15.58
C THR B 383 -37.88 -19.88 -15.05
N ILE B 384 -37.52 -20.10 -13.78
CA ILE B 384 -36.46 -19.33 -13.13
C ILE B 384 -35.27 -20.26 -12.92
N GLY B 385 -34.11 -19.88 -13.45
CA GLY B 385 -32.93 -20.70 -13.36
C GLY B 385 -31.72 -19.89 -12.93
N GLN B 386 -30.68 -20.61 -12.53
CA GLN B 386 -29.43 -19.98 -12.13
C GLN B 386 -28.28 -20.97 -12.31
N HIS B 387 -27.10 -20.41 -12.56
CA HIS B 387 -25.85 -21.16 -12.64
C HIS B 387 -24.78 -20.36 -11.93
N PHE B 388 -24.17 -20.93 -10.89
CA PHE B 388 -23.15 -20.24 -10.13
C PHE B 388 -21.93 -21.15 -9.98
N THR B 389 -20.75 -20.56 -9.99
CA THR B 389 -19.53 -21.31 -9.72
C THR B 389 -18.54 -20.41 -8.99
N LEU B 390 -17.88 -20.99 -8.00
CA LEU B 390 -16.89 -20.31 -7.17
C LEU B 390 -15.60 -21.11 -7.23
N ASN B 391 -14.49 -20.42 -7.53
CA ASN B 391 -13.21 -21.07 -7.71
C ASN B 391 -12.14 -20.34 -6.90
N ARG B 392 -11.19 -21.10 -6.39
CA ARG B 392 -10.07 -20.56 -5.61
C ARG B 392 -8.79 -21.20 -6.13
N THR B 393 -7.97 -20.44 -6.82
CA THR B 393 -6.73 -20.93 -7.41
C THR B 393 -5.54 -20.27 -6.71
N SER B 394 -4.64 -21.08 -6.19
CA SER B 394 -3.42 -20.60 -5.56
C SER B 394 -2.23 -21.08 -6.39
N GLU B 395 -1.37 -20.15 -6.78
CA GLU B 395 -0.30 -20.49 -7.72
C GLU B 395 1.01 -19.80 -7.34
N VAL B 396 2.10 -20.54 -7.52
CA VAL B 396 3.46 -20.00 -7.50
C VAL B 396 4.05 -20.23 -8.89
N GLN B 397 4.42 -19.14 -9.56
CA GLN B 397 4.89 -19.17 -10.93
C GLN B 397 6.42 -19.13 -10.98
N ALA B 398 6.95 -19.58 -12.10
CA ALA B 398 8.40 -19.57 -12.29
C ALA B 398 8.88 -18.15 -12.59
N PRO B 399 10.06 -17.78 -12.11
CA PRO B 399 10.61 -16.46 -12.45
C PRO B 399 10.92 -16.35 -13.94
N GLY B 400 10.85 -15.12 -14.44
CA GLY B 400 11.13 -14.86 -15.83
C GLY B 400 12.53 -15.24 -16.26
N GLY B 401 12.64 -16.00 -17.35
CA GLY B 401 13.93 -16.42 -17.84
C GLY B 401 14.69 -17.37 -16.94
N ILE B 402 13.98 -18.28 -16.27
CA ILE B 402 14.65 -19.27 -15.43
C ILE B 402 15.38 -20.28 -16.29
N ILE B 403 14.77 -20.71 -17.41
CA ILE B 403 15.43 -21.63 -18.32
C ILE B 403 16.65 -20.98 -18.95
N GLU B 404 16.52 -19.70 -19.32
CA GLU B 404 17.66 -18.97 -19.87
C GLU B 404 18.80 -18.89 -18.85
N THR B 405 18.46 -18.61 -17.59
CA THR B 405 19.48 -18.55 -16.55
C THR B 405 20.16 -19.89 -16.36
N ALA B 406 19.38 -20.98 -16.36
CA ALA B 406 19.97 -22.31 -16.20
C ALA B 406 20.88 -22.65 -17.37
N LEU B 407 20.48 -22.27 -18.58
CA LEU B 407 21.30 -22.57 -19.76
C LEU B 407 22.58 -21.73 -19.77
N ASP B 408 22.50 -20.48 -19.31
CA ASP B 408 23.64 -19.58 -19.41
C ASP B 408 24.73 -19.92 -18.41
N ILE B 409 24.35 -20.29 -17.20
CA ILE B 409 25.35 -20.48 -16.12
C ILE B 409 26.21 -21.69 -16.44
N PRO B 410 27.54 -21.59 -16.36
CA PRO B 410 28.39 -22.74 -16.65
C PRO B 410 28.26 -23.82 -15.58
N SER B 411 28.54 -25.05 -15.99
CA SER B 411 28.44 -26.19 -15.07
C SER B 411 29.54 -26.20 -14.02
N ALA B 412 30.58 -25.39 -14.17
CA ALA B 412 31.66 -25.36 -13.19
C ALA B 412 31.24 -24.74 -11.87
N ILE B 413 30.18 -23.94 -11.86
CA ILE B 413 29.72 -23.28 -10.65
C ILE B 413 29.01 -24.29 -9.76
N PRO B 414 29.43 -24.45 -8.52
CA PRO B 414 28.75 -25.39 -7.62
C PRO B 414 27.41 -24.84 -7.14
N VAL B 415 26.53 -25.76 -6.76
CA VAL B 415 25.24 -25.35 -6.20
C VAL B 415 25.44 -24.67 -4.85
N TYR B 416 26.28 -25.24 -4.00
CA TYR B 416 26.57 -24.69 -2.68
C TYR B 416 28.04 -24.35 -2.55
N ALA B 417 28.32 -23.31 -1.78
CA ALA B 417 29.70 -22.87 -1.56
C ALA B 417 30.32 -23.70 -0.44
N SER B 418 31.54 -23.33 -0.03
CA SER B 418 32.21 -24.07 1.04
C SER B 418 31.53 -23.88 2.39
N ASP B 419 30.96 -22.70 2.63
CA ASP B 419 30.33 -22.39 3.90
C ASP B 419 28.86 -22.78 3.95
N GLY B 420 28.35 -23.44 2.90
CA GLY B 420 26.95 -23.85 2.86
C GLY B 420 26.01 -22.86 2.19
N SER B 421 26.49 -21.66 1.86
CA SER B 421 25.66 -20.70 1.16
C SER B 421 25.54 -21.08 -0.32
N TRP B 422 24.67 -20.36 -1.02
CA TRP B 422 24.44 -20.64 -2.43
C TRP B 422 25.68 -20.31 -3.24
N GLY B 423 26.02 -21.21 -4.17
CA GLY B 423 27.15 -20.97 -5.03
C GLY B 423 26.87 -19.90 -6.08
N GLY B 424 27.95 -19.27 -6.55
CA GLY B 424 27.84 -18.22 -7.52
C GLY B 424 29.14 -17.93 -8.23
N PRO B 425 29.08 -17.18 -9.32
CA PRO B 425 30.30 -16.84 -10.06
C PRO B 425 31.26 -16.03 -9.23
N VAL B 426 32.56 -16.29 -9.40
CA VAL B 426 33.63 -15.55 -8.74
C VAL B 426 34.74 -15.31 -9.75
N GLY B 427 35.51 -14.26 -9.49
CA GLY B 427 36.61 -13.93 -10.39
C GLY B 427 36.10 -13.53 -11.76
N GLY B 428 36.64 -14.18 -12.79
CA GLY B 428 36.30 -13.89 -14.17
C GLY B 428 35.12 -14.65 -14.74
N TRP B 429 34.41 -15.42 -13.92
CA TRP B 429 33.27 -16.16 -14.43
C TRP B 429 32.12 -15.21 -14.78
N PRO B 430 31.31 -15.58 -15.76
CA PRO B 430 30.25 -14.66 -16.21
C PRO B 430 29.22 -14.39 -15.13
N ASP B 431 28.65 -13.19 -15.17
CA ASP B 431 27.70 -12.74 -14.15
C ASP B 431 26.33 -13.34 -14.44
N ARG B 432 26.03 -14.46 -13.77
CA ARG B 432 24.72 -15.10 -13.87
C ARG B 432 24.33 -15.61 -12.49
N ARG B 433 23.06 -15.40 -12.14
CA ARG B 433 22.59 -15.83 -10.83
C ARG B 433 22.41 -17.34 -10.79
N ASN B 434 22.37 -17.87 -9.58
CA ASN B 434 22.15 -19.30 -9.37
C ASN B 434 20.67 -19.61 -9.60
N PRO B 435 20.32 -20.42 -10.60
CA PRO B 435 18.89 -20.71 -10.81
C PRO B 435 18.23 -21.40 -9.63
N ARG B 436 18.96 -22.29 -8.94
CA ARG B 436 18.40 -22.93 -7.77
C ARG B 436 18.11 -21.92 -6.66
N ALA B 437 19.01 -20.96 -6.46
CA ALA B 437 18.77 -19.91 -5.47
C ALA B 437 17.59 -19.05 -5.87
N VAL B 438 17.45 -18.74 -7.16
CA VAL B 438 16.32 -17.95 -7.62
C VAL B 438 15.01 -18.69 -7.35
N LEU B 439 14.97 -19.98 -7.66
CA LEU B 439 13.77 -20.77 -7.39
C LEU B 439 13.47 -20.85 -5.90
N GLU B 440 14.51 -21.00 -5.08
CA GLU B 440 14.31 -21.05 -3.63
C GLU B 440 13.75 -19.74 -3.11
N TYR B 441 14.25 -18.61 -3.60
CA TYR B 441 13.77 -17.31 -3.16
C TYR B 441 12.40 -16.96 -3.73
N ASN B 442 12.02 -17.58 -4.84
CA ASN B 442 10.73 -17.32 -5.46
C ASN B 442 9.62 -18.23 -4.97
N LYS B 443 9.93 -19.21 -4.12
CA LYS B 443 8.92 -20.17 -3.69
C LYS B 443 7.83 -19.53 -2.82
N ASP B 444 8.09 -18.37 -2.25
CA ASP B 444 7.13 -17.70 -1.39
C ASP B 444 6.25 -16.70 -2.13
N ASN B 445 6.48 -16.50 -3.42
CA ASN B 445 5.67 -15.57 -4.23
C ASN B 445 4.42 -16.30 -4.72
N ARG B 446 3.53 -16.57 -3.77
CA ARG B 446 2.29 -17.31 -4.04
C ARG B 446 1.13 -16.33 -4.09
N TYR B 447 0.31 -16.44 -5.13
CA TYR B 447 -0.86 -15.58 -5.27
C TYR B 447 -2.13 -16.41 -5.20
N THR B 448 -3.15 -15.83 -4.57
CA THR B 448 -4.46 -16.45 -4.42
C THR B 448 -5.46 -15.68 -5.28
N TYR B 449 -6.35 -16.41 -5.95
CA TYR B 449 -7.27 -15.83 -6.92
C TYR B 449 -8.65 -16.45 -6.71
N TRP B 450 -9.61 -15.63 -6.33
CA TRP B 450 -11.00 -16.06 -6.16
C TRP B 450 -11.78 -15.63 -7.40
N ARG B 451 -12.33 -16.59 -8.12
CA ARG B 451 -13.12 -16.35 -9.32
C ARG B 451 -14.57 -16.70 -9.03
N MET B 452 -15.50 -15.94 -9.61
CA MET B 452 -16.89 -16.02 -9.22
C MET B 452 -17.75 -15.76 -10.44
N PHE B 453 -18.33 -16.82 -11.02
CA PHE B 453 -19.10 -16.69 -12.25
C PHE B 453 -20.53 -17.12 -11.95
N GLY B 454 -21.44 -16.15 -11.87
CA GLY B 454 -22.82 -16.44 -11.54
C GLY B 454 -23.76 -15.88 -12.60
N ASP B 455 -24.97 -16.41 -12.61
CA ASP B 455 -25.97 -16.02 -13.58
C ASP B 455 -27.34 -16.44 -13.06
N ALA B 456 -28.32 -15.55 -13.21
CA ALA B 456 -29.71 -15.85 -12.85
C ALA B 456 -30.62 -15.32 -13.94
N TYR B 457 -31.53 -16.17 -14.42
CA TYR B 457 -32.42 -15.80 -15.51
C TYR B 457 -33.85 -16.19 -15.18
N VAL B 458 -34.78 -15.42 -15.74
CA VAL B 458 -36.22 -15.66 -15.61
C VAL B 458 -36.84 -15.66 -17.00
N ASN B 459 -37.69 -16.65 -17.27
CA ASN B 459 -38.31 -16.81 -18.58
C ASN B 459 -39.82 -16.84 -18.40
N LEU B 460 -40.52 -16.04 -19.19
CA LEU B 460 -41.97 -15.93 -19.14
C LEU B 460 -42.55 -16.29 -20.50
N THR B 461 -43.63 -17.05 -20.50
CA THR B 461 -44.31 -17.48 -21.73
C THR B 461 -45.75 -17.03 -21.68
N PRO B 462 -46.08 -15.84 -22.20
CA PRO B 462 -47.48 -15.41 -22.21
C PRO B 462 -48.40 -16.35 -22.96
N PHE B 463 -47.92 -16.94 -24.05
CA PHE B 463 -48.68 -17.96 -24.78
C PHE B 463 -47.69 -18.94 -25.39
N LYS B 464 -48.17 -19.74 -26.35
CA LYS B 464 -47.38 -20.85 -26.86
C LYS B 464 -46.09 -20.38 -27.55
N GLY B 465 -46.18 -19.32 -28.35
CA GLY B 465 -45.07 -18.91 -29.19
C GLY B 465 -44.20 -17.78 -28.68
N PHE B 466 -44.54 -17.17 -27.54
CA PHE B 466 -43.83 -16.00 -27.05
C PHE B 466 -42.98 -16.35 -25.85
N ASN B 467 -41.74 -15.85 -25.84
CA ASN B 467 -40.82 -16.04 -24.73
C ASN B 467 -40.14 -14.72 -24.39
N LEU B 468 -40.07 -14.41 -23.11
CA LEU B 468 -39.39 -13.22 -22.59
C LEU B 468 -38.39 -13.67 -21.54
N ARG B 469 -37.10 -13.50 -21.84
CA ARG B 469 -36.04 -13.93 -20.94
C ARG B 469 -35.27 -12.72 -20.45
N SER B 470 -35.16 -12.60 -19.13
CA SER B 470 -34.35 -11.57 -18.49
C SER B 470 -33.23 -12.26 -17.72
N THR B 471 -31.99 -11.89 -18.03
CA THR B 471 -30.81 -12.56 -17.51
C THR B 471 -29.87 -11.56 -16.87
N PHE B 472 -29.29 -11.94 -15.73
CA PHE B 472 -28.29 -11.13 -15.05
C PHE B 472 -27.10 -12.01 -14.73
N GLY B 473 -25.95 -11.67 -15.28
CA GLY B 473 -24.72 -12.42 -15.06
C GLY B 473 -23.67 -11.56 -14.39
N LEU B 474 -22.90 -12.18 -13.50
CA LEU B 474 -21.89 -11.50 -12.70
C LEU B 474 -20.59 -12.28 -12.75
N ASP B 475 -19.48 -11.55 -12.82
CA ASP B 475 -18.14 -12.14 -12.79
C ASP B 475 -17.30 -11.29 -11.84
N TYR B 476 -16.95 -11.86 -10.70
CA TYR B 476 -16.13 -11.18 -9.70
C TYR B 476 -14.83 -11.94 -9.52
N ALA B 477 -13.71 -11.24 -9.68
CA ALA B 477 -12.39 -11.82 -9.52
C ALA B 477 -11.60 -10.99 -8.52
N ASN B 478 -10.95 -11.68 -7.57
CA ASN B 478 -10.18 -11.04 -6.50
C ASN B 478 -8.84 -11.72 -6.41
N LYS B 479 -7.77 -10.99 -6.70
CA LYS B 479 -6.42 -11.53 -6.70
C LYS B 479 -5.61 -10.85 -5.60
N GLN B 480 -5.00 -11.65 -4.73
CA GLN B 480 -4.17 -11.16 -3.64
C GLN B 480 -2.81 -11.83 -3.72
N ALA B 481 -1.74 -11.03 -3.73
CA ALA B 481 -0.40 -11.57 -3.83
C ALA B 481 0.52 -10.84 -2.85
N ARG B 482 1.57 -11.53 -2.42
CA ARG B 482 2.57 -10.96 -1.53
C ARG B 482 3.94 -11.43 -2.01
N TYR B 483 4.62 -10.57 -2.76
CA TYR B 483 5.94 -10.89 -3.30
C TYR B 483 7.03 -10.44 -2.33
N PHE B 484 8.10 -11.23 -2.27
CA PHE B 484 9.21 -10.98 -1.37
C PHE B 484 10.50 -10.84 -2.16
N THR B 485 11.37 -9.93 -1.71
CA THR B 485 12.69 -9.73 -2.28
C THR B 485 13.71 -9.97 -1.17
N TYR B 486 14.26 -11.18 -1.14
CA TYR B 486 15.25 -11.53 -0.13
C TYR B 486 16.64 -11.05 -0.56
N PRO B 487 17.49 -10.70 0.39
CA PRO B 487 18.88 -10.41 0.06
C PRO B 487 19.60 -11.68 -0.37
N TYR B 488 20.40 -11.57 -1.43
CA TYR B 488 21.17 -12.70 -1.94
C TYR B 488 22.60 -12.28 -2.19
N GLN B 489 23.51 -13.21 -1.98
CA GLN B 489 24.95 -12.99 -2.21
C GLN B 489 25.49 -14.30 -2.79
N GLU B 490 25.53 -14.38 -4.12
CA GLU B 490 26.01 -15.56 -4.84
C GLU B 490 27.32 -15.18 -5.52
N GLY B 491 28.42 -15.33 -4.79
CA GLY B 491 29.72 -14.94 -5.30
C GLY B 491 29.81 -13.44 -5.50
N THR B 492 29.90 -13.02 -6.75
CA THR B 492 29.92 -11.60 -7.09
C THR B 492 28.53 -11.05 -7.41
N GLN B 493 27.49 -11.88 -7.33
CA GLN B 493 26.12 -11.46 -7.59
C GLN B 493 25.45 -11.12 -6.27
N THR B 494 24.98 -9.88 -6.16
CA THR B 494 24.33 -9.43 -4.93
C THR B 494 23.41 -8.27 -5.25
N ASN B 495 22.47 -8.01 -4.33
CA ASN B 495 21.57 -6.87 -4.42
C ASN B 495 21.81 -5.88 -3.29
N ASN B 496 23.04 -5.85 -2.76
CA ASN B 496 23.42 -4.95 -1.67
C ASN B 496 22.53 -5.16 -0.43
N GLY B 497 22.17 -6.41 -0.18
CA GLY B 497 21.37 -6.73 0.99
C GLY B 497 20.00 -6.10 0.99
N LYS B 498 19.33 -6.09 -0.16
CA LYS B 498 18.01 -5.47 -0.28
C LYS B 498 16.94 -6.51 0.04
N SER B 499 16.08 -6.18 1.00
CA SER B 499 14.94 -7.02 1.36
C SER B 499 13.68 -6.17 1.30
N ALA B 500 12.63 -6.69 0.68
CA ALA B 500 11.42 -5.91 0.49
C ALA B 500 10.21 -6.82 0.42
N VAL B 501 9.04 -6.23 0.65
CA VAL B 501 7.76 -6.91 0.53
C VAL B 501 6.84 -6.05 -0.34
N GLU B 502 6.02 -6.72 -1.14
CA GLU B 502 5.09 -6.06 -2.07
C GLU B 502 3.75 -6.77 -1.96
N ALA B 503 2.78 -6.13 -1.30
CA ALA B 503 1.45 -6.68 -1.12
C ALA B 503 0.53 -6.05 -2.16
N LYS B 504 0.01 -6.86 -3.08
CA LYS B 504 -0.78 -6.38 -4.21
C LYS B 504 -2.17 -6.98 -4.17
N GLN B 505 -3.17 -6.16 -4.48
CA GLN B 505 -4.57 -6.56 -4.52
C GLN B 505 -5.20 -6.05 -5.80
N GLU B 506 -5.96 -6.92 -6.47
CA GLU B 506 -6.62 -6.58 -7.72
C GLU B 506 -8.06 -7.07 -7.67
N HIS B 507 -8.98 -6.23 -8.15
CA HIS B 507 -10.40 -6.53 -8.20
C HIS B 507 -10.90 -6.33 -9.62
N TRP B 508 -11.68 -7.30 -10.11
CA TRP B 508 -12.39 -7.18 -11.38
C TRP B 508 -13.85 -7.50 -11.13
N THR B 509 -14.74 -6.63 -11.60
CA THR B 509 -16.18 -6.81 -11.38
C THR B 509 -16.90 -6.48 -12.68
N LYS B 510 -17.46 -7.51 -13.32
CA LYS B 510 -18.22 -7.33 -14.56
C LYS B 510 -19.63 -7.84 -14.34
N TRP B 511 -20.61 -7.13 -14.88
CA TRP B 511 -21.98 -7.61 -14.85
C TRP B 511 -22.69 -7.28 -16.16
N MET B 512 -23.57 -8.19 -16.57
CA MET B 512 -24.31 -8.07 -17.81
C MET B 512 -25.79 -8.29 -17.54
N TRP B 513 -26.62 -7.45 -18.13
CA TRP B 513 -28.07 -7.60 -18.10
C TRP B 513 -28.57 -7.79 -19.53
N ASN B 514 -29.47 -8.75 -19.71
CA ASN B 514 -29.92 -9.13 -21.03
C ASN B 514 -31.42 -9.30 -21.03
N ALA B 515 -32.07 -8.80 -22.08
CA ALA B 515 -33.51 -8.97 -22.28
C ALA B 515 -33.74 -9.50 -23.68
N ILE B 516 -34.47 -10.60 -23.78
CA ILE B 516 -34.70 -11.29 -25.04
C ILE B 516 -36.20 -11.51 -25.21
N ALA B 517 -36.72 -11.14 -26.39
CA ALA B 517 -38.10 -11.42 -26.77
C ALA B 517 -38.08 -12.26 -28.02
N THR B 518 -38.68 -13.45 -27.95
CA THR B 518 -38.65 -14.42 -29.04
C THR B 518 -40.06 -14.86 -29.39
N TYR B 519 -40.33 -14.98 -30.68
CA TYR B 519 -41.61 -15.45 -31.20
C TYR B 519 -41.37 -16.49 -32.28
N GLN B 520 -42.12 -17.58 -32.22
CA GLN B 520 -42.01 -18.67 -33.18
C GLN B 520 -43.35 -18.95 -33.82
N LEU B 521 -43.34 -19.17 -35.14
CA LEU B 521 -44.54 -19.46 -35.90
C LEU B 521 -44.30 -20.65 -36.81
N GLU B 522 -45.33 -21.46 -37.00
CA GLU B 522 -45.26 -22.73 -37.73
C GLU B 522 -46.37 -22.82 -38.77
N VAL B 523 -46.51 -21.78 -39.59
CA VAL B 523 -47.64 -21.69 -40.51
C VAL B 523 -47.34 -22.58 -41.72
N GLY B 524 -48.05 -23.70 -41.80
CA GLY B 524 -47.83 -24.63 -42.91
C GLY B 524 -46.41 -25.16 -42.90
N LYS B 525 -45.75 -25.06 -44.04
CA LYS B 525 -44.35 -25.44 -44.17
C LYS B 525 -43.40 -24.29 -43.87
N HIS B 526 -43.93 -23.13 -43.48
CA HIS B 526 -43.12 -21.95 -43.18
C HIS B 526 -42.89 -21.86 -41.68
N ARG B 527 -41.63 -21.90 -41.27
CA ARG B 527 -41.22 -21.75 -39.89
C ARG B 527 -40.51 -20.41 -39.72
N GLY B 528 -41.00 -19.60 -38.79
CA GLY B 528 -40.44 -18.27 -38.60
C GLY B 528 -40.12 -17.92 -37.16
N ASP B 529 -38.86 -17.60 -36.90
CA ASP B 529 -38.40 -17.19 -35.57
C ASP B 529 -37.97 -15.74 -35.64
N VAL B 530 -38.55 -14.90 -34.78
CA VAL B 530 -38.21 -13.49 -34.67
C VAL B 530 -37.75 -13.22 -33.26
N MET B 531 -36.53 -12.71 -33.10
CA MET B 531 -35.97 -12.44 -31.78
C MET B 531 -35.40 -11.04 -31.75
N ILE B 532 -35.65 -10.33 -30.65
CA ILE B 532 -35.04 -9.04 -30.40
C ILE B 532 -34.40 -9.10 -29.02
N GLY B 533 -33.38 -8.26 -28.81
CA GLY B 533 -32.63 -8.33 -27.58
C GLY B 533 -31.94 -7.03 -27.26
N MET B 534 -31.88 -6.71 -25.97
CA MET B 534 -31.20 -5.55 -25.44
C MET B 534 -30.22 -6.01 -24.37
N GLU B 535 -28.95 -5.65 -24.53
CA GLU B 535 -27.89 -6.14 -23.65
C GLU B 535 -27.05 -4.97 -23.14
N LEU B 536 -26.70 -5.03 -21.85
CA LEU B 536 -25.80 -4.09 -21.22
C LEU B 536 -24.67 -4.86 -20.55
N ASN B 537 -23.44 -4.47 -20.84
CA ASN B 537 -22.26 -5.07 -20.22
C ASN B 537 -21.49 -3.98 -19.52
N ARG B 538 -20.96 -4.27 -18.33
CA ARG B 538 -20.44 -3.22 -17.49
C ARG B 538 -19.28 -3.78 -16.68
N GLU B 539 -18.05 -3.32 -16.95
CA GLU B 539 -16.87 -3.86 -16.31
C GLU B 539 -16.10 -2.76 -15.59
N ASP B 540 -15.68 -3.04 -14.35
CA ASP B 540 -14.85 -2.15 -13.56
C ASP B 540 -13.68 -2.94 -12.99
N ASP B 541 -12.47 -2.42 -13.19
CA ASP B 541 -11.26 -3.04 -12.68
C ASP B 541 -10.50 -2.04 -11.80
N SER B 542 -9.83 -2.57 -10.78
CA SER B 542 -9.03 -1.73 -9.90
C SER B 542 -7.88 -2.57 -9.33
N HIS B 543 -6.84 -1.87 -8.89
CA HIS B 543 -5.73 -2.55 -8.21
C HIS B 543 -4.98 -1.55 -7.36
N PHE B 544 -4.37 -2.06 -6.29
CA PHE B 544 -3.53 -1.24 -5.43
C PHE B 544 -2.54 -2.12 -4.70
N SER B 545 -1.38 -1.55 -4.40
CA SER B 545 -0.29 -2.32 -3.81
C SER B 545 0.53 -1.44 -2.87
N GLY B 546 1.06 -2.07 -1.83
CA GLY B 546 1.95 -1.42 -0.90
C GLY B 546 3.32 -2.08 -0.91
N TYR B 547 4.35 -1.27 -0.77
CA TYR B 547 5.74 -1.71 -0.89
C TYR B 547 6.52 -1.26 0.33
N LYS B 548 7.24 -2.19 0.96
CA LYS B 548 8.01 -1.90 2.17
C LYS B 548 9.38 -2.53 2.05
N GLU B 549 10.34 -1.99 2.81
CA GLU B 549 11.73 -2.45 2.75
C GLU B 549 12.29 -2.57 4.15
N ASP B 550 13.58 -2.92 4.23
CA ASP B 550 14.38 -2.93 5.46
C ASP B 550 13.78 -3.89 6.50
N PHE B 551 13.81 -5.16 6.16
CA PHE B 551 13.41 -6.23 7.06
C PHE B 551 14.63 -6.90 7.68
N SER B 552 14.41 -7.57 8.81
CA SER B 552 15.48 -8.16 9.61
C SER B 552 15.44 -9.69 9.63
N ILE B 553 14.32 -10.29 10.03
CA ILE B 553 14.25 -11.73 10.16
C ILE B 553 14.34 -12.41 8.79
N LEU B 554 13.74 -11.80 7.77
CA LEU B 554 13.77 -12.31 6.39
C LEU B 554 13.09 -13.68 6.28
N THR B 555 11.84 -13.72 6.75
CA THR B 555 10.98 -14.88 6.58
C THR B 555 9.60 -14.39 6.19
N PRO B 556 8.83 -15.19 5.43
CA PRO B 556 7.50 -14.73 5.03
C PRO B 556 6.58 -14.41 6.19
N ASP B 557 6.76 -15.10 7.32
CA ASP B 557 5.95 -14.80 8.50
C ASP B 557 6.22 -13.39 9.01
N TYR B 558 7.48 -12.97 8.98
CA TYR B 558 7.85 -11.66 9.51
C TYR B 558 7.72 -10.55 8.47
N MET B 559 7.86 -10.85 7.19
CA MET B 559 7.77 -9.82 6.15
C MET B 559 6.31 -9.40 5.99
N TRP B 560 5.92 -8.37 6.73
CA TRP B 560 4.68 -7.65 6.55
C TRP B 560 4.98 -6.16 6.53
N PRO B 561 4.17 -5.37 5.83
CA PRO B 561 4.48 -3.94 5.71
C PRO B 561 4.58 -3.22 7.05
N ASP B 562 3.84 -3.65 8.06
CA ASP B 562 3.99 -3.04 9.38
C ASP B 562 5.34 -3.34 10.00
N ALA B 563 5.92 -4.52 9.70
CA ALA B 563 7.20 -4.90 10.27
C ALA B 563 8.39 -4.28 9.55
N GLY B 564 8.18 -3.60 8.43
CA GLY B 564 9.27 -2.98 7.73
C GLY B 564 9.77 -1.73 8.42
N SER B 565 10.99 -1.33 8.06
CA SER B 565 11.62 -0.15 8.64
C SER B 565 12.32 0.69 7.59
N GLY B 566 11.84 0.66 6.36
CA GLY B 566 12.46 1.42 5.28
C GLY B 566 11.47 2.24 4.49
N THR B 567 11.87 2.63 3.28
CA THR B 567 11.00 3.44 2.44
C THR B 567 9.79 2.63 1.97
N ALA B 568 8.63 3.27 1.99
CA ALA B 568 7.38 2.64 1.58
C ALA B 568 6.83 3.33 0.35
N GLN B 569 6.17 2.56 -0.51
CA GLN B 569 5.55 3.07 -1.72
C GLN B 569 4.12 2.58 -1.82
N ALA B 570 3.26 3.39 -2.43
CA ALA B 570 1.86 3.04 -2.64
C ALA B 570 1.53 3.22 -4.11
N TYR B 571 1.02 2.16 -4.73
CA TYR B 571 0.59 2.19 -6.12
C TYR B 571 -0.89 1.87 -6.19
N GLY B 572 -1.58 2.45 -7.17
CA GLY B 572 -3.00 2.20 -7.32
C GLY B 572 -3.61 2.80 -8.56
N ALA B 573 -4.51 2.07 -9.19
CA ALA B 573 -5.15 2.53 -10.41
C ALA B 573 -6.51 1.86 -10.56
N GLY B 574 -7.33 2.43 -11.43
CA GLY B 574 -8.64 1.89 -11.73
C GLY B 574 -9.08 2.28 -13.11
N GLU B 575 -10.02 1.51 -13.65
CA GLU B 575 -10.52 1.72 -15.01
C GLU B 575 -11.84 0.97 -15.16
N GLY B 576 -12.46 1.12 -16.31
CA GLY B 576 -13.69 0.43 -16.59
C GLY B 576 -14.29 0.88 -17.90
N TYR B 577 -15.32 0.15 -18.33
CA TYR B 577 -16.01 0.45 -19.57
C TYR B 577 -17.40 -0.16 -19.55
N SER B 578 -18.22 0.26 -20.52
CA SER B 578 -19.58 -0.22 -20.65
C SER B 578 -19.91 -0.43 -22.12
N LEU B 579 -20.85 -1.33 -22.37
CA LEU B 579 -21.29 -1.69 -23.70
C LEU B 579 -22.81 -1.77 -23.73
N VAL B 580 -23.42 -1.26 -24.79
CA VAL B 580 -24.86 -1.31 -25.00
C VAL B 580 -25.10 -1.93 -26.37
N SER B 581 -26.05 -2.86 -26.44
CA SER B 581 -26.32 -3.56 -27.69
C SER B 581 -27.81 -3.73 -27.89
N PHE B 582 -28.27 -3.46 -29.11
CA PHE B 582 -29.64 -3.74 -29.53
C PHE B 582 -29.55 -4.64 -30.76
N PHE B 583 -29.99 -5.89 -30.64
CA PHE B 583 -29.80 -6.85 -31.71
C PHE B 583 -31.13 -7.50 -32.09
N GLY B 584 -31.20 -7.93 -33.35
CA GLY B 584 -32.36 -8.61 -33.87
C GLY B 584 -31.98 -9.75 -34.79
N LYS B 585 -32.75 -10.85 -34.74
CA LYS B 585 -32.45 -12.06 -35.50
C LYS B 585 -33.73 -12.63 -36.07
N MET B 586 -33.72 -12.90 -37.37
CA MET B 586 -34.86 -13.47 -38.07
C MET B 586 -34.42 -14.75 -38.78
N ASN B 587 -35.12 -15.85 -38.51
CA ASN B 587 -34.86 -17.13 -39.14
C ASN B 587 -36.11 -17.61 -39.86
N TYR B 588 -35.96 -17.96 -41.14
CA TYR B 588 -37.06 -18.45 -41.95
C TYR B 588 -36.68 -19.79 -42.55
N SER B 589 -37.58 -20.77 -42.42
CA SER B 589 -37.37 -22.11 -42.95
C SER B 589 -38.55 -22.50 -43.83
N TYR B 590 -38.26 -22.91 -45.05
CA TYR B 590 -39.27 -23.37 -45.99
C TYR B 590 -39.04 -24.85 -46.28
N ALA B 591 -40.06 -25.66 -46.03
CA ALA B 591 -40.06 -27.10 -46.26
C ALA B 591 -38.90 -27.81 -45.56
N ASP B 592 -38.35 -27.19 -44.52
CA ASP B 592 -37.15 -27.68 -43.85
C ASP B 592 -36.02 -27.91 -44.85
N ARG B 593 -36.03 -27.15 -45.93
CA ARG B 593 -35.07 -27.29 -47.02
C ARG B 593 -34.37 -25.98 -47.37
N TYR B 594 -35.07 -24.85 -47.29
CA TYR B 594 -34.47 -23.54 -47.55
C TYR B 594 -34.43 -22.76 -46.25
N LEU B 595 -33.23 -22.32 -45.86
CA LEU B 595 -33.03 -21.62 -44.60
C LEU B 595 -32.45 -20.24 -44.87
N LEU B 596 -33.02 -19.22 -44.23
CA LEU B 596 -32.54 -17.85 -44.34
C LEU B 596 -32.42 -17.26 -42.95
N SER B 597 -31.31 -16.56 -42.70
CA SER B 597 -31.06 -15.91 -41.42
C SER B 597 -30.61 -14.48 -41.66
N LEU B 598 -31.19 -13.54 -40.92
CA LEU B 598 -30.85 -12.13 -41.02
C LEU B 598 -30.71 -11.57 -39.61
N THR B 599 -29.51 -11.10 -39.28
CA THR B 599 -29.29 -10.48 -37.97
C THR B 599 -28.73 -9.08 -38.14
N LEU B 600 -29.14 -8.20 -37.24
CA LEU B 600 -28.73 -6.80 -37.26
C LEU B 600 -28.38 -6.36 -35.85
N ARG B 601 -27.24 -5.70 -35.70
CA ARG B 601 -26.78 -5.26 -34.40
C ARG B 601 -26.52 -3.76 -34.41
N ARG B 602 -26.88 -3.10 -33.31
CA ARG B 602 -26.54 -1.70 -33.05
C ARG B 602 -25.78 -1.68 -31.73
N ASP B 603 -24.48 -1.42 -31.81
CA ASP B 603 -23.59 -1.55 -30.66
C ASP B 603 -22.91 -0.23 -30.36
N GLY B 604 -22.85 0.11 -29.07
CA GLY B 604 -22.16 1.30 -28.63
C GLY B 604 -21.30 0.99 -27.42
N SER B 605 -20.19 1.72 -27.30
CA SER B 605 -19.23 1.52 -26.23
C SER B 605 -18.81 2.86 -25.64
N SER B 606 -18.39 2.82 -24.39
CA SER B 606 -17.93 4.03 -23.71
C SER B 606 -16.52 4.44 -24.12
N ARG B 607 -15.82 3.61 -24.89
CA ARG B 607 -14.46 3.93 -25.32
C ARG B 607 -14.42 4.88 -26.51
N PHE B 608 -15.58 5.22 -27.07
CA PHE B 608 -15.66 6.10 -28.23
C PHE B 608 -16.42 7.37 -27.86
N GLY B 609 -16.21 8.41 -28.67
CA GLY B 609 -16.93 9.65 -28.47
C GLY B 609 -18.40 9.53 -28.84
N LYS B 610 -19.16 10.56 -28.49
CA LYS B 610 -20.60 10.54 -28.72
C LYS B 610 -20.92 10.43 -30.21
N ASN B 611 -20.15 11.11 -31.06
CA ASN B 611 -20.42 11.10 -32.48
C ASN B 611 -20.25 9.71 -33.08
N HIS B 612 -19.22 8.98 -32.67
CA HIS B 612 -18.90 7.68 -33.21
C HIS B 612 -19.13 6.56 -32.21
N ARG B 613 -20.07 6.75 -31.28
CA ARG B 613 -20.30 5.77 -30.23
C ARG B 613 -20.98 4.51 -30.78
N TYR B 614 -22.01 4.69 -31.58
CA TYR B 614 -22.84 3.58 -32.03
C TYR B 614 -22.54 3.21 -33.48
N ALA B 615 -22.60 1.91 -33.77
CA ALA B 615 -22.36 1.39 -35.10
C ALA B 615 -23.32 0.24 -35.38
N THR B 616 -23.59 0.03 -36.66
CA THR B 616 -24.55 -0.97 -37.11
C THR B 616 -23.82 -2.06 -37.91
N PHE B 617 -24.17 -3.31 -37.62
CA PHE B 617 -23.54 -4.46 -38.25
C PHE B 617 -24.60 -5.45 -38.74
N PRO B 618 -24.73 -5.64 -40.05
CA PRO B 618 -25.66 -6.66 -40.56
C PRO B 618 -24.98 -7.98 -40.88
N SER B 619 -25.76 -9.06 -40.92
CA SER B 619 -25.25 -10.37 -41.34
C SER B 619 -26.39 -11.18 -41.93
N VAL B 620 -26.09 -11.91 -43.00
CA VAL B 620 -27.05 -12.72 -43.72
C VAL B 620 -26.47 -14.12 -43.90
N SER B 621 -27.34 -15.12 -43.85
CA SER B 621 -26.96 -16.51 -44.02
C SER B 621 -28.01 -17.24 -44.83
N LEU B 622 -27.56 -18.06 -45.79
CA LEU B 622 -28.42 -18.87 -46.62
C LEU B 622 -28.02 -20.32 -46.50
N GLY B 623 -29.00 -21.21 -46.59
CA GLY B 623 -28.74 -22.63 -46.51
C GLY B 623 -29.70 -23.46 -47.33
N TRP B 624 -29.19 -24.48 -48.02
CA TRP B 624 -29.99 -25.33 -48.89
C TRP B 624 -29.64 -26.77 -48.59
N ARG B 625 -30.63 -27.54 -48.14
CA ARG B 625 -30.46 -28.97 -47.90
C ARG B 625 -30.75 -29.68 -49.22
N ILE B 626 -29.68 -29.99 -49.96
CA ILE B 626 -29.83 -30.56 -51.29
C ILE B 626 -30.47 -31.95 -51.22
N THR B 627 -30.15 -32.72 -50.16
CA THR B 627 -30.72 -34.06 -50.02
C THR B 627 -32.23 -34.03 -49.87
N GLN B 628 -32.81 -32.93 -49.41
CA GLN B 628 -34.26 -32.84 -49.27
C GLN B 628 -34.98 -32.69 -50.59
N GLU B 629 -34.28 -32.30 -51.66
CA GLU B 629 -34.90 -32.18 -52.97
C GLU B 629 -35.31 -33.54 -53.49
N ASN B 630 -36.39 -33.55 -54.27
CA ASN B 630 -37.01 -34.79 -54.74
C ASN B 630 -36.32 -35.38 -55.96
N PHE B 631 -35.33 -34.71 -56.53
CA PHE B 631 -34.70 -35.17 -57.75
C PHE B 631 -33.55 -36.15 -57.51
N MET B 632 -33.26 -36.51 -56.27
CA MET B 632 -32.18 -37.44 -55.96
C MET B 632 -32.57 -38.42 -54.87
N LYS B 633 -33.82 -38.92 -54.93
CA LYS B 633 -34.22 -39.96 -53.99
C LYS B 633 -33.56 -41.31 -54.28
N GLU B 634 -33.01 -41.49 -55.48
CA GLU B 634 -32.33 -42.73 -55.80
C GLU B 634 -30.95 -42.84 -55.16
N LEU B 635 -30.41 -41.74 -54.65
CA LEU B 635 -29.10 -41.73 -53.99
C LEU B 635 -29.29 -42.13 -52.52
N THR B 636 -29.46 -43.44 -52.31
CA THR B 636 -29.64 -43.95 -50.96
C THR B 636 -28.38 -43.81 -50.12
N TRP B 637 -27.20 -43.94 -50.74
CA TRP B 637 -25.95 -43.83 -50.00
C TRP B 637 -25.78 -42.42 -49.42
N LEU B 638 -26.15 -41.40 -50.18
CA LEU B 638 -26.05 -40.03 -49.71
C LEU B 638 -27.15 -39.75 -48.69
N ASP B 639 -26.83 -39.90 -47.40
CA ASP B 639 -27.84 -39.71 -46.36
C ASP B 639 -28.26 -38.26 -46.25
N ASP B 640 -27.28 -37.34 -46.20
CA ASP B 640 -27.59 -35.93 -46.00
C ASP B 640 -26.53 -35.07 -46.69
N LEU B 641 -26.98 -33.98 -47.29
CA LEU B 641 -26.08 -33.02 -47.93
C LEU B 641 -26.67 -31.62 -47.77
N LYS B 642 -25.82 -30.67 -47.39
CA LYS B 642 -26.27 -29.30 -47.16
C LYS B 642 -25.19 -28.34 -47.63
N LEU B 643 -25.61 -27.28 -48.31
CA LEU B 643 -24.71 -26.23 -48.77
C LEU B 643 -25.17 -24.90 -48.17
N ARG B 644 -24.25 -24.22 -47.48
CA ARG B 644 -24.57 -22.99 -46.78
C ARG B 644 -23.57 -21.90 -47.13
N ALA B 645 -24.04 -20.66 -47.10
CA ALA B 645 -23.21 -19.49 -47.31
C ALA B 645 -23.59 -18.44 -46.30
N SER B 646 -22.65 -17.54 -46.01
CA SER B 646 -22.92 -16.49 -45.03
C SER B 646 -22.02 -15.31 -45.31
N TRP B 647 -22.58 -14.11 -45.17
CA TRP B 647 -21.82 -12.86 -45.26
C TRP B 647 -22.21 -11.99 -44.08
N GLY B 648 -21.26 -11.68 -43.21
CA GLY B 648 -21.56 -10.95 -42.01
C GLY B 648 -20.54 -9.86 -41.74
N GLN B 649 -20.96 -8.89 -40.93
CA GLN B 649 -20.08 -7.84 -40.44
C GLN B 649 -20.14 -7.82 -38.93
N THR B 650 -18.97 -7.70 -38.29
CA THR B 650 -18.88 -7.64 -36.85
C THR B 650 -17.99 -6.46 -36.45
N GLY B 651 -18.20 -5.98 -35.23
CA GLY B 651 -17.51 -4.81 -34.71
C GLY B 651 -16.45 -5.21 -33.69
N ASN B 652 -15.32 -4.52 -33.74
CA ASN B 652 -14.23 -4.73 -32.80
C ASN B 652 -13.91 -3.39 -32.16
N GLN B 653 -13.84 -3.38 -30.82
CA GLN B 653 -13.47 -2.20 -30.06
C GLN B 653 -12.55 -2.53 -28.89
N GLU B 654 -11.89 -3.69 -28.93
CA GLU B 654 -11.04 -4.14 -27.83
C GLU B 654 -9.75 -3.32 -27.86
N ILE B 655 -9.83 -2.11 -27.30
CA ILE B 655 -8.71 -1.20 -27.21
C ILE B 655 -8.59 -0.74 -25.76
N SER B 656 -7.63 0.15 -25.51
CA SER B 656 -7.49 0.74 -24.19
C SER B 656 -8.70 1.59 -23.87
N ASN B 657 -9.10 1.59 -22.59
CA ASN B 657 -10.25 2.39 -22.18
C ASN B 657 -9.99 3.87 -22.41
N LEU B 658 -8.77 4.32 -22.14
CA LEU B 658 -8.39 5.72 -22.34
C LEU B 658 -7.71 5.89 -23.69
N ALA B 659 -8.51 5.78 -24.74
CA ALA B 659 -8.01 5.83 -26.11
C ALA B 659 -8.21 7.18 -26.78
N ARG B 660 -9.32 7.87 -26.50
CA ARG B 660 -9.62 9.14 -27.15
C ARG B 660 -9.19 10.35 -26.32
N TYR B 661 -8.57 10.13 -25.16
CA TYR B 661 -8.16 11.22 -24.28
C TYR B 661 -6.66 11.47 -24.42
N THR B 662 -6.27 12.74 -24.36
CA THR B 662 -4.86 13.11 -24.26
C THR B 662 -4.44 12.96 -22.81
N ILE B 663 -3.66 11.93 -22.51
CA ILE B 663 -3.40 11.53 -21.14
C ILE B 663 -2.19 12.28 -20.61
N TYR B 664 -2.37 12.98 -19.48
CA TYR B 664 -1.28 13.55 -18.71
C TYR B 664 -1.31 12.94 -17.32
N ALA B 665 -0.19 12.33 -16.91
CA ALA B 665 -0.15 11.63 -15.64
C ALA B 665 0.99 12.16 -14.78
N PRO B 666 0.76 12.30 -13.48
CA PRO B 666 1.83 12.76 -12.56
C PRO B 666 2.76 11.63 -12.16
N ASN B 667 3.58 11.19 -13.11
CA ASN B 667 4.50 10.08 -12.86
C ASN B 667 5.67 10.56 -12.00
N TYR B 668 5.52 10.45 -10.69
CA TYR B 668 6.58 10.90 -9.78
C TYR B 668 7.85 10.05 -9.92
N GLY B 669 7.70 8.82 -10.39
CA GLY B 669 8.81 7.92 -10.53
C GLY B 669 8.92 6.83 -9.48
N THR B 670 7.87 6.62 -8.69
CA THR B 670 7.91 5.62 -7.62
C THR B 670 7.95 4.19 -8.13
N THR B 671 7.64 3.97 -9.41
CA THR B 671 7.64 2.62 -9.96
C THR B 671 9.07 2.18 -10.29
N ASP B 672 9.38 0.92 -9.98
CA ASP B 672 10.69 0.38 -10.29
C ASP B 672 10.89 0.30 -11.80
N SER B 673 12.08 0.70 -12.25
CA SER B 673 12.41 0.67 -13.66
C SER B 673 13.81 0.09 -13.84
N PHE B 674 14.00 -0.67 -14.91
CA PHE B 674 15.28 -1.27 -15.22
C PHE B 674 16.06 -0.37 -16.17
N GLY B 675 17.29 -0.04 -15.80
CA GLY B 675 18.11 0.85 -16.58
C GLY B 675 17.96 2.33 -16.28
N GLY B 676 17.01 2.69 -15.42
CA GLY B 676 16.82 4.07 -15.03
C GLY B 676 15.96 4.90 -15.96
N GLN B 677 15.38 4.31 -16.99
CA GLN B 677 14.50 5.04 -17.90
C GLN B 677 13.07 5.10 -17.38
N SER B 678 12.92 5.56 -16.14
CA SER B 678 11.59 5.62 -15.52
C SER B 678 10.74 6.74 -16.08
N TYR B 679 11.35 7.76 -16.69
CA TYR B 679 10.64 8.93 -17.20
C TYR B 679 9.82 9.61 -16.10
N GLY B 680 10.33 9.56 -14.87
CA GLY B 680 9.61 10.15 -13.77
C GLY B 680 9.63 11.67 -13.81
N THR B 681 8.72 12.27 -13.04
CA THR B 681 8.59 13.72 -12.97
C THR B 681 8.89 14.15 -11.54
N ALA B 682 10.18 14.30 -11.24
CA ALA B 682 10.63 14.78 -9.93
C ALA B 682 12.06 15.24 -10.08
N TYR B 683 12.31 16.52 -9.84
CA TYR B 683 13.63 17.10 -10.01
C TYR B 683 14.00 17.91 -8.78
N ASP B 684 15.26 17.76 -8.35
CA ASP B 684 15.79 18.51 -7.22
C ASP B 684 16.18 19.90 -7.74
N ILE B 685 15.15 20.75 -7.89
CA ILE B 685 15.38 22.06 -8.47
C ILE B 685 16.23 22.94 -7.55
N THR B 686 16.15 22.71 -6.23
CA THR B 686 16.95 23.50 -5.29
C THR B 686 18.41 23.07 -5.29
N GLY B 687 18.68 21.77 -5.46
CA GLY B 687 20.04 21.29 -5.47
C GLY B 687 20.56 20.93 -4.10
N SER B 688 19.77 20.14 -3.35
CA SER B 688 20.13 19.73 -2.00
C SER B 688 20.33 18.22 -1.88
N ASN B 689 20.49 17.54 -3.01
CA ASN B 689 20.66 16.08 -3.04
C ASN B 689 19.50 15.38 -2.33
N GLY B 690 18.29 15.88 -2.55
CA GLY B 690 17.11 15.26 -1.96
C GLY B 690 16.97 15.60 -0.48
N GLY B 691 16.40 14.65 0.26
CA GLY B 691 16.12 14.84 1.67
C GLY B 691 14.68 15.17 1.99
N GLY B 692 13.79 15.17 1.01
CA GLY B 692 12.39 15.48 1.23
C GLY B 692 11.52 15.10 0.06
N VAL B 693 10.48 15.88 -0.20
CA VAL B 693 9.59 15.65 -1.33
C VAL B 693 9.96 16.64 -2.42
N LEU B 694 10.45 16.13 -3.55
CA LEU B 694 10.85 16.99 -4.65
C LEU B 694 9.61 17.52 -5.37
N PRO B 695 9.72 18.70 -5.99
CA PRO B 695 8.61 19.18 -6.84
C PRO B 695 8.36 18.22 -7.98
N SER B 696 7.08 18.05 -8.33
CA SER B 696 6.67 17.13 -9.37
C SER B 696 5.89 17.88 -10.45
N GLY B 697 5.40 17.13 -11.42
CA GLY B 697 4.65 17.69 -12.52
C GLY B 697 3.85 16.63 -13.23
N PHE B 698 3.70 16.80 -14.54
CA PHE B 698 2.94 15.87 -15.36
C PHE B 698 3.71 15.56 -16.64
N LYS B 699 3.44 14.38 -17.19
CA LYS B 699 4.00 13.96 -18.46
C LYS B 699 2.89 13.38 -19.33
N ARG B 700 3.08 13.48 -20.63
CA ARG B 700 2.07 13.03 -21.59
C ARG B 700 2.25 11.56 -21.90
N ASN B 701 1.17 10.79 -21.73
CA ASN B 701 1.19 9.37 -22.03
C ASN B 701 0.72 9.06 -23.45
N GLN B 702 -0.30 9.75 -23.93
CA GLN B 702 -0.78 9.57 -25.27
C GLN B 702 -1.55 10.80 -25.71
N ILE B 703 -1.71 10.93 -27.03
CA ILE B 703 -2.46 12.03 -27.64
C ILE B 703 -3.84 11.52 -27.99
N GLY B 704 -4.87 12.26 -27.57
CA GLY B 704 -6.23 11.85 -27.82
C GLY B 704 -6.61 11.92 -29.28
N ASN B 705 -7.60 11.09 -29.64
CA ASN B 705 -8.13 11.05 -31.01
C ASN B 705 -9.63 10.88 -30.91
N ASP B 706 -10.37 11.94 -31.23
CA ASP B 706 -11.82 11.92 -31.12
C ASP B 706 -12.51 11.30 -32.32
N ASN B 707 -11.76 10.92 -33.36
CA ASN B 707 -12.33 10.37 -34.58
C ASN B 707 -12.28 8.85 -34.62
N ILE B 708 -11.92 8.19 -33.51
CA ILE B 708 -11.86 6.73 -33.49
C ILE B 708 -13.27 6.16 -33.50
N LYS B 709 -13.44 5.04 -34.20
CA LYS B 709 -14.73 4.38 -34.30
C LYS B 709 -14.49 2.87 -34.30
N TRP B 710 -15.57 2.12 -34.51
CA TRP B 710 -15.50 0.67 -34.48
C TRP B 710 -14.69 0.14 -35.66
N GLU B 711 -13.98 -0.96 -35.42
CA GLU B 711 -13.28 -1.66 -36.50
C GLU B 711 -14.22 -2.69 -37.11
N THR B 712 -14.35 -2.68 -38.44
CA THR B 712 -15.34 -3.50 -39.11
C THR B 712 -14.67 -4.73 -39.72
N THR B 713 -15.10 -5.91 -39.29
CA THR B 713 -14.59 -7.18 -39.83
C THR B 713 -15.70 -7.83 -40.62
N THR B 714 -15.49 -7.97 -41.92
CA THR B 714 -16.46 -8.60 -42.82
C THR B 714 -15.98 -10.01 -43.14
N GLN B 715 -16.83 -11.00 -42.90
CA GLN B 715 -16.48 -12.39 -43.08
C GLN B 715 -17.46 -13.05 -44.04
N THR B 716 -16.93 -13.75 -45.03
CA THR B 716 -17.71 -14.52 -45.99
C THR B 716 -17.32 -15.99 -45.87
N ASN B 717 -18.30 -16.85 -45.61
CA ASN B 717 -18.04 -18.27 -45.39
C ASN B 717 -18.92 -19.09 -46.32
N VAL B 718 -18.34 -20.15 -46.88
CA VAL B 718 -19.06 -21.11 -47.72
C VAL B 718 -18.75 -22.50 -47.20
N GLY B 719 -19.79 -23.25 -46.83
CA GLY B 719 -19.61 -24.55 -46.24
C GLY B 719 -20.48 -25.60 -46.90
N ILE B 720 -19.96 -26.83 -46.91
CA ILE B 720 -20.67 -27.99 -47.43
C ILE B 720 -20.58 -29.09 -46.37
N ASP B 721 -21.74 -29.53 -45.87
CA ASP B 721 -21.80 -30.60 -44.89
C ASP B 721 -22.39 -31.85 -45.55
N PHE B 722 -21.75 -32.98 -45.33
CA PHE B 722 -22.16 -34.23 -45.95
C PHE B 722 -22.19 -35.36 -44.92
N SER B 723 -23.05 -36.34 -45.17
CA SER B 723 -23.17 -37.52 -44.33
C SER B 723 -23.63 -38.67 -45.22
N LEU B 724 -22.86 -39.75 -45.24
CA LEU B 724 -23.07 -40.85 -46.16
C LEU B 724 -23.10 -42.17 -45.40
N PHE B 725 -23.75 -43.17 -46.01
CA PHE B 725 -23.83 -44.52 -45.49
C PHE B 725 -24.51 -44.58 -44.13
N LYS B 726 -25.68 -43.93 -44.04
CA LYS B 726 -26.49 -43.90 -42.83
C LYS B 726 -25.70 -43.35 -41.64
N GLN B 727 -25.26 -42.10 -41.79
CA GLN B 727 -24.55 -41.37 -40.74
C GLN B 727 -23.26 -42.08 -40.32
N SER B 728 -22.63 -42.80 -41.25
CA SER B 728 -21.37 -43.47 -40.98
C SER B 728 -20.16 -42.64 -41.39
N LEU B 729 -20.20 -42.01 -42.55
CA LEU B 729 -19.11 -41.16 -43.04
C LEU B 729 -19.63 -39.73 -43.12
N TYR B 730 -19.38 -38.95 -42.08
CA TYR B 730 -19.82 -37.57 -42.02
C TYR B 730 -18.63 -36.64 -42.20
N GLY B 731 -18.93 -35.38 -42.50
CA GLY B 731 -17.85 -34.42 -42.66
C GLY B 731 -18.38 -33.07 -43.11
N SER B 732 -17.44 -32.11 -43.14
CA SER B 732 -17.73 -30.75 -43.55
C SER B 732 -16.51 -30.15 -44.22
N LEU B 733 -16.75 -29.22 -45.13
CA LEU B 733 -15.69 -28.51 -45.84
C LEU B 733 -16.06 -27.03 -45.90
N GLU B 734 -15.18 -26.18 -45.38
CA GLU B 734 -15.45 -24.76 -45.23
C GLU B 734 -14.36 -23.93 -45.90
N TYR B 735 -14.76 -22.83 -46.53
CA TYR B 735 -13.84 -21.84 -47.06
C TYR B 735 -14.26 -20.47 -46.57
N TYR B 736 -13.32 -19.72 -46.00
CA TYR B 736 -13.64 -18.44 -45.39
C TYR B 736 -12.69 -17.35 -45.86
N TYR B 737 -13.26 -16.14 -45.97
CA TYR B 737 -12.53 -14.93 -46.33
C TYR B 737 -12.89 -13.86 -45.32
N LYS B 738 -11.90 -13.42 -44.54
CA LYS B 738 -12.08 -12.38 -43.53
C LYS B 738 -11.31 -11.13 -43.96
N LYS B 739 -11.98 -9.98 -43.86
CA LYS B 739 -11.38 -8.69 -44.21
C LYS B 739 -11.69 -7.72 -43.08
N ALA B 740 -10.66 -7.32 -42.34
CA ALA B 740 -10.81 -6.38 -41.25
C ALA B 740 -10.31 -5.01 -41.70
N THR B 741 -11.16 -4.00 -41.57
CA THR B 741 -10.85 -2.64 -41.98
C THR B 741 -11.15 -1.68 -40.84
N ASP B 742 -10.56 -0.47 -40.95
CA ASP B 742 -10.63 0.54 -39.90
C ASP B 742 -10.13 -0.01 -38.57
N ILE B 743 -9.04 -0.77 -38.64
CA ILE B 743 -8.51 -1.42 -37.45
C ILE B 743 -7.95 -0.37 -36.49
N LEU B 744 -8.41 -0.42 -35.25
CA LEU B 744 -7.95 0.52 -34.22
C LEU B 744 -6.55 0.09 -33.79
N THR B 745 -5.54 0.77 -34.33
CA THR B 745 -4.15 0.47 -34.01
C THR B 745 -3.52 1.67 -33.30
N GLU B 746 -2.61 1.38 -32.38
CA GLU B 746 -1.92 2.41 -31.61
C GLU B 746 -0.63 2.75 -32.32
N MET B 747 -0.70 3.76 -33.20
CA MET B 747 0.49 4.21 -33.91
C MET B 747 1.44 4.92 -32.96
N ALA B 748 2.73 4.67 -33.13
CA ALA B 748 3.74 5.36 -32.34
C ALA B 748 3.98 6.76 -32.91
N GLY B 749 4.75 7.54 -32.16
CA GLY B 749 5.08 8.87 -32.62
C GLY B 749 6.00 8.85 -33.82
N VAL B 750 6.02 9.99 -34.54
CA VAL B 750 6.86 10.09 -35.72
C VAL B 750 8.34 10.07 -35.37
N GLY B 751 8.68 10.31 -34.11
CA GLY B 751 10.07 10.33 -33.68
C GLY B 751 10.46 11.67 -33.11
N VAL B 752 10.02 12.75 -33.77
CA VAL B 752 10.20 14.09 -33.22
C VAL B 752 8.98 14.54 -32.44
N LEU B 753 7.90 13.75 -32.43
CA LEU B 753 6.74 14.07 -31.61
C LEU B 753 6.99 13.80 -30.14
N GLY B 754 8.01 13.02 -29.81
CA GLY B 754 8.42 12.83 -28.43
C GLY B 754 7.52 11.86 -27.68
N GLU B 755 7.59 11.98 -26.35
CA GLU B 755 6.83 11.09 -25.48
C GLU B 755 5.34 11.35 -25.62
N GLY B 756 4.55 10.27 -25.49
CA GLY B 756 3.12 10.39 -25.63
C GLY B 756 2.62 10.57 -27.04
N GLY B 757 3.48 10.36 -28.04
CA GLY B 757 3.07 10.51 -29.42
C GLY B 757 2.20 9.40 -29.96
N SER B 758 2.13 8.28 -29.25
CA SER B 758 1.28 7.17 -29.68
C SER B 758 -0.19 7.56 -29.55
N ARG B 759 -0.98 7.18 -30.56
CA ARG B 759 -2.40 7.47 -30.56
C ARG B 759 -3.13 6.38 -31.33
N TRP B 760 -4.40 6.18 -30.99
CA TRP B 760 -5.22 5.17 -31.64
C TRP B 760 -5.83 5.75 -32.91
N ILE B 761 -5.77 4.97 -33.99
CA ILE B 761 -6.24 5.43 -35.29
C ILE B 761 -6.81 4.23 -36.05
N ASN B 762 -7.79 4.51 -36.91
CA ASN B 762 -8.39 3.49 -37.76
C ASN B 762 -7.70 3.52 -39.12
N SER B 763 -6.54 2.89 -39.18
CA SER B 763 -5.73 2.86 -40.40
C SER B 763 -5.16 1.47 -40.63
N GLY B 764 -5.98 0.44 -40.45
CA GLY B 764 -5.52 -0.92 -40.62
C GLY B 764 -6.34 -1.72 -41.61
N ALA B 765 -5.77 -2.81 -42.12
CA ALA B 765 -6.47 -3.68 -43.06
C ALA B 765 -5.80 -5.04 -43.06
N MET B 766 -6.55 -6.07 -42.67
CA MET B 766 -6.05 -7.44 -42.63
C MET B 766 -6.95 -8.35 -43.47
N LYS B 767 -6.33 -9.35 -44.11
CA LYS B 767 -7.04 -10.32 -44.92
C LYS B 767 -6.64 -11.73 -44.49
N ASN B 768 -7.62 -12.62 -44.42
CA ASN B 768 -7.39 -14.02 -44.08
C ASN B 768 -8.20 -14.91 -45.00
N GLN B 769 -7.52 -15.76 -45.76
CA GLN B 769 -8.17 -16.71 -46.64
C GLN B 769 -7.86 -18.11 -46.15
N GLY B 770 -8.89 -18.89 -45.83
CA GLY B 770 -8.67 -20.16 -45.17
C GLY B 770 -9.58 -21.26 -45.68
N PHE B 771 -9.08 -22.49 -45.57
CA PHE B 771 -9.81 -23.71 -45.88
C PHE B 771 -9.77 -24.63 -44.67
N GLU B 772 -10.89 -25.32 -44.43
CA GLU B 772 -11.01 -26.29 -43.35
C GLU B 772 -11.74 -27.51 -43.85
N PHE B 773 -11.35 -28.69 -43.37
CA PHE B 773 -11.97 -29.94 -43.78
C PHE B 773 -11.97 -30.90 -42.61
N ASN B 774 -13.17 -31.29 -42.17
CA ASN B 774 -13.35 -32.25 -41.08
C ASN B 774 -14.03 -33.49 -41.62
N LEU B 775 -13.58 -34.66 -41.17
CA LEU B 775 -14.12 -35.93 -41.62
C LEU B 775 -14.25 -36.86 -40.44
N GLY B 776 -15.21 -37.78 -40.50
CA GLY B 776 -15.42 -38.74 -39.44
C GLY B 776 -16.06 -40.02 -39.93
N TYR B 777 -15.51 -41.15 -39.52
CA TYR B 777 -15.99 -42.46 -39.95
C TYR B 777 -16.03 -43.38 -38.73
N ARG B 778 -17.23 -43.82 -38.36
CA ARG B 778 -17.42 -44.73 -37.24
C ARG B 778 -18.15 -45.98 -37.73
N ASN B 779 -17.63 -47.15 -37.34
CA ASN B 779 -18.23 -48.40 -37.79
C ASN B 779 -17.80 -49.53 -36.88
N LYS B 780 -18.62 -50.57 -36.83
CA LYS B 780 -18.35 -51.75 -36.04
C LYS B 780 -17.61 -52.78 -36.89
N THR B 781 -17.35 -53.95 -36.29
CA THR B 781 -16.64 -55.02 -36.97
C THR B 781 -17.35 -56.34 -36.67
N ALA B 782 -17.06 -57.35 -37.50
CA ALA B 782 -17.73 -58.64 -37.36
C ALA B 782 -17.44 -59.29 -36.01
N PHE B 783 -16.19 -59.19 -35.55
CA PHE B 783 -15.80 -59.85 -34.31
C PHE B 783 -16.01 -58.98 -33.07
N GLY B 784 -16.56 -57.78 -33.23
CA GLY B 784 -16.92 -56.98 -32.08
C GLY B 784 -15.97 -55.84 -31.76
N LEU B 785 -15.48 -55.16 -32.79
CA LEU B 785 -14.61 -54.00 -32.63
C LEU B 785 -15.29 -52.78 -33.22
N THR B 786 -15.44 -51.73 -32.41
CA THR B 786 -16.05 -50.49 -32.85
C THR B 786 -14.95 -49.45 -33.00
N TYR B 787 -14.71 -49.00 -34.22
CA TYR B 787 -13.65 -48.05 -34.52
C TYR B 787 -14.26 -46.74 -35.01
N ASP B 788 -13.81 -45.63 -34.42
CA ASP B 788 -14.25 -44.29 -34.79
C ASP B 788 -13.01 -43.45 -35.07
N LEU B 789 -12.96 -42.86 -36.26
CA LEU B 789 -11.85 -42.00 -36.66
C LEU B 789 -12.39 -40.62 -36.95
N ASN B 790 -11.79 -39.60 -36.34
CA ASN B 790 -12.14 -38.21 -36.56
C ASN B 790 -10.90 -37.46 -37.03
N GLY B 791 -10.87 -37.14 -38.32
CA GLY B 791 -9.75 -36.41 -38.89
C GLY B 791 -10.13 -34.97 -39.17
N ASN B 792 -9.13 -34.10 -39.12
CA ASN B 792 -9.34 -32.68 -39.34
C ASN B 792 -8.08 -32.10 -39.96
N ILE B 793 -8.28 -31.17 -40.90
CA ILE B 793 -7.17 -30.48 -41.54
C ILE B 793 -7.59 -29.04 -41.81
N SER B 794 -6.64 -28.12 -41.71
CA SER B 794 -6.95 -26.72 -41.92
C SER B 794 -5.71 -25.99 -42.43
N THR B 795 -5.95 -24.94 -43.21
CA THR B 795 -4.89 -24.09 -43.72
C THR B 795 -5.43 -22.67 -43.86
N TYR B 796 -4.53 -21.70 -43.76
CA TYR B 796 -4.94 -20.31 -43.91
C TYR B 796 -3.75 -19.48 -44.35
N ARG B 797 -4.07 -18.34 -44.98
CA ARG B 797 -3.08 -17.37 -45.42
C ARG B 797 -3.50 -16.00 -44.91
N ASN B 798 -2.58 -15.31 -44.26
CA ASN B 798 -2.83 -14.01 -43.66
C ASN B 798 -2.01 -12.94 -44.38
N GLU B 799 -2.59 -11.76 -44.56
CA GLU B 799 -1.91 -10.68 -45.24
C GLU B 799 -2.33 -9.36 -44.62
N ILE B 800 -1.41 -8.39 -44.66
CA ILE B 800 -1.67 -7.03 -44.21
C ILE B 800 -1.70 -6.13 -45.44
N LEU B 801 -2.83 -5.46 -45.65
CA LEU B 801 -3.04 -4.65 -46.85
C LEU B 801 -2.75 -3.17 -46.63
N GLU B 802 -3.13 -2.64 -45.48
CA GLU B 802 -2.86 -1.25 -45.13
C GLU B 802 -2.29 -1.18 -43.72
N LEU B 803 -1.47 -0.17 -43.47
CA LEU B 803 -0.83 0.00 -42.17
C LEU B 803 -0.33 1.43 -42.07
N PRO B 804 -0.38 2.05 -40.88
CA PRO B 804 0.18 3.40 -40.73
C PRO B 804 1.68 3.40 -40.99
N GLU B 805 2.17 4.54 -41.49
CA GLU B 805 3.57 4.64 -41.89
C GLU B 805 4.51 4.43 -40.70
N THR B 806 4.19 5.03 -39.55
CA THR B 806 5.02 4.84 -38.36
C THR B 806 5.01 3.39 -37.89
N VAL B 807 3.84 2.74 -37.95
CA VAL B 807 3.74 1.35 -37.52
C VAL B 807 4.58 0.45 -38.41
N ALA B 808 4.54 0.68 -39.72
CA ALA B 808 5.37 -0.09 -40.63
C ALA B 808 6.85 0.26 -40.46
N ALA B 809 7.16 1.48 -40.05
CA ALA B 809 8.55 1.88 -39.88
C ALA B 809 9.18 1.22 -38.65
N ASN B 810 8.45 1.21 -37.52
CA ASN B 810 9.00 0.58 -36.32
C ASN B 810 8.99 -0.94 -36.40
N GLY B 811 8.19 -1.51 -37.30
CA GLY B 811 8.18 -2.95 -37.50
C GLY B 811 7.69 -3.74 -36.29
N LYS B 812 6.65 -3.25 -35.61
CA LYS B 812 6.11 -4.01 -34.49
C LYS B 812 5.29 -5.21 -34.96
N PHE B 813 4.73 -5.13 -36.18
CA PHE B 813 3.96 -6.23 -36.75
C PHE B 813 4.74 -7.03 -37.76
N GLY B 814 6.05 -6.79 -37.88
CA GLY B 814 6.87 -7.52 -38.83
C GLY B 814 7.79 -6.61 -39.64
N GLY B 815 8.82 -7.20 -40.23
CA GLY B 815 9.78 -6.47 -41.02
C GLY B 815 11.05 -6.06 -40.28
N ASN B 816 11.05 -6.17 -38.95
CA ASN B 816 12.21 -5.85 -38.12
C ASN B 816 12.67 -4.41 -38.28
N GLY B 817 11.79 -3.52 -38.72
CA GLY B 817 12.15 -2.14 -38.94
C GLY B 817 12.98 -1.88 -40.19
N VAL B 818 13.14 -2.88 -41.06
CA VAL B 818 13.93 -2.75 -42.27
C VAL B 818 13.04 -2.52 -43.49
N LYS B 819 12.01 -3.35 -43.65
CA LYS B 819 11.07 -3.22 -44.76
C LYS B 819 9.65 -3.30 -44.24
N SER B 820 8.75 -2.59 -44.92
CA SER B 820 7.36 -2.54 -44.49
C SER B 820 6.70 -3.91 -44.63
N VAL B 821 5.89 -4.28 -43.63
CA VAL B 821 5.19 -5.55 -43.64
C VAL B 821 3.93 -5.52 -44.50
N VAL B 822 3.60 -4.37 -45.08
CA VAL B 822 2.40 -4.26 -45.91
C VAL B 822 2.53 -5.18 -47.11
N GLY B 823 1.49 -5.96 -47.37
CA GLY B 823 1.51 -6.93 -48.44
C GLY B 823 2.14 -8.26 -48.08
N HIS B 824 2.49 -8.47 -46.82
CA HIS B 824 3.12 -9.71 -46.37
C HIS B 824 2.38 -10.24 -45.14
N THR B 825 2.73 -11.46 -44.75
CA THR B 825 2.09 -12.11 -43.62
C THR B 825 2.41 -11.38 -42.32
N TYR B 826 1.43 -11.37 -41.42
CA TYR B 826 1.62 -10.78 -40.09
C TYR B 826 2.72 -11.52 -39.35
N GLY B 827 3.66 -10.77 -38.80
CA GLY B 827 4.78 -11.34 -38.08
C GLY B 827 5.94 -11.81 -38.92
N ALA B 828 5.88 -11.62 -40.25
CA ALA B 828 7.00 -12.01 -41.11
C ALA B 828 8.23 -11.17 -40.80
N GLN B 829 9.39 -11.80 -40.88
CA GLN B 829 10.65 -11.16 -40.49
C GLN B 829 11.63 -11.16 -41.65
N VAL B 830 12.33 -10.03 -41.81
CA VAL B 830 13.32 -9.81 -42.85
C VAL B 830 14.70 -10.04 -42.25
N GLY B 831 15.54 -10.78 -42.96
CA GLY B 831 16.90 -11.00 -42.50
C GLY B 831 17.81 -11.36 -43.64
N TYR B 832 19.07 -11.62 -43.29
CA TYR B 832 20.07 -12.00 -44.27
C TYR B 832 19.88 -13.45 -44.69
N ILE B 833 20.66 -13.87 -45.69
CA ILE B 833 20.63 -15.24 -46.19
C ILE B 833 22.02 -15.83 -45.99
N ALA B 834 22.09 -16.97 -45.30
CA ALA B 834 23.35 -17.62 -44.98
C ALA B 834 23.60 -18.72 -46.00
N ASP B 835 24.60 -18.52 -46.85
CA ASP B 835 24.98 -19.52 -47.85
C ASP B 835 26.15 -20.36 -47.32
N GLY B 836 25.86 -21.12 -46.28
CA GLY B 836 26.87 -21.96 -45.69
C GLY B 836 27.93 -21.15 -44.95
N ILE B 837 29.12 -21.75 -44.84
CA ILE B 837 30.25 -21.13 -44.17
C ILE B 837 31.48 -21.24 -45.07
N PHE B 838 32.42 -20.32 -44.86
CA PHE B 838 33.67 -20.37 -45.60
C PHE B 838 34.52 -21.54 -45.14
N LYS B 839 35.20 -22.18 -46.09
CA LYS B 839 36.06 -23.32 -45.78
C LYS B 839 37.50 -23.12 -46.26
N SER B 840 37.79 -22.03 -46.96
CA SER B 840 39.15 -21.76 -47.42
C SER B 840 39.28 -20.27 -47.70
N GLN B 841 40.52 -19.81 -47.78
CA GLN B 841 40.77 -18.40 -48.10
C GLN B 841 40.33 -18.07 -49.52
N ASP B 842 40.40 -19.04 -50.44
CA ASP B 842 39.94 -18.81 -51.80
C ASP B 842 38.44 -18.51 -51.84
N GLU B 843 37.66 -19.22 -51.03
CA GLU B 843 36.23 -18.95 -50.96
C GLU B 843 35.95 -17.55 -50.42
N VAL B 844 36.73 -17.12 -49.43
CA VAL B 844 36.55 -15.77 -48.88
C VAL B 844 36.91 -14.73 -49.94
N ASP B 845 37.99 -14.94 -50.68
CA ASP B 845 38.40 -13.98 -51.70
C ASP B 845 37.39 -13.91 -52.84
N ASN B 846 36.88 -15.06 -53.28
CA ASN B 846 35.94 -15.07 -54.39
C ASN B 846 34.59 -14.45 -54.00
N HIS B 847 34.17 -14.65 -52.76
CA HIS B 847 32.91 -14.09 -52.30
C HIS B 847 33.00 -12.57 -52.20
N ALA B 848 31.82 -11.93 -52.26
CA ALA B 848 31.76 -10.48 -52.12
C ALA B 848 32.29 -10.06 -50.76
N THR B 849 32.98 -8.92 -50.73
CA THR B 849 33.63 -8.48 -49.50
C THR B 849 32.61 -8.17 -48.42
N GLN B 850 32.96 -8.50 -47.18
CA GLN B 850 32.12 -8.20 -46.03
C GLN B 850 33.00 -8.08 -44.80
N GLU B 851 32.52 -7.34 -43.81
CA GLU B 851 33.27 -7.13 -42.58
C GLU B 851 33.31 -8.42 -41.77
N GLY B 852 34.51 -8.78 -41.30
CA GLY B 852 34.67 -9.96 -40.48
C GLY B 852 34.74 -11.27 -41.23
N ALA B 853 34.83 -11.23 -42.56
CA ALA B 853 34.93 -12.46 -43.34
C ALA B 853 36.24 -13.18 -43.04
N ALA B 854 36.16 -14.48 -42.81
CA ALA B 854 37.32 -15.29 -42.51
C ALA B 854 36.97 -16.75 -42.75
N VAL B 855 37.95 -17.63 -42.53
CA VAL B 855 37.72 -19.06 -42.71
C VAL B 855 36.88 -19.59 -41.56
N GLY B 856 35.82 -20.33 -41.88
CA GLY B 856 34.93 -20.87 -40.88
C GLY B 856 33.81 -19.95 -40.47
N ARG B 857 33.69 -18.77 -41.07
CA ARG B 857 32.65 -17.81 -40.74
C ARG B 857 31.47 -17.96 -41.71
N ILE B 858 30.33 -17.40 -41.31
CA ILE B 858 29.12 -17.51 -42.12
C ILE B 858 29.24 -16.64 -43.35
N ARG B 859 28.90 -17.20 -44.50
CA ARG B 859 28.87 -16.47 -45.77
C ARG B 859 27.44 -15.97 -46.02
N TYR B 860 27.31 -14.68 -46.31
CA TYR B 860 26.02 -14.04 -46.52
C TYR B 860 25.86 -13.72 -48.00
N ARG B 861 24.69 -14.06 -48.55
CA ARG B 861 24.42 -13.88 -49.96
C ARG B 861 24.34 -12.40 -50.32
N ASP B 862 24.84 -12.05 -51.50
CA ASP B 862 24.76 -10.68 -52.02
C ASP B 862 23.48 -10.57 -52.83
N ILE B 863 22.44 -10.00 -52.23
CA ILE B 863 21.13 -9.96 -52.88
C ILE B 863 21.14 -9.01 -54.07
N ASP B 864 21.67 -7.81 -53.88
CA ASP B 864 21.66 -6.81 -54.94
C ASP B 864 22.87 -6.88 -55.87
N HIS B 865 23.80 -7.80 -55.60
CA HIS B 865 24.96 -8.03 -56.46
C HIS B 865 25.80 -6.76 -56.64
N ASN B 866 25.94 -5.99 -55.56
CA ASN B 866 26.78 -4.80 -55.57
C ASN B 866 28.22 -5.07 -55.16
N GLY B 867 28.54 -6.32 -54.81
CA GLY B 867 29.89 -6.68 -54.43
C GLY B 867 30.23 -6.47 -52.97
N VAL B 868 29.30 -5.93 -52.17
CA VAL B 868 29.55 -5.67 -50.75
C VAL B 868 28.31 -6.08 -49.97
N ILE B 869 28.53 -6.72 -48.82
CA ILE B 869 27.45 -7.14 -47.94
C ILE B 869 27.20 -6.02 -46.94
N ASP B 870 25.98 -5.50 -46.93
CA ASP B 870 25.61 -4.41 -46.04
C ASP B 870 24.16 -4.61 -45.59
N GLU B 871 23.58 -3.56 -44.99
CA GLU B 871 22.22 -3.66 -44.47
C GLU B 871 21.18 -3.78 -45.57
N ARG B 872 21.54 -3.49 -46.83
CA ARG B 872 20.60 -3.62 -47.93
C ARG B 872 20.50 -5.04 -48.45
N ASP B 873 21.33 -5.96 -47.97
CA ASP B 873 21.29 -7.35 -48.40
C ASP B 873 20.40 -8.18 -47.47
N GLN B 874 19.15 -7.74 -47.35
CA GLN B 874 18.17 -8.40 -46.51
C GLN B 874 16.91 -8.68 -47.32
N ASN B 875 16.21 -9.75 -46.94
CA ASN B 875 15.01 -10.17 -47.64
C ASN B 875 14.11 -10.90 -46.64
N TRP B 876 12.86 -11.11 -47.04
CA TRP B 876 11.90 -11.81 -46.20
C TRP B 876 12.35 -13.26 -46.01
N ILE B 877 12.55 -13.66 -44.75
CA ILE B 877 13.09 -14.97 -44.46
C ILE B 877 12.17 -15.76 -43.53
N TYR B 878 11.36 -15.05 -42.73
CA TYR B 878 10.53 -15.71 -41.73
C TYR B 878 9.05 -15.46 -42.02
N ASP B 879 8.29 -16.54 -42.11
CA ASP B 879 6.84 -16.48 -42.31
C ASP B 879 6.18 -17.38 -41.28
N PRO B 880 5.53 -16.83 -40.25
CA PRO B 880 4.95 -17.64 -39.18
C PRO B 880 3.57 -18.19 -39.49
N THR B 881 3.43 -18.81 -40.66
CA THR B 881 2.17 -19.42 -41.08
C THR B 881 2.43 -20.85 -41.53
N PRO B 882 1.89 -21.85 -40.85
CA PRO B 882 2.10 -23.23 -41.29
C PRO B 882 1.40 -23.51 -42.61
N SER B 883 1.94 -24.46 -43.35
CA SER B 883 1.30 -24.89 -44.59
C SER B 883 -0.06 -25.51 -44.29
N PHE B 884 -0.14 -26.38 -43.28
CA PHE B 884 -1.42 -26.91 -42.85
C PHE B 884 -1.26 -27.58 -41.48
N SER B 885 -2.32 -27.49 -40.68
CA SER B 885 -2.37 -28.12 -39.36
C SER B 885 -3.48 -29.17 -39.36
N TYR B 886 -3.16 -30.35 -38.87
CA TYR B 886 -4.09 -31.48 -38.91
C TYR B 886 -4.12 -32.19 -37.58
N GLY B 887 -5.22 -32.92 -37.35
CA GLY B 887 -5.39 -33.73 -36.16
C GLY B 887 -6.16 -34.98 -36.50
N LEU B 888 -5.95 -36.01 -35.69
CA LEU B 888 -6.59 -37.30 -35.92
C LEU B 888 -6.85 -37.98 -34.59
N ASN B 889 -8.12 -38.30 -34.33
CA ASN B 889 -8.52 -38.99 -33.12
C ASN B 889 -9.04 -40.38 -33.47
N ILE B 890 -8.52 -41.40 -32.79
CA ILE B 890 -8.89 -42.78 -33.01
C ILE B 890 -9.45 -43.34 -31.72
N TYR B 891 -10.65 -43.91 -31.79
CA TYR B 891 -11.31 -44.50 -30.62
C TYR B 891 -11.70 -45.93 -30.97
N LEU B 892 -11.19 -46.89 -30.19
CA LEU B 892 -11.43 -48.31 -30.42
C LEU B 892 -12.09 -48.91 -29.19
N GLU B 893 -13.18 -49.64 -29.42
CA GLU B 893 -13.90 -50.35 -28.36
C GLU B 893 -13.92 -51.83 -28.67
N TYR B 894 -13.48 -52.65 -27.70
CA TYR B 894 -13.41 -54.09 -27.89
C TYR B 894 -13.41 -54.74 -26.51
N LYS B 895 -14.45 -55.51 -26.21
CA LYS B 895 -14.55 -56.32 -25.00
C LYS B 895 -14.20 -55.52 -23.75
N ASN B 896 -14.99 -54.47 -23.52
CA ASN B 896 -14.86 -53.59 -22.36
C ASN B 896 -13.51 -52.88 -22.31
N PHE B 897 -12.80 -52.81 -23.43
CA PHE B 897 -11.54 -52.09 -23.51
C PHE B 897 -11.69 -50.96 -24.51
N ASP B 898 -11.46 -49.73 -24.05
CA ASP B 898 -11.54 -48.54 -24.89
C ASP B 898 -10.15 -47.91 -24.98
N LEU B 899 -9.68 -47.72 -26.21
CA LEU B 899 -8.38 -47.12 -26.48
C LEU B 899 -8.58 -45.83 -27.26
N THR B 900 -8.03 -44.74 -26.76
CA THR B 900 -8.10 -43.44 -27.40
C THR B 900 -6.69 -43.00 -27.79
N MET B 901 -6.56 -42.46 -28.99
CA MET B 901 -5.24 -42.05 -29.50
C MET B 901 -5.43 -40.79 -30.35
N PHE B 902 -4.88 -39.67 -29.89
CA PHE B 902 -5.00 -38.41 -30.60
C PHE B 902 -3.63 -37.93 -31.05
N TRP B 903 -3.51 -37.66 -32.35
CA TRP B 903 -2.29 -37.15 -32.95
C TRP B 903 -2.54 -35.74 -33.49
N GLN B 904 -1.57 -34.84 -33.29
CA GLN B 904 -1.64 -33.49 -33.82
C GLN B 904 -0.37 -33.20 -34.59
N GLY B 905 -0.52 -32.69 -35.81
CA GLY B 905 0.62 -32.38 -36.65
C GLY B 905 0.50 -31.01 -37.27
N VAL B 906 1.65 -30.38 -37.45
CA VAL B 906 1.75 -29.07 -38.11
C VAL B 906 2.85 -29.17 -39.16
N GLN B 907 2.53 -28.75 -40.39
CA GLN B 907 3.46 -28.85 -41.50
C GLN B 907 3.60 -27.51 -42.18
N GLY B 908 4.84 -27.18 -42.55
CA GLY B 908 5.12 -25.96 -43.28
C GLY B 908 5.29 -24.71 -42.44
N VAL B 909 5.64 -24.87 -41.16
CA VAL B 909 5.81 -23.73 -40.25
C VAL B 909 7.30 -23.54 -39.99
N ASP B 910 7.72 -22.27 -40.00
CA ASP B 910 9.09 -21.89 -39.69
C ASP B 910 9.12 -21.23 -38.31
N ILE B 911 10.25 -21.40 -37.62
CA ILE B 911 10.42 -20.87 -36.27
C ILE B 911 11.78 -20.19 -36.16
N ILE B 912 11.80 -19.05 -35.47
CA ILE B 912 13.05 -18.39 -35.12
C ILE B 912 13.57 -19.01 -33.84
N SER B 913 14.80 -19.53 -33.88
CA SER B 913 15.37 -20.26 -32.77
C SER B 913 16.37 -19.37 -32.05
N ASP B 914 16.12 -19.11 -30.76
CA ASP B 914 17.07 -18.40 -29.93
C ASP B 914 18.03 -19.34 -29.21
N VAL B 915 17.60 -20.59 -28.97
CA VAL B 915 18.49 -21.59 -28.38
C VAL B 915 19.63 -21.91 -29.35
N LYS B 916 19.34 -21.90 -30.66
CA LYS B 916 20.38 -22.16 -31.64
C LYS B 916 21.49 -21.11 -31.55
N LYS B 917 21.12 -19.84 -31.37
CA LYS B 917 22.11 -18.78 -31.22
C LYS B 917 23.04 -19.04 -30.04
N LYS B 918 22.55 -19.72 -29.00
CA LYS B 918 23.34 -20.05 -27.83
C LYS B 918 23.87 -21.49 -27.88
N SER B 919 23.74 -22.17 -29.02
CA SER B 919 24.24 -23.53 -29.14
C SER B 919 25.17 -23.75 -30.33
N ASP B 920 25.04 -22.98 -31.41
CA ASP B 920 25.89 -23.14 -32.58
C ASP B 920 27.00 -22.10 -32.64
N PHE B 921 27.08 -21.19 -31.67
CA PHE B 921 28.08 -20.14 -31.68
C PHE B 921 28.70 -20.00 -30.30
N TRP B 922 29.94 -19.52 -30.29
CA TRP B 922 30.65 -19.20 -29.06
C TRP B 922 30.78 -17.70 -28.93
N SER B 923 30.50 -17.19 -27.72
CA SER B 923 30.53 -15.76 -27.44
C SER B 923 29.60 -14.99 -28.35
N ALA B 924 28.41 -15.56 -28.60
CA ALA B 924 27.37 -14.89 -29.37
C ALA B 924 26.34 -14.19 -28.49
N SER B 925 26.51 -14.22 -27.18
CA SER B 925 25.60 -13.56 -26.26
C SER B 925 26.15 -12.19 -25.88
N ASN B 926 25.39 -11.47 -25.05
CA ASN B 926 25.84 -10.16 -24.60
C ASN B 926 27.11 -10.26 -23.76
N VAL B 927 27.19 -11.26 -22.89
CA VAL B 927 28.37 -11.48 -22.07
C VAL B 927 29.02 -12.78 -22.52
N GLY B 928 30.35 -12.84 -22.35
CA GLY B 928 31.12 -13.97 -22.80
C GLY B 928 31.23 -15.06 -21.75
N PHE B 929 31.85 -16.17 -22.16
CA PHE B 929 32.13 -17.32 -21.30
C PHE B 929 30.87 -17.96 -20.73
N LEU B 930 29.73 -17.79 -21.40
CA LEU B 930 28.51 -18.44 -20.98
C LEU B 930 28.48 -19.89 -21.42
N ASN B 931 27.68 -20.69 -20.75
CA ASN B 931 27.52 -22.10 -21.12
C ASN B 931 26.73 -22.21 -22.41
N LYS B 932 27.14 -23.15 -23.26
CA LYS B 932 26.54 -23.33 -24.57
C LYS B 932 26.02 -24.76 -24.72
N GLY B 933 25.48 -25.06 -25.90
CA GLY B 933 24.94 -26.38 -26.16
C GLY B 933 26.01 -27.40 -26.49
N THR B 934 25.62 -28.67 -26.44
CA THR B 934 26.56 -29.75 -26.70
C THR B 934 26.99 -29.78 -28.16
N ARG B 935 26.06 -29.51 -29.08
CA ARG B 935 26.37 -29.57 -30.51
C ARG B 935 27.43 -28.56 -30.91
N LEU B 936 27.70 -27.56 -30.07
CA LEU B 936 28.80 -26.64 -30.31
C LEU B 936 30.12 -27.37 -30.48
N LEU B 937 30.27 -28.53 -29.85
CA LEU B 937 31.50 -29.31 -30.00
C LEU B 937 31.71 -29.76 -31.44
N ASN B 938 30.64 -29.92 -32.20
CA ASN B 938 30.75 -30.33 -33.61
C ASN B 938 30.82 -29.12 -34.53
N ALA B 939 31.76 -28.22 -34.26
CA ALA B 939 31.94 -27.03 -35.07
C ALA B 939 32.99 -27.29 -36.15
N TRP B 940 32.97 -26.45 -37.18
CA TRP B 940 33.90 -26.60 -38.29
C TRP B 940 35.32 -26.32 -37.84
N SER B 941 36.26 -27.11 -38.35
CA SER B 941 37.67 -26.96 -38.05
C SER B 941 38.47 -27.66 -39.14
N PRO B 942 39.75 -27.33 -39.29
CA PRO B 942 40.58 -28.08 -40.25
C PRO B 942 40.64 -29.57 -39.95
N THR B 943 40.56 -29.96 -38.67
CA THR B 943 40.54 -31.37 -38.32
C THR B 943 39.19 -32.01 -38.63
N ASN B 944 38.11 -31.24 -38.59
CA ASN B 944 36.75 -31.74 -38.82
C ASN B 944 36.10 -30.89 -39.91
N PRO B 945 36.43 -31.14 -41.16
CA PRO B 945 35.87 -30.31 -42.25
C PRO B 945 34.42 -30.62 -42.56
N ASN B 946 33.91 -31.80 -42.19
CA ASN B 946 32.54 -32.19 -42.50
C ASN B 946 31.59 -31.67 -41.42
N SER B 947 31.39 -30.36 -41.44
CA SER B 947 30.50 -29.71 -40.48
C SER B 947 30.04 -28.38 -41.06
N ASP B 948 28.80 -28.02 -40.75
CA ASP B 948 28.23 -26.74 -41.16
C ASP B 948 28.19 -25.71 -40.05
N ILE B 949 28.45 -26.11 -38.82
CA ILE B 949 28.47 -25.16 -37.70
C ILE B 949 29.72 -24.27 -37.83
N PRO B 950 29.58 -22.96 -37.70
CA PRO B 950 30.75 -22.08 -37.85
C PRO B 950 31.81 -22.36 -36.79
N ALA B 951 33.06 -22.07 -37.14
CA ALA B 951 34.17 -22.30 -36.23
C ALA B 951 34.07 -21.39 -35.02
N LEU B 952 34.54 -21.90 -33.88
CA LEU B 952 34.45 -21.15 -32.63
C LEU B 952 35.36 -19.93 -32.66
N THR B 953 34.90 -18.85 -32.03
CA THR B 953 35.68 -17.63 -31.93
C THR B 953 35.20 -16.85 -30.71
N ARG B 954 36.13 -16.11 -30.10
CA ARG B 954 35.80 -15.29 -28.95
C ARG B 954 35.34 -13.88 -29.33
N SER B 955 35.45 -13.51 -30.60
CA SER B 955 35.05 -12.19 -31.07
C SER B 955 34.07 -12.35 -32.22
N ASP B 956 32.95 -11.64 -32.15
CA ASP B 956 31.94 -11.67 -33.20
C ASP B 956 32.21 -10.58 -34.24
N THR B 957 33.37 -10.72 -34.90
CA THR B 957 33.75 -9.79 -35.94
C THR B 957 32.79 -9.85 -37.12
N ASN B 958 32.37 -11.06 -37.50
CA ASN B 958 31.44 -11.24 -38.61
C ASN B 958 30.02 -10.79 -38.27
N ASN B 959 29.73 -10.52 -37.00
CA ASN B 959 28.39 -10.13 -36.55
C ASN B 959 27.36 -11.19 -36.94
N GLU B 960 27.55 -12.37 -36.38
CA GLU B 960 26.68 -13.51 -36.66
C GLU B 960 25.40 -13.51 -35.83
N GLN B 961 25.24 -12.53 -34.93
CA GLN B 961 23.99 -12.37 -34.19
C GLN B 961 22.88 -11.75 -35.03
N ARG B 962 23.20 -11.29 -36.23
CA ARG B 962 22.21 -10.65 -37.09
C ARG B 962 21.13 -11.64 -37.48
N VAL B 963 19.94 -11.12 -37.78
CA VAL B 963 18.83 -11.96 -38.22
C VAL B 963 19.16 -12.53 -39.60
N SER B 964 19.09 -13.85 -39.71
CA SER B 964 19.44 -14.51 -40.96
C SER B 964 18.73 -15.85 -41.02
N THR B 965 18.84 -16.52 -42.17
CA THR B 965 18.22 -17.82 -42.36
C THR B 965 18.84 -18.91 -41.50
N TYR B 966 20.00 -18.65 -40.89
CA TYR B 966 20.63 -19.65 -40.04
C TYR B 966 19.76 -19.97 -38.83
N PHE B 967 19.13 -18.94 -38.25
CA PHE B 967 18.29 -19.12 -37.07
C PHE B 967 16.86 -19.51 -37.43
N VAL B 968 16.52 -19.57 -38.70
CA VAL B 968 15.19 -20.01 -39.14
C VAL B 968 15.24 -21.52 -39.32
N GLU B 969 14.34 -22.22 -38.62
CA GLU B 969 14.32 -23.67 -38.64
C GLU B 969 12.91 -24.16 -38.99
N ASN B 970 12.86 -25.39 -39.53
CA ASN B 970 11.61 -26.01 -39.91
C ASN B 970 10.93 -26.56 -38.66
N GLY B 971 9.80 -25.96 -38.28
CA GLY B 971 9.08 -26.33 -37.09
C GLY B 971 8.01 -27.38 -37.28
N SER B 972 7.96 -28.03 -38.44
CA SER B 972 6.97 -29.06 -38.67
C SER B 972 7.15 -30.22 -37.70
N PHE B 973 6.05 -30.74 -37.18
CA PHE B 973 6.11 -31.80 -36.19
C PHE B 973 4.81 -32.61 -36.23
N LEU B 974 4.87 -33.78 -35.60
CA LEU B 974 3.68 -34.63 -35.45
C LEU B 974 3.82 -35.36 -34.13
N LYS B 975 2.97 -35.03 -33.16
CA LYS B 975 3.10 -35.56 -31.81
C LYS B 975 1.80 -36.21 -31.35
N LEU B 976 1.95 -37.27 -30.57
CA LEU B 976 0.82 -37.96 -29.95
C LEU B 976 0.42 -37.15 -28.72
N ARG B 977 -0.63 -36.33 -28.86
CA ARG B 977 -1.03 -35.46 -27.77
C ARG B 977 -1.55 -36.24 -26.58
N ASN B 978 -2.34 -37.28 -26.83
CA ASN B 978 -2.95 -38.04 -25.74
C ASN B 978 -3.25 -39.45 -26.22
N ILE B 979 -2.86 -40.43 -25.42
CA ILE B 979 -3.23 -41.83 -25.63
C ILE B 979 -3.79 -42.36 -24.33
N GLN B 980 -4.88 -43.13 -24.41
CA GLN B 980 -5.51 -43.62 -23.19
C GLN B 980 -6.07 -45.02 -23.41
N LEU B 981 -5.72 -45.93 -22.51
CA LEU B 981 -6.24 -47.28 -22.50
C LEU B 981 -7.06 -47.48 -21.23
N GLY B 982 -8.32 -47.88 -21.40
CA GLY B 982 -9.22 -48.02 -20.28
C GLY B 982 -9.88 -49.38 -20.25
N TYR B 983 -10.36 -49.75 -19.06
CA TYR B 983 -11.10 -50.97 -18.85
C TYR B 983 -12.36 -50.65 -18.06
N THR B 984 -13.50 -51.12 -18.55
CA THR B 984 -14.78 -50.93 -17.89
C THR B 984 -15.19 -52.23 -17.21
N VAL B 985 -15.50 -52.15 -15.92
CA VAL B 985 -15.91 -53.34 -15.18
C VAL B 985 -17.21 -53.87 -15.76
N PRO B 986 -17.38 -55.19 -15.90
CA PRO B 986 -18.64 -55.70 -16.45
C PRO B 986 -19.83 -55.30 -15.58
N ALA B 987 -20.98 -55.14 -16.24
CA ALA B 987 -22.15 -54.57 -15.58
C ALA B 987 -22.61 -55.40 -14.38
N VAL B 988 -22.43 -56.73 -14.43
CA VAL B 988 -22.91 -57.57 -13.33
C VAL B 988 -22.12 -57.29 -12.05
N ILE B 989 -20.79 -57.16 -12.16
CA ILE B 989 -19.98 -56.87 -10.97
C ILE B 989 -20.32 -55.50 -10.42
N SER B 990 -20.47 -54.51 -11.30
CA SER B 990 -20.80 -53.16 -10.85
C SER B 990 -22.16 -53.13 -10.16
N LYS B 991 -23.15 -53.85 -10.71
CA LYS B 991 -24.46 -53.91 -10.07
C LYS B 991 -24.38 -54.63 -8.73
N LYS B 992 -23.50 -55.63 -8.63
CA LYS B 992 -23.25 -56.25 -7.32
C LYS B 992 -22.70 -55.22 -6.35
N MET B 993 -21.78 -54.38 -6.79
CA MET B 993 -21.20 -53.33 -5.96
C MET B 993 -22.04 -52.05 -5.95
N ARG B 994 -23.24 -52.09 -6.52
CA ARG B 994 -24.23 -51.01 -6.56
C ARG B 994 -23.81 -49.83 -7.43
N MET B 995 -22.63 -49.87 -8.05
CA MET B 995 -22.22 -48.81 -8.94
C MET B 995 -22.82 -49.01 -10.32
N ASP B 996 -23.33 -47.93 -10.91
CA ASP B 996 -23.88 -48.03 -12.26
C ASP B 996 -22.78 -48.12 -13.32
N ARG B 997 -21.59 -47.60 -13.02
CA ARG B 997 -20.48 -47.62 -13.97
C ARG B 997 -19.17 -47.45 -13.22
N LEU B 998 -18.27 -48.42 -13.36
CA LEU B 998 -16.95 -48.37 -12.76
C LEU B 998 -15.91 -48.57 -13.85
N ARG B 999 -14.99 -47.62 -13.99
CA ARG B 999 -14.02 -47.66 -15.07
C ARG B 999 -12.65 -47.27 -14.54
N PHE B 1000 -11.61 -47.90 -15.08
CA PHE B 1000 -10.23 -47.52 -14.81
C PHE B 1000 -9.55 -47.17 -16.12
N TYR B 1001 -8.51 -46.34 -16.04
CA TYR B 1001 -7.80 -45.97 -17.25
C TYR B 1001 -6.39 -45.53 -16.93
N CYS B 1002 -5.49 -45.74 -17.89
CA CYS B 1002 -4.13 -45.24 -17.85
C CYS B 1002 -3.85 -44.49 -19.14
N SER B 1003 -3.27 -43.31 -19.02
CA SER B 1003 -3.09 -42.42 -20.16
C SER B 1003 -1.68 -41.82 -20.15
N ALA B 1004 -1.24 -41.44 -21.35
CA ALA B 1004 0.02 -40.74 -21.56
C ALA B 1004 -0.23 -39.51 -22.42
N GLN B 1005 0.21 -38.36 -21.93
CA GLN B 1005 0.08 -37.10 -22.64
C GLN B 1005 1.46 -36.61 -23.04
N ASN B 1006 1.59 -36.20 -24.30
CA ASN B 1006 2.86 -35.72 -24.87
C ASN B 1006 3.95 -36.79 -24.78
N LEU B 1007 3.55 -38.05 -25.00
CA LEU B 1007 4.48 -39.16 -24.85
C LEU B 1007 5.51 -39.21 -25.97
N LEU B 1008 5.07 -39.04 -27.22
CA LEU B 1008 5.92 -39.24 -28.37
C LEU B 1008 5.73 -38.11 -29.37
N THR B 1009 6.81 -37.77 -30.07
CA THR B 1009 6.77 -36.74 -31.09
C THR B 1009 7.78 -37.07 -32.18
N ILE B 1010 7.48 -36.59 -33.39
CA ILE B 1010 8.37 -36.72 -34.55
C ILE B 1010 8.61 -35.32 -35.10
N LYS B 1011 9.88 -34.99 -35.33
CA LYS B 1011 10.28 -33.67 -35.79
C LYS B 1011 11.14 -33.80 -37.04
N SER B 1012 11.16 -32.74 -37.83
CA SER B 1012 11.96 -32.72 -39.04
C SER B 1012 13.45 -32.71 -38.72
N LYS B 1013 14.24 -33.31 -39.60
CA LYS B 1013 15.69 -33.37 -39.41
C LYS B 1013 16.33 -31.99 -39.49
N ASN B 1014 15.70 -31.03 -40.15
CA ASN B 1014 16.26 -29.68 -40.23
C ASN B 1014 16.19 -28.94 -38.91
N PHE B 1015 15.39 -29.41 -37.96
CA PHE B 1015 15.26 -28.78 -36.65
C PHE B 1015 16.37 -29.30 -35.75
N THR B 1016 17.37 -28.46 -35.49
CA THR B 1016 18.52 -28.89 -34.70
C THR B 1016 18.15 -29.09 -33.24
N GLY B 1017 17.27 -28.23 -32.71
CA GLY B 1017 16.90 -28.29 -31.31
C GLY B 1017 15.94 -29.40 -30.98
N GLU B 1018 15.10 -29.17 -29.99
CA GLU B 1018 14.12 -30.15 -29.53
C GLU B 1018 12.82 -29.43 -29.19
N ASP B 1019 11.73 -30.21 -29.15
CA ASP B 1019 10.39 -29.70 -28.86
C ASP B 1019 10.04 -28.56 -29.80
N PRO B 1020 9.72 -28.85 -31.07
CA PRO B 1020 9.42 -27.76 -32.02
C PRO B 1020 8.25 -26.90 -31.60
N GLU B 1021 7.31 -27.44 -30.81
CA GLU B 1021 6.20 -26.63 -30.34
C GLU B 1021 6.68 -25.49 -29.44
N ASN B 1022 7.69 -25.75 -28.62
CA ASN B 1022 8.27 -24.74 -27.73
C ASN B 1022 9.77 -24.72 -27.97
N PRO B 1023 10.22 -24.07 -29.04
CA PRO B 1023 11.65 -24.05 -29.37
C PRO B 1023 12.45 -22.98 -28.65
N ASN B 1024 11.90 -22.35 -27.61
CA ASN B 1024 12.58 -21.27 -26.93
C ASN B 1024 12.67 -21.52 -25.43
N PHE B 1025 13.04 -20.51 -24.66
CA PHE B 1025 13.28 -20.64 -23.22
C PHE B 1025 11.99 -20.54 -22.40
N SER B 1026 10.83 -20.79 -23.01
CA SER B 1026 9.58 -20.79 -22.27
C SER B 1026 9.48 -22.03 -21.39
N TYR B 1027 8.34 -22.20 -20.74
CA TYR B 1027 8.16 -23.35 -19.86
C TYR B 1027 8.19 -24.64 -20.67
N PRO B 1028 8.91 -25.66 -20.19
CA PRO B 1028 8.95 -26.93 -20.92
C PRO B 1028 7.63 -27.67 -20.84
N ILE B 1029 7.43 -28.55 -21.82
CA ILE B 1029 6.24 -29.40 -21.91
C ILE B 1029 6.63 -30.80 -21.45
N PRO B 1030 6.10 -31.29 -20.33
CA PRO B 1030 6.50 -32.60 -19.82
C PRO B 1030 5.64 -33.73 -20.40
N VAL B 1031 6.08 -34.96 -20.11
CA VAL B 1031 5.32 -36.16 -20.44
C VAL B 1031 4.52 -36.57 -19.21
N ASN B 1032 3.21 -36.71 -19.39
CA ASN B 1032 2.32 -37.03 -18.27
C ASN B 1032 1.90 -38.50 -18.35
N ILE B 1033 2.13 -39.24 -17.27
CA ILE B 1033 1.65 -40.61 -17.14
C ILE B 1033 0.61 -40.61 -16.04
N THR B 1034 -0.63 -40.91 -16.39
CA THR B 1034 -1.77 -40.72 -15.50
C THR B 1034 -2.52 -42.04 -15.30
N PHE B 1035 -2.96 -42.28 -14.07
CA PHE B 1035 -3.85 -43.38 -13.73
C PHE B 1035 -5.09 -42.80 -13.08
N GLY B 1036 -6.26 -43.19 -13.58
CA GLY B 1036 -7.50 -42.61 -13.10
C GLY B 1036 -8.61 -43.65 -13.01
N LEU B 1037 -9.62 -43.30 -12.23
CA LEU B 1037 -10.79 -44.13 -12.05
C LEU B 1037 -12.04 -43.26 -12.04
N ASN B 1038 -13.13 -43.83 -12.55
CA ASN B 1038 -14.44 -43.19 -12.57
C ASN B 1038 -15.46 -44.13 -11.94
N ILE B 1039 -16.24 -43.59 -11.01
CA ILE B 1039 -17.28 -44.33 -10.31
C ILE B 1039 -18.62 -43.66 -10.57
N GLY B 1040 -19.62 -44.45 -10.94
CA GLY B 1040 -20.93 -43.92 -11.29
C GLY B 1040 -22.02 -44.36 -10.35
N PHE B 1041 -21.74 -44.33 -9.05
CA PHE B 1041 -22.70 -44.72 -8.01
C PHE B 1041 -24.13 -44.24 -8.27
N ASP C 20 0.21 -34.26 16.20
CA ASP C 20 -0.82 -33.42 15.59
C ASP C 20 -0.28 -32.01 15.32
N ASP C 21 0.07 -31.75 14.07
CA ASP C 21 0.62 -30.47 13.66
C ASP C 21 -0.46 -29.48 13.22
N PHE C 22 -1.74 -29.82 13.42
CA PHE C 22 -2.82 -28.92 13.05
C PHE C 22 -2.75 -27.61 13.85
N LEU C 23 -2.47 -27.70 15.14
CA LEU C 23 -2.45 -26.54 16.01
C LEU C 23 -1.08 -25.91 16.15
N ASP C 24 -0.09 -26.35 15.37
CA ASP C 24 1.29 -25.94 15.58
C ASP C 24 1.97 -25.32 14.36
N ARG C 25 1.33 -25.31 13.17
CA ARG C 25 2.03 -24.71 12.04
C ARG C 25 2.23 -23.22 12.28
N GLN C 26 1.23 -22.57 12.87
CA GLN C 26 1.08 -21.12 12.80
C GLN C 26 2.02 -20.45 13.79
N VAL C 27 2.64 -19.37 13.35
CA VAL C 27 3.65 -18.66 14.14
C VAL C 27 3.29 -17.19 14.13
N PRO C 28 3.84 -16.42 15.09
CA PRO C 28 3.58 -14.98 15.10
C PRO C 28 3.99 -14.33 13.79
N GLN C 29 3.19 -13.37 13.35
CA GLN C 29 3.38 -12.68 12.08
C GLN C 29 3.84 -11.25 12.32
N GLY C 30 4.98 -10.89 11.76
CA GLY C 30 5.45 -9.51 11.81
C GLY C 30 5.99 -9.04 13.14
N ILE C 31 6.23 -9.96 14.09
CA ILE C 31 6.76 -9.60 15.40
C ILE C 31 7.94 -10.50 15.71
N VAL C 32 8.67 -10.13 16.77
CA VAL C 32 9.81 -10.89 17.26
C VAL C 32 9.49 -11.36 18.68
N THR C 33 9.67 -12.65 18.92
CA THR C 33 9.36 -13.21 20.23
C THR C 33 10.39 -12.76 21.26
N GLY C 34 10.04 -12.97 22.53
CA GLY C 34 10.89 -12.49 23.61
C GLY C 34 12.22 -13.22 23.71
N ASP C 35 12.26 -14.48 23.27
CA ASP C 35 13.50 -15.25 23.33
C ASP C 35 14.49 -14.87 22.23
N GLN C 36 14.03 -14.20 21.18
CA GLN C 36 14.89 -13.77 20.09
C GLN C 36 15.38 -12.34 20.23
N ILE C 37 14.82 -11.56 21.14
CA ILE C 37 15.23 -10.17 21.29
C ILE C 37 16.59 -10.04 21.96
N ALA C 38 17.09 -11.12 22.56
CA ALA C 38 18.39 -11.10 23.21
C ALA C 38 19.53 -11.41 22.25
N SER C 39 19.24 -11.62 20.97
CA SER C 39 20.28 -11.95 20.01
C SER C 39 21.23 -10.76 19.82
N PRO C 40 22.51 -11.02 19.58
CA PRO C 40 23.48 -9.91 19.47
C PRO C 40 23.22 -8.98 18.29
N GLU C 41 22.51 -9.41 17.25
CA GLU C 41 22.32 -8.57 16.09
C GLU C 41 21.18 -7.57 16.25
N TYR C 42 20.43 -7.63 17.35
CA TYR C 42 19.33 -6.70 17.58
C TYR C 42 19.65 -5.64 18.63
N VAL C 43 20.70 -5.82 19.42
CA VAL C 43 20.93 -4.97 20.58
C VAL C 43 21.06 -3.50 20.17
N ASP C 44 21.81 -3.23 19.10
CA ASP C 44 21.94 -1.86 18.63
C ASP C 44 20.58 -1.26 18.35
N ASN C 45 19.72 -2.01 17.67
CA ASN C 45 18.34 -1.54 17.45
C ASN C 45 17.69 -1.16 18.76
N LEU C 46 17.79 -2.04 19.76
CA LEU C 46 17.20 -1.73 21.06
C LEU C 46 17.77 -0.45 21.63
N VAL C 47 19.07 -0.23 21.45
CA VAL C 47 19.67 1.02 21.93
C VAL C 47 18.96 2.21 21.32
N ILE C 48 18.75 2.17 19.99
CA ILE C 48 18.06 3.26 19.32
C ILE C 48 16.66 3.42 19.89
N SER C 49 16.02 2.29 20.24
CA SER C 49 14.70 2.35 20.85
C SER C 49 14.71 3.23 22.09
N ALA C 50 15.73 3.06 22.94
CA ALA C 50 15.78 3.84 24.18
C ALA C 50 15.86 5.32 23.93
N TYR C 51 16.33 5.74 22.75
CA TYR C 51 16.30 7.15 22.41
C TYR C 51 14.95 7.57 21.83
N ALA C 52 14.34 6.70 21.02
CA ALA C 52 13.11 7.06 20.34
C ALA C 52 11.98 7.34 21.32
N ILE C 53 11.96 6.63 22.45
CA ILE C 53 10.91 6.85 23.45
C ILE C 53 10.98 8.27 23.99
N TRP C 54 12.16 8.90 23.94
CA TRP C 54 12.28 10.27 24.41
C TRP C 54 11.78 11.29 23.39
N ALA C 55 11.49 10.87 22.16
CA ALA C 55 10.95 11.76 21.14
C ALA C 55 9.56 11.39 20.67
N THR C 56 9.09 10.17 20.93
CA THR C 56 7.79 9.72 20.49
C THR C 56 6.88 9.30 21.62
N GLY C 57 7.37 9.24 22.86
CA GLY C 57 6.59 8.81 23.99
C GLY C 57 5.90 9.89 24.78
N ASP C 58 5.95 11.13 24.31
CA ASP C 58 5.35 12.26 25.02
C ASP C 58 4.10 12.73 24.29
N ASP C 59 3.04 12.98 25.05
CA ASP C 59 1.78 13.46 24.51
C ASP C 59 1.72 14.99 24.60
N ILE C 60 0.62 15.57 24.13
CA ILE C 60 0.46 17.02 24.21
C ILE C 60 0.29 17.47 25.66
N ASN C 61 -0.41 16.67 26.46
CA ASN C 61 -0.66 17.00 27.86
C ASN C 61 0.43 16.49 28.79
N SER C 62 1.38 15.69 28.28
CA SER C 62 2.47 15.16 29.09
C SER C 62 3.73 15.16 28.21
N SER C 63 4.51 16.23 28.31
CA SER C 63 5.74 16.37 27.56
C SER C 63 6.93 16.19 28.49
N PHE C 64 8.03 15.68 27.93
CA PHE C 64 9.23 15.46 28.71
C PHE C 64 9.94 16.77 29.06
N SER C 65 9.54 17.89 28.47
CA SER C 65 10.02 19.18 28.93
C SER C 65 9.32 19.63 30.20
N LEU C 66 8.20 18.99 30.56
CA LEU C 66 7.49 19.25 31.80
C LEU C 66 6.99 20.68 31.89
N TRP C 67 6.56 21.24 30.76
CA TRP C 67 5.94 22.56 30.79
C TRP C 67 4.53 22.51 31.34
N ASN C 68 3.86 21.36 31.21
CA ASN C 68 2.50 21.23 31.71
C ASN C 68 2.45 21.39 33.23
N TYR C 69 3.44 20.84 33.93
CA TYR C 69 3.50 20.91 35.38
C TYR C 69 4.30 22.10 35.87
N ASP C 70 4.86 22.91 34.97
CA ASP C 70 5.54 24.14 35.36
C ASP C 70 4.62 25.34 35.46
N VAL C 71 3.35 25.18 35.10
CA VAL C 71 2.39 26.27 35.23
C VAL C 71 2.15 26.62 36.70
N ARG C 72 2.52 25.73 37.62
CA ARG C 72 2.40 26.03 39.04
C ARG C 72 3.32 27.17 39.47
N SER C 73 4.38 27.44 38.71
CA SER C 73 5.32 28.49 39.06
C SER C 73 4.75 29.86 38.68
N ASP C 74 5.56 30.89 38.88
CA ASP C 74 5.17 32.27 38.59
C ASP C 74 5.54 32.72 37.19
N ASP C 75 6.14 31.84 36.38
CA ASP C 75 6.61 32.26 35.06
C ASP C 75 5.45 32.39 34.07
N CYS C 76 4.46 31.49 34.13
CA CYS C 76 3.45 31.44 33.09
C CYS C 76 2.12 30.98 33.66
N TYR C 77 1.06 31.25 32.91
CA TYR C 77 -0.26 30.71 33.18
C TYR C 77 -0.47 29.46 32.35
N LYS C 78 -1.70 28.95 32.34
CA LYS C 78 -2.11 27.87 31.46
C LYS C 78 -2.98 28.45 30.36
N GLY C 79 -2.64 28.16 29.10
CA GLY C 79 -3.34 28.72 27.97
C GLY C 79 -4.68 28.07 27.72
N GLY C 80 -5.08 28.03 26.45
CA GLY C 80 -6.33 27.43 26.08
C GLY C 80 -7.49 28.41 26.16
N SER C 81 -8.69 27.87 25.87
CA SER C 81 -9.89 28.69 25.88
C SER C 81 -10.20 29.21 27.27
N GLY C 82 -10.00 28.40 28.30
CA GLY C 82 -10.29 28.83 29.65
C GLY C 82 -9.77 27.85 30.67
N THR C 83 -10.30 27.98 31.89
CA THR C 83 -9.87 27.10 32.98
C THR C 83 -10.26 25.65 32.71
N GLU C 84 -11.42 25.43 32.09
CA GLU C 84 -11.87 24.07 31.83
C GLU C 84 -11.00 23.35 30.82
N ASP C 85 -10.23 24.07 30.00
CA ASP C 85 -9.34 23.44 29.05
C ASP C 85 -8.12 22.90 29.79
N GLY C 86 -8.20 21.63 30.21
CA GLY C 86 -7.19 21.07 31.08
C GLY C 86 -7.46 21.43 32.52
N GLY C 87 -8.61 21.02 33.04
CA GLY C 87 -9.00 21.40 34.39
C GLY C 87 -8.04 20.92 35.45
N VAL C 88 -7.45 19.73 35.25
CA VAL C 88 -6.47 19.23 36.20
C VAL C 88 -5.25 20.13 36.23
N PHE C 89 -4.80 20.60 35.07
CA PHE C 89 -3.66 21.51 35.03
C PHE C 89 -4.00 22.87 35.63
N ASN C 90 -5.24 23.33 35.45
CA ASN C 90 -5.66 24.57 36.11
C ASN C 90 -5.64 24.41 37.63
N ALA C 91 -6.11 23.25 38.11
CA ALA C 91 -6.07 22.99 39.55
C ALA C 91 -4.64 22.94 40.06
N LEU C 92 -3.73 22.34 39.28
CA LEU C 92 -2.33 22.35 39.66
C LEU C 92 -1.78 23.78 39.70
N GLU C 93 -2.14 24.61 38.71
CA GLU C 93 -1.65 25.97 38.67
C GLU C 93 -2.13 26.78 39.86
N ILE C 94 -3.40 26.64 40.23
CA ILE C 94 -3.93 27.37 41.39
C ILE C 94 -3.70 26.62 42.69
N SER C 95 -3.19 25.39 42.64
CA SER C 95 -2.88 24.59 43.83
C SER C 95 -4.12 24.37 44.70
N LYS C 96 -5.30 24.35 44.08
CA LYS C 96 -6.55 24.11 44.78
C LYS C 96 -7.35 23.05 44.03
N GLY C 97 -8.00 22.18 44.79
CA GLY C 97 -8.78 21.12 44.19
C GLY C 97 -7.96 20.09 43.43
N ILE C 98 -6.79 19.74 43.96
CA ILE C 98 -5.93 18.73 43.36
C ILE C 98 -6.26 17.38 43.98
N ASN C 99 -6.60 16.41 43.15
CA ASN C 99 -6.97 15.08 43.59
C ASN C 99 -5.91 14.08 43.15
N THR C 100 -5.67 13.07 43.99
CA THR C 100 -4.72 12.02 43.64
C THR C 100 -5.23 11.17 42.47
N THR C 101 -6.53 11.17 42.21
CA THR C 101 -7.11 10.44 41.09
C THR C 101 -7.21 11.31 39.84
N ASP C 102 -6.10 11.90 39.43
CA ASP C 102 -6.05 12.74 38.24
C ASP C 102 -5.32 12.00 37.13
N TRP C 103 -5.82 12.15 35.90
CA TRP C 103 -5.29 11.37 34.79
C TRP C 103 -3.90 11.84 34.38
N ASN C 104 -3.61 13.14 34.50
CA ASN C 104 -2.32 13.64 34.04
C ASN C 104 -1.18 13.11 34.89
N ILE C 105 -1.37 13.05 36.21
CA ILE C 105 -0.31 12.58 37.10
C ILE C 105 0.02 11.12 36.81
N ASN C 106 -1.01 10.28 36.73
CA ASN C 106 -0.79 8.88 36.42
C ASN C 106 -0.18 8.71 35.04
N ASP C 107 -0.60 9.55 34.08
CA ASP C 107 -0.08 9.45 32.72
C ASP C 107 1.41 9.76 32.67
N ILE C 108 1.83 10.82 33.34
CA ILE C 108 3.24 11.18 33.31
C ILE C 108 4.07 10.14 34.07
N TRP C 109 3.55 9.63 35.19
CA TRP C 109 4.22 8.55 35.90
C TRP C 109 4.44 7.35 34.99
N LYS C 110 3.37 6.92 34.30
CA LYS C 110 3.46 5.76 33.44
C LYS C 110 4.42 5.99 32.27
N ARG C 111 4.39 7.18 31.68
CA ARG C 111 5.27 7.45 30.54
C ARG C 111 6.73 7.45 30.95
N LEU C 112 7.05 8.10 32.08
CA LEU C 112 8.44 8.12 32.53
C LEU C 112 8.92 6.70 32.87
N TYR C 113 8.06 5.90 33.51
CA TYR C 113 8.49 4.54 33.80
C TYR C 113 8.56 3.69 32.53
N GLN C 114 7.77 4.01 31.50
CA GLN C 114 7.92 3.33 30.22
C GLN C 114 9.29 3.60 29.62
N CYS C 115 9.74 4.86 29.67
CA CYS C 115 11.09 5.18 29.24
C CYS C 115 12.12 4.40 30.06
N ILE C 116 11.91 4.32 31.37
CA ILE C 116 12.83 3.60 32.24
C ILE C 116 12.95 2.14 31.82
N THR C 117 11.81 1.48 31.58
CA THR C 117 11.85 0.06 31.24
C THR C 117 12.39 -0.19 29.84
N ARG C 118 12.17 0.75 28.91
CA ARG C 118 12.83 0.60 27.61
C ARG C 118 14.35 0.66 27.77
N ALA C 119 14.84 1.61 28.56
CA ALA C 119 16.28 1.67 28.82
C ALA C 119 16.76 0.40 29.53
N ASN C 120 15.97 -0.12 30.46
CA ASN C 120 16.35 -1.33 31.18
C ASN C 120 16.41 -2.54 30.27
N THR C 121 15.47 -2.64 29.32
CA THR C 121 15.51 -3.74 28.36
C THR C 121 16.75 -3.64 27.49
N ALA C 122 17.09 -2.43 27.04
CA ALA C 122 18.31 -2.28 26.26
C ALA C 122 19.54 -2.64 27.08
N LEU C 123 19.56 -2.25 28.36
CA LEU C 123 20.69 -2.59 29.22
C LEU C 123 20.80 -4.10 29.42
N GLN C 124 19.67 -4.77 29.61
CA GLN C 124 19.67 -6.22 29.77
C GLN C 124 20.20 -6.91 28.53
N SER C 125 19.81 -6.40 27.35
CA SER C 125 20.35 -6.96 26.12
C SER C 125 21.86 -6.72 26.02
N LEU C 126 22.32 -5.53 26.42
CA LEU C 126 23.74 -5.20 26.32
C LEU C 126 24.58 -6.05 27.26
N ASP C 127 24.09 -6.30 28.48
CA ASP C 127 24.90 -6.95 29.50
C ASP C 127 25.25 -8.40 29.18
N GLN C 128 24.59 -9.02 28.21
CA GLN C 128 24.84 -10.42 27.86
C GLN C 128 25.66 -10.55 26.58
N MET C 129 26.62 -9.65 26.36
CA MET C 129 27.41 -9.65 25.15
C MET C 129 28.89 -9.57 25.49
N ASP C 130 29.72 -10.15 24.62
CA ASP C 130 31.16 -10.19 24.84
C ASP C 130 31.80 -8.84 24.53
N GLU C 131 32.74 -8.43 25.36
CA GLU C 131 33.41 -7.16 25.17
C GLU C 131 34.26 -7.15 23.91
N LYS C 132 34.98 -8.24 23.64
CA LYS C 132 35.88 -8.27 22.48
C LYS C 132 35.11 -8.23 21.18
N THR C 133 33.98 -8.96 21.10
CA THR C 133 33.18 -8.96 19.88
C THR C 133 32.51 -7.62 19.65
N TYR C 134 32.11 -6.94 20.73
CA TYR C 134 31.44 -5.65 20.65
C TYR C 134 32.25 -4.62 21.44
N PRO C 135 33.19 -3.93 20.78
CA PRO C 135 34.06 -3.00 21.51
C PRO C 135 33.31 -1.87 22.20
N LEU C 136 32.18 -1.42 21.66
CA LEU C 136 31.44 -0.29 22.20
C LEU C 136 30.42 -0.69 23.25
N LYS C 137 30.61 -1.85 23.91
CA LYS C 137 29.66 -2.29 24.92
C LYS C 137 29.60 -1.31 26.08
N ASN C 138 30.76 -0.86 26.57
CA ASN C 138 30.78 0.04 27.71
C ASN C 138 30.14 1.38 27.39
N GLN C 139 30.41 1.92 26.20
CA GLN C 139 29.82 3.20 25.83
C GLN C 139 28.30 3.11 25.72
N ARG C 140 27.80 2.04 25.10
CA ARG C 140 26.35 1.87 24.99
C ARG C 140 25.72 1.70 26.36
N ILE C 141 26.36 0.93 27.24
CA ILE C 141 25.86 0.76 28.60
C ILE C 141 25.82 2.09 29.33
N ALA C 142 26.87 2.90 29.16
CA ALA C 142 26.92 4.21 29.79
C ALA C 142 25.80 5.12 29.28
N GLU C 143 25.56 5.09 27.97
CA GLU C 143 24.47 5.89 27.40
C GLU C 143 23.12 5.45 27.96
N MET C 144 22.90 4.14 28.07
CA MET C 144 21.62 3.65 28.55
C MET C 144 21.43 4.00 30.01
N ARG C 145 22.51 3.88 30.81
CA ARG C 145 22.46 4.30 32.19
C ARG C 145 22.16 5.79 32.31
N PHE C 146 22.74 6.60 31.41
CA PHE C 146 22.47 8.03 31.41
C PHE C 146 20.99 8.31 31.15
N LEU C 147 20.40 7.63 30.18
CA LEU C 147 18.98 7.84 29.90
C LEU C 147 18.12 7.40 31.06
N ARG C 148 18.42 6.24 31.66
CA ARG C 148 17.66 5.79 32.80
C ARG C 148 17.76 6.76 33.97
N GLY C 149 18.97 7.27 34.22
CA GLY C 149 19.15 8.26 35.27
C GLY C 149 18.42 9.55 34.99
N HIS C 150 18.38 9.97 33.73
CA HIS C 150 17.62 11.18 33.38
C HIS C 150 16.14 11.00 33.67
N ALA C 151 15.59 9.84 33.30
CA ALA C 151 14.19 9.57 33.60
C ALA C 151 13.95 9.53 35.11
N HIS C 152 14.86 8.90 35.85
CA HIS C 152 14.72 8.84 37.30
C HIS C 152 14.81 10.24 37.91
N PHE C 153 15.68 11.09 37.38
CA PHE C 153 15.81 12.45 37.88
C PHE C 153 14.54 13.24 37.65
N MET C 154 13.94 13.12 36.46
CA MET C 154 12.70 13.84 36.20
C MET C 154 11.57 13.33 37.08
N LEU C 155 11.52 12.01 37.31
CA LEU C 155 10.52 11.47 38.24
C LEU C 155 10.73 12.00 39.65
N LYS C 156 12.00 12.06 40.10
CA LYS C 156 12.30 12.58 41.42
C LYS C 156 11.89 14.05 41.54
N GLN C 157 12.12 14.82 40.48
CA GLN C 157 11.67 16.22 40.49
C GLN C 157 10.15 16.31 40.58
N LEU C 158 9.44 15.48 39.82
CA LEU C 158 7.98 15.52 39.86
C LEU C 158 7.45 14.93 41.16
N PHE C 159 7.95 13.77 41.57
CA PHE C 159 7.50 13.09 42.77
C PHE C 159 8.69 12.89 43.71
N LYS C 160 8.53 13.31 44.96
CA LYS C 160 9.60 13.14 45.94
C LYS C 160 9.88 11.67 46.18
N LYS C 161 8.85 10.85 46.32
CA LYS C 161 8.99 9.42 46.55
C LYS C 161 8.74 8.67 45.24
N ILE C 162 9.77 8.00 44.73
CA ILE C 162 9.68 7.27 43.48
C ILE C 162 10.27 5.87 43.68
N VAL C 163 9.95 4.99 42.75
CA VAL C 163 10.48 3.63 42.75
C VAL C 163 11.75 3.62 41.90
N ILE C 164 12.84 3.17 42.48
CA ILE C 164 14.14 3.14 41.81
C ILE C 164 14.23 1.80 41.07
N VAL C 165 13.95 1.82 39.78
CA VAL C 165 14.06 0.63 38.94
C VAL C 165 15.42 0.70 38.26
N ASN C 166 16.43 0.15 38.92
CA ASN C 166 17.80 0.16 38.41
C ASN C 166 18.37 -1.25 38.30
N ASP C 167 17.52 -2.24 38.09
CA ASP C 167 17.93 -3.63 37.93
C ASP C 167 17.38 -4.14 36.61
N GLU C 168 18.24 -4.18 35.58
CA GLU C 168 17.79 -4.64 34.27
C GLU C 168 17.45 -6.13 34.26
N ASN C 169 18.14 -6.91 35.08
CA ASN C 169 17.90 -8.36 35.16
C ASN C 169 16.85 -8.69 36.22
N MET C 170 15.69 -8.06 36.11
CA MET C 170 14.59 -8.26 37.05
C MET C 170 13.39 -8.85 36.31
N GLU C 171 12.86 -9.94 36.84
CA GLU C 171 11.69 -10.56 36.23
C GLU C 171 10.46 -9.67 36.45
N PRO C 172 9.49 -9.72 35.53
CA PRO C 172 8.28 -8.90 35.69
C PRO C 172 7.53 -9.19 36.98
N ASP C 173 7.50 -10.46 37.41
CA ASP C 173 6.77 -10.79 38.63
C ASP C 173 7.37 -10.12 39.86
N ALA C 174 8.68 -9.82 39.82
CA ALA C 174 9.30 -9.11 40.93
C ALA C 174 8.91 -7.64 40.96
N TYR C 175 8.42 -7.09 39.86
CA TYR C 175 8.05 -5.68 39.83
C TYR C 175 6.91 -5.35 40.78
N ASN C 176 6.08 -6.35 41.14
CA ASN C 176 5.03 -6.11 42.12
C ASN C 176 5.58 -5.96 43.53
N GLU C 177 6.81 -6.40 43.78
CA GLU C 177 7.41 -6.32 45.11
C GLU C 177 8.18 -5.03 45.33
N LEU C 178 8.32 -4.20 44.31
CA LEU C 178 9.06 -2.94 44.46
C LEU C 178 8.25 -1.93 45.28
N SER C 179 8.96 -1.02 45.93
CA SER C 179 8.35 0.01 46.75
C SER C 179 9.14 1.29 46.62
N ASN C 180 8.47 2.41 46.90
CA ASN C 180 9.09 3.73 46.86
C ASN C 180 9.72 4.12 48.19
N THR C 181 9.57 3.31 49.23
CA THR C 181 10.16 3.57 50.53
C THR C 181 11.33 2.64 50.82
N THR C 182 11.81 1.89 49.81
CA THR C 182 12.97 1.03 50.03
C THR C 182 14.20 1.84 50.40
N TYR C 183 14.40 2.97 49.73
CA TYR C 183 15.52 3.86 50.01
C TYR C 183 15.00 5.20 50.51
N THR C 184 15.80 5.87 51.33
CA THR C 184 15.46 7.20 51.80
C THR C 184 15.70 8.22 50.68
N ASN C 185 15.40 9.48 50.97
CA ASN C 185 15.57 10.53 49.97
C ASN C 185 17.03 10.65 49.54
N ASP C 186 17.94 10.68 50.51
CA ASP C 186 19.37 10.75 50.20
C ASP C 186 19.83 9.49 49.46
N GLU C 187 19.34 8.32 49.89
CA GLU C 187 19.71 7.08 49.22
C GLU C 187 19.18 7.04 47.79
N GLN C 188 17.95 7.54 47.58
CA GLN C 188 17.41 7.59 46.22
C GLN C 188 18.21 8.55 45.35
N TRP C 189 18.61 9.70 45.89
CA TRP C 189 19.45 10.62 45.14
C TRP C 189 20.79 9.97 44.77
N GLN C 190 21.38 9.23 45.71
CA GLN C 190 22.64 8.55 45.44
C GLN C 190 22.46 7.48 44.36
N LYS C 191 21.35 6.73 44.42
CA LYS C 191 21.08 5.73 43.40
C LYS C 191 20.92 6.36 42.03
N ILE C 192 20.26 7.53 41.97
CA ILE C 192 20.13 8.25 40.70
C ILE C 192 21.50 8.70 40.21
N ALA C 193 22.34 9.22 41.11
CA ALA C 193 23.64 9.75 40.72
C ALA C 193 24.64 8.67 40.36
N ASP C 194 24.40 7.41 40.79
CA ASP C 194 25.33 6.34 40.44
C ASP C 194 25.38 6.10 38.93
N ASP C 195 24.22 6.15 38.27
CA ASP C 195 24.19 5.97 36.82
C ASP C 195 24.96 7.08 36.12
N PHE C 196 24.80 8.31 36.58
CA PHE C 196 25.54 9.43 35.99
C PHE C 196 27.04 9.28 36.22
N GLN C 197 27.43 8.82 37.41
CA GLN C 197 28.85 8.58 37.67
C GLN C 197 29.41 7.52 36.74
N PHE C 198 28.67 6.44 36.54
CA PHE C 198 29.13 5.40 35.62
C PHE C 198 29.24 5.93 34.19
N ALA C 199 28.24 6.71 33.77
CA ALA C 199 28.26 7.28 32.42
C ALA C 199 29.47 8.21 32.24
N TYR C 200 29.73 9.06 33.24
CA TYR C 200 30.88 9.94 33.17
C TYR C 200 32.17 9.16 33.11
N ASP C 201 32.26 8.06 33.86
CA ASP C 201 33.45 7.24 33.84
C ASP C 201 33.61 6.46 32.54
N ASN C 202 32.52 6.24 31.79
CA ASN C 202 32.58 5.40 30.60
C ASN C 202 32.29 6.10 29.28
N LEU C 203 31.58 7.23 29.29
CA LEU C 203 31.23 7.88 28.05
C LEU C 203 32.46 8.49 27.37
N PRO C 204 32.49 8.51 26.04
CA PRO C 204 33.62 9.15 25.34
C PRO C 204 33.58 10.66 25.49
N GLU C 205 34.74 11.27 25.30
CA GLU C 205 34.86 12.72 25.45
C GLU C 205 34.03 13.45 24.40
N VAL C 206 34.07 13.00 23.16
CA VAL C 206 33.35 13.64 22.06
C VAL C 206 32.57 12.58 21.30
N GLN C 207 31.36 12.93 20.87
CA GLN C 207 30.49 12.03 20.13
C GLN C 207 30.33 12.55 18.71
N ILE C 208 30.59 11.68 17.72
CA ILE C 208 30.38 12.06 16.33
C ILE C 208 28.89 12.24 16.06
N GLU C 209 28.05 11.42 16.67
CA GLU C 209 26.61 11.55 16.56
C GLU C 209 26.10 12.45 17.67
N LYS C 210 25.45 13.55 17.29
CA LYS C 210 25.01 14.53 18.28
C LYS C 210 23.91 13.99 19.19
N GLY C 211 23.18 12.97 18.75
CA GLY C 211 22.13 12.42 19.59
C GLY C 211 22.65 11.74 20.84
N ARG C 212 23.76 11.03 20.71
CA ARG C 212 24.34 10.33 21.85
C ARG C 212 24.97 11.32 22.82
N PRO C 213 24.70 11.21 24.12
CA PRO C 213 25.33 12.11 25.09
C PRO C 213 26.83 11.89 25.18
N ALA C 214 27.55 12.95 25.51
CA ALA C 214 28.99 12.90 25.68
C ALA C 214 29.34 12.87 27.16
N GLN C 215 30.64 12.84 27.44
CA GLN C 215 31.10 12.82 28.83
C GLN C 215 30.76 14.13 29.54
N ALA C 216 30.84 15.25 28.82
CA ALA C 216 30.53 16.54 29.43
C ALA C 216 29.07 16.61 29.88
N ALA C 217 28.15 16.08 29.06
CA ALA C 217 26.74 16.07 29.44
C ALA C 217 26.51 15.22 30.68
N ALA C 218 27.16 14.06 30.75
CA ALA C 218 27.03 13.21 31.93
C ALA C 218 27.57 13.90 33.16
N ALA C 219 28.72 14.58 33.04
CA ALA C 219 29.28 15.30 34.18
C ALA C 219 28.36 16.42 34.63
N ALA C 220 27.81 17.18 33.68
CA ALA C 220 26.91 18.28 34.04
C ALA C 220 25.66 17.77 34.72
N TYR C 221 25.08 16.69 34.22
CA TYR C 221 23.86 16.17 34.83
C TYR C 221 24.14 15.53 36.19
N LEU C 222 25.32 14.92 36.36
CA LEU C 222 25.72 14.42 37.67
C LEU C 222 25.89 15.56 38.66
N ALA C 223 26.47 16.68 38.21
CA ALA C 223 26.59 17.85 39.06
C ALA C 223 25.22 18.39 39.44
N LYS C 224 24.28 18.39 38.50
CA LYS C 224 22.92 18.83 38.81
C LYS C 224 22.27 17.91 39.83
N THR C 225 22.45 16.60 39.69
CA THR C 225 21.89 15.66 40.65
C THR C 225 22.49 15.86 42.03
N TYR C 226 23.80 16.07 42.12
CA TYR C 226 24.44 16.32 43.40
C TYR C 226 23.95 17.64 44.01
N LEU C 227 23.74 18.67 43.17
CA LEU C 227 23.22 19.93 43.66
C LEU C 227 21.82 19.76 44.25
N TYR C 228 20.97 19.00 43.57
CA TYR C 228 19.65 18.72 44.12
C TYR C 228 19.74 17.88 45.39
N LYS C 229 20.73 16.99 45.46
CA LYS C 229 20.93 16.17 46.66
C LYS C 229 21.42 17.01 47.84
N ALA C 230 22.11 18.12 47.56
CA ALA C 230 22.66 18.95 48.64
C ALA C 230 21.57 19.51 49.52
N TYR C 231 20.48 19.99 48.93
CA TYR C 231 19.36 20.55 49.68
C TYR C 231 18.57 19.40 50.28
N ARG C 232 18.96 19.01 51.49
CA ARG C 232 18.38 17.84 52.13
C ARG C 232 16.92 18.06 52.47
N GLN C 233 16.10 17.05 52.22
CA GLN C 233 14.68 17.05 52.55
C GLN C 233 14.36 15.99 53.58
N ASP C 234 15.23 15.85 54.59
CA ASP C 234 15.07 14.84 55.60
C ASP C 234 13.82 15.10 56.45
N GLY C 235 13.23 14.03 56.95
CA GLY C 235 12.02 14.10 57.74
C GLY C 235 10.78 13.77 56.91
N ALA C 236 9.66 13.62 57.63
CA ALA C 236 8.41 13.28 56.96
C ALA C 236 7.95 14.40 56.03
N ASP C 237 8.09 15.66 56.45
CA ASP C 237 7.64 16.78 55.66
C ASP C 237 8.65 17.10 54.56
N ASN C 238 8.31 18.08 53.72
CA ASN C 238 9.14 18.49 52.59
C ASN C 238 9.86 19.80 52.86
N ALA C 239 10.32 20.02 54.08
CA ALA C 239 10.98 21.25 54.47
C ALA C 239 12.49 21.09 54.41
N LEU C 240 13.19 22.17 54.04
CA LEU C 240 14.64 22.15 54.00
C LEU C 240 15.21 21.96 55.40
N THR C 241 16.16 21.04 55.53
CA THR C 241 16.75 20.71 56.82
C THR C 241 18.25 20.97 56.86
N GLY C 242 18.79 21.70 55.90
CA GLY C 242 20.21 22.01 55.90
C GLY C 242 20.87 21.83 54.55
N ILE C 243 22.12 22.25 54.43
CA ILE C 243 22.88 22.16 53.19
C ILE C 243 24.10 21.28 53.45
N ASN C 244 24.29 20.27 52.60
CA ASN C 244 25.41 19.35 52.74
C ASN C 244 26.62 19.88 51.97
N GLU C 245 27.76 19.96 52.67
CA GLU C 245 28.96 20.51 52.05
C GLU C 245 29.60 19.53 51.08
N GLU C 246 29.54 18.23 51.37
CA GLU C 246 30.16 17.25 50.49
C GLU C 246 29.50 17.21 49.12
N ASP C 247 28.18 17.35 49.08
CA ASP C 247 27.47 17.39 47.80
C ASP C 247 27.90 18.61 46.98
N LEU C 248 28.04 19.77 47.63
CA LEU C 248 28.50 20.96 46.93
C LEU C 248 29.92 20.79 46.43
N LYS C 249 30.78 20.15 47.23
CA LYS C 249 32.14 19.89 46.78
C LYS C 249 32.14 18.99 45.56
N GLN C 250 31.29 17.96 45.55
CA GLN C 250 31.17 17.09 44.37
C GLN C 250 30.66 17.86 43.17
N VAL C 251 29.70 18.77 43.39
CA VAL C 251 29.20 19.61 42.29
C VAL C 251 30.33 20.42 41.68
N VAL C 252 31.12 21.09 42.54
CA VAL C 252 32.23 21.89 42.05
C VAL C 252 33.24 21.03 41.33
N LYS C 253 33.48 19.81 41.83
CA LYS C 253 34.42 18.90 41.19
C LYS C 253 33.95 18.52 39.79
N TYR C 254 32.66 18.23 39.63
CA TYR C 254 32.14 17.72 38.36
C TYR C 254 31.68 18.83 37.42
N THR C 255 31.79 20.10 37.80
CA THR C 255 31.47 21.22 36.93
C THR C 255 32.71 22.00 36.51
N ASP C 256 33.89 21.40 36.65
CA ASP C 256 35.13 22.10 36.34
C ASP C 256 35.14 22.51 34.87
N PRO C 257 35.58 23.73 34.56
CA PRO C 257 35.59 24.18 33.16
C PRO C 257 36.49 23.36 32.25
N LEU C 258 37.48 22.66 32.81
CA LEU C 258 38.33 21.81 31.98
C LEU C 258 37.53 20.69 31.34
N ILE C 259 36.63 20.06 32.11
CA ILE C 259 35.82 18.99 31.56
C ILE C 259 34.92 19.50 30.45
N MET C 260 34.28 20.65 30.66
CA MET C 260 33.40 21.21 29.64
C MET C 260 34.18 21.61 28.39
N ALA C 261 35.35 22.23 28.56
CA ALA C 261 36.16 22.63 27.41
C ALA C 261 36.75 21.44 26.68
N LYS C 262 36.93 20.30 27.36
CA LYS C 262 37.44 19.11 26.70
C LYS C 262 36.47 18.61 25.64
N GLY C 263 35.17 18.73 25.90
CA GLY C 263 34.14 18.38 24.94
C GLY C 263 33.76 19.48 23.98
N GLY C 264 34.43 20.63 24.05
CA GLY C 264 34.12 21.74 23.16
C GLY C 264 32.77 22.37 23.37
N TYR C 265 32.39 22.60 24.62
CA TYR C 265 31.11 23.22 24.95
C TYR C 265 31.33 24.60 25.57
N GLY C 266 30.50 25.55 25.17
CA GLY C 266 30.60 26.90 25.70
C GLY C 266 29.38 27.70 25.33
N LEU C 267 29.30 28.90 25.89
CA LEU C 267 28.17 29.79 25.62
C LEU C 267 28.19 30.26 24.17
N GLU C 268 27.01 30.34 23.58
CA GLU C 268 26.89 30.85 22.22
C GLU C 268 27.13 32.35 22.18
N THR C 269 27.51 32.85 21.01
CA THR C 269 27.72 34.28 20.85
C THR C 269 26.43 35.06 20.98
N ASP C 270 25.30 34.46 20.57
CA ASP C 270 23.99 35.10 20.64
C ASP C 270 23.03 34.17 21.35
N TYR C 271 22.15 34.76 22.18
CA TYR C 271 21.20 33.96 22.94
C TYR C 271 20.21 33.24 22.04
N SER C 272 19.70 33.94 21.02
CA SER C 272 18.63 33.39 20.19
C SER C 272 19.05 32.13 19.44
N MET C 273 20.36 31.94 19.22
CA MET C 273 20.82 30.73 18.54
C MET C 273 20.52 29.48 19.35
N ASN C 274 20.25 29.61 20.65
CA ASN C 274 19.85 28.46 21.44
C ASN C 274 18.44 27.98 21.11
N PHE C 275 17.65 28.79 20.41
CA PHE C 275 16.26 28.45 20.12
C PHE C 275 15.92 28.73 18.66
N LEU C 276 16.83 28.40 17.75
CA LEU C 276 16.59 28.56 16.33
C LEU C 276 16.92 27.27 15.60
N PRO C 277 16.10 26.88 14.62
CA PRO C 277 16.39 25.65 13.87
C PRO C 277 17.71 25.69 13.13
N GLN C 278 18.15 26.87 12.68
CA GLN C 278 19.38 26.96 11.91
C GLN C 278 20.62 26.69 12.76
N TYR C 279 20.52 26.79 14.07
CA TYR C 279 21.65 26.63 14.96
C TYR C 279 21.45 25.46 15.93
N GLU C 280 20.88 24.37 15.44
CA GLU C 280 20.71 23.19 16.26
C GLU C 280 22.06 22.53 16.53
N ASN C 281 22.15 21.83 17.66
CA ASN C 281 23.35 21.12 18.08
C ASN C 281 24.55 22.07 18.14
N GLY C 282 24.34 23.22 18.77
CA GLY C 282 25.37 24.22 18.92
C GLY C 282 26.31 23.92 20.07
N ALA C 283 27.19 24.89 20.34
CA ALA C 283 28.16 24.73 21.42
C ALA C 283 27.47 24.66 22.78
N GLU C 284 26.46 25.50 22.99
CA GLU C 284 25.75 25.51 24.27
C GLU C 284 24.82 24.32 24.44
N SER C 285 24.43 23.66 23.35
CA SER C 285 23.56 22.49 23.41
C SER C 285 24.40 21.31 23.90
N VAL C 286 24.50 21.18 25.22
CA VAL C 286 25.27 20.08 25.80
C VAL C 286 24.63 18.74 25.46
N TRP C 287 23.30 18.65 25.61
CA TRP C 287 22.56 17.47 25.20
C TRP C 287 21.12 17.88 24.92
N ALA C 288 20.59 17.43 23.79
CA ALA C 288 19.25 17.80 23.38
C ALA C 288 18.55 16.59 22.77
N ILE C 289 17.22 16.63 22.80
CA ILE C 289 16.40 15.61 22.15
C ILE C 289 16.32 15.94 20.67
N GLN C 290 16.71 14.98 19.83
CA GLN C 290 16.80 15.22 18.40
C GLN C 290 15.43 15.01 17.75
N TYR C 291 14.80 16.11 17.35
CA TYR C 291 13.54 16.07 16.63
C TYR C 291 13.82 16.28 15.14
N SER C 292 13.22 15.43 14.31
CA SER C 292 13.52 15.42 12.89
C SER C 292 12.23 15.49 12.08
N ILE C 293 12.36 15.96 10.84
CA ILE C 293 11.26 16.03 9.89
C ILE C 293 11.70 15.41 8.59
N ASN C 294 10.73 14.91 7.82
CA ASN C 294 10.98 14.22 6.55
C ASN C 294 11.96 13.06 6.75
N ASP C 295 11.52 12.10 7.57
CA ASP C 295 12.37 10.98 7.97
C ASP C 295 11.66 9.64 7.83
N GLY C 296 10.65 9.54 6.98
CA GLY C 296 9.92 8.31 6.78
C GLY C 296 8.78 8.08 7.75
N THR C 297 8.62 8.92 8.76
CA THR C 297 7.51 8.82 9.68
C THR C 297 6.25 9.41 9.05
N TYR C 298 5.10 9.16 9.68
CA TYR C 298 3.84 9.67 9.16
C TYR C 298 3.85 11.19 9.08
N ASN C 299 4.33 11.85 10.14
CA ASN C 299 4.49 13.30 10.14
C ASN C 299 5.87 13.75 10.60
N GLY C 300 6.77 12.82 10.86
CA GLY C 300 8.09 13.17 11.37
C GLY C 300 8.14 13.15 12.88
N ASN C 301 9.35 12.95 13.41
CA ASN C 301 9.57 12.92 14.86
C ASN C 301 9.61 14.36 15.38
N LEU C 302 8.47 15.03 15.29
CA LEU C 302 8.35 16.41 15.71
C LEU C 302 8.13 16.49 17.22
N ASN C 303 8.25 17.70 17.76
CA ASN C 303 8.05 17.96 19.18
C ASN C 303 6.56 18.11 19.44
N TRP C 304 5.88 16.96 19.51
CA TRP C 304 4.44 16.96 19.75
C TRP C 304 4.07 17.43 21.15
N GLY C 305 5.02 17.37 22.09
CA GLY C 305 4.74 17.85 23.43
C GLY C 305 4.47 19.35 23.47
N MET C 306 5.11 20.11 22.59
CA MET C 306 4.93 21.55 22.53
C MET C 306 3.91 21.98 21.50
N GLY C 307 3.14 21.04 20.94
CA GLY C 307 2.16 21.39 19.92
C GLY C 307 1.07 22.30 20.43
N LEU C 308 0.68 22.14 21.70
CA LEU C 308 -0.35 23.00 22.28
C LEU C 308 0.13 24.44 22.46
N THR C 309 1.44 24.65 22.55
CA THR C 309 1.99 25.96 22.88
C THR C 309 1.96 26.95 21.73
N THR C 310 1.55 26.51 20.54
CA THR C 310 1.55 27.40 19.38
C THR C 310 0.51 28.52 19.56
N PRO C 311 0.79 29.70 19.03
CA PRO C 311 -0.14 30.83 19.19
C PRO C 311 -1.41 30.61 18.37
N GLN C 312 -2.38 31.49 18.61
CA GLN C 312 -3.64 31.43 17.87
C GLN C 312 -3.46 31.75 16.40
N ILE C 313 -2.42 32.49 16.03
CA ILE C 313 -2.15 32.75 14.62
C ILE C 313 -1.79 31.45 13.90
N LEU C 314 -1.09 30.54 14.59
CA LEU C 314 -0.80 29.23 14.03
C LEU C 314 -2.03 28.34 13.96
N GLY C 315 -3.13 28.72 14.62
CA GLY C 315 -4.39 28.04 14.42
C GLY C 315 -5.18 27.66 15.65
N CYS C 316 -4.55 27.22 16.74
CA CYS C 316 -5.36 26.76 17.87
C CYS C 316 -4.52 26.57 19.13
N CYS C 317 -5.25 26.48 20.24
CA CYS C 317 -4.87 25.98 21.56
C CYS C 317 -4.02 26.91 22.42
N ASP C 318 -3.38 27.92 21.84
CA ASP C 318 -2.81 29.06 22.57
C ASP C 318 -2.28 28.74 23.96
N PHE C 319 -1.52 27.66 24.12
CA PHE C 319 -1.08 27.27 25.46
C PHE C 319 0.28 27.86 25.80
N HIS C 320 0.64 27.73 27.08
CA HIS C 320 1.95 28.12 27.61
C HIS C 320 2.22 29.61 27.38
N LYS C 321 1.35 30.43 27.97
CA LYS C 321 1.45 31.87 27.84
C LYS C 321 2.24 32.45 29.00
N PRO C 322 3.36 33.14 28.75
CA PRO C 322 4.14 33.71 29.85
C PRO C 322 3.35 34.76 30.61
N SER C 323 3.65 34.87 31.90
CA SER C 323 2.93 35.77 32.80
C SER C 323 3.53 37.17 32.78
N GLN C 324 2.75 38.13 33.27
CA GLN C 324 3.23 39.51 33.40
C GLN C 324 4.35 39.60 34.42
N ASN C 325 4.37 38.71 35.40
CA ASN C 325 5.42 38.75 36.42
C ASN C 325 6.79 38.54 35.81
N LEU C 326 6.91 37.59 34.87
CA LEU C 326 8.20 37.36 34.20
C LEU C 326 8.61 38.58 33.38
N VAL C 327 7.66 39.20 32.69
CA VAL C 327 7.97 40.37 31.87
C VAL C 327 8.46 41.51 32.76
N ASN C 328 7.81 41.72 33.91
CA ASN C 328 8.28 42.73 34.84
C ASN C 328 9.64 42.36 35.43
N ALA C 329 9.90 41.07 35.62
CA ALA C 329 11.20 40.64 36.11
C ALA C 329 12.31 40.95 35.11
N PHE C 330 12.00 40.86 33.81
CA PHE C 330 13.00 41.17 32.79
C PHE C 330 13.36 42.65 32.77
N LYS C 331 12.56 43.50 33.41
CA LYS C 331 12.85 44.92 33.44
C LYS C 331 14.07 45.21 34.31
N THR C 332 14.91 46.13 33.84
CA THR C 332 16.14 46.52 34.54
C THR C 332 16.08 48.00 34.89
N ASP C 333 17.01 48.41 35.75
CA ASP C 333 17.09 49.80 36.20
C ASP C 333 18.02 50.59 35.29
N SER C 334 18.34 51.82 35.70
CA SER C 334 19.25 52.65 34.92
C SER C 334 20.69 52.15 34.97
N GLN C 335 21.05 51.38 36.00
CA GLN C 335 22.40 50.84 36.13
C GLN C 335 22.57 49.48 35.46
N GLY C 336 21.52 48.96 34.83
CA GLY C 336 21.58 47.67 34.18
C GLY C 336 21.32 46.49 35.08
N LYS C 337 20.98 46.71 36.35
CA LYS C 337 20.71 45.63 37.28
C LYS C 337 19.21 45.38 37.40
N PRO C 338 18.79 44.15 37.65
CA PRO C 338 17.36 43.88 37.83
C PRO C 338 16.82 44.55 39.09
N LEU C 339 15.55 44.93 39.02
CA LEU C 339 14.87 45.54 40.16
C LEU C 339 14.51 44.44 41.15
N PHE C 340 15.26 44.37 42.26
CA PHE C 340 15.09 43.27 43.20
C PHE C 340 13.84 43.40 44.04
N SER C 341 13.26 44.59 44.15
CA SER C 341 12.11 44.81 45.01
C SER C 341 10.96 45.58 44.37
N THR C 342 11.21 46.36 43.32
CA THR C 342 10.17 47.18 42.71
C THR C 342 9.92 46.80 41.25
N TYR C 343 10.23 45.56 40.87
CA TYR C 343 10.04 45.15 39.48
C TYR C 343 8.57 44.94 39.16
N ASP C 344 7.82 44.35 40.08
CA ASP C 344 6.42 44.01 39.85
C ASP C 344 5.45 45.06 40.35
N ASN C 345 5.95 46.19 40.87
CA ASN C 345 5.05 47.24 41.35
C ASN C 345 4.25 47.84 40.21
N GLU C 346 4.89 48.06 39.07
CA GLU C 346 4.21 48.60 37.88
C GLU C 346 4.60 47.76 36.67
N ASN C 347 3.68 47.69 35.71
CA ASN C 347 3.92 46.94 34.50
C ASN C 347 5.04 47.56 33.68
N TYR C 348 5.77 46.73 32.96
CA TYR C 348 6.89 47.20 32.16
C TYR C 348 6.38 48.10 31.03
N GLU C 349 7.07 49.23 30.83
CA GLU C 349 6.76 50.17 29.78
C GLU C 349 7.89 50.18 28.76
N VAL C 350 7.54 50.02 27.48
CA VAL C 350 8.57 49.92 26.45
C VAL C 350 9.31 51.24 26.28
N ALA C 351 8.64 52.37 26.51
CA ALA C 351 9.24 53.67 26.21
C ALA C 351 10.03 54.26 27.37
N THR C 352 9.73 53.89 28.60
CA THR C 352 10.33 54.54 29.76
C THR C 352 11.11 53.60 30.68
N ASP C 353 11.21 52.31 30.35
CA ASP C 353 11.88 51.35 31.22
C ASP C 353 12.97 50.62 30.45
N ASN C 354 14.17 50.55 31.03
CA ASN C 354 15.22 49.72 30.47
C ASN C 354 14.86 48.25 30.65
N VAL C 355 15.15 47.45 29.62
CA VAL C 355 14.74 46.06 29.58
C VAL C 355 15.92 45.19 29.16
N ASP C 356 16.03 44.02 29.78
CA ASP C 356 17.01 43.04 29.36
C ASP C 356 16.68 42.54 27.96
N PRO C 357 17.67 42.44 27.06
CA PRO C 357 17.38 41.93 25.71
C PRO C 357 16.88 40.49 25.69
N ARG C 358 17.09 39.73 26.77
CA ARG C 358 16.62 38.35 26.81
C ARG C 358 15.10 38.26 26.78
N LEU C 359 14.39 39.34 27.10
CA LEU C 359 12.93 39.31 27.11
C LEU C 359 12.37 39.03 25.71
N PHE C 360 12.94 39.69 24.70
CA PHE C 360 12.43 39.53 23.33
C PHE C 360 12.83 38.20 22.71
N HIS C 361 13.77 37.48 23.29
CA HIS C 361 14.08 36.12 22.89
C HIS C 361 13.26 35.09 23.65
N THR C 362 12.47 35.51 24.63
CA THR C 362 11.70 34.61 25.48
C THR C 362 10.20 34.87 25.38
N VAL C 363 9.77 36.13 25.49
CA VAL C 363 8.36 36.48 25.52
C VAL C 363 8.04 37.35 24.32
N GLY C 364 6.99 36.98 23.59
CA GLY C 364 6.53 37.78 22.47
C GLY C 364 5.44 38.76 22.89
N MET C 365 5.80 40.00 23.12
CA MET C 365 4.85 41.00 23.56
C MET C 365 4.03 41.55 22.39
N PRO C 366 2.82 42.03 22.65
CA PRO C 366 2.04 42.66 21.58
C PRO C 366 2.75 43.90 21.03
N GLY C 367 2.56 44.14 19.74
CA GLY C 367 3.22 45.24 19.08
C GLY C 367 4.64 44.98 18.63
N PHE C 368 5.10 43.73 18.71
CA PHE C 368 6.45 43.36 18.32
C PHE C 368 6.41 42.18 17.37
N PRO C 369 7.43 42.03 16.52
CA PRO C 369 7.46 40.89 15.59
C PRO C 369 7.45 39.57 16.34
N TYR C 370 6.76 38.58 15.77
CA TYR C 370 6.65 37.26 16.36
C TYR C 370 7.75 36.36 15.81
N LYS C 371 8.63 35.90 16.70
CA LYS C 371 9.77 35.06 16.31
C LYS C 371 10.62 35.74 15.24
N TYR C 372 10.91 37.02 15.47
CA TYR C 372 11.77 37.81 14.58
C TYR C 372 11.25 37.84 13.15
N ASN C 373 9.93 37.85 12.98
CA ASN C 373 9.30 37.92 11.67
C ASN C 373 8.53 39.22 11.56
N GLU C 374 8.95 40.09 10.62
CA GLU C 374 8.29 41.38 10.47
C GLU C 374 6.88 41.23 9.90
N GLY C 375 6.60 40.13 9.21
CA GLY C 375 5.30 39.93 8.63
C GLY C 375 4.22 39.57 9.61
N TYR C 376 4.58 39.20 10.85
CA TYR C 376 3.63 38.86 11.89
C TYR C 376 3.84 39.79 13.07
N ILE C 377 2.81 40.54 13.44
CA ILE C 377 2.86 41.47 14.56
C ILE C 377 1.80 41.03 15.58
N ILE C 378 2.23 40.85 16.83
CA ILE C 378 1.33 40.41 17.87
C ILE C 378 0.40 41.55 18.26
N GLN C 379 -0.90 41.26 18.32
CA GLN C 379 -1.91 42.25 18.65
C GLN C 379 -2.80 41.72 19.77
N LYS C 380 -3.40 42.65 20.51
CA LYS C 380 -4.31 42.29 21.60
C LYS C 380 -5.73 42.10 21.04
N ASN C 381 -5.87 41.04 20.24
CA ASN C 381 -7.15 40.69 19.63
C ASN C 381 -7.32 39.18 19.67
N ASP C 382 -8.42 38.70 19.09
CA ASP C 382 -8.71 37.28 19.07
C ASP C 382 -7.78 36.49 18.16
N ASP C 383 -7.04 37.16 17.27
CA ASP C 383 -6.10 36.47 16.40
C ASP C 383 -4.87 35.96 17.14
N TRP C 384 -4.62 36.44 18.36
CA TRP C 384 -3.47 36.01 19.13
C TRP C 384 -3.83 35.51 20.52
N SER C 385 -5.11 35.55 20.91
CA SER C 385 -5.54 35.08 22.22
C SER C 385 -6.77 34.20 22.05
N ARG C 386 -6.74 33.04 22.71
CA ARG C 386 -7.88 32.12 22.66
C ARG C 386 -8.83 32.30 23.83
N SER C 387 -8.34 32.81 24.96
CA SER C 387 -9.14 33.00 26.15
C SER C 387 -9.75 34.40 26.24
N LYS C 388 -9.59 35.21 25.19
CA LYS C 388 -10.15 36.56 25.14
C LYS C 388 -9.62 37.43 26.28
N GLY C 389 -8.31 37.38 26.47
CA GLY C 389 -7.65 38.20 27.47
C GLY C 389 -7.63 37.63 28.87
N LEU C 390 -8.18 36.44 29.09
CA LEU C 390 -8.15 35.84 30.42
C LEU C 390 -6.72 35.54 30.87
N TYR C 391 -5.89 35.03 29.96
CA TYR C 391 -4.51 34.69 30.26
C TYR C 391 -3.53 35.67 29.61
N GLY C 392 -3.97 36.88 29.33
CA GLY C 392 -3.11 37.87 28.72
C GLY C 392 -2.95 37.66 27.23
N TYR C 393 -1.98 38.39 26.66
CA TYR C 393 -1.71 38.32 25.23
C TYR C 393 -0.24 38.03 24.93
N TYR C 394 0.50 37.51 25.91
CA TYR C 394 1.90 37.20 25.71
C TYR C 394 2.05 35.81 25.10
N VAL C 395 3.09 35.67 24.27
CA VAL C 395 3.34 34.43 23.53
C VAL C 395 4.76 33.97 23.84
N SER C 396 4.91 32.70 24.23
CA SER C 396 6.23 32.13 24.42
C SER C 396 6.90 31.91 23.08
N LEU C 397 8.21 32.17 23.01
CA LEU C 397 8.95 32.09 21.77
C LEU C 397 10.06 31.05 21.76
N LYS C 398 10.48 30.54 22.91
CA LYS C 398 11.62 29.63 22.94
C LYS C 398 11.30 28.32 22.22
N GLU C 399 10.12 27.76 22.43
CA GLU C 399 9.74 26.52 21.77
C GLU C 399 9.03 26.74 20.44
N ASN C 400 8.66 27.96 20.11
CA ASN C 400 8.01 28.25 18.85
C ASN C 400 9.04 28.59 17.77
N VAL C 401 8.62 28.47 16.52
CA VAL C 401 9.47 28.73 15.37
C VAL C 401 8.74 29.69 14.43
N ASP C 402 9.49 30.19 13.46
CA ASP C 402 8.90 31.08 12.46
C ASP C 402 7.86 30.32 11.64
N PRO C 403 6.71 30.93 11.35
CA PRO C 403 5.70 30.24 10.52
C PRO C 403 6.20 29.89 9.14
N ASP C 404 7.23 30.57 8.64
CA ASP C 404 7.82 30.26 7.34
C ASP C 404 9.12 29.46 7.48
N CYS C 405 9.24 28.66 8.55
CA CYS C 405 10.47 27.91 8.77
C CYS C 405 10.70 26.85 7.70
N ASP C 406 9.63 26.18 7.25
CA ASP C 406 9.55 24.92 6.51
C ASP C 406 9.91 23.74 7.41
N CYS C 407 10.31 23.99 8.66
CA CYS C 407 10.53 22.97 9.67
C CYS C 407 9.29 22.74 10.53
N LEU C 408 8.19 23.42 10.24
CA LEU C 408 6.94 23.31 10.98
C LEU C 408 5.91 22.57 10.14
N LYS C 409 5.28 21.57 10.74
CA LYS C 409 4.33 20.73 10.02
C LYS C 409 3.04 20.60 10.83
N LYS C 410 1.93 20.44 10.12
CA LYS C 410 0.61 20.30 10.72
C LYS C 410 0.24 18.82 10.74
N GLY C 411 0.32 18.21 11.92
CA GLY C 411 -0.04 16.82 12.11
C GLY C 411 -1.20 16.66 13.07
N SER C 412 -2.22 17.49 12.91
CA SER C 412 -3.35 17.75 13.81
C SER C 412 -2.91 18.61 14.99
N TYR C 413 -1.63 18.89 15.14
CA TYR C 413 -1.11 19.84 16.11
C TYR C 413 0.18 20.42 15.53
N TRP C 414 0.29 21.75 15.55
CA TRP C 414 1.46 22.39 14.95
C TRP C 414 2.69 22.08 15.78
N ALA C 415 3.59 21.27 15.21
CA ALA C 415 4.83 20.89 15.87
C ALA C 415 6.00 21.09 14.91
N SER C 416 7.16 21.38 15.47
CA SER C 416 8.36 21.65 14.68
C SER C 416 9.44 20.64 15.02
N SER C 417 10.54 20.71 14.29
CA SER C 417 11.69 19.83 14.48
C SER C 417 12.78 20.46 15.33
N LEU C 418 12.49 21.59 15.97
CA LEU C 418 13.48 22.24 16.83
C LEU C 418 13.82 21.34 18.01
N ASN C 419 15.12 21.20 18.26
CA ASN C 419 15.58 20.33 19.33
C ASN C 419 15.27 20.92 20.70
N HIS C 420 14.89 20.07 21.63
CA HIS C 420 14.67 20.47 23.01
C HIS C 420 15.96 20.26 23.80
N ILE C 421 16.60 21.36 24.17
CA ILE C 421 17.91 21.29 24.83
C ILE C 421 17.69 20.99 26.31
N VAL C 422 18.02 19.76 26.72
CA VAL C 422 17.87 19.37 28.11
C VAL C 422 18.90 20.08 28.98
N ILE C 423 20.15 20.14 28.52
CA ILE C 423 21.26 20.72 29.28
C ILE C 423 21.87 21.85 28.47
N ARG C 424 21.98 23.02 29.08
CA ARG C 424 22.64 24.17 28.47
C ARG C 424 23.85 24.55 29.30
N TYR C 425 24.87 25.09 28.63
CA TYR C 425 26.08 25.49 29.33
C TYR C 425 25.82 26.59 30.34
N ALA C 426 24.85 27.47 30.06
CA ALA C 426 24.47 28.48 31.03
C ALA C 426 23.95 27.84 32.30
N ASP C 427 23.23 26.73 32.17
CA ASP C 427 22.78 26.00 33.35
C ASP C 427 23.96 25.48 34.15
N VAL C 428 24.98 24.94 33.46
CA VAL C 428 26.16 24.44 34.16
C VAL C 428 26.85 25.56 34.92
N LEU C 429 27.00 26.72 34.27
CA LEU C 429 27.62 27.86 34.93
C LEU C 429 26.83 28.31 36.14
N LEU C 430 25.49 28.34 36.02
CA LEU C 430 24.67 28.79 37.14
C LEU C 430 24.71 27.81 38.31
N MET C 431 24.71 26.50 38.03
CA MET C 431 24.88 25.52 39.09
C MET C 431 26.23 25.66 39.77
N ARG C 432 27.29 25.89 38.99
CA ARG C 432 28.61 26.09 39.59
C ARG C 432 28.61 27.32 40.49
N ALA C 433 28.01 28.42 40.03
CA ALA C 433 27.94 29.63 40.83
C ALA C 433 27.15 29.40 42.10
N GLU C 434 26.02 28.69 42.01
CA GLU C 434 25.20 28.42 43.19
C GLU C 434 25.96 27.55 44.19
N ALA C 435 26.68 26.54 43.70
CA ALA C 435 27.47 25.70 44.60
C ALA C 435 28.57 26.50 45.28
N LEU C 436 29.24 27.37 44.53
CA LEU C 436 30.28 28.20 45.13
C LEU C 436 29.72 29.15 46.17
N ILE C 437 28.55 29.73 45.90
CA ILE C 437 27.93 30.63 46.86
C ILE C 437 27.53 29.88 48.12
N GLN C 438 26.92 28.70 47.97
CA GLN C 438 26.49 27.93 49.13
C GLN C 438 27.67 27.42 49.94
N LEU C 439 28.79 27.10 49.29
CA LEU C 439 29.97 26.65 50.02
C LEU C 439 30.49 27.75 50.94
N ASN C 440 30.53 29.00 50.44
CA ASN C 440 30.97 30.16 51.21
C ASN C 440 32.41 29.99 51.69
N ASP C 441 33.21 29.22 50.97
CA ASP C 441 34.61 29.00 51.33
C ASP C 441 35.53 30.00 50.62
N GLY C 442 35.21 31.27 50.74
CA GLY C 442 36.02 32.32 50.12
C GLY C 442 36.11 32.22 48.61
N ARG C 443 35.00 31.86 47.95
CA ARG C 443 34.99 31.75 46.50
C ARG C 443 33.73 32.37 45.89
N ILE C 444 33.19 33.40 46.55
CA ILE C 444 32.02 34.09 46.00
C ILE C 444 32.38 34.83 44.72
N THR C 445 33.62 35.33 44.63
CA THR C 445 34.02 36.11 43.46
C THR C 445 33.98 35.28 42.19
N ASP C 446 34.24 33.97 42.28
CA ASP C 446 34.14 33.12 41.10
C ASP C 446 32.70 33.01 40.63
N ALA C 447 31.75 32.88 41.56
CA ALA C 447 30.33 32.88 41.19
C ALA C 447 29.93 34.21 40.59
N ILE C 448 30.44 35.31 41.14
CA ILE C 448 30.15 36.63 40.58
C ILE C 448 30.70 36.73 39.16
N SER C 449 31.89 36.18 38.92
CA SER C 449 32.46 36.19 37.57
C SER C 449 31.61 35.37 36.60
N LEU C 450 31.12 34.21 37.06
CA LEU C 450 30.25 33.41 36.20
C LEU C 450 28.96 34.15 35.86
N ILE C 451 28.35 34.79 36.86
CA ILE C 451 27.14 35.56 36.62
C ILE C 451 27.42 36.72 35.66
N ASN C 452 28.57 37.37 35.81
CA ASN C 452 28.95 38.45 34.92
C ASN C 452 29.15 37.94 33.50
N GLU C 453 29.72 36.74 33.35
CA GLU C 453 29.87 36.14 32.03
C GLU C 453 28.51 35.89 31.38
N VAL C 454 27.57 35.36 32.15
CA VAL C 454 26.23 35.12 31.63
C VAL C 454 25.57 36.44 31.22
N ARG C 455 25.71 37.47 32.06
CA ARG C 455 25.10 38.76 31.74
C ARG C 455 25.76 39.41 30.52
N SER C 456 27.07 39.22 30.37
CA SER C 456 27.77 39.75 29.20
C SER C 456 27.31 39.03 27.93
N ARG C 457 27.10 37.72 28.03
CA ARG C 457 26.52 37.00 26.89
C ARG C 457 25.14 37.53 26.56
N ALA C 458 24.33 37.81 27.58
CA ALA C 458 22.99 38.35 27.36
C ALA C 458 23.04 39.73 26.70
N ALA C 459 23.97 40.58 27.14
CA ALA C 459 24.01 41.96 26.66
C ALA C 459 24.30 42.02 25.16
N GLY C 460 25.21 41.19 24.68
CA GLY C 460 25.54 41.18 23.27
C GLY C 460 24.58 40.43 22.38
N SER C 461 23.52 39.87 22.95
CA SER C 461 22.54 39.09 22.19
C SER C 461 21.48 40.03 21.61
N THR C 462 21.91 40.81 20.61
CA THR C 462 21.02 41.73 19.93
C THR C 462 21.22 41.67 18.41
N MET C 463 21.59 40.50 17.88
CA MET C 463 21.83 40.38 16.46
C MET C 463 20.54 40.37 15.64
N LEU C 464 19.40 40.06 16.25
CA LEU C 464 18.13 40.04 15.55
C LEU C 464 17.14 41.07 16.09
N ILE C 465 17.48 41.79 17.16
CA ILE C 465 16.57 42.75 17.77
C ILE C 465 17.26 44.11 17.87
N PHE C 466 18.28 44.33 17.05
CA PHE C 466 19.03 45.58 17.11
C PHE C 466 18.18 46.75 16.63
N ASN C 467 17.33 46.54 15.63
CA ASN C 467 16.55 47.62 15.05
C ASN C 467 15.41 48.09 15.93
N TYR C 468 15.08 47.35 16.99
CA TYR C 468 13.96 47.72 17.84
C TYR C 468 14.12 49.13 18.40
N LYS C 469 15.35 49.51 18.74
CA LYS C 469 15.59 50.85 19.27
C LYS C 469 15.13 51.92 18.30
N GLU C 470 15.33 51.70 17.00
CA GLU C 470 14.88 52.65 15.99
C GLU C 470 13.53 52.26 15.38
N ASP C 471 12.86 51.26 15.94
CA ASP C 471 11.55 50.85 15.45
C ASP C 471 10.46 50.85 16.51
N TYR C 472 10.80 50.60 17.78
CA TYR C 472 9.80 50.58 18.83
C TYR C 472 10.24 51.32 20.09
N GLY C 473 11.37 52.02 20.05
CA GLY C 473 11.84 52.74 21.23
C GLY C 473 12.21 51.84 22.39
N VAL C 474 12.90 50.75 22.12
CA VAL C 474 13.29 49.80 23.17
C VAL C 474 14.68 50.15 23.66
N ASN C 475 14.82 50.29 24.97
CA ASN C 475 16.10 50.64 25.60
C ASN C 475 16.68 49.40 26.26
N PHE C 476 17.86 48.98 25.80
CA PHE C 476 18.56 47.84 26.37
C PHE C 476 19.65 48.35 27.31
N LYS C 477 19.67 47.81 28.52
CA LYS C 477 20.66 48.22 29.52
C LYS C 477 20.94 47.03 30.44
N VAL C 478 22.02 46.32 30.17
CA VAL C 478 22.48 45.20 30.99
C VAL C 478 23.97 45.35 31.21
N THR C 479 24.39 45.33 32.47
CA THR C 479 25.80 45.47 32.81
C THR C 479 26.20 44.39 33.82
N PRO C 480 27.42 43.87 33.71
CA PRO C 480 27.88 42.88 34.69
C PRO C 480 28.06 43.50 36.06
N TYR C 481 27.89 42.66 37.09
CA TYR C 481 28.10 43.10 38.46
C TYR C 481 29.59 43.37 38.70
N ASP C 482 29.87 44.36 39.54
CA ASP C 482 31.24 44.67 39.90
C ASP C 482 31.86 43.56 40.73
N LEU C 483 33.13 43.26 40.45
CA LEU C 483 33.84 42.20 41.16
C LEU C 483 34.34 42.75 42.50
N LYS C 484 33.68 42.34 43.58
CA LYS C 484 34.05 42.77 44.92
C LYS C 484 33.45 41.79 45.92
N ALA C 485 33.61 42.10 47.21
CA ALA C 485 33.07 41.24 48.25
C ALA C 485 31.55 41.39 48.31
N TYR C 486 30.86 40.25 48.34
CA TYR C 486 29.41 40.23 48.41
C TYR C 486 28.97 39.33 49.56
N ALA C 487 27.90 39.72 50.23
CA ALA C 487 27.31 38.88 51.26
C ALA C 487 26.66 37.65 50.63
N GLN C 488 26.54 36.59 51.44
CA GLN C 488 26.00 35.34 50.92
C GLN C 488 24.55 35.50 50.46
N ASP C 489 23.73 36.20 51.25
CA ASP C 489 22.33 36.38 50.88
C ASP C 489 22.18 37.23 49.64
N GLU C 490 22.96 38.31 49.53
CA GLU C 490 22.88 39.17 48.35
C GLU C 490 23.31 38.42 47.09
N ALA C 491 24.40 37.66 47.19
CA ALA C 491 24.86 36.87 46.06
C ALA C 491 23.84 35.81 45.67
N MET C 492 23.23 35.16 46.67
CA MET C 492 22.21 34.16 46.38
C MET C 492 21.00 34.78 45.70
N LYS C 493 20.60 35.98 46.15
CA LYS C 493 19.49 36.68 45.51
C LYS C 493 19.82 37.02 44.07
N MET C 494 21.03 37.50 43.81
CA MET C 494 21.43 37.81 42.44
C MET C 494 21.47 36.55 41.58
N LEU C 495 21.92 35.44 42.15
CA LEU C 495 21.92 34.17 41.41
C LEU C 495 20.49 33.74 41.09
N LYS C 496 19.56 33.88 42.05
CA LYS C 496 18.17 33.55 41.80
C LYS C 496 17.61 34.42 40.67
N TRP C 497 17.91 35.71 40.70
CA TRP C 497 17.40 36.61 39.67
C TRP C 497 17.98 36.26 38.29
N GLU C 498 19.27 35.92 38.25
CA GLU C 498 19.88 35.52 36.99
C GLU C 498 19.27 34.24 36.45
N ARG C 499 19.00 33.28 37.34
CA ARG C 499 18.34 32.05 36.91
C ARG C 499 16.93 32.34 36.39
N ARG C 500 16.20 33.22 37.07
CA ARG C 500 14.84 33.54 36.65
C ARG C 500 14.83 34.22 35.28
N VAL C 501 15.73 35.17 35.06
CA VAL C 501 15.76 35.89 33.79
C VAL C 501 16.48 35.14 32.68
N GLU C 502 17.18 34.06 33.01
CA GLU C 502 17.91 33.27 32.01
C GLU C 502 17.13 32.06 31.53
N PHE C 503 16.40 31.39 32.42
CA PHE C 503 15.68 30.17 32.09
C PHE C 503 14.17 30.37 32.19
N GLY C 504 13.70 31.53 31.76
CA GLY C 504 12.27 31.72 31.62
C GLY C 504 11.73 30.84 30.50
N MET C 505 10.50 30.37 30.69
CA MET C 505 9.78 29.52 29.74
C MET C 505 10.45 28.16 29.55
N GLU C 506 11.52 27.85 30.30
CA GLU C 506 12.26 26.62 30.12
C GLU C 506 11.87 25.53 31.13
N SER C 507 10.82 25.78 31.92
CA SER C 507 10.23 24.75 32.78
C SER C 507 11.20 24.27 33.85
N SER C 508 11.78 25.22 34.58
CA SER C 508 12.64 24.90 35.70
C SER C 508 12.45 25.83 36.89
N ARG C 509 11.51 26.76 36.84
CA ARG C 509 11.34 27.73 37.91
C ARG C 509 10.76 27.07 39.16
N PHE C 510 9.71 26.26 38.99
CA PHE C 510 9.07 25.62 40.14
C PHE C 510 10.02 24.63 40.82
N PHE C 511 10.78 23.88 40.03
CA PHE C 511 11.75 22.95 40.62
C PHE C 511 12.82 23.70 41.41
N ASP C 512 13.30 24.82 40.88
CA ASP C 512 14.27 25.63 41.62
C ASP C 512 13.67 26.17 42.91
N LEU C 513 12.42 26.62 42.86
CA LEU C 513 11.77 27.13 44.07
C LEU C 513 11.62 26.02 45.11
N VAL C 514 11.26 24.81 44.68
CA VAL C 514 11.13 23.69 45.60
C VAL C 514 12.48 23.33 46.20
N ARG C 515 13.53 23.30 45.38
CA ARG C 515 14.86 22.97 45.87
C ARG C 515 15.35 24.00 46.88
N TRP C 516 15.11 25.29 46.61
CA TRP C 516 15.55 26.33 47.52
C TRP C 516 14.72 26.36 48.80
N GLY C 517 13.55 25.72 48.81
CA GLY C 517 12.70 25.70 49.99
C GLY C 517 11.85 26.93 50.19
N GLU C 518 11.87 27.88 49.25
CA GLU C 518 11.09 29.10 49.36
C GLU C 518 9.89 29.11 48.40
N ALA C 519 9.43 27.92 47.99
CA ALA C 519 8.36 27.85 47.02
C ALA C 519 7.07 28.45 47.56
N LYS C 520 6.76 28.19 48.83
CA LYS C 520 5.47 28.61 49.39
C LYS C 520 5.33 30.13 49.38
N ASP C 521 6.33 30.84 49.90
CA ASP C 521 6.24 32.30 50.00
C ASP C 521 6.18 32.94 48.62
N VAL C 522 7.04 32.49 47.69
CA VAL C 522 7.07 33.06 46.36
C VAL C 522 5.75 32.81 45.63
N ILE C 523 5.21 31.59 45.75
CA ILE C 523 3.97 31.26 45.07
C ILE C 523 2.81 32.06 45.66
N ASN C 524 2.77 32.22 46.99
CA ASN C 524 1.72 33.02 47.59
C ASN C 524 1.80 34.48 47.16
N ALA C 525 3.02 35.04 47.12
CA ALA C 525 3.18 36.41 46.67
C ALA C 525 2.75 36.57 45.21
N TYR C 526 3.11 35.59 44.37
CA TYR C 526 2.69 35.62 42.97
C TYR C 526 1.19 35.56 42.83
N TYR C 527 0.54 34.69 43.62
CA TYR C 527 -0.92 34.60 43.59
C TYR C 527 -1.56 35.93 43.99
N VAL C 528 -1.07 36.53 45.07
CA VAL C 528 -1.64 37.78 45.55
C VAL C 528 -1.44 38.89 44.50
N THR C 529 -0.26 38.96 43.92
CA THR C 529 0.03 40.01 42.94
C THR C 529 -0.79 39.84 41.68
N GLU C 530 -0.93 38.61 41.18
CA GLU C 530 -1.59 38.36 39.91
C GLU C 530 -3.09 38.14 40.03
N ALA C 531 -3.64 38.11 41.25
CA ALA C 531 -5.09 38.00 41.38
C ALA C 531 -5.79 39.23 40.79
N SER C 532 -5.13 40.38 40.78
CA SER C 532 -5.74 41.58 40.24
C SER C 532 -5.85 41.50 38.72
N ARG C 533 -4.79 41.09 38.04
CA ARG C 533 -4.76 41.03 36.59
C ARG C 533 -5.17 39.68 36.02
N CYS C 534 -5.45 38.69 36.87
CA CYS C 534 -5.90 37.38 36.43
C CYS C 534 -6.90 36.85 37.45
N SER C 535 -8.14 36.61 36.99
CA SER C 535 -9.19 36.18 37.90
C SER C 535 -9.02 34.73 38.35
N ILE C 536 -8.25 33.93 37.60
CA ILE C 536 -8.09 32.51 37.95
C ILE C 536 -7.44 32.36 39.32
N TYR C 537 -6.67 33.35 39.74
CA TYR C 537 -5.99 33.32 41.04
C TYR C 537 -6.85 33.96 42.14
N LYS C 538 -8.15 34.09 41.92
CA LYS C 538 -9.02 34.66 42.95
C LYS C 538 -9.06 33.78 44.19
N ASN C 539 -9.12 32.46 44.00
CA ASN C 539 -9.21 31.52 45.12
C ASN C 539 -7.97 30.63 45.21
N ALA C 540 -6.87 31.03 44.60
CA ALA C 540 -5.66 30.21 44.63
C ALA C 540 -5.03 30.21 46.02
N GLY C 541 -4.39 29.09 46.35
CA GLY C 541 -3.73 28.94 47.64
C GLY C 541 -2.73 27.80 47.66
N PHE C 542 -1.55 28.05 48.22
CA PHE C 542 -0.47 27.08 48.24
C PHE C 542 -0.27 26.56 49.66
N THR C 543 -0.26 25.25 49.82
CA THR C 543 -0.06 24.63 51.13
C THR C 543 1.42 24.51 51.45
N GLU C 544 1.74 24.67 52.74
CA GLU C 544 3.13 24.74 53.16
C GLU C 544 3.89 23.45 52.86
N ASN C 545 3.27 22.29 53.12
CA ASN C 545 3.96 21.02 52.98
C ASN C 545 3.13 20.01 52.19
N LYS C 546 2.34 20.48 51.24
CA LYS C 546 1.54 19.55 50.44
C LYS C 546 1.70 19.75 48.94
N ASN C 547 1.85 20.99 48.48
CA ASN C 547 1.77 21.31 47.06
C ASN C 547 3.14 21.51 46.41
N GLU C 548 4.23 21.21 47.13
CA GLU C 548 5.56 21.32 46.54
C GLU C 548 5.97 20.07 45.78
N TYR C 549 5.17 19.01 45.82
CA TYR C 549 5.43 17.79 45.08
C TYR C 549 4.12 17.19 44.61
N LEU C 550 4.12 16.62 43.41
CA LEU C 550 2.94 15.94 42.91
C LEU C 550 2.65 14.69 43.75
N PRO C 551 1.41 14.45 44.13
CA PRO C 551 1.10 13.25 44.90
C PRO C 551 1.30 11.99 44.08
N VAL C 552 1.66 10.91 44.77
CA VAL C 552 1.74 9.61 44.10
C VAL C 552 0.36 9.22 43.60
N PRO C 553 0.22 8.77 42.34
CA PRO C 553 -1.11 8.48 41.81
C PRO C 553 -1.83 7.42 42.64
N PHE C 554 -3.14 7.63 42.83
CA PHE C 554 -3.93 6.70 43.62
C PHE C 554 -4.04 5.34 42.94
N GLU C 555 -4.08 5.32 41.61
CA GLU C 555 -4.15 4.05 40.90
C GLU C 555 -2.92 3.19 41.16
N GLN C 556 -1.73 3.81 41.17
CA GLN C 556 -0.51 3.05 41.45
C GLN C 556 -0.51 2.50 42.86
N ILE C 557 -0.95 3.30 43.84
CA ILE C 557 -1.00 2.84 45.23
C ILE C 557 -1.98 1.69 45.38
N SER C 558 -3.13 1.79 44.71
CA SER C 558 -4.10 0.70 44.76
C SER C 558 -3.55 -0.56 44.11
N ALA C 559 -2.84 -0.40 42.98
CA ALA C 559 -2.28 -1.55 42.29
C ALA C 559 -1.23 -2.26 43.13
N SER C 560 -0.38 -1.49 43.81
CA SER C 560 0.65 -2.04 44.69
C SER C 560 0.24 -1.73 46.12
N ASN C 561 -0.58 -2.62 46.69
CA ASN C 561 -1.10 -2.40 48.03
C ASN C 561 -0.01 -2.62 49.07
N GLY C 562 0.02 -1.74 50.07
CA GLY C 562 0.98 -1.86 51.15
C GLY C 562 2.43 -1.67 50.74
N ASN C 563 2.67 -1.05 49.59
CA ASN C 563 4.03 -0.82 49.13
C ASN C 563 4.32 0.63 48.81
N TYR C 564 3.35 1.37 48.31
CA TYR C 564 3.53 2.77 47.96
C TYR C 564 2.92 3.64 49.05
N THR C 565 3.69 4.63 49.52
CA THR C 565 3.23 5.55 50.54
C THR C 565 3.05 6.94 49.92
N GLN C 566 1.92 7.56 50.19
CA GLN C 566 1.63 8.88 49.65
C GLN C 566 2.56 9.92 50.29
N ASN C 567 2.81 10.99 49.56
CA ASN C 567 3.65 12.08 50.06
C ASN C 567 2.98 12.76 51.25
N PHE C 568 3.78 13.51 51.99
CA PHE C 568 3.29 14.20 53.18
C PHE C 568 2.26 15.26 52.80
N GLY C 569 1.26 15.42 53.66
CA GLY C 569 0.22 16.40 53.46
C GLY C 569 -1.02 15.90 52.75
N TRP C 570 -1.00 14.69 52.22
CA TRP C 570 -2.17 14.13 51.54
C TRP C 570 -2.86 13.08 52.40
N ARG D 118 -40.69 -27.83 17.67
CA ARG D 118 -39.82 -28.92 18.05
C ARG D 118 -38.43 -28.41 18.41
N LYS D 119 -38.09 -28.45 19.69
CA LYS D 119 -36.79 -28.01 20.16
C LYS D 119 -35.72 -29.02 19.77
N ALA D 120 -34.52 -28.52 19.48
CA ALA D 120 -33.44 -29.39 19.01
C ALA D 120 -32.76 -30.11 20.17
N ASP D 121 -33.10 -29.74 21.41
CA ASP D 121 -32.50 -30.38 22.58
C ASP D 121 -33.55 -31.04 23.45
N LEU D 122 -34.69 -30.36 23.65
CA LEU D 122 -35.84 -30.86 24.39
C LEU D 122 -35.56 -31.03 25.89
N THR D 123 -34.32 -30.77 26.33
CA THR D 123 -33.99 -30.90 27.75
C THR D 123 -33.10 -29.76 28.25
N GLY D 124 -33.06 -28.63 27.55
CA GLY D 124 -32.25 -27.51 27.95
C GLY D 124 -32.98 -26.20 27.77
N ALA D 125 -32.31 -25.12 28.15
CA ALA D 125 -32.87 -23.77 28.04
C ALA D 125 -32.76 -23.32 26.59
N VAL D 126 -33.78 -23.65 25.80
CA VAL D 126 -33.83 -23.33 24.38
C VAL D 126 -35.05 -22.47 24.13
N SER D 127 -34.84 -21.34 23.45
CA SER D 127 -35.93 -20.43 23.09
C SER D 127 -36.11 -20.48 21.58
N VAL D 128 -37.32 -20.80 21.14
CA VAL D 128 -37.65 -20.88 19.73
C VAL D 128 -38.34 -19.58 19.32
N VAL D 129 -37.78 -18.90 18.33
CA VAL D 129 -38.30 -17.62 17.86
C VAL D 129 -39.16 -17.87 16.63
N LYS D 130 -40.37 -17.32 16.64
CA LYS D 130 -41.28 -17.45 15.49
C LYS D 130 -40.77 -16.56 14.36
N VAL D 131 -40.29 -17.19 13.28
CA VAL D 131 -39.66 -16.43 12.20
C VAL D 131 -40.70 -15.59 11.45
N ASP D 132 -41.96 -16.02 11.44
CA ASP D 132 -42.99 -15.26 10.73
C ASP D 132 -43.15 -13.87 11.33
N GLU D 133 -43.11 -13.76 12.66
CA GLU D 133 -43.19 -12.46 13.30
C GLU D 133 -41.90 -11.66 13.12
N ILE D 134 -40.78 -12.35 12.85
CA ILE D 134 -39.51 -11.67 12.68
C ILE D 134 -39.51 -10.84 11.39
N GLN D 135 -39.98 -11.45 10.29
CA GLN D 135 -40.02 -10.74 9.02
C GLN D 135 -41.03 -9.60 9.00
N LYS D 136 -41.94 -9.57 9.97
CA LYS D 136 -42.94 -8.49 10.01
C LYS D 136 -42.29 -7.14 10.25
N GLN D 137 -41.27 -7.09 11.12
CA GLN D 137 -40.61 -5.83 11.42
C GLN D 137 -39.85 -5.27 10.21
N GLY D 138 -39.53 -6.10 9.23
CA GLY D 138 -38.85 -5.63 8.04
C GLY D 138 -37.47 -5.06 8.30
N GLU D 139 -36.68 -5.72 9.14
CA GLU D 139 -35.34 -5.27 9.48
C GLU D 139 -34.31 -6.07 8.69
N ASN D 140 -33.26 -5.38 8.26
CA ASN D 140 -32.19 -6.05 7.53
C ASN D 140 -31.52 -7.12 8.37
N ASN D 141 -31.26 -6.83 9.64
CA ASN D 141 -30.64 -7.79 10.53
C ASN D 141 -31.71 -8.60 11.24
N PRO D 142 -31.78 -9.92 11.03
CA PRO D 142 -32.76 -10.72 11.78
C PRO D 142 -32.55 -10.68 13.28
N VAL D 143 -31.31 -10.52 13.72
CA VAL D 143 -31.04 -10.44 15.16
C VAL D 143 -31.62 -9.16 15.74
N LYS D 144 -31.54 -8.05 14.99
CA LYS D 144 -32.12 -6.80 15.47
C LYS D 144 -33.64 -6.90 15.56
N ALA D 145 -34.26 -7.74 14.74
CA ALA D 145 -35.71 -7.88 14.78
C ALA D 145 -36.17 -8.46 16.11
N LEU D 146 -35.48 -9.48 16.60
CA LEU D 146 -35.82 -10.09 17.89
C LEU D 146 -35.11 -9.40 19.05
N GLN D 147 -35.24 -8.07 19.10
CA GLN D 147 -34.53 -7.28 20.10
C GLN D 147 -35.00 -7.60 21.51
N GLY D 148 -36.31 -7.76 21.70
CA GLY D 148 -36.84 -8.05 23.02
C GLY D 148 -37.79 -9.22 23.06
N ARG D 149 -37.67 -10.13 22.10
CA ARG D 149 -38.55 -11.28 21.98
C ARG D 149 -38.01 -12.52 22.65
N VAL D 150 -36.81 -12.47 23.21
CA VAL D 150 -36.15 -13.62 23.83
C VAL D 150 -35.81 -13.26 25.26
N PRO D 151 -36.24 -14.04 26.25
CA PRO D 151 -35.85 -13.75 27.64
C PRO D 151 -34.36 -13.88 27.86
N GLY D 152 -33.83 -13.02 28.71
CA GLY D 152 -32.42 -13.07 29.07
C GLY D 152 -31.49 -12.88 27.90
N MET D 153 -31.84 -12.00 26.97
CA MET D 153 -31.02 -11.77 25.78
C MET D 153 -31.21 -10.32 25.35
N ASN D 154 -30.18 -9.50 25.56
CA ASN D 154 -30.25 -8.06 25.33
C ASN D 154 -29.62 -7.72 23.98
N ILE D 155 -30.35 -6.98 23.16
CA ILE D 155 -29.88 -6.53 21.86
C ILE D 155 -29.81 -5.02 21.88
N THR D 156 -28.64 -4.46 21.59
CA THR D 156 -28.45 -3.02 21.54
C THR D 156 -28.06 -2.62 20.13
N ALA D 157 -28.86 -1.75 19.52
CA ALA D 157 -28.61 -1.27 18.17
C ALA D 157 -28.60 0.25 18.18
N ASP D 158 -27.57 0.84 17.56
CA ASP D 158 -27.45 2.30 17.57
C ASP D 158 -28.52 2.94 16.69
N GLY D 159 -28.73 2.41 15.49
CA GLY D 159 -29.68 3.00 14.58
C GLY D 159 -29.09 3.37 13.24
N ASN D 160 -27.87 2.88 12.98
CA ASN D 160 -27.22 3.13 11.71
C ASN D 160 -27.94 2.39 10.59
N PRO D 161 -27.72 2.78 9.34
CA PRO D 161 -28.41 2.08 8.23
C PRO D 161 -28.16 0.59 8.20
N SER D 162 -26.94 0.15 8.56
CA SER D 162 -26.69 -1.27 8.68
C SER D 162 -27.40 -1.84 9.92
N GLY D 163 -27.59 -3.16 9.91
CA GLY D 163 -28.28 -3.81 11.00
C GLY D 163 -27.36 -4.24 12.12
N SER D 164 -26.14 -3.69 12.15
CA SER D 164 -25.16 -4.08 13.16
C SER D 164 -25.69 -3.81 14.56
N ALA D 165 -25.57 -4.80 15.43
CA ALA D 165 -26.07 -4.71 16.80
C ALA D 165 -25.23 -5.60 17.70
N THR D 166 -25.27 -5.29 18.99
CA THR D 166 -24.54 -6.04 20.01
C THR D 166 -25.51 -6.95 20.76
N VAL D 167 -25.11 -8.19 20.96
CA VAL D 167 -25.93 -9.22 21.58
C VAL D 167 -25.28 -9.66 22.88
N ARG D 168 -26.06 -9.73 23.96
CA ARG D 168 -25.59 -10.21 25.25
C ARG D 168 -26.58 -11.25 25.76
N ILE D 169 -26.16 -12.50 25.83
CA ILE D 169 -27.02 -13.60 26.26
C ILE D 169 -26.70 -13.92 27.72
N ARG D 170 -27.75 -13.97 28.54
CA ARG D 170 -27.63 -14.29 29.97
C ARG D 170 -26.68 -13.31 30.67
N GLY D 171 -26.77 -12.04 30.30
CA GLY D 171 -25.93 -11.02 30.89
C GLY D 171 -24.49 -11.10 30.41
N ILE D 172 -23.63 -10.41 31.16
CA ILE D 172 -22.20 -10.43 30.88
C ILE D 172 -21.60 -11.65 31.56
N GLY D 173 -20.98 -12.53 30.77
CA GLY D 173 -20.51 -13.80 31.31
C GLY D 173 -19.00 -13.92 31.46
N THR D 174 -18.25 -12.99 30.88
CA THR D 174 -16.80 -13.08 30.93
C THR D 174 -16.19 -11.71 30.71
N LEU D 175 -14.91 -11.58 31.05
CA LEU D 175 -14.14 -10.38 30.82
C LEU D 175 -13.51 -10.35 29.43
N ASN D 176 -14.05 -11.13 28.50
CA ASN D 176 -13.55 -11.19 27.13
C ASN D 176 -14.69 -10.88 26.17
N ASN D 177 -14.49 -11.13 24.88
CA ASN D 177 -15.53 -10.86 23.90
C ASN D 177 -16.78 -11.70 24.22
N ASN D 178 -17.94 -11.04 24.24
CA ASN D 178 -19.17 -11.66 24.69
C ASN D 178 -20.15 -11.97 23.57
N ASP D 179 -19.76 -11.79 22.31
CA ASP D 179 -20.68 -12.06 21.21
C ASP D 179 -21.01 -13.55 21.16
N PRO D 180 -22.27 -13.93 21.00
CA PRO D 180 -22.62 -15.35 20.90
C PRO D 180 -22.17 -15.93 19.56
N LEU D 181 -22.11 -17.26 19.53
CA LEU D 181 -21.68 -17.99 18.34
C LEU D 181 -22.91 -18.32 17.50
N TYR D 182 -23.06 -17.66 16.35
CA TYR D 182 -24.13 -17.99 15.44
C TYR D 182 -23.80 -19.27 14.70
N ILE D 183 -24.84 -20.03 14.35
CA ILE D 183 -24.69 -21.25 13.58
C ILE D 183 -25.66 -21.19 12.41
N ILE D 184 -25.13 -21.18 11.19
CA ILE D 184 -25.93 -21.16 9.98
C ILE D 184 -25.67 -22.45 9.21
N ASP D 185 -26.70 -23.27 9.05
CA ASP D 185 -26.63 -24.52 8.31
C ASP D 185 -25.51 -25.42 8.85
N GLY D 186 -25.32 -25.39 10.17
CA GLY D 186 -24.33 -26.21 10.81
C GLY D 186 -22.93 -25.62 10.84
N VAL D 187 -22.71 -24.45 10.24
CA VAL D 187 -21.40 -23.81 10.21
C VAL D 187 -21.39 -22.71 11.25
N PRO D 188 -20.45 -22.70 12.18
CA PRO D 188 -20.40 -21.64 13.20
C PRO D 188 -19.67 -20.41 12.70
N THR D 189 -20.04 -19.27 13.29
CA THR D 189 -19.42 -17.99 12.96
C THR D 189 -19.72 -17.01 14.08
N LYS D 190 -19.03 -15.86 14.03
CA LYS D 190 -19.26 -14.78 14.97
C LYS D 190 -19.50 -13.44 14.29
N ALA D 191 -19.49 -13.39 12.96
CA ALA D 191 -19.76 -12.14 12.26
C ALA D 191 -21.24 -11.78 12.38
N GLY D 192 -21.52 -10.48 12.32
CA GLY D 192 -22.88 -10.02 12.42
C GLY D 192 -23.73 -10.49 11.25
N MET D 193 -25.03 -10.60 11.50
CA MET D 193 -25.97 -11.06 10.48
C MET D 193 -26.50 -9.93 9.62
N HIS D 194 -26.09 -8.68 9.86
CA HIS D 194 -26.52 -7.58 9.02
C HIS D 194 -26.02 -7.71 7.59
N GLU D 195 -24.97 -8.50 7.37
CA GLU D 195 -24.37 -8.69 6.07
C GLU D 195 -24.87 -9.94 5.37
N LEU D 196 -25.87 -10.62 5.95
CA LEU D 196 -26.47 -11.79 5.36
C LEU D 196 -27.97 -11.55 5.17
N ASN D 197 -28.55 -12.21 4.18
CA ASN D 197 -29.98 -12.07 3.92
C ASN D 197 -30.78 -12.78 5.00
N GLY D 198 -31.55 -12.02 5.77
CA GLY D 198 -32.36 -12.57 6.83
C GLY D 198 -33.77 -12.94 6.45
N ASN D 199 -34.13 -12.83 5.17
CA ASN D 199 -35.48 -13.11 4.72
C ASN D 199 -35.67 -14.55 4.26
N ASP D 200 -34.65 -15.39 4.36
CA ASP D 200 -34.73 -16.80 3.98
C ASP D 200 -34.39 -17.69 5.16
N ILE D 201 -34.95 -17.37 6.33
CA ILE D 201 -34.73 -18.12 7.56
C ILE D 201 -36.03 -18.82 7.92
N GLU D 202 -35.95 -20.14 8.15
CA GLU D 202 -37.12 -20.94 8.49
C GLU D 202 -37.29 -21.16 9.98
N SER D 203 -36.19 -21.20 10.74
CA SER D 203 -36.29 -21.43 12.18
C SER D 203 -35.11 -20.76 12.88
N ILE D 204 -35.38 -20.16 14.04
CA ILE D 204 -34.35 -19.56 14.88
C ILE D 204 -34.48 -20.14 16.28
N GLN D 205 -33.37 -20.67 16.80
CA GLN D 205 -33.34 -21.23 18.14
C GLN D 205 -32.14 -20.66 18.89
N VAL D 206 -32.39 -20.13 20.08
CA VAL D 206 -31.35 -19.58 20.94
C VAL D 206 -31.12 -20.56 22.07
N LEU D 207 -29.89 -21.07 22.16
CA LEU D 207 -29.50 -22.03 23.20
C LEU D 207 -28.73 -21.25 24.26
N LYS D 208 -29.41 -20.90 25.34
CA LYS D 208 -28.83 -20.10 26.42
C LYS D 208 -28.25 -20.97 27.53
N ASP D 209 -28.31 -22.28 27.41
CA ASP D 209 -27.80 -23.19 28.42
C ASP D 209 -26.49 -23.80 27.96
N ALA D 210 -25.52 -23.87 28.89
CA ALA D 210 -24.22 -24.44 28.56
C ALA D 210 -24.34 -25.91 28.18
N ALA D 211 -25.17 -26.67 28.91
CA ALA D 211 -25.31 -28.10 28.63
C ALA D 211 -25.87 -28.34 27.24
N SER D 212 -26.88 -27.57 26.84
CA SER D 212 -27.50 -27.77 25.53
C SER D 212 -26.64 -27.24 24.40
N ALA D 213 -25.94 -26.12 24.61
CA ALA D 213 -25.18 -25.48 23.56
C ALA D 213 -23.74 -25.96 23.46
N SER D 214 -23.28 -26.79 24.40
CA SER D 214 -21.90 -27.25 24.37
C SER D 214 -21.63 -28.12 23.13
N ILE D 215 -22.57 -28.99 22.78
CA ILE D 215 -22.35 -29.92 21.69
C ILE D 215 -22.21 -29.21 20.34
N TYR D 216 -22.62 -27.95 20.26
CA TYR D 216 -22.58 -27.21 19.01
C TYR D 216 -21.27 -26.48 18.76
N GLY D 217 -20.33 -26.54 19.69
CA GLY D 217 -19.03 -25.92 19.46
C GLY D 217 -18.34 -25.61 20.77
N SER D 218 -17.05 -25.29 20.65
CA SER D 218 -16.24 -24.91 21.79
C SER D 218 -16.31 -23.42 22.11
N ARG D 219 -17.00 -22.64 21.28
CA ARG D 219 -17.18 -21.21 21.51
C ARG D 219 -18.60 -20.90 21.98
N ALA D 220 -19.16 -21.77 22.81
CA ALA D 220 -20.53 -21.66 23.27
C ALA D 220 -20.65 -21.05 24.65
N ALA D 221 -19.57 -20.45 25.17
CA ALA D 221 -19.60 -19.88 26.51
C ALA D 221 -20.60 -18.73 26.61
N ASN D 222 -20.77 -17.96 25.53
CA ASN D 222 -21.64 -16.81 25.52
C ASN D 222 -23.01 -17.12 24.91
N GLY D 223 -23.31 -18.38 24.64
CA GLY D 223 -24.57 -18.75 24.05
C GLY D 223 -24.45 -19.02 22.56
N VAL D 224 -25.36 -19.83 22.05
CA VAL D 224 -25.40 -20.23 20.65
C VAL D 224 -26.76 -19.92 20.07
N ILE D 225 -26.78 -19.23 18.93
CA ILE D 225 -28.00 -18.95 18.19
C ILE D 225 -27.99 -19.82 16.93
N ILE D 226 -28.96 -20.71 16.83
CA ILE D 226 -29.05 -21.65 15.72
C ILE D 226 -30.01 -21.08 14.68
N ILE D 227 -29.50 -20.89 13.46
CA ILE D 227 -30.28 -20.32 12.37
C ILE D 227 -30.34 -21.35 11.26
N THR D 228 -31.56 -21.71 10.84
CA THR D 228 -31.78 -22.66 9.77
C THR D 228 -32.35 -21.91 8.56
N THR D 229 -31.79 -22.15 7.39
CA THR D 229 -32.24 -21.50 6.18
C THR D 229 -33.37 -22.29 5.53
N LYS D 230 -34.14 -21.61 4.69
CA LYS D 230 -35.27 -22.23 4.03
C LYS D 230 -34.80 -23.32 3.07
N GLN D 231 -35.56 -24.41 3.03
CA GLN D 231 -35.32 -25.50 2.11
C GLN D 231 -36.63 -25.90 1.45
N GLY D 232 -36.54 -26.44 0.24
CA GLY D 232 -37.71 -26.82 -0.51
C GLY D 232 -38.55 -27.89 0.17
N LYS D 233 -39.86 -27.64 0.29
CA LYS D 233 -40.76 -28.57 0.95
C LYS D 233 -41.15 -29.70 0.01
N LYS D 234 -41.07 -30.92 0.50
CA LYS D 234 -41.24 -32.11 -0.33
C LYS D 234 -42.55 -32.09 -1.10
N GLY D 235 -42.44 -32.37 -2.41
CA GLY D 235 -43.60 -32.56 -3.25
C GLY D 235 -44.30 -31.29 -3.71
N GLN D 236 -43.66 -30.13 -3.58
CA GLN D 236 -44.33 -28.90 -3.99
C GLN D 236 -43.32 -27.83 -4.36
N ILE D 237 -43.82 -26.79 -5.03
CA ILE D 237 -43.03 -25.65 -5.45
C ILE D 237 -43.69 -24.39 -4.89
N LYS D 238 -42.86 -23.42 -4.49
CA LYS D 238 -43.36 -22.14 -4.00
C LYS D 238 -42.47 -21.02 -4.51
N ILE D 239 -43.09 -19.88 -4.82
CA ILE D 239 -42.35 -18.66 -5.14
C ILE D 239 -42.96 -17.52 -4.36
N ASN D 240 -42.11 -16.73 -3.71
CA ASN D 240 -42.54 -15.59 -2.92
C ASN D 240 -41.76 -14.35 -3.33
N PHE D 241 -42.48 -13.27 -3.62
CA PHE D 241 -41.89 -11.99 -3.97
C PHE D 241 -42.36 -10.95 -2.96
N ASP D 242 -41.41 -10.37 -2.25
CA ASP D 242 -41.70 -9.38 -1.21
C ASP D 242 -41.10 -8.04 -1.61
N ALA D 243 -41.93 -7.00 -1.60
CA ALA D 243 -41.50 -5.64 -1.90
C ALA D 243 -41.82 -4.76 -0.70
N SER D 244 -40.93 -3.82 -0.40
CA SER D 244 -41.10 -2.97 0.77
C SER D 244 -40.43 -1.63 0.53
N VAL D 245 -41.18 -0.55 0.74
CA VAL D 245 -40.67 0.81 0.63
C VAL D 245 -41.00 1.54 1.93
N SER D 246 -39.98 2.13 2.56
CA SER D 246 -40.14 2.75 3.86
C SER D 246 -39.50 4.14 3.87
N ALA D 247 -40.07 5.02 4.68
CA ALA D 247 -39.51 6.33 4.96
C ALA D 247 -39.12 6.40 6.42
N SER D 248 -37.86 6.76 6.67
CA SER D 248 -37.34 6.89 8.02
C SER D 248 -37.20 8.36 8.36
N MET D 249 -37.81 8.78 9.45
CA MET D 249 -37.86 10.17 9.87
C MET D 249 -37.10 10.35 11.18
N TYR D 250 -36.32 11.42 11.25
CA TYR D 250 -35.55 11.74 12.45
C TYR D 250 -36.47 12.30 13.52
N GLN D 251 -36.56 11.59 14.65
CA GLN D 251 -37.48 11.96 15.72
C GLN D 251 -36.81 12.56 16.94
N SER D 252 -35.66 12.02 17.36
CA SER D 252 -34.98 12.47 18.57
C SER D 252 -34.11 13.68 18.23
N LYS D 253 -34.77 14.80 17.99
CA LYS D 253 -34.10 16.05 17.65
C LYS D 253 -33.72 16.77 18.93
N MET D 254 -32.43 16.80 19.24
CA MET D 254 -31.97 17.48 20.45
C MET D 254 -32.20 18.98 20.32
N ASN D 255 -32.84 19.55 21.34
CA ASN D 255 -33.15 20.98 21.33
C ASN D 255 -31.91 21.76 21.79
N VAL D 256 -31.37 22.59 20.89
CA VAL D 256 -30.20 23.39 21.19
C VAL D 256 -30.57 24.86 21.05
N LEU D 257 -29.78 25.71 21.71
CA LEU D 257 -30.05 27.14 21.70
C LEU D 257 -29.87 27.73 20.31
N ASN D 258 -30.78 28.61 19.93
CA ASN D 258 -30.64 29.37 18.70
C ASN D 258 -29.76 30.59 18.98
N THR D 259 -29.70 31.52 18.03
CA THR D 259 -28.82 32.68 18.18
C THR D 259 -29.25 33.54 19.37
N GLU D 260 -30.54 33.89 19.44
CA GLU D 260 -31.03 34.71 20.53
C GLU D 260 -30.89 33.99 21.87
N GLN D 261 -31.24 32.70 21.90
CA GLN D 261 -31.12 31.93 23.13
C GLN D 261 -29.66 31.80 23.56
N TYR D 262 -28.76 31.59 22.61
CA TYR D 262 -27.34 31.52 22.93
C TYR D 262 -26.84 32.83 23.52
N GLY D 263 -27.24 33.96 22.92
CA GLY D 263 -26.86 35.25 23.45
C GLY D 263 -27.42 35.49 24.85
N ARG D 264 -28.67 35.11 25.07
CA ARG D 264 -29.28 35.28 26.38
C ARG D 264 -28.56 34.43 27.43
N ALA D 265 -28.22 33.18 27.08
CA ALA D 265 -27.51 32.32 28.01
C ALA D 265 -26.13 32.87 28.33
N MET D 266 -25.42 33.38 27.32
CA MET D 266 -24.10 33.95 27.56
C MET D 266 -24.19 35.18 28.45
N TRP D 267 -25.20 36.03 28.20
CA TRP D 267 -25.40 37.21 29.05
C TRP D 267 -25.72 36.80 30.48
N GLN D 268 -26.55 35.77 30.67
CA GLN D 268 -26.87 35.31 32.01
C GLN D 268 -25.64 34.79 32.72
N ALA D 269 -24.80 34.02 32.02
CA ALA D 269 -23.57 33.54 32.64
C ALA D 269 -22.65 34.70 33.02
N TYR D 270 -22.52 35.69 32.13
CA TYR D 270 -21.65 36.83 32.41
C TYR D 270 -22.15 37.62 33.62
N VAL D 271 -23.45 37.86 33.71
CA VAL D 271 -23.96 38.64 34.83
C VAL D 271 -23.91 37.84 36.12
N ASN D 272 -24.10 36.52 36.05
CA ASN D 272 -23.96 35.69 37.25
C ASN D 272 -22.53 35.69 37.76
N ASP D 273 -21.55 35.64 36.85
CA ASP D 273 -20.15 35.70 37.27
C ASP D 273 -19.74 37.10 37.72
N GLY D 274 -20.58 38.11 37.51
CA GLY D 274 -20.25 39.46 37.90
C GLY D 274 -19.41 40.24 36.89
N GLU D 275 -19.11 39.65 35.74
CA GLU D 275 -18.31 40.31 34.72
C GLU D 275 -19.21 41.11 33.78
N ASN D 276 -18.58 41.94 32.96
CA ASN D 276 -19.30 42.76 32.00
C ASN D 276 -19.76 41.90 30.82
N PRO D 277 -21.06 41.80 30.56
CA PRO D 277 -21.52 40.98 29.42
C PRO D 277 -21.09 41.53 28.06
N ASN D 278 -20.73 42.81 27.97
CA ASN D 278 -20.33 43.40 26.70
C ASN D 278 -18.91 43.06 26.30
N GLY D 279 -18.16 42.39 27.17
CA GLY D 279 -16.79 41.99 26.85
C GLY D 279 -16.72 40.59 26.27
N ASN D 280 -17.86 40.07 25.81
CA ASN D 280 -17.88 38.71 25.26
C ASN D 280 -17.04 38.59 24.00
N ALA D 281 -16.86 39.69 23.27
CA ALA D 281 -16.05 39.72 22.04
C ALA D 281 -16.58 38.71 21.00
N LEU D 282 -17.90 38.56 20.96
CA LEU D 282 -18.54 37.68 19.98
C LEU D 282 -19.58 38.43 19.14
N GLY D 283 -19.52 39.76 19.14
CA GLY D 283 -20.46 40.56 18.38
C GLY D 283 -21.80 40.81 19.05
N TYR D 284 -21.98 40.34 20.28
CA TYR D 284 -23.23 40.54 21.01
C TYR D 284 -23.14 41.83 21.82
N ALA D 285 -24.08 42.74 21.59
CA ALA D 285 -24.20 43.96 22.38
C ALA D 285 -25.52 43.88 23.14
N TYR D 286 -25.44 43.96 24.46
CA TYR D 286 -26.60 43.77 25.33
C TYR D 286 -27.02 45.09 25.95
N ASN D 287 -28.31 45.41 25.82
CA ASN D 287 -28.93 46.50 26.57
C ASN D 287 -29.66 45.87 27.75
N TRP D 288 -29.24 46.21 28.96
CA TRP D 288 -29.70 45.54 30.16
C TRP D 288 -29.61 46.49 31.34
N GLY D 289 -30.29 46.12 32.43
CA GLY D 289 -30.27 46.90 33.64
C GLY D 289 -30.56 46.05 34.86
N TYR D 290 -30.97 46.72 35.94
CA TYR D 290 -31.32 46.05 37.18
C TYR D 290 -32.78 46.32 37.52
N ASN D 291 -33.40 45.36 38.19
CA ASN D 291 -34.79 45.49 38.62
C ASN D 291 -34.83 46.16 40.00
N ALA D 292 -36.01 46.14 40.63
CA ALA D 292 -36.14 46.73 41.96
C ALA D 292 -35.32 46.00 42.99
N ASP D 293 -35.26 44.66 42.90
CA ASP D 293 -34.51 43.86 43.86
C ASP D 293 -33.01 43.83 43.56
N GLY D 294 -32.57 44.43 42.46
CA GLY D 294 -31.16 44.43 42.10
C GLY D 294 -30.72 43.28 41.23
N ASN D 295 -31.60 42.32 40.94
CA ASN D 295 -31.23 41.22 40.06
C ASN D 295 -31.09 41.72 38.64
N PRO D 296 -30.03 41.35 37.93
CA PRO D 296 -29.88 41.81 36.54
C PRO D 296 -31.01 41.32 35.65
N VAL D 297 -31.44 42.18 34.73
CA VAL D 297 -32.48 41.87 33.76
C VAL D 297 -32.02 42.31 32.39
N LEU D 298 -32.31 41.48 31.38
CA LEU D 298 -31.89 41.74 30.01
C LEU D 298 -33.05 42.36 29.24
N TYR D 299 -32.81 43.54 28.65
CA TYR D 299 -33.84 44.23 27.88
C TYR D 299 -33.78 43.88 26.40
N GLY D 300 -32.59 43.79 25.83
CA GLY D 300 -32.47 43.46 24.42
C GLY D 300 -31.04 43.14 24.04
N MET D 301 -30.89 42.57 22.85
CA MET D 301 -29.58 42.21 22.33
C MET D 301 -29.51 42.54 20.84
N THR D 302 -28.30 42.85 20.39
CA THR D 302 -28.03 43.12 18.99
C THR D 302 -26.75 42.38 18.59
N LEU D 303 -26.63 42.09 17.30
CA LEU D 303 -25.50 41.33 16.78
C LEU D 303 -24.87 42.07 15.60
N SER D 304 -23.55 41.92 15.48
CA SER D 304 -22.85 42.39 14.31
C SER D 304 -23.22 41.54 13.10
N LYS D 305 -23.29 42.18 11.93
CA LYS D 305 -23.73 41.47 10.73
C LYS D 305 -22.73 40.39 10.34
N TYR D 306 -21.44 40.66 10.48
CA TYR D 306 -20.39 39.71 10.14
C TYR D 306 -19.61 39.32 11.39
N LEU D 307 -19.33 38.02 11.52
CA LEU D 307 -18.63 37.53 12.69
C LEU D 307 -17.15 37.89 12.69
N ASP D 308 -16.60 38.30 11.55
CA ASP D 308 -15.19 38.65 11.44
C ASP D 308 -15.05 40.01 10.77
N SER D 309 -13.91 40.65 11.03
CA SER D 309 -13.64 41.96 10.45
C SER D 309 -13.42 41.91 8.94
N LYS D 310 -13.23 40.73 8.37
CA LYS D 310 -13.05 40.57 6.93
C LYS D 310 -14.38 40.48 6.18
N ASN D 311 -15.50 40.49 6.88
CA ASN D 311 -16.83 40.43 6.27
C ASN D 311 -16.98 39.19 5.39
N THR D 312 -16.48 38.06 5.87
CA THR D 312 -16.55 36.80 5.13
C THR D 312 -17.47 35.78 5.78
N MET D 313 -17.89 35.98 7.02
CA MET D 313 -18.75 35.04 7.75
C MET D 313 -19.94 35.79 8.31
N PRO D 314 -20.99 35.99 7.50
CA PRO D 314 -22.18 36.68 8.00
C PRO D 314 -22.88 35.88 9.08
N VAL D 315 -23.50 36.60 10.02
CA VAL D 315 -24.23 35.93 11.10
C VAL D 315 -25.52 35.34 10.54
N ALA D 316 -25.92 34.21 11.10
CA ALA D 316 -27.12 33.51 10.65
C ALA D 316 -27.64 32.64 11.78
N ASP D 317 -28.88 32.19 11.63
CA ASP D 317 -29.53 31.29 12.58
C ASP D 317 -29.65 29.93 11.90
N THR D 318 -28.69 29.06 12.15
CA THR D 318 -28.60 27.76 11.48
C THR D 318 -29.03 26.65 12.41
N ASP D 319 -29.96 25.81 11.94
CA ASP D 319 -30.37 24.61 12.66
C ASP D 319 -29.49 23.47 12.16
N TRP D 320 -28.39 23.22 12.90
CA TRP D 320 -27.41 22.24 12.45
C TRP D 320 -27.98 20.84 12.43
N PHE D 321 -28.79 20.48 13.43
CA PHE D 321 -29.39 19.16 13.44
C PHE D 321 -30.31 18.95 12.24
N ASP D 322 -31.09 19.97 11.89
CA ASP D 322 -31.91 19.89 10.69
C ASP D 322 -31.05 19.94 9.43
N GLU D 323 -29.91 20.63 9.50
CA GLU D 323 -29.06 20.76 8.31
C GLU D 323 -28.39 19.43 7.97
N ILE D 324 -27.98 18.66 8.98
CA ILE D 324 -27.27 17.41 8.74
C ILE D 324 -28.18 16.21 8.67
N THR D 325 -29.48 16.37 8.85
CA THR D 325 -30.43 15.26 8.82
C THR D 325 -31.32 15.36 7.59
N ARG D 326 -31.94 14.23 7.25
CA ARG D 326 -32.82 14.13 6.10
C ARG D 326 -33.85 13.06 6.37
N THR D 327 -34.70 12.80 5.37
CA THR D 327 -35.70 11.74 5.44
C THR D 327 -35.17 10.57 4.63
N GLY D 328 -34.78 9.50 5.32
CA GLY D 328 -34.18 8.37 4.64
C GLY D 328 -35.20 7.50 3.94
N VAL D 329 -34.74 6.82 2.88
CA VAL D 329 -35.58 5.93 2.09
C VAL D 329 -34.99 4.53 2.18
N ILE D 330 -35.84 3.56 2.50
CA ILE D 330 -35.44 2.16 2.61
C ILE D 330 -36.19 1.35 1.57
N GLN D 331 -35.46 0.57 0.78
CA GLN D 331 -36.03 -0.29 -0.23
C GLN D 331 -35.62 -1.73 0.03
N GLN D 332 -36.56 -2.66 -0.13
CA GLN D 332 -36.28 -4.07 0.07
C GLN D 332 -37.05 -4.87 -0.96
N TYR D 333 -36.35 -5.74 -1.68
CA TYR D 333 -36.97 -6.60 -2.69
C TYR D 333 -36.37 -7.99 -2.58
N ASN D 334 -37.22 -8.97 -2.28
CA ASN D 334 -36.80 -10.35 -2.13
C ASN D 334 -37.59 -11.24 -3.07
N LEU D 335 -36.93 -12.23 -3.65
CA LEU D 335 -37.56 -13.18 -4.56
C LEU D 335 -37.00 -14.57 -4.27
N SER D 336 -37.84 -15.45 -3.72
CA SER D 336 -37.40 -16.78 -3.32
C SER D 336 -38.23 -17.84 -4.03
N VAL D 337 -37.57 -18.95 -4.38
CA VAL D 337 -38.23 -20.09 -4.99
C VAL D 337 -37.74 -21.36 -4.29
N SER D 338 -38.69 -22.24 -3.99
CA SER D 338 -38.44 -23.42 -3.18
C SER D 338 -39.03 -24.64 -3.86
N ASN D 339 -38.23 -25.71 -3.89
CA ASN D 339 -38.50 -26.90 -4.70
C ASN D 339 -38.33 -28.12 -3.80
N GLY D 340 -39.36 -28.96 -3.72
CA GLY D 340 -39.30 -30.17 -2.95
C GLY D 340 -39.64 -31.39 -3.78
N SER D 341 -39.19 -32.55 -3.31
CA SER D 341 -39.54 -33.83 -3.93
C SER D 341 -39.35 -34.94 -2.90
N GLU D 342 -39.91 -36.10 -3.21
CA GLU D 342 -39.69 -37.27 -2.36
C GLU D 342 -38.23 -37.70 -2.42
N LYS D 343 -37.50 -37.18 -3.40
CA LYS D 343 -36.20 -37.68 -3.82
C LYS D 343 -35.10 -36.62 -3.76
N GLY D 344 -35.45 -35.35 -3.58
CA GLY D 344 -34.46 -34.30 -3.43
C GLY D 344 -35.14 -32.94 -3.39
N SER D 345 -34.33 -31.92 -3.11
CA SER D 345 -34.89 -30.58 -2.93
C SER D 345 -33.88 -29.50 -3.27
N SER D 346 -34.38 -28.28 -3.46
CA SER D 346 -33.56 -27.13 -3.81
C SER D 346 -34.26 -25.84 -3.39
N PHE D 347 -33.51 -24.74 -3.37
CA PHE D 347 -34.02 -23.44 -2.99
C PHE D 347 -33.09 -22.36 -3.52
N PHE D 348 -33.66 -21.33 -4.13
CA PHE D 348 -32.88 -20.24 -4.70
C PHE D 348 -33.52 -18.90 -4.31
N SER D 349 -32.75 -18.02 -3.70
CA SER D 349 -33.27 -16.75 -3.21
C SER D 349 -32.37 -15.61 -3.66
N LEU D 350 -32.99 -14.50 -4.06
CA LEU D 350 -32.32 -13.27 -4.41
C LEU D 350 -32.86 -12.16 -3.53
N GLY D 351 -31.99 -11.25 -3.11
CA GLY D 351 -32.42 -10.18 -2.24
C GLY D 351 -31.64 -8.89 -2.44
N TYR D 352 -32.35 -7.77 -2.35
CA TYR D 352 -31.74 -6.45 -2.46
C TYR D 352 -32.28 -5.57 -1.34
N TYR D 353 -31.38 -4.92 -0.63
CA TYR D 353 -31.74 -4.03 0.46
C TYR D 353 -30.95 -2.73 0.32
N LYS D 354 -31.61 -1.61 0.60
CA LYS D 354 -30.94 -0.32 0.57
C LYS D 354 -31.53 0.55 1.66
N ASN D 355 -30.67 1.21 2.43
CA ASN D 355 -31.09 2.04 3.54
C ASN D 355 -30.27 3.33 3.52
N LEU D 356 -30.97 4.46 3.38
CA LEU D 356 -30.36 5.78 3.51
C LEU D 356 -30.61 6.27 4.92
N GLY D 357 -29.54 6.55 5.65
CA GLY D 357 -29.69 7.00 7.02
C GLY D 357 -30.25 8.41 7.11
N VAL D 358 -30.73 8.74 8.30
CA VAL D 358 -31.22 10.10 8.54
C VAL D 358 -30.09 11.09 8.43
N ILE D 359 -28.88 10.72 8.85
CA ILE D 359 -27.71 11.56 8.65
C ILE D 359 -27.32 11.53 7.19
N LYS D 360 -27.08 12.71 6.61
CA LYS D 360 -26.78 12.80 5.19
C LYS D 360 -25.47 12.12 4.85
N ASP D 361 -25.38 11.66 3.61
CA ASP D 361 -24.16 11.06 3.05
C ASP D 361 -23.76 9.78 3.80
N THR D 362 -24.73 9.10 4.41
CA THR D 362 -24.52 7.81 5.04
C THR D 362 -25.56 6.84 4.50
N ASP D 363 -25.10 5.66 4.06
CA ASP D 363 -26.02 4.73 3.43
C ASP D 363 -25.44 3.32 3.50
N PHE D 364 -26.30 2.34 3.25
CA PHE D 364 -25.89 0.93 3.29
C PHE D 364 -26.78 0.13 2.36
N ASP D 365 -26.19 -0.54 1.38
CA ASP D 365 -26.94 -1.42 0.48
C ASP D 365 -26.31 -2.80 0.47
N ARG D 366 -27.13 -3.79 0.11
CA ARG D 366 -26.72 -5.18 0.18
C ARG D 366 -27.44 -5.99 -0.90
N PHE D 367 -26.67 -6.70 -1.71
CA PHE D 367 -27.18 -7.71 -2.61
C PHE D 367 -26.89 -9.09 -2.02
N SER D 368 -27.82 -10.03 -2.22
CA SER D 368 -27.66 -11.36 -1.65
C SER D 368 -28.22 -12.39 -2.61
N ALA D 369 -27.53 -13.54 -2.67
CA ALA D 369 -27.97 -14.66 -3.49
C ALA D 369 -27.66 -15.96 -2.75
N ARG D 370 -28.68 -16.75 -2.47
CA ARG D 370 -28.54 -17.98 -1.72
C ARG D 370 -29.04 -19.16 -2.55
N MET D 371 -28.27 -20.23 -2.56
CA MET D 371 -28.64 -21.47 -3.24
C MET D 371 -28.41 -22.64 -2.29
N ASN D 372 -29.49 -23.35 -1.95
CA ASN D 372 -29.43 -24.55 -1.13
C ASN D 372 -29.98 -25.72 -1.94
N SER D 373 -29.45 -26.91 -1.66
CA SER D 373 -29.94 -28.10 -2.35
C SER D 373 -29.59 -29.33 -1.54
N ASP D 374 -30.31 -30.41 -1.80
CA ASP D 374 -29.99 -31.71 -1.23
C ASP D 374 -30.48 -32.82 -2.16
N TYR D 375 -29.73 -33.90 -2.21
CA TYR D 375 -29.96 -35.01 -3.12
C TYR D 375 -29.85 -36.31 -2.34
N LYS D 376 -30.74 -37.26 -2.61
CA LYS D 376 -30.72 -38.55 -1.97
C LYS D 376 -30.47 -39.61 -3.04
N LEU D 377 -29.43 -40.42 -2.84
CA LEU D 377 -29.08 -41.44 -3.81
C LEU D 377 -29.52 -42.81 -3.31
N ILE D 378 -29.31 -43.83 -4.14
CA ILE D 378 -29.72 -45.21 -3.88
C ILE D 378 -31.21 -45.20 -3.50
N ASP D 379 -31.51 -45.53 -2.25
CA ASP D 379 -32.85 -45.39 -1.70
C ASP D 379 -32.90 -44.40 -0.55
N ASP D 380 -32.05 -44.59 0.46
CA ASP D 380 -31.91 -43.63 1.56
C ASP D 380 -30.47 -43.32 1.90
N ILE D 381 -29.50 -44.07 1.39
CA ILE D 381 -28.09 -43.79 1.65
C ILE D 381 -27.61 -42.66 0.74
N LEU D 382 -26.46 -42.08 1.09
CA LEU D 382 -25.78 -41.09 0.25
C LEU D 382 -26.69 -39.87 0.02
N THR D 383 -26.91 -39.14 1.10
CA THR D 383 -27.60 -37.85 1.06
C THR D 383 -26.54 -36.76 1.00
N ILE D 384 -26.42 -36.11 -0.14
CA ILE D 384 -25.42 -35.05 -0.36
C ILE D 384 -26.15 -33.72 -0.47
N GLY D 385 -25.79 -32.78 0.39
CA GLY D 385 -26.45 -31.48 0.41
C GLY D 385 -25.45 -30.35 0.48
N GLN D 386 -25.94 -29.15 0.19
CA GLN D 386 -25.12 -27.96 0.25
C GLN D 386 -25.99 -26.74 0.48
N HIS D 387 -25.40 -25.73 1.13
CA HIS D 387 -26.02 -24.43 1.33
C HIS D 387 -24.97 -23.37 1.08
N PHE D 388 -25.21 -22.48 0.13
CA PHE D 388 -24.27 -21.43 -0.20
C PHE D 388 -24.98 -20.09 -0.25
N THR D 389 -24.29 -19.04 0.18
CA THR D 389 -24.83 -17.69 0.05
C THR D 389 -23.69 -16.72 -0.22
N LEU D 390 -23.96 -15.78 -1.11
CA LEU D 390 -23.00 -14.76 -1.52
C LEU D 390 -23.65 -13.40 -1.32
N ASN D 391 -22.96 -12.50 -0.64
CA ASN D 391 -23.50 -11.19 -0.29
C ASN D 391 -22.49 -10.11 -0.65
N ARG D 392 -23.02 -8.96 -1.06
CA ARG D 392 -22.19 -7.80 -1.41
C ARG D 392 -22.82 -6.58 -0.76
N THR D 393 -22.15 -6.04 0.26
CA THR D 393 -22.65 -4.89 1.01
C THR D 393 -21.73 -3.70 0.77
N SER D 394 -22.30 -2.60 0.31
CA SER D 394 -21.57 -1.35 0.12
C SER D 394 -22.11 -0.32 1.08
N GLU D 395 -21.23 0.31 1.86
CA GLU D 395 -21.66 1.18 2.93
C GLU D 395 -20.79 2.42 3.04
N VAL D 396 -21.43 3.55 3.31
CA VAL D 396 -20.77 4.78 3.73
C VAL D 396 -21.26 5.09 5.14
N GLN D 397 -20.34 5.14 6.09
CA GLN D 397 -20.65 5.31 7.50
C GLN D 397 -20.47 6.77 7.92
N ALA D 398 -21.13 7.12 9.02
CA ALA D 398 -21.02 8.48 9.54
C ALA D 398 -19.66 8.67 10.24
N PRO D 399 -19.08 9.86 10.15
CA PRO D 399 -17.83 10.11 10.88
C PRO D 399 -18.04 10.09 12.38
N GLY D 400 -16.99 9.72 13.10
CA GLY D 400 -17.04 9.66 14.55
C GLY D 400 -17.37 10.99 15.20
N GLY D 401 -18.36 10.98 16.10
CA GLY D 401 -18.76 12.18 16.80
C GLY D 401 -19.39 13.24 15.92
N ILE D 402 -20.16 12.84 14.92
CA ILE D 402 -20.85 13.81 14.08
C ILE D 402 -21.98 14.50 14.86
N ILE D 403 -22.70 13.73 15.67
CA ILE D 403 -23.76 14.31 16.50
C ILE D 403 -23.15 15.25 17.53
N GLU D 404 -22.02 14.88 18.12
CA GLU D 404 -21.33 15.75 19.07
C GLU D 404 -20.89 17.04 18.39
N THR D 405 -20.36 16.94 17.18
CA THR D 405 -19.95 18.13 16.44
C THR D 405 -21.14 19.03 16.15
N ALA D 406 -22.26 18.45 15.73
CA ALA D 406 -23.45 19.24 15.44
C ALA D 406 -23.98 19.93 16.70
N LEU D 407 -23.94 19.23 17.84
CA LEU D 407 -24.42 19.82 19.08
C LEU D 407 -23.50 20.92 19.57
N ASP D 408 -22.18 20.76 19.38
CA ASP D 408 -21.23 21.70 19.95
C ASP D 408 -21.21 23.02 19.17
N ILE D 409 -21.31 22.97 17.86
CA ILE D 409 -21.14 24.18 17.05
C ILE D 409 -22.31 25.13 17.30
N PRO D 410 -22.04 26.41 17.56
CA PRO D 410 -23.15 27.35 17.79
C PRO D 410 -23.94 27.61 16.52
N SER D 411 -25.20 27.99 16.71
CA SER D 411 -26.09 28.25 15.58
C SER D 411 -25.74 29.53 14.85
N ALA D 412 -24.89 30.39 15.41
CA ALA D 412 -24.52 31.64 14.75
C ALA D 412 -23.65 31.42 13.53
N ILE D 413 -22.98 30.27 13.43
CA ILE D 413 -22.09 29.98 12.31
C ILE D 413 -22.93 29.64 11.09
N PRO D 414 -22.75 30.33 9.97
CA PRO D 414 -23.51 30.00 8.76
C PRO D 414 -22.99 28.73 8.11
N VAL D 415 -23.87 28.09 7.34
CA VAL D 415 -23.47 26.90 6.59
C VAL D 415 -22.47 27.28 5.50
N TYR D 416 -22.73 28.36 4.77
CA TYR D 416 -21.87 28.82 3.70
C TYR D 416 -21.36 30.22 4.01
N ALA D 417 -20.14 30.51 3.57
CA ALA D 417 -19.53 31.81 3.77
C ALA D 417 -20.01 32.77 2.69
N SER D 418 -19.43 33.98 2.67
CA SER D 418 -19.81 34.97 1.66
C SER D 418 -19.37 34.57 0.26
N ASP D 419 -18.23 33.89 0.14
CA ASP D 419 -17.70 33.49 -1.15
C ASP D 419 -18.21 32.14 -1.63
N GLY D 420 -19.14 31.53 -0.90
CA GLY D 420 -19.68 30.24 -1.27
C GLY D 420 -18.99 29.05 -0.67
N SER D 421 -17.86 29.24 0.02
CA SER D 421 -17.18 28.16 0.69
C SER D 421 -17.90 27.79 1.98
N TRP D 422 -17.47 26.69 2.59
CA TRP D 422 -18.10 26.21 3.81
C TRP D 422 -17.85 27.19 4.95
N GLY D 423 -18.90 27.46 5.72
CA GLY D 423 -18.78 28.34 6.87
C GLY D 423 -18.02 27.69 8.00
N GLY D 424 -17.42 28.53 8.84
CA GLY D 424 -16.64 28.06 9.96
C GLY D 424 -16.40 29.13 11.00
N PRO D 425 -15.95 28.72 12.18
CA PRO D 425 -15.69 29.69 13.25
C PRO D 425 -14.60 30.68 12.86
N VAL D 426 -14.77 31.93 13.28
CA VAL D 426 -13.79 32.99 13.06
C VAL D 426 -13.68 33.82 14.34
N GLY D 427 -12.53 34.46 14.51
CA GLY D 427 -12.32 35.28 15.69
C GLY D 427 -12.32 34.44 16.95
N GLY D 428 -13.14 34.83 17.91
CA GLY D 428 -13.22 34.17 19.20
C GLY D 428 -14.21 33.03 19.30
N TRP D 429 -14.82 32.64 18.19
CA TRP D 429 -15.78 31.54 18.24
C TRP D 429 -15.05 30.21 18.50
N PRO D 430 -15.73 29.27 19.16
CA PRO D 430 -15.06 28.01 19.52
C PRO D 430 -14.64 27.21 18.30
N ASP D 431 -13.53 26.47 18.46
CA ASP D 431 -12.95 25.70 17.36
C ASP D 431 -13.75 24.40 17.18
N ARG D 432 -14.69 24.42 16.24
CA ARG D 432 -15.45 23.24 15.89
C ARG D 432 -15.66 23.23 14.38
N ARG D 433 -15.50 22.05 13.78
CA ARG D 433 -15.65 21.93 12.35
C ARG D 433 -17.12 22.00 11.95
N ASN D 434 -17.34 22.30 10.67
CA ASN D 434 -18.70 22.34 10.13
C ASN D 434 -19.19 20.91 9.92
N PRO D 435 -20.25 20.48 10.61
CA PRO D 435 -20.73 19.09 10.41
C PRO D 435 -21.17 18.81 8.99
N ARG D 436 -21.79 19.80 8.32
CA ARG D 436 -22.18 19.60 6.94
C ARG D 436 -20.98 19.40 6.04
N ALA D 437 -19.91 20.17 6.27
CA ALA D 437 -18.69 19.99 5.50
C ALA D 437 -18.06 18.63 5.76
N VAL D 438 -18.09 18.18 7.01
CA VAL D 438 -17.55 16.87 7.35
C VAL D 438 -18.33 15.77 6.63
N LEU D 439 -19.66 15.87 6.64
CA LEU D 439 -20.48 14.88 5.94
C LEU D 439 -20.22 14.92 4.43
N GLU D 440 -20.06 16.12 3.87
CA GLU D 440 -19.78 16.23 2.44
C GLU D 440 -18.44 15.61 2.08
N TYR D 441 -17.42 15.83 2.91
CA TYR D 441 -16.11 15.25 2.65
C TYR D 441 -16.05 13.76 2.93
N ASN D 442 -16.95 13.24 3.76
CA ASN D 442 -16.97 11.83 4.10
C ASN D 442 -17.85 11.00 3.19
N LYS D 443 -18.56 11.63 2.24
CA LYS D 443 -19.48 10.89 1.39
C LYS D 443 -18.77 9.93 0.44
N ASP D 444 -17.47 10.12 0.21
CA ASP D 444 -16.72 9.27 -0.70
C ASP D 444 -16.03 8.11 -0.01
N ASN D 445 -16.11 8.03 1.33
CA ASN D 445 -15.49 6.95 2.08
C ASN D 445 -16.44 5.75 2.10
N ARG D 446 -16.57 5.12 0.93
CA ARG D 446 -17.45 3.99 0.73
C ARG D 446 -16.63 2.70 0.71
N TYR D 447 -17.07 1.70 1.47
CA TYR D 447 -16.39 0.42 1.51
C TYR D 447 -17.30 -0.67 0.96
N THR D 448 -16.69 -1.61 0.24
CA THR D 448 -17.38 -2.76 -0.34
C THR D 448 -16.95 -4.01 0.41
N TYR D 449 -17.90 -4.91 0.66
CA TYR D 449 -17.67 -6.09 1.49
C TYR D 449 -18.35 -7.27 0.83
N TRP D 450 -17.56 -8.26 0.40
CA TRP D 450 -18.08 -9.49 -0.16
C TRP D 450 -18.02 -10.57 0.90
N ARG D 451 -19.19 -11.11 1.25
CA ARG D 451 -19.32 -12.16 2.24
C ARG D 451 -19.73 -13.45 1.55
N MET D 452 -19.23 -14.58 2.03
CA MET D 452 -19.36 -15.83 1.31
C MET D 452 -19.47 -16.97 2.33
N PHE D 453 -20.68 -17.48 2.52
CA PHE D 453 -20.94 -18.51 3.52
C PHE D 453 -21.42 -19.76 2.80
N GLY D 454 -20.56 -20.77 2.71
CA GLY D 454 -20.90 -21.99 2.02
C GLY D 454 -20.70 -23.20 2.92
N ASP D 455 -21.34 -24.29 2.51
CA ASP D 455 -21.29 -25.53 3.28
C ASP D 455 -21.70 -26.67 2.37
N ALA D 456 -20.99 -27.78 2.47
CA ALA D 456 -21.31 -29.00 1.73
C ALA D 456 -21.16 -30.19 2.65
N TYR D 457 -22.18 -31.05 2.72
CA TYR D 457 -22.18 -32.19 3.61
C TYR D 457 -22.61 -33.45 2.87
N VAL D 458 -22.10 -34.58 3.35
CA VAL D 458 -22.45 -35.90 2.83
C VAL D 458 -22.84 -36.79 4.00
N ASN D 459 -23.93 -37.52 3.85
CA ASN D 459 -24.47 -38.37 4.89
C ASN D 459 -24.61 -39.79 4.35
N LEU D 460 -24.08 -40.76 5.10
CA LEU D 460 -24.12 -42.16 4.73
C LEU D 460 -24.84 -42.96 5.82
N THR D 461 -25.69 -43.88 5.40
CA THR D 461 -26.47 -44.73 6.31
C THR D 461 -26.16 -46.18 6.01
N PRO D 462 -25.18 -46.78 6.67
CA PRO D 462 -24.89 -48.21 6.43
C PRO D 462 -26.08 -49.11 6.73
N PHE D 463 -26.86 -48.78 7.75
CA PHE D 463 -28.08 -49.52 8.04
C PHE D 463 -29.08 -48.55 8.67
N LYS D 464 -30.13 -49.09 9.29
CA LYS D 464 -31.25 -48.27 9.73
C LYS D 464 -30.83 -47.24 10.78
N GLY D 465 -30.02 -47.66 11.74
CA GLY D 465 -29.71 -46.82 12.89
C GLY D 465 -28.41 -46.05 12.86
N PHE D 466 -27.59 -46.22 11.83
CA PHE D 466 -26.27 -45.61 11.78
C PHE D 466 -26.23 -44.48 10.76
N ASN D 467 -25.63 -43.36 11.16
CA ASN D 467 -25.45 -42.21 10.29
C ASN D 467 -24.02 -41.68 10.41
N LEU D 468 -23.41 -41.39 9.26
CA LEU D 468 -22.07 -40.81 9.20
C LEU D 468 -22.15 -39.55 8.35
N ARG D 469 -21.93 -38.40 8.97
CA ARG D 469 -22.03 -37.11 8.30
C ARG D 469 -20.67 -36.44 8.25
N SER D 470 -20.22 -36.09 7.05
CA SER D 470 -18.99 -35.32 6.86
C SER D 470 -19.37 -33.97 6.26
N THR D 471 -18.96 -32.90 6.92
CA THR D 471 -19.37 -31.54 6.57
C THR D 471 -18.15 -30.66 6.40
N PHE D 472 -18.19 -29.80 5.38
CA PHE D 472 -17.14 -28.82 5.14
C PHE D 472 -17.80 -27.45 4.95
N GLY D 473 -17.49 -26.51 5.82
CA GLY D 473 -18.05 -25.17 5.74
C GLY D 473 -16.95 -24.15 5.53
N LEU D 474 -17.26 -23.12 4.75
CA LEU D 474 -16.32 -22.08 4.38
C LEU D 474 -16.95 -20.71 4.57
N ASP D 475 -16.16 -19.76 5.06
CA ASP D 475 -16.59 -18.37 5.22
C ASP D 475 -15.45 -17.50 4.71
N TYR D 476 -15.69 -16.82 3.58
CA TYR D 476 -14.71 -15.93 2.98
C TYR D 476 -15.28 -14.51 2.96
N ALA D 477 -14.52 -13.58 3.52
CA ALA D 477 -14.91 -12.18 3.56
C ALA D 477 -13.80 -11.33 2.97
N ASN D 478 -14.17 -10.40 2.10
CA ASN D 478 -13.22 -9.54 1.40
C ASN D 478 -13.73 -8.11 1.50
N LYS D 479 -12.99 -7.25 2.19
CA LYS D 479 -13.36 -5.87 2.39
C LYS D 479 -12.37 -4.94 1.68
N GLN D 480 -12.88 -4.06 0.84
CA GLN D 480 -12.06 -3.11 0.10
C GLN D 480 -12.60 -1.70 0.35
N ALA D 481 -11.72 -0.80 0.79
CA ALA D 481 -12.12 0.56 1.10
C ALA D 481 -11.10 1.53 0.54
N ARG D 482 -11.56 2.75 0.24
CA ARG D 482 -10.69 3.81 -0.25
C ARG D 482 -11.13 5.10 0.44
N TYR D 483 -10.42 5.48 1.50
CA TYR D 483 -10.72 6.68 2.25
C TYR D 483 -9.95 7.88 1.69
N PHE D 484 -10.59 9.04 1.73
CA PHE D 484 -10.02 10.27 1.19
C PHE D 484 -9.94 11.33 2.28
N THR D 485 -8.88 12.12 2.25
CA THR D 485 -8.69 13.24 3.16
C THR D 485 -8.56 14.50 2.30
N TYR D 486 -9.66 15.22 2.14
CA TYR D 486 -9.67 16.44 1.35
C TYR D 486 -9.17 17.62 2.19
N PRO D 487 -8.51 18.59 1.56
CA PRO D 487 -8.18 19.83 2.27
C PRO D 487 -9.43 20.62 2.58
N TYR D 488 -9.50 21.15 3.81
CA TYR D 488 -10.64 21.95 4.23
C TYR D 488 -10.15 23.22 4.91
N GLN D 489 -10.91 24.29 4.72
CA GLN D 489 -10.62 25.60 5.34
C GLN D 489 -11.96 26.20 5.75
N GLU D 490 -12.36 25.96 6.99
CA GLU D 490 -13.62 26.45 7.54
C GLU D 490 -13.27 27.52 8.58
N GLY D 491 -13.14 28.76 8.12
CA GLY D 491 -12.75 29.85 8.99
C GLY D 491 -11.35 29.67 9.52
N THR D 492 -11.24 29.42 10.82
CA THR D 492 -9.95 29.16 11.45
C THR D 492 -9.62 27.67 11.53
N GLN D 493 -10.51 26.80 11.04
CA GLN D 493 -10.30 25.37 11.05
C GLN D 493 -9.73 24.94 9.71
N THR D 494 -8.54 24.32 9.74
CA THR D 494 -7.89 23.88 8.51
C THR D 494 -6.92 22.76 8.84
N ASN D 495 -6.55 22.01 7.81
CA ASN D 495 -5.55 20.94 7.91
C ASN D 495 -4.31 21.26 7.10
N ASN D 496 -4.04 22.55 6.90
CA ASN D 496 -2.86 23.02 6.15
C ASN D 496 -2.85 22.45 4.72
N GLY D 497 -4.04 22.35 4.13
CA GLY D 497 -4.15 21.87 2.76
C GLY D 497 -3.68 20.44 2.57
N LYS D 498 -4.01 19.56 3.49
CA LYS D 498 -3.57 18.16 3.42
C LYS D 498 -4.61 17.35 2.65
N SER D 499 -4.14 16.67 1.60
CA SER D 499 -4.97 15.77 0.81
C SER D 499 -4.29 14.42 0.76
N ALA D 500 -5.05 13.35 0.97
CA ALA D 500 -4.46 12.03 1.03
C ALA D 500 -5.48 10.98 0.61
N VAL D 501 -4.96 9.82 0.24
CA VAL D 501 -5.78 8.65 -0.10
C VAL D 501 -5.24 7.45 0.69
N GLU D 502 -6.16 6.58 1.11
CA GLU D 502 -5.85 5.39 1.91
C GLU D 502 -6.64 4.23 1.32
N ALA D 503 -5.96 3.34 0.61
CA ALA D 503 -6.59 2.18 0.01
C ALA D 503 -6.30 0.97 0.90
N LYS D 504 -7.36 0.39 1.47
CA LYS D 504 -7.25 -0.67 2.46
C LYS D 504 -7.95 -1.92 1.96
N GLN D 505 -7.33 -3.07 2.19
CA GLN D 505 -7.88 -4.37 1.80
C GLN D 505 -7.75 -5.33 2.98
N GLU D 506 -8.83 -6.07 3.25
CA GLU D 506 -8.86 -7.02 4.34
C GLU D 506 -9.46 -8.34 3.86
N HIS D 507 -8.85 -9.44 4.26
CA HIS D 507 -9.30 -10.78 3.90
C HIS D 507 -9.50 -11.60 5.17
N TRP D 508 -10.62 -12.31 5.25
CA TRP D 508 -10.89 -13.27 6.31
C TRP D 508 -11.28 -14.59 5.65
N THR D 509 -10.64 -15.68 6.06
CA THR D 509 -10.91 -16.99 5.48
C THR D 509 -10.98 -18.01 6.61
N LYS D 510 -12.16 -18.53 6.86
CA LYS D 510 -12.37 -19.55 7.89
C LYS D 510 -12.94 -20.79 7.24
N TRP D 511 -12.48 -21.96 7.68
CA TRP D 511 -13.08 -23.21 7.20
C TRP D 511 -13.14 -24.22 8.34
N MET D 512 -14.21 -25.01 8.34
CA MET D 512 -14.46 -26.01 9.36
C MET D 512 -14.76 -27.35 8.70
N TRP D 513 -14.16 -28.41 9.24
CA TRP D 513 -14.45 -29.78 8.83
C TRP D 513 -15.02 -30.52 10.02
N ASN D 514 -16.09 -31.29 9.78
CA ASN D 514 -16.81 -31.94 10.85
C ASN D 514 -17.12 -33.38 10.45
N ALA D 515 -16.95 -34.30 11.39
CA ALA D 515 -17.30 -35.69 11.20
C ALA D 515 -18.18 -36.14 12.37
N ILE D 516 -19.34 -36.70 12.06
CA ILE D 516 -20.33 -37.08 13.05
C ILE D 516 -20.73 -38.54 12.81
N ALA D 517 -20.71 -39.34 13.87
CA ALA D 517 -21.20 -40.71 13.84
C ALA D 517 -22.31 -40.83 14.86
N THR D 518 -23.51 -41.21 14.40
CA THR D 518 -24.70 -41.27 15.24
C THR D 518 -25.35 -42.63 15.13
N TYR D 519 -25.80 -43.15 16.27
CA TYR D 519 -26.50 -44.43 16.35
C TYR D 519 -27.75 -44.26 17.22
N GLN D 520 -28.86 -44.81 16.75
CA GLN D 520 -30.14 -44.73 17.46
C GLN D 520 -30.68 -46.13 17.69
N LEU D 521 -31.22 -46.36 18.89
CA LEU D 521 -31.79 -47.64 19.26
C LEU D 521 -33.14 -47.41 19.94
N GLU D 522 -34.07 -48.33 19.70
CA GLU D 522 -35.47 -48.22 20.14
C GLU D 522 -35.91 -49.50 20.84
N VAL D 523 -35.12 -49.97 21.80
CA VAL D 523 -35.36 -51.27 22.42
C VAL D 523 -36.48 -51.09 23.44
N GLY D 524 -37.66 -51.63 23.13
CA GLY D 524 -38.79 -51.51 24.03
C GLY D 524 -39.16 -50.05 24.24
N LYS D 525 -39.28 -49.67 25.52
CA LYS D 525 -39.53 -48.29 25.89
C LYS D 525 -38.24 -47.48 26.07
N HIS D 526 -37.09 -48.08 25.82
CA HIS D 526 -35.81 -47.42 25.98
C HIS D 526 -35.34 -46.90 24.62
N ARG D 527 -35.15 -45.59 24.54
CA ARG D 527 -34.62 -44.93 23.35
C ARG D 527 -33.23 -44.41 23.65
N GLY D 528 -32.26 -44.81 22.82
CA GLY D 528 -30.89 -44.42 23.06
C GLY D 528 -30.18 -43.86 21.85
N ASP D 529 -29.68 -42.63 21.96
CA ASP D 529 -28.92 -41.98 20.89
C ASP D 529 -27.48 -41.80 21.37
N VAL D 530 -26.53 -42.30 20.59
CA VAL D 530 -25.11 -42.16 20.88
C VAL D 530 -24.46 -41.46 19.69
N MET D 531 -23.81 -40.33 19.95
CA MET D 531 -23.18 -39.55 18.89
C MET D 531 -21.77 -39.21 19.29
N ILE D 532 -20.84 -39.33 18.35
CA ILE D 532 -19.47 -38.87 18.52
C ILE D 532 -19.13 -37.96 17.35
N GLY D 533 -18.19 -37.05 17.58
CA GLY D 533 -17.87 -36.06 16.56
C GLY D 533 -16.47 -35.53 16.71
N MET D 534 -15.86 -35.24 15.56
CA MET D 534 -14.54 -34.65 15.46
C MET D 534 -14.64 -33.40 14.60
N GLU D 535 -14.19 -32.27 15.13
CA GLU D 535 -14.34 -30.99 14.45
C GLU D 535 -13.01 -30.24 14.41
N LEU D 536 -12.73 -29.63 13.26
CA LEU D 536 -11.58 -28.76 13.08
C LEU D 536 -12.05 -27.42 12.56
N ASN D 537 -11.63 -26.34 13.19
CA ASN D 537 -11.94 -24.99 12.77
C ASN D 537 -10.64 -24.26 12.52
N ARG D 538 -10.59 -23.46 11.47
CA ARG D 538 -9.31 -22.93 11.00
C ARG D 538 -9.55 -21.55 10.39
N GLU D 539 -9.04 -20.51 11.04
CA GLU D 539 -9.30 -19.14 10.62
C GLU D 539 -7.99 -18.42 10.35
N ASP D 540 -7.93 -17.70 9.21
CA ASP D 540 -6.79 -16.88 8.84
C ASP D 540 -7.29 -15.50 8.41
N ASP D 541 -6.73 -14.45 9.00
CA ASP D 541 -7.08 -13.08 8.68
C ASP D 541 -5.83 -12.32 8.24
N SER D 542 -6.03 -11.38 7.33
CA SER D 542 -4.93 -10.54 6.86
C SER D 542 -5.49 -9.19 6.41
N HIS D 543 -4.61 -8.19 6.39
CA HIS D 543 -5.00 -6.87 5.88
C HIS D 543 -3.74 -6.12 5.46
N PHE D 544 -3.92 -5.23 4.48
CA PHE D 544 -2.84 -4.36 4.05
C PHE D 544 -3.43 -3.11 3.39
N SER D 545 -2.69 -2.01 3.51
CA SER D 545 -3.18 -0.73 3.05
C SER D 545 -2.03 0.12 2.54
N GLY D 546 -2.34 0.97 1.56
CA GLY D 546 -1.38 1.92 1.03
C GLY D 546 -1.90 3.33 1.21
N TYR D 547 -0.97 4.25 1.50
CA TYR D 547 -1.30 5.62 1.86
C TYR D 547 -0.48 6.57 0.99
N LYS D 548 -1.17 7.53 0.36
CA LYS D 548 -0.52 8.47 -0.54
C LYS D 548 -1.02 9.87 -0.23
N GLU D 549 -0.23 10.88 -0.61
CA GLU D 549 -0.55 12.27 -0.32
C GLU D 549 -0.26 13.14 -1.53
N ASP D 550 -0.47 14.45 -1.36
CA ASP D 550 -0.10 15.48 -2.35
C ASP D 550 -0.83 15.27 -3.68
N PHE D 551 -2.14 15.41 -3.62
CA PHE D 551 -3.00 15.37 -4.80
C PHE D 551 -3.37 16.80 -5.23
N SER D 552 -3.78 16.91 -6.50
CA SER D 552 -4.06 18.21 -7.11
C SER D 552 -5.52 18.41 -7.47
N ILE D 553 -6.11 17.50 -8.24
CA ILE D 553 -7.49 17.68 -8.68
C ILE D 553 -8.46 17.58 -7.51
N LEU D 554 -8.19 16.69 -6.56
CA LEU D 554 -8.99 16.51 -5.36
C LEU D 554 -10.41 16.03 -5.70
N THR D 555 -10.47 14.93 -6.45
CA THR D 555 -11.71 14.24 -6.74
C THR D 555 -11.47 12.75 -6.60
N PRO D 556 -12.49 11.97 -6.23
CA PRO D 556 -12.29 10.52 -6.06
C PRO D 556 -11.79 9.84 -7.32
N ASP D 557 -12.16 10.35 -8.50
CA ASP D 557 -11.66 9.77 -9.74
C ASP D 557 -10.16 9.94 -9.88
N TYR D 558 -9.63 11.08 -9.45
CA TYR D 558 -8.20 11.35 -9.58
C TYR D 558 -7.39 10.83 -8.40
N MET D 559 -7.98 10.74 -7.22
CA MET D 559 -7.25 10.28 -6.03
C MET D 559 -7.02 8.77 -6.15
N TRP D 560 -5.89 8.41 -6.73
CA TRP D 560 -5.36 7.05 -6.70
C TRP D 560 -3.89 7.11 -6.30
N PRO D 561 -3.38 6.07 -5.65
CA PRO D 561 -1.99 6.13 -5.16
C PRO D 561 -0.96 6.40 -6.26
N ASP D 562 -1.21 5.97 -7.49
CA ASP D 562 -0.30 6.28 -8.58
C ASP D 562 -0.30 7.77 -8.90
N ALA D 563 -1.45 8.44 -8.73
CA ALA D 563 -1.57 9.85 -9.04
C ALA D 563 -1.01 10.76 -7.95
N GLY D 564 -0.65 10.21 -6.79
CA GLY D 564 -0.11 11.03 -5.73
C GLY D 564 1.32 11.47 -6.00
N SER D 565 1.74 12.52 -5.29
CA SER D 565 3.07 13.06 -5.44
C SER D 565 3.70 13.40 -4.10
N GLY D 566 3.34 12.68 -3.05
CA GLY D 566 3.86 12.93 -1.72
C GLY D 566 4.38 11.69 -1.04
N THR D 567 4.50 11.75 0.29
CA THR D 567 4.99 10.62 1.06
C THR D 567 3.98 9.47 1.03
N ALA D 568 4.48 8.26 0.87
CA ALA D 568 3.66 7.06 0.82
C ALA D 568 3.99 6.17 2.01
N GLN D 569 2.96 5.46 2.50
CA GLN D 569 3.11 4.54 3.61
C GLN D 569 2.47 3.21 3.26
N ALA D 570 3.02 2.13 3.80
CA ALA D 570 2.50 0.79 3.59
C ALA D 570 2.28 0.13 4.94
N TYR D 571 1.05 -0.34 5.18
CA TYR D 571 0.71 -1.05 6.40
C TYR D 571 0.24 -2.45 6.04
N GLY D 572 0.49 -3.40 6.94
CA GLY D 572 0.09 -4.76 6.68
C GLY D 572 0.30 -5.71 7.84
N ALA D 573 -0.65 -6.60 8.07
CA ALA D 573 -0.55 -7.55 9.17
C ALA D 573 -1.38 -8.79 8.84
N GLY D 574 -1.11 -9.85 9.59
CA GLY D 574 -1.84 -11.10 9.44
C GLY D 574 -1.84 -11.87 10.74
N GLU D 575 -2.81 -12.77 10.85
CA GLU D 575 -2.98 -13.57 12.06
C GLU D 575 -3.87 -14.76 11.73
N GLY D 576 -4.06 -15.64 12.71
CA GLY D 576 -4.91 -16.78 12.54
C GLY D 576 -4.85 -17.70 13.74
N TYR D 577 -5.76 -18.67 13.74
CA TYR D 577 -5.83 -19.65 14.81
C TYR D 577 -6.54 -20.90 14.33
N SER D 578 -6.47 -21.95 15.13
CA SER D 578 -7.09 -23.22 14.83
C SER D 578 -7.68 -23.82 16.10
N LEU D 579 -8.71 -24.65 15.92
CA LEU D 579 -9.41 -25.30 17.02
C LEU D 579 -9.65 -26.75 16.65
N VAL D 580 -9.45 -27.64 17.62
CA VAL D 580 -9.71 -29.07 17.47
C VAL D 580 -10.66 -29.50 18.57
N SER D 581 -11.67 -30.29 18.22
CA SER D 581 -12.67 -30.71 19.19
C SER D 581 -13.03 -32.17 18.98
N PHE D 582 -13.10 -32.92 20.09
CA PHE D 582 -13.62 -34.28 20.11
C PHE D 582 -14.77 -34.31 21.10
N PHE D 583 -15.98 -34.53 20.62
CA PHE D 583 -17.15 -34.43 21.48
C PHE D 583 -18.00 -35.69 21.39
N GLY D 584 -18.73 -35.96 22.47
CA GLY D 584 -19.63 -37.08 22.54
C GLY D 584 -20.92 -36.74 23.27
N LYS D 585 -22.03 -37.30 22.81
CA LYS D 585 -23.36 -36.98 23.33
C LYS D 585 -24.17 -38.26 23.44
N MET D 586 -24.75 -38.49 24.63
CA MET D 586 -25.58 -39.65 24.90
C MET D 586 -26.94 -39.18 25.40
N ASN D 587 -28.00 -39.63 24.74
CA ASN D 587 -29.37 -39.31 25.15
C ASN D 587 -30.12 -40.60 25.43
N TYR D 588 -30.75 -40.68 26.59
CA TYR D 588 -31.53 -41.85 27.00
C TYR D 588 -32.93 -41.39 27.38
N SER D 589 -33.93 -42.08 26.84
CA SER D 589 -35.33 -41.78 27.11
C SER D 589 -36.03 -43.05 27.57
N TYR D 590 -36.70 -42.97 28.72
CA TYR D 590 -37.47 -44.08 29.27
C TYR D 590 -38.94 -43.70 29.29
N ALA D 591 -39.76 -44.52 28.63
CA ALA D 591 -41.22 -44.33 28.55
C ALA D 591 -41.61 -42.97 28.01
N ASP D 592 -40.71 -42.31 27.29
CA ASP D 592 -40.91 -40.92 26.84
C ASP D 592 -41.26 -40.01 28.01
N ARG D 593 -40.78 -40.37 29.19
CA ARG D 593 -41.08 -39.65 30.42
C ARG D 593 -39.83 -39.24 31.19
N TYR D 594 -38.79 -40.07 31.20
CA TYR D 594 -37.53 -39.75 31.86
C TYR D 594 -36.46 -39.55 30.80
N LEU D 595 -35.82 -38.38 30.81
CA LEU D 595 -34.83 -38.02 29.81
C LEU D 595 -33.50 -37.72 30.50
N LEU D 596 -32.42 -38.29 29.97
CA LEU D 596 -31.07 -38.06 30.47
C LEU D 596 -30.16 -37.74 29.31
N SER D 597 -29.31 -36.73 29.49
CA SER D 597 -28.36 -36.31 28.47
C SER D 597 -26.99 -36.14 29.11
N LEU D 598 -25.96 -36.69 28.46
CA LEU D 598 -24.59 -36.59 28.93
C LEU D 598 -23.70 -36.24 27.76
N THR D 599 -23.04 -35.09 27.82
CA THR D 599 -22.12 -34.69 26.77
C THR D 599 -20.74 -34.40 27.36
N LEU D 600 -19.71 -34.74 26.59
CA LEU D 600 -18.33 -34.57 27.01
C LEU D 600 -17.54 -33.99 25.85
N ARG D 601 -16.75 -32.96 26.12
CA ARG D 601 -15.95 -32.31 25.08
C ARG D 601 -14.49 -32.29 25.47
N ARG D 602 -13.62 -32.51 24.49
CA ARG D 602 -12.18 -32.34 24.62
C ARG D 602 -11.77 -31.33 23.55
N ASP D 603 -11.40 -30.12 23.98
CA ASP D 603 -11.17 -29.00 23.08
C ASP D 603 -9.75 -28.48 23.23
N GLY D 604 -9.12 -28.20 22.11
CA GLY D 604 -7.79 -27.62 22.11
C GLY D 604 -7.72 -26.49 21.10
N SER D 605 -6.87 -25.50 21.41
CA SER D 605 -6.72 -24.32 20.59
C SER D 605 -5.24 -24.00 20.41
N SER D 606 -4.93 -23.32 19.31
CA SER D 606 -3.55 -22.92 19.02
C SER D 606 -3.12 -21.71 19.84
N ARG D 607 -4.03 -21.06 20.56
CA ARG D 607 -3.70 -19.89 21.36
C ARG D 607 -3.05 -20.25 22.70
N PHE D 608 -2.98 -21.53 23.03
CA PHE D 608 -2.41 -21.99 24.29
C PHE D 608 -1.18 -22.84 24.03
N GLY D 609 -0.34 -22.97 25.06
CA GLY D 609 0.83 -23.80 24.96
C GLY D 609 0.47 -25.28 24.93
N LYS D 610 1.49 -26.10 24.64
CA LYS D 610 1.26 -27.53 24.51
C LYS D 610 0.78 -28.15 25.82
N ASN D 611 1.31 -27.68 26.95
CA ASN D 611 0.93 -28.24 28.23
C ASN D 611 -0.55 -27.99 28.55
N HIS D 612 -1.04 -26.80 28.25
CA HIS D 612 -2.41 -26.40 28.58
C HIS D 612 -3.27 -26.25 27.33
N ARG D 613 -2.95 -26.99 26.26
CA ARG D 613 -3.68 -26.84 25.00
C ARG D 613 -5.09 -27.42 25.09
N TYR D 614 -5.21 -28.61 25.65
CA TYR D 614 -6.47 -29.35 25.64
C TYR D 614 -7.15 -29.29 27.00
N ALA D 615 -8.47 -29.22 26.99
CA ALA D 615 -9.26 -29.19 28.21
C ALA D 615 -10.53 -30.00 28.01
N THR D 616 -11.08 -30.51 29.11
CA THR D 616 -12.25 -31.37 29.10
C THR D 616 -13.42 -30.67 29.78
N PHE D 617 -14.59 -30.77 29.17
CA PHE D 617 -15.80 -30.11 29.67
C PHE D 617 -16.96 -31.09 29.68
N PRO D 618 -17.48 -31.47 30.85
CA PRO D 618 -18.68 -32.32 30.90
C PRO D 618 -19.97 -31.52 31.08
N SER D 619 -21.10 -32.13 30.71
CA SER D 619 -22.40 -31.52 30.95
C SER D 619 -23.44 -32.63 31.06
N VAL D 620 -24.38 -32.45 31.99
CA VAL D 620 -25.43 -33.41 32.28
C VAL D 620 -26.77 -32.68 32.30
N SER D 621 -27.81 -33.35 31.82
CA SER D 621 -29.15 -32.80 31.79
C SER D 621 -30.16 -33.88 32.16
N LEU D 622 -31.13 -33.52 32.99
CA LEU D 622 -32.20 -34.41 33.41
C LEU D 622 -33.54 -33.78 33.09
N GLY D 623 -34.51 -34.61 32.75
CA GLY D 623 -35.84 -34.12 32.43
C GLY D 623 -36.93 -35.11 32.81
N TRP D 624 -38.02 -34.60 33.37
CA TRP D 624 -39.13 -35.43 33.83
C TRP D 624 -40.43 -34.81 33.32
N ARG D 625 -41.15 -35.56 32.49
CA ARG D 625 -42.47 -35.13 32.01
C ARG D 625 -43.49 -35.57 33.04
N ILE D 626 -43.86 -34.65 33.94
CA ILE D 626 -44.76 -34.99 35.04
C ILE D 626 -46.13 -35.38 34.52
N THR D 627 -46.59 -34.75 33.44
CA THR D 627 -47.90 -35.05 32.88
C THR D 627 -48.01 -36.49 32.39
N GLN D 628 -46.87 -37.12 32.05
CA GLN D 628 -46.90 -38.50 31.58
C GLN D 628 -47.15 -39.50 32.70
N GLU D 629 -46.96 -39.09 33.96
CA GLU D 629 -47.21 -39.99 35.07
C GLU D 629 -48.70 -40.30 35.19
N ASN D 630 -48.99 -41.51 35.66
CA ASN D 630 -50.36 -42.01 35.70
C ASN D 630 -51.16 -41.51 36.89
N PHE D 631 -50.55 -40.77 37.82
CA PHE D 631 -51.23 -40.35 39.03
C PHE D 631 -52.00 -39.05 38.87
N MET D 632 -52.02 -38.46 37.68
CA MET D 632 -52.73 -37.20 37.46
C MET D 632 -53.47 -37.21 36.12
N LYS D 633 -54.09 -38.34 35.78
CA LYS D 633 -54.90 -38.37 34.56
C LYS D 633 -56.21 -37.61 34.71
N GLU D 634 -56.62 -37.29 35.94
CA GLU D 634 -57.84 -36.52 36.15
C GLU D 634 -57.64 -35.04 35.85
N LEU D 635 -56.40 -34.58 35.72
CA LEU D 635 -56.11 -33.17 35.41
C LEU D 635 -56.17 -32.99 33.90
N THR D 636 -57.41 -32.90 33.39
CA THR D 636 -57.59 -32.72 31.94
C THR D 636 -57.13 -31.34 31.49
N TRP D 637 -57.28 -30.32 32.33
CA TRP D 637 -56.87 -28.97 31.94
C TRP D 637 -55.36 -28.89 31.74
N LEU D 638 -54.59 -29.57 32.59
CA LEU D 638 -53.14 -29.58 32.44
C LEU D 638 -52.73 -30.46 31.27
N ASP D 639 -52.54 -29.87 30.10
CA ASP D 639 -52.21 -30.66 28.92
C ASP D 639 -50.81 -31.25 29.02
N ASP D 640 -49.82 -30.44 29.40
CA ASP D 640 -48.44 -30.90 29.43
C ASP D 640 -47.68 -30.16 30.51
N LEU D 641 -46.81 -30.88 31.21
CA LEU D 641 -45.95 -30.29 32.22
C LEU D 641 -44.63 -31.04 32.23
N LYS D 642 -43.53 -30.29 32.28
CA LYS D 642 -42.20 -30.87 32.24
C LYS D 642 -41.26 -30.07 33.14
N LEU D 643 -40.44 -30.79 33.91
CA LEU D 643 -39.45 -30.17 34.79
C LEU D 643 -38.07 -30.67 34.39
N ARG D 644 -37.16 -29.75 34.10
CA ARG D 644 -35.84 -30.11 33.61
C ARG D 644 -34.77 -29.38 34.42
N ALA D 645 -33.61 -30.01 34.53
CA ALA D 645 -32.45 -29.42 35.18
C ALA D 645 -31.22 -29.75 34.35
N SER D 646 -30.20 -28.91 34.48
CA SER D 646 -28.98 -29.13 33.73
C SER D 646 -27.80 -28.49 34.45
N TRP D 647 -26.67 -29.17 34.43
CA TRP D 647 -25.41 -28.66 34.97
C TRP D 647 -24.33 -28.93 33.93
N GLY D 648 -23.73 -27.86 33.41
CA GLY D 648 -22.76 -28.01 32.34
C GLY D 648 -21.54 -27.14 32.57
N GLN D 649 -20.45 -27.52 31.92
CA GLN D 649 -19.24 -26.71 31.87
C GLN D 649 -18.86 -26.46 30.42
N THR D 650 -18.48 -25.22 30.13
CA THR D 650 -18.06 -24.84 28.79
C THR D 650 -16.74 -24.08 28.88
N GLY D 651 -16.02 -24.09 27.78
CA GLY D 651 -14.69 -23.49 27.70
C GLY D 651 -14.73 -22.20 26.90
N ASN D 652 -13.97 -21.21 27.36
CA ASN D 652 -13.83 -19.94 26.68
C ASN D 652 -12.35 -19.69 26.43
N GLN D 653 -12.02 -19.34 25.18
CA GLN D 653 -10.65 -19.01 24.80
C GLN D 653 -10.61 -17.82 23.84
N GLU D 654 -11.66 -17.02 23.79
CA GLU D 654 -11.75 -15.89 22.87
C GLU D 654 -10.84 -14.77 23.37
N ILE D 655 -9.56 -14.91 23.08
CA ILE D 655 -8.53 -13.96 23.45
C ILE D 655 -7.73 -13.61 22.20
N SER D 656 -6.72 -12.76 22.38
CA SER D 656 -5.81 -12.43 21.29
C SER D 656 -5.04 -13.67 20.87
N ASN D 657 -4.78 -13.78 19.57
CA ASN D 657 -4.01 -14.93 19.07
C ASN D 657 -2.61 -14.95 19.66
N LEU D 658 -2.00 -13.78 19.81
CA LEU D 658 -0.65 -13.67 20.36
C LEU D 658 -0.74 -13.32 21.85
N ALA D 659 -1.18 -14.31 22.62
CA ALA D 659 -1.41 -14.11 24.05
C ALA D 659 -0.28 -14.65 24.92
N ARG D 660 0.33 -15.77 24.55
CA ARG D 660 1.37 -16.38 25.34
C ARG D 660 2.78 -15.98 24.93
N TYR D 661 2.91 -15.10 23.93
CA TYR D 661 4.21 -14.68 23.43
C TYR D 661 4.57 -13.31 23.96
N THR D 662 5.85 -13.10 24.27
CA THR D 662 6.37 -11.78 24.59
C THR D 662 6.62 -11.05 23.28
N ILE D 663 5.77 -10.08 22.97
CA ILE D 663 5.74 -9.47 21.65
C ILE D 663 6.72 -8.31 21.60
N TYR D 664 7.63 -8.35 20.64
CA TYR D 664 8.48 -7.22 20.28
C TYR D 664 8.22 -6.87 18.83
N ALA D 665 7.84 -5.61 18.58
CA ALA D 665 7.47 -5.20 17.24
C ALA D 665 8.31 -3.99 16.80
N PRO D 666 8.72 -3.96 15.55
CA PRO D 666 9.50 -2.81 15.03
C PRO D 666 8.59 -1.65 14.63
N ASN D 667 8.02 -0.99 15.64
CA ASN D 667 7.10 0.12 15.39
C ASN D 667 7.89 1.36 14.97
N TYR D 668 8.09 1.51 13.65
CA TYR D 668 8.84 2.66 13.15
C TYR D 668 8.10 3.97 13.40
N GLY D 669 6.79 3.92 13.55
CA GLY D 669 6.00 5.10 13.76
C GLY D 669 5.21 5.59 12.56
N THR D 670 5.09 4.77 11.51
CA THR D 670 4.39 5.19 10.30
C THR D 670 2.88 5.34 10.49
N THR D 671 2.33 4.80 11.58
CA THR D 671 0.90 4.89 11.82
C THR D 671 0.54 6.26 12.38
N ASP D 672 -0.57 6.82 11.90
CA ASP D 672 -1.04 8.10 12.40
C ASP D 672 -1.46 7.99 13.86
N SER D 673 -1.06 8.98 14.65
CA SER D 673 -1.40 9.02 16.07
C SER D 673 -1.86 10.41 16.44
N PHE D 674 -2.84 10.48 17.34
CA PHE D 674 -3.36 11.76 17.82
C PHE D 674 -2.64 12.16 19.09
N GLY D 675 -2.10 13.39 19.10
CA GLY D 675 -1.36 13.88 20.23
C GLY D 675 0.12 13.57 20.22
N GLY D 676 0.59 12.77 19.25
CA GLY D 676 1.99 12.47 19.13
C GLY D 676 2.49 11.32 19.98
N GLN D 677 1.61 10.62 20.70
CA GLN D 677 2.01 9.47 21.50
C GLN D 677 2.05 8.19 20.67
N SER D 678 2.78 8.24 19.56
CA SER D 678 2.85 7.09 18.67
C SER D 678 3.72 5.97 19.23
N TYR D 679 4.62 6.28 20.17
CA TYR D 679 5.56 5.31 20.73
C TYR D 679 6.40 4.65 19.63
N GLY D 680 6.69 5.40 18.58
CA GLY D 680 7.46 4.85 17.49
C GLY D 680 8.92 4.63 17.85
N THR D 681 9.58 3.83 17.04
CA THR D 681 11.00 3.50 17.25
C THR D 681 11.78 4.02 16.05
N ALA D 682 12.14 5.31 16.11
CA ALA D 682 12.94 5.94 15.06
C ALA D 682 13.49 7.23 15.64
N TYR D 683 14.82 7.32 15.75
CA TYR D 683 15.47 8.48 16.35
C TYR D 683 16.58 8.97 15.45
N ASP D 684 16.66 10.30 15.30
CA ASP D 684 17.72 10.94 14.52
C ASP D 684 18.97 10.99 15.40
N ILE D 685 19.65 9.84 15.47
CA ILE D 685 20.81 9.75 16.36
C ILE D 685 21.96 10.62 15.87
N THR D 686 22.04 10.85 14.55
CA THR D 686 23.10 11.71 14.02
C THR D 686 22.83 13.18 14.28
N GLY D 687 21.57 13.60 14.23
CA GLY D 687 21.23 14.99 14.47
C GLY D 687 21.26 15.83 13.21
N SER D 688 20.61 15.35 12.15
CA SER D 688 20.57 16.05 10.87
C SER D 688 19.17 16.49 10.49
N ASN D 689 18.25 16.52 11.45
CA ASN D 689 16.85 16.88 11.21
C ASN D 689 16.23 16.02 10.11
N GLY D 690 16.54 14.72 10.14
CA GLY D 690 15.96 13.81 9.17
C GLY D 690 16.62 13.93 7.81
N GLY D 691 15.84 13.68 6.77
CA GLY D 691 16.33 13.68 5.40
C GLY D 691 16.59 12.30 4.83
N GLY D 692 16.26 11.24 5.54
CA GLY D 692 16.47 9.89 5.06
C GLY D 692 15.74 8.86 5.88
N VAL D 693 16.33 7.68 6.04
CA VAL D 693 15.75 6.62 6.85
C VAL D 693 16.48 6.60 8.19
N LEU D 694 15.76 6.91 9.26
CA LEU D 694 16.37 6.93 10.58
C LEU D 694 16.59 5.51 11.09
N PRO D 695 17.59 5.30 11.94
CA PRO D 695 17.74 3.98 12.58
C PRO D 695 16.51 3.64 13.40
N SER D 696 16.15 2.37 13.39
CA SER D 696 14.96 1.88 14.08
C SER D 696 15.35 0.79 15.08
N GLY D 697 14.35 0.22 15.72
CA GLY D 697 14.55 -0.82 16.70
C GLY D 697 13.28 -1.57 16.96
N PHE D 698 13.11 -2.02 18.21
CA PHE D 698 11.94 -2.79 18.61
C PHE D 698 11.41 -2.27 19.93
N LYS D 699 10.11 -2.47 20.14
CA LYS D 699 9.46 -2.13 21.40
C LYS D 699 8.58 -3.30 21.83
N ARG D 700 8.37 -3.40 23.14
CA ARG D 700 7.62 -4.51 23.70
C ARG D 700 6.14 -4.18 23.73
N ASN D 701 5.33 -5.07 23.15
CA ASN D 701 3.89 -4.90 23.14
C ASN D 701 3.21 -5.60 24.31
N GLN D 702 3.67 -6.79 24.66
CA GLN D 702 3.11 -7.52 25.79
C GLN D 702 4.12 -8.55 26.27
N ILE D 703 3.92 -8.99 27.51
CA ILE D 703 4.75 -10.01 28.15
C ILE D 703 4.05 -11.34 28.04
N GLY D 704 4.76 -12.36 27.55
CA GLY D 704 4.17 -13.66 27.37
C GLY D 704 3.85 -14.35 28.68
N ASN D 705 2.88 -15.25 28.61
CA ASN D 705 2.45 -16.04 29.76
C ASN D 705 2.15 -17.45 29.28
N ASP D 706 3.03 -18.39 29.62
CA ASP D 706 2.89 -19.77 29.17
C ASP D 706 1.94 -20.60 30.02
N ASN D 707 1.40 -20.03 31.10
CA ASN D 707 0.52 -20.76 32.00
C ASN D 707 -0.96 -20.48 31.73
N ILE D 708 -1.29 -19.80 30.63
CA ILE D 708 -2.68 -19.51 30.32
C ILE D 708 -3.38 -20.80 29.87
N LYS D 709 -4.64 -20.93 30.26
CA LYS D 709 -5.44 -22.11 29.91
C LYS D 709 -6.87 -21.65 29.65
N TRP D 710 -7.75 -22.62 29.42
CA TRP D 710 -9.14 -22.33 29.11
C TRP D 710 -9.85 -21.71 30.31
N GLU D 711 -10.79 -20.81 30.03
CA GLU D 711 -11.66 -20.26 31.07
C GLU D 711 -12.89 -21.14 31.19
N THR D 712 -13.22 -21.54 32.42
CA THR D 712 -14.26 -22.52 32.66
C THR D 712 -15.53 -21.81 33.14
N THR D 713 -16.61 -21.95 32.38
CA THR D 713 -17.90 -21.39 32.74
C THR D 713 -18.85 -22.53 33.09
N THR D 714 -19.27 -22.58 34.35
CA THR D 714 -20.19 -23.61 34.83
C THR D 714 -21.58 -23.00 34.96
N GLN D 715 -22.55 -23.62 34.31
CA GLN D 715 -23.92 -23.11 34.28
C GLN D 715 -24.88 -24.17 34.82
N THR D 716 -25.74 -23.75 35.74
CA THR D 716 -26.79 -24.60 36.29
C THR D 716 -28.13 -23.97 35.96
N ASN D 717 -29.00 -24.73 35.30
CA ASN D 717 -30.29 -24.22 34.85
C ASN D 717 -31.40 -25.13 35.35
N VAL D 718 -32.50 -24.53 35.80
CA VAL D 718 -33.70 -25.26 36.22
C VAL D 718 -34.89 -24.64 35.50
N GLY D 719 -35.62 -25.46 34.75
CA GLY D 719 -36.73 -24.96 33.97
C GLY D 719 -37.98 -25.78 34.16
N ILE D 720 -39.12 -25.10 34.04
CA ILE D 720 -40.44 -25.72 34.11
C ILE D 720 -41.24 -25.25 32.90
N ASP D 721 -41.66 -26.19 32.06
CA ASP D 721 -42.46 -25.89 30.88
C ASP D 721 -43.87 -26.40 31.11
N PHE D 722 -44.86 -25.56 30.80
CA PHE D 722 -46.25 -25.91 31.03
C PHE D 722 -47.09 -25.55 29.82
N SER D 723 -48.19 -26.28 29.65
CA SER D 723 -49.15 -26.03 28.58
C SER D 723 -50.51 -26.50 29.06
N LEU D 724 -51.49 -25.59 29.04
CA LEU D 724 -52.80 -25.82 29.63
C LEU D 724 -53.88 -25.49 28.62
N PHE D 725 -55.05 -26.11 28.83
CA PHE D 725 -56.26 -25.86 28.03
C PHE D 725 -56.04 -26.23 26.56
N LYS D 726 -55.52 -27.44 26.34
CA LYS D 726 -55.28 -27.97 25.00
C LYS D 726 -54.38 -27.03 24.19
N GLN D 727 -53.16 -26.84 24.69
CA GLN D 727 -52.14 -26.03 24.03
C GLN D 727 -52.60 -24.60 23.79
N SER D 728 -53.45 -24.07 24.66
CA SER D 728 -53.92 -22.70 24.57
C SER D 728 -53.09 -21.74 25.42
N LEU D 729 -52.76 -22.13 26.66
CA LEU D 729 -51.96 -21.30 27.55
C LEU D 729 -50.65 -22.03 27.81
N TYR D 730 -49.62 -21.69 27.04
CA TYR D 730 -48.32 -22.32 27.17
C TYR D 730 -47.34 -21.35 27.83
N GLY D 731 -46.21 -21.89 28.30
CA GLY D 731 -45.22 -21.02 28.91
C GLY D 731 -44.08 -21.82 29.50
N SER D 732 -43.08 -21.08 29.96
CA SER D 732 -41.88 -21.65 30.55
C SER D 732 -41.34 -20.69 31.61
N LEU D 733 -40.67 -21.26 32.62
CA LEU D 733 -40.07 -20.50 33.70
C LEU D 733 -38.68 -21.08 33.96
N GLU D 734 -37.65 -20.25 33.86
CA GLU D 734 -36.27 -20.71 33.97
C GLU D 734 -35.53 -19.91 35.03
N TYR D 735 -34.65 -20.60 35.75
CA TYR D 735 -33.74 -19.97 36.70
C TYR D 735 -32.34 -20.48 36.42
N TYR D 736 -31.38 -19.57 36.26
CA TYR D 736 -30.03 -19.95 35.88
C TYR D 736 -28.99 -19.30 36.77
N TYR D 737 -27.91 -20.03 37.00
CA TYR D 737 -26.75 -19.59 37.76
C TYR D 737 -25.50 -19.89 36.95
N LYS D 738 -24.80 -18.84 36.55
CA LYS D 738 -23.57 -18.97 35.76
C LYS D 738 -22.40 -18.50 36.61
N LYS D 739 -21.32 -19.29 36.61
CA LYS D 739 -20.11 -18.98 37.35
C LYS D 739 -18.93 -19.19 36.42
N ALA D 740 -18.26 -18.11 36.05
CA ALA D 740 -17.10 -18.16 35.17
C ALA D 740 -15.83 -17.97 36.00
N THR D 741 -14.91 -18.92 35.88
CA THR D 741 -13.67 -18.92 36.64
C THR D 741 -12.49 -19.10 35.68
N ASP D 742 -11.31 -18.75 36.19
CA ASP D 742 -10.08 -18.75 35.39
C ASP D 742 -10.25 -17.90 34.12
N ILE D 743 -10.89 -16.74 34.29
CA ILE D 743 -11.18 -15.88 33.15
C ILE D 743 -9.88 -15.31 32.61
N LEU D 744 -9.68 -15.48 31.30
CA LEU D 744 -8.48 -14.95 30.64
C LEU D 744 -8.64 -13.45 30.47
N THR D 745 -8.04 -12.68 31.37
CA THR D 745 -8.10 -11.24 31.34
C THR D 745 -6.71 -10.66 31.07
N GLU D 746 -6.68 -9.54 30.36
CA GLU D 746 -5.42 -8.87 30.00
C GLU D 746 -5.13 -7.82 31.07
N MET D 747 -4.39 -8.23 32.09
CA MET D 747 -4.01 -7.30 33.14
C MET D 747 -2.99 -6.29 32.62
N ALA D 748 -3.15 -5.04 33.03
CA ALA D 748 -2.20 -4.01 32.68
C ALA D 748 -0.96 -4.10 33.57
N GLY D 749 0.05 -3.32 33.21
CA GLY D 749 1.26 -3.30 34.00
C GLY D 749 1.05 -2.66 35.36
N VAL D 750 1.97 -2.96 36.28
CA VAL D 750 1.87 -2.42 37.63
C VAL D 750 2.09 -0.91 37.65
N GLY D 751 2.65 -0.36 36.58
CA GLY D 751 2.90 1.07 36.50
C GLY D 751 4.37 1.38 36.35
N VAL D 752 5.22 0.65 37.09
CA VAL D 752 6.66 0.73 36.90
C VAL D 752 7.17 -0.35 35.96
N LEU D 753 6.31 -1.26 35.52
CA LEU D 753 6.69 -2.27 34.54
C LEU D 753 6.81 -1.67 33.15
N GLY D 754 6.23 -0.49 32.92
CA GLY D 754 6.42 0.21 31.66
C GLY D 754 5.58 -0.35 30.53
N GLU D 755 6.01 -0.03 29.32
CA GLU D 755 5.28 -0.45 28.12
C GLU D 755 5.35 -1.95 27.95
N GLY D 756 4.27 -2.51 27.41
CA GLY D 756 4.21 -3.95 27.22
C GLY D 756 3.99 -4.75 28.49
N GLY D 757 3.64 -4.10 29.60
CA GLY D 757 3.42 -4.81 30.84
C GLY D 757 2.12 -5.60 30.90
N SER D 758 1.20 -5.35 29.97
CA SER D 758 -0.05 -6.09 29.94
C SER D 758 0.20 -7.54 29.56
N ARG D 759 -0.48 -8.46 30.24
CA ARG D 759 -0.34 -9.87 29.97
C ARG D 759 -1.65 -10.58 30.29
N TRP D 760 -1.88 -11.70 29.62
CA TRP D 760 -3.09 -12.48 29.83
C TRP D 760 -2.91 -13.42 31.00
N ILE D 761 -3.90 -13.48 31.88
CA ILE D 761 -3.83 -14.27 33.09
C ILE D 761 -5.21 -14.80 33.43
N ASN D 762 -5.25 -15.97 34.07
CA ASN D 762 -6.50 -16.59 34.51
C ASN D 762 -6.73 -16.20 35.98
N SER D 763 -7.23 -14.99 36.18
CA SER D 763 -7.48 -14.47 37.53
C SER D 763 -8.82 -13.76 37.58
N GLY D 764 -9.85 -14.36 37.00
CA GLY D 764 -11.16 -13.74 36.99
C GLY D 764 -12.26 -14.62 37.56
N ALA D 765 -13.38 -14.01 37.94
CA ALA D 765 -14.50 -14.75 38.49
C ALA D 765 -15.76 -13.90 38.36
N MET D 766 -16.73 -14.39 37.60
CA MET D 766 -18.00 -13.70 37.40
C MET D 766 -19.16 -14.60 37.79
N LYS D 767 -20.22 -13.99 38.32
CA LYS D 767 -21.43 -14.70 38.73
C LYS D 767 -22.64 -14.01 38.12
N ASN D 768 -23.59 -14.81 37.62
CA ASN D 768 -24.83 -14.30 37.05
C ASN D 768 -25.99 -15.14 37.55
N GLN D 769 -26.92 -14.52 38.25
CA GLN D 769 -28.12 -15.19 38.74
C GLN D 769 -29.32 -14.57 38.05
N GLY D 770 -30.10 -15.37 37.34
CA GLY D 770 -31.15 -14.84 36.49
C GLY D 770 -32.42 -15.66 36.52
N PHE D 771 -33.53 -14.97 36.28
CA PHE D 771 -34.85 -15.55 36.15
C PHE D 771 -35.46 -15.12 34.81
N GLU D 772 -36.17 -16.04 34.17
CA GLU D 772 -36.86 -15.78 32.92
C GLU D 772 -38.24 -16.42 32.97
N PHE D 773 -39.22 -15.75 32.35
CA PHE D 773 -40.59 -16.25 32.33
C PHE D 773 -41.23 -15.87 31.02
N ASN D 774 -41.62 -16.87 30.23
CA ASN D 774 -42.30 -16.67 28.96
C ASN D 774 -43.70 -17.26 29.05
N LEU D 775 -44.67 -16.54 28.48
CA LEU D 775 -46.06 -16.97 28.51
C LEU D 775 -46.69 -16.70 27.15
N GLY D 776 -47.69 -17.51 26.80
CA GLY D 776 -48.38 -17.35 25.54
C GLY D 776 -49.80 -17.87 25.58
N TYR D 777 -50.74 -17.07 25.09
CA TYR D 777 -52.15 -17.43 25.09
C TYR D 777 -52.76 -17.08 23.73
N ARG D 778 -53.21 -18.09 23.01
CA ARG D 778 -53.84 -17.91 21.70
C ARG D 778 -55.23 -18.52 21.73
N ASN D 779 -56.21 -17.77 21.25
CA ASN D 779 -57.59 -18.25 21.27
C ASN D 779 -58.42 -17.48 20.26
N LYS D 780 -59.50 -18.11 19.81
CA LYS D 780 -60.43 -17.49 18.88
C LYS D 780 -61.55 -16.79 19.64
N THR D 781 -62.51 -16.25 18.89
CA THR D 781 -63.64 -15.54 19.47
C THR D 781 -64.91 -15.96 18.74
N ALA D 782 -66.05 -15.71 19.38
CA ALA D 782 -67.33 -16.13 18.83
C ALA D 782 -67.61 -15.46 17.48
N PHE D 783 -67.29 -14.18 17.36
CA PHE D 783 -67.59 -13.44 16.13
C PHE D 783 -66.47 -13.51 15.10
N GLY D 784 -65.40 -14.26 15.37
CA GLY D 784 -64.38 -14.49 14.36
C GLY D 784 -63.12 -13.68 14.53
N LEU D 785 -62.66 -13.52 15.76
CA LEU D 785 -61.42 -12.82 16.07
C LEU D 785 -60.45 -13.80 16.72
N THR D 786 -59.25 -13.92 16.14
CA THR D 786 -58.21 -14.79 16.66
C THR D 786 -57.14 -13.91 17.29
N TYR D 787 -56.98 -14.01 18.60
CA TYR D 787 -56.02 -13.19 19.33
C TYR D 787 -54.93 -14.08 19.92
N ASP D 788 -53.68 -13.69 19.71
CA ASP D 788 -52.53 -14.40 20.24
C ASP D 788 -51.66 -13.39 20.98
N LEU D 789 -51.36 -13.67 22.24
CA LEU D 789 -50.52 -12.82 23.07
C LEU D 789 -49.30 -13.61 23.51
N ASN D 790 -48.12 -13.04 23.29
CA ASN D 790 -46.86 -13.66 23.70
C ASN D 790 -46.13 -12.67 24.60
N GLY D 791 -46.12 -12.94 25.90
CA GLY D 791 -45.45 -12.10 26.86
C GLY D 791 -44.15 -12.74 27.34
N ASN D 792 -43.20 -11.89 27.72
CA ASN D 792 -41.90 -12.36 28.16
C ASN D 792 -41.36 -11.37 29.18
N ILE D 793 -40.72 -11.88 30.22
CA ILE D 793 -40.09 -11.06 31.24
C ILE D 793 -38.81 -11.75 31.70
N SER D 794 -37.80 -10.94 32.02
CA SER D 794 -36.52 -11.50 32.45
C SER D 794 -35.84 -10.52 33.39
N THR D 795 -35.03 -11.08 34.28
CA THR D 795 -34.22 -10.28 35.19
C THR D 795 -32.95 -11.04 35.50
N TYR D 796 -31.89 -10.31 35.82
CA TYR D 796 -30.62 -10.95 36.16
C TYR D 796 -29.80 -10.02 37.05
N ARG D 797 -28.89 -10.62 37.79
CA ARG D 797 -27.96 -9.92 38.66
C ARG D 797 -26.56 -10.43 38.36
N ASN D 798 -25.64 -9.50 38.12
CA ASN D 798 -24.26 -9.81 37.76
C ASN D 798 -23.34 -9.32 38.86
N GLU D 799 -22.29 -10.10 39.13
CA GLU D 799 -21.34 -9.76 40.17
C GLU D 799 -19.95 -10.22 39.77
N ILE D 800 -18.93 -9.50 40.23
CA ILE D 800 -17.54 -9.86 40.02
C ILE D 800 -16.96 -10.28 41.37
N LEU D 801 -16.49 -11.52 41.45
CA LEU D 801 -16.01 -12.09 42.71
C LEU D 801 -14.51 -11.99 42.87
N GLU D 802 -13.74 -12.20 41.80
CA GLU D 802 -12.30 -12.07 41.82
C GLU D 802 -11.83 -11.24 40.64
N LEU D 803 -10.71 -10.54 40.82
CA LEU D 803 -10.18 -9.68 39.77
C LEU D 803 -8.72 -9.38 40.09
N PRO D 804 -7.85 -9.28 39.09
CA PRO D 804 -6.46 -8.91 39.37
C PRO D 804 -6.37 -7.52 39.97
N GLU D 805 -5.33 -7.32 40.80
CA GLU D 805 -5.19 -6.07 41.53
C GLU D 805 -5.03 -4.89 40.59
N THR D 806 -4.21 -5.04 39.54
CA THR D 806 -4.02 -3.95 38.58
C THR D 806 -5.31 -3.65 37.82
N VAL D 807 -6.06 -4.69 37.46
CA VAL D 807 -7.31 -4.49 36.74
C VAL D 807 -8.30 -3.72 37.60
N ALA D 808 -8.41 -4.08 38.88
CA ALA D 808 -9.29 -3.34 39.78
C ALA D 808 -8.77 -1.93 40.04
N ALA D 809 -7.45 -1.74 39.99
CA ALA D 809 -6.89 -0.42 40.24
C ALA D 809 -7.17 0.54 39.09
N ASN D 810 -6.99 0.09 37.84
CA ASN D 810 -7.25 0.97 36.71
C ASN D 810 -8.74 1.16 36.46
N GLY D 811 -9.58 0.28 37.00
CA GLY D 811 -11.02 0.45 36.88
C GLY D 811 -11.54 0.36 35.46
N LYS D 812 -11.02 -0.57 34.66
CA LYS D 812 -11.53 -0.76 33.31
C LYS D 812 -12.88 -1.45 33.32
N PHE D 813 -13.15 -2.27 34.34
CA PHE D 813 -14.42 -2.98 34.46
C PHE D 813 -15.36 -2.30 35.45
N GLY D 814 -15.03 -1.11 35.92
CA GLY D 814 -15.87 -0.40 36.87
C GLY D 814 -15.11 0.18 38.04
N GLY D 815 -15.72 1.14 38.72
CA GLY D 815 -15.10 1.79 39.86
C GLY D 815 -14.41 3.10 39.54
N ASN D 816 -14.20 3.41 38.26
CA ASN D 816 -13.58 4.65 37.81
C ASN D 816 -12.17 4.85 38.40
N GLY D 817 -11.51 3.77 38.78
CA GLY D 817 -10.19 3.87 39.38
C GLY D 817 -10.16 4.36 40.80
N VAL D 818 -11.32 4.48 41.45
CA VAL D 818 -11.40 4.97 42.82
C VAL D 818 -11.56 3.82 43.81
N LYS D 819 -12.50 2.92 43.55
CA LYS D 819 -12.73 1.77 44.41
C LYS D 819 -12.83 0.51 43.54
N SER D 820 -12.40 -0.61 44.13
CA SER D 820 -12.39 -1.88 43.40
C SER D 820 -13.81 -2.33 43.09
N VAL D 821 -13.99 -2.85 41.87
CA VAL D 821 -15.30 -3.34 41.44
C VAL D 821 -15.60 -4.74 41.96
N VAL D 822 -14.66 -5.36 42.66
CA VAL D 822 -14.87 -6.70 43.19
C VAL D 822 -16.04 -6.68 44.17
N GLY D 823 -16.96 -7.63 43.99
CA GLY D 823 -18.15 -7.68 44.81
C GLY D 823 -19.28 -6.80 44.35
N HIS D 824 -19.16 -6.17 43.19
CA HIS D 824 -20.18 -5.29 42.65
C HIS D 824 -20.46 -5.66 41.20
N THR D 825 -21.51 -5.04 40.66
CA THR D 825 -21.93 -5.34 39.30
C THR D 825 -20.89 -4.87 38.29
N TYR D 826 -20.76 -5.63 37.20
CA TYR D 826 -19.86 -5.24 36.12
C TYR D 826 -20.29 -3.91 35.53
N GLY D 827 -19.33 -2.99 35.39
CA GLY D 827 -19.60 -1.68 34.85
C GLY D 827 -20.14 -0.67 35.84
N ALA D 828 -20.27 -1.03 37.11
CA ALA D 828 -20.75 -0.09 38.11
C ALA D 828 -19.75 1.05 38.29
N GLN D 829 -20.25 2.25 38.51
CA GLN D 829 -19.42 3.44 38.58
C GLN D 829 -19.60 4.16 39.91
N VAL D 830 -18.48 4.62 40.46
CA VAL D 830 -18.43 5.33 41.73
C VAL D 830 -18.35 6.82 41.45
N GLY D 831 -19.15 7.60 42.17
CA GLY D 831 -19.14 9.04 42.00
C GLY D 831 -19.66 9.73 43.24
N TYR D 832 -19.70 11.06 43.16
CA TYR D 832 -20.21 11.88 44.25
C TYR D 832 -21.74 11.83 44.29
N ILE D 833 -22.30 12.43 45.33
CA ILE D 833 -23.74 12.51 45.51
C ILE D 833 -24.13 13.98 45.53
N ALA D 834 -25.05 14.36 44.65
CA ALA D 834 -25.49 15.74 44.51
C ALA D 834 -26.77 15.95 45.31
N ASP D 835 -26.68 16.71 46.39
CA ASP D 835 -27.84 17.01 47.23
C ASP D 835 -28.41 18.37 46.84
N GLY D 836 -28.92 18.43 45.61
CA GLY D 836 -29.49 19.66 45.11
C GLY D 836 -28.43 20.71 44.84
N ILE D 837 -28.87 21.97 44.89
CA ILE D 837 -28.00 23.11 44.66
C ILE D 837 -28.20 24.12 45.78
N PHE D 838 -27.18 24.94 46.00
CA PHE D 838 -27.26 26.00 47.00
C PHE D 838 -28.20 27.10 46.52
N LYS D 839 -28.99 27.66 47.44
CA LYS D 839 -29.92 28.72 47.13
C LYS D 839 -29.70 29.98 47.95
N SER D 840 -28.78 29.94 48.92
CA SER D 840 -28.50 31.12 49.74
C SER D 840 -27.11 30.96 50.35
N GLN D 841 -26.57 32.07 50.82
CA GLN D 841 -25.27 32.03 51.48
C GLN D 841 -25.32 31.26 52.79
N ASP D 842 -26.47 31.28 53.47
CA ASP D 842 -26.62 30.51 54.71
C ASP D 842 -26.49 29.02 54.44
N GLU D 843 -27.06 28.54 53.34
CA GLU D 843 -26.93 27.13 52.98
C GLU D 843 -25.48 26.77 52.71
N VAL D 844 -24.74 27.66 52.04
CA VAL D 844 -23.32 27.40 51.77
C VAL D 844 -22.54 27.36 53.07
N ASP D 845 -22.81 28.28 53.98
CA ASP D 845 -22.09 28.32 55.25
C ASP D 845 -22.39 27.09 56.10
N ASN D 846 -23.66 26.68 56.16
CA ASN D 846 -24.03 25.53 56.98
C ASN D 846 -23.47 24.23 56.42
N HIS D 847 -23.41 24.11 55.10
CA HIS D 847 -22.89 22.90 54.49
C HIS D 847 -21.39 22.77 54.73
N ALA D 848 -20.89 21.54 54.65
CA ALA D 848 -19.46 21.29 54.80
C ALA D 848 -18.68 22.03 53.72
N THR D 849 -17.51 22.52 54.10
CA THR D 849 -16.72 23.34 53.19
C THR D 849 -16.25 22.54 51.98
N GLN D 850 -16.25 23.19 50.83
CA GLN D 850 -15.76 22.58 49.59
C GLN D 850 -15.27 23.67 48.66
N GLU D 851 -14.36 23.30 47.76
CA GLU D 851 -13.79 24.25 46.83
C GLU D 851 -14.84 24.66 45.80
N GLY D 852 -14.96 25.96 45.56
CA GLY D 852 -15.88 26.48 44.57
C GLY D 852 -17.32 26.58 45.03
N ALA D 853 -17.60 26.38 46.32
CA ALA D 853 -18.96 26.49 46.82
C ALA D 853 -19.45 27.93 46.70
N ALA D 854 -20.67 28.09 46.19
CA ALA D 854 -21.26 29.41 46.01
C ALA D 854 -22.76 29.24 45.84
N VAL D 855 -23.46 30.36 45.69
CA VAL D 855 -24.91 30.32 45.50
C VAL D 855 -25.23 29.84 44.10
N GLY D 856 -26.12 28.86 44.00
CA GLY D 856 -26.49 28.29 42.72
C GLY D 856 -25.62 27.15 42.26
N ARG D 857 -24.63 26.73 43.04
CA ARG D 857 -23.74 25.64 42.68
C ARG D 857 -24.23 24.33 43.30
N ILE D 858 -23.70 23.23 42.76
CA ILE D 858 -24.12 21.90 43.20
C ILE D 858 -23.57 21.63 44.59
N ARG D 859 -24.42 21.14 45.48
CA ARG D 859 -24.02 20.73 46.83
C ARG D 859 -23.74 19.24 46.84
N TYR D 860 -22.56 18.85 47.34
CA TYR D 860 -22.13 17.46 47.37
C TYR D 860 -22.19 16.95 48.80
N ARG D 861 -22.77 15.75 48.97
CA ARG D 861 -22.96 15.18 50.29
C ARG D 861 -21.62 14.79 50.91
N ASP D 862 -21.52 14.97 52.22
CA ASP D 862 -20.33 14.58 52.99
C ASP D 862 -20.54 13.16 53.48
N ILE D 863 -19.95 12.19 52.77
CA ILE D 863 -20.20 10.79 53.07
C ILE D 863 -19.57 10.39 54.41
N ASP D 864 -18.31 10.77 54.62
CA ASP D 864 -17.59 10.38 55.83
C ASP D 864 -17.76 11.37 56.98
N HIS D 865 -18.50 12.46 56.76
CA HIS D 865 -18.81 13.44 57.81
C HIS D 865 -17.53 14.02 58.43
N ASN D 866 -16.52 14.27 57.62
CA ASN D 866 -15.29 14.89 58.07
C ASN D 866 -15.33 16.41 57.98
N GLY D 867 -16.40 16.98 57.46
CA GLY D 867 -16.53 18.41 57.34
C GLY D 867 -15.95 19.03 56.08
N VAL D 868 -15.32 18.22 55.22
CA VAL D 868 -14.71 18.72 53.99
C VAL D 868 -15.04 17.75 52.86
N ILE D 869 -15.36 18.30 51.70
CA ILE D 869 -15.66 17.50 50.51
C ILE D 869 -14.37 17.30 49.74
N ASP D 870 -13.99 16.04 49.54
CA ASP D 870 -12.75 15.71 48.84
C ASP D 870 -12.98 14.44 48.02
N GLU D 871 -11.89 13.85 47.55
CA GLU D 871 -11.99 12.66 46.70
C GLU D 871 -12.47 11.44 47.48
N ARG D 872 -12.45 11.48 48.81
CA ARG D 872 -12.93 10.36 49.60
C ARG D 872 -14.45 10.36 49.77
N ASP D 873 -15.14 11.40 49.32
CA ASP D 873 -16.59 11.48 49.43
C ASP D 873 -17.25 10.95 48.16
N GLN D 874 -16.92 9.70 47.84
CA GLN D 874 -17.46 9.02 46.66
C GLN D 874 -18.05 7.68 47.07
N ASN D 875 -19.07 7.25 46.32
CA ASN D 875 -19.75 6.00 46.60
C ASN D 875 -20.31 5.45 45.30
N TRP D 876 -20.72 4.19 45.33
CA TRP D 876 -21.29 3.56 44.15
C TRP D 876 -22.60 4.25 43.77
N ILE D 877 -22.66 4.77 42.54
CA ILE D 877 -23.82 5.55 42.12
C ILE D 877 -24.44 4.97 40.86
N TYR D 878 -23.65 4.25 40.06
CA TYR D 878 -24.13 3.76 38.77
C TYR D 878 -24.10 2.24 38.75
N ASP D 879 -25.24 1.64 38.42
CA ASP D 879 -25.36 0.19 38.27
C ASP D 879 -26.06 -0.10 36.95
N PRO D 880 -25.35 -0.58 35.93
CA PRO D 880 -25.92 -0.79 34.60
C PRO D 880 -26.68 -2.12 34.45
N THR D 881 -27.57 -2.40 35.40
CA THR D 881 -28.37 -3.62 35.37
C THR D 881 -29.84 -3.24 35.56
N PRO D 882 -30.69 -3.47 34.58
CA PRO D 882 -32.12 -3.16 34.74
C PRO D 882 -32.76 -4.06 35.78
N SER D 883 -33.82 -3.54 36.41
CA SER D 883 -34.60 -4.37 37.33
C SER D 883 -35.25 -5.54 36.59
N PHE D 884 -35.85 -5.26 35.44
CA PHE D 884 -36.40 -6.32 34.60
C PHE D 884 -36.69 -5.79 33.21
N SER D 885 -36.53 -6.65 32.22
CA SER D 885 -36.82 -6.33 30.83
C SER D 885 -37.93 -7.24 30.34
N TYR D 886 -38.94 -6.65 29.69
CA TYR D 886 -40.12 -7.39 29.28
C TYR D 886 -40.50 -7.03 27.85
N GLY D 887 -41.25 -7.93 27.23
CA GLY D 887 -41.77 -7.71 25.89
C GLY D 887 -43.13 -8.35 25.75
N LEU D 888 -43.92 -7.81 24.82
CA LEU D 888 -45.28 -8.30 24.62
C LEU D 888 -45.64 -8.17 23.14
N ASN D 889 -46.01 -9.28 22.53
CA ASN D 889 -46.43 -9.32 21.14
C ASN D 889 -47.91 -9.67 21.06
N ILE D 890 -48.67 -8.88 20.32
CA ILE D 890 -50.11 -9.08 20.16
C ILE D 890 -50.39 -9.25 18.67
N TYR D 891 -51.08 -10.34 18.33
CA TYR D 891 -51.44 -10.64 16.95
C TYR D 891 -52.94 -10.88 16.87
N LEU D 892 -53.62 -10.09 16.06
CA LEU D 892 -55.07 -10.15 15.93
C LEU D 892 -55.43 -10.44 14.48
N GLU D 893 -56.30 -11.43 14.27
CA GLU D 893 -56.79 -11.79 12.95
C GLU D 893 -58.30 -11.64 12.93
N TYR D 894 -58.81 -10.90 11.94
CA TYR D 894 -60.24 -10.66 11.83
C TYR D 894 -60.55 -10.26 10.40
N LYS D 895 -61.31 -11.10 9.69
CA LYS D 895 -61.83 -10.81 8.35
C LYS D 895 -60.71 -10.33 7.42
N ASN D 896 -59.73 -11.21 7.23
CA ASN D 896 -58.58 -10.97 6.36
C ASN D 896 -57.75 -9.76 6.77
N PHE D 897 -57.88 -9.32 8.02
CA PHE D 897 -57.09 -8.22 8.56
C PHE D 897 -56.24 -8.76 9.70
N ASP D 898 -54.93 -8.62 9.58
CA ASP D 898 -53.99 -9.05 10.61
C ASP D 898 -53.25 -7.83 11.16
N LEU D 899 -53.33 -7.66 12.47
CA LEU D 899 -52.69 -6.55 13.17
C LEU D 899 -51.65 -7.11 14.14
N THR D 900 -50.41 -6.63 14.01
CA THR D 900 -49.32 -7.03 14.89
C THR D 900 -48.85 -5.81 15.68
N MET D 901 -48.60 -6.01 16.97
CA MET D 901 -48.19 -4.92 17.86
C MET D 901 -47.20 -5.47 18.87
N PHE D 902 -45.96 -5.00 18.81
CA PHE D 902 -44.92 -5.47 19.72
C PHE D 902 -44.42 -4.32 20.58
N TRP D 903 -44.46 -4.50 21.89
CA TRP D 903 -43.99 -3.53 22.86
C TRP D 903 -42.79 -4.10 23.61
N GLN D 904 -41.78 -3.26 23.83
CA GLN D 904 -40.61 -3.65 24.61
C GLN D 904 -40.39 -2.63 25.71
N GLY D 905 -40.19 -3.10 26.93
CA GLY D 905 -39.99 -2.23 28.07
C GLY D 905 -38.82 -2.68 28.91
N VAL D 906 -38.15 -1.69 29.50
CA VAL D 906 -37.04 -1.93 30.42
C VAL D 906 -37.27 -1.09 31.66
N GLN D 907 -37.19 -1.72 32.84
CA GLN D 907 -37.47 -1.03 34.09
C GLN D 907 -36.32 -1.24 35.06
N GLY D 908 -35.96 -0.18 35.78
CA GLY D 908 -34.93 -0.25 36.78
C GLY D 908 -33.52 -0.09 36.28
N VAL D 909 -33.32 0.54 35.14
CA VAL D 909 -32.00 0.73 34.55
C VAL D 909 -31.58 2.18 34.69
N ASP D 910 -30.33 2.40 35.08
CA ASP D 910 -29.74 3.73 35.18
C ASP D 910 -28.78 3.96 34.03
N ILE D 911 -28.66 5.22 33.61
CA ILE D 911 -27.81 5.58 32.49
C ILE D 911 -26.99 6.81 32.84
N ILE D 912 -25.72 6.81 32.44
CA ILE D 912 -24.88 7.99 32.54
C ILE D 912 -25.12 8.85 31.32
N SER D 913 -25.52 10.11 31.55
CA SER D 913 -25.89 11.01 30.48
C SER D 913 -24.76 12.00 30.22
N ASP D 914 -24.23 11.98 28.99
CA ASP D 914 -23.25 12.97 28.58
C ASP D 914 -23.90 14.19 27.93
N VAL D 915 -25.08 14.01 27.34
CA VAL D 915 -25.82 15.15 26.79
C VAL D 915 -26.25 16.08 27.91
N LYS D 916 -26.59 15.54 29.08
CA LYS D 916 -26.96 16.38 30.21
C LYS D 916 -25.83 17.31 30.61
N LYS D 917 -24.59 16.79 30.61
CA LYS D 917 -23.44 17.63 30.94
C LYS D 917 -23.30 18.81 29.98
N LYS D 918 -23.76 18.64 28.74
CA LYS D 918 -23.73 19.72 27.76
C LYS D 918 -25.06 20.43 27.62
N SER D 919 -26.01 20.17 28.52
CA SER D 919 -27.31 20.83 28.47
C SER D 919 -27.71 21.51 29.78
N ASP D 920 -27.25 21.04 30.92
CA ASP D 920 -27.58 21.64 32.20
C ASP D 920 -26.49 22.55 32.75
N PHE D 921 -25.38 22.69 32.04
CA PHE D 921 -24.26 23.50 32.52
C PHE D 921 -23.75 24.37 31.39
N TRP D 922 -23.14 25.49 31.76
CA TRP D 922 -22.48 26.40 30.84
C TRP D 922 -20.97 26.31 31.06
N SER D 923 -20.22 26.23 29.96
CA SER D 923 -18.77 26.10 29.99
C SER D 923 -18.35 24.88 30.80
N ALA D 924 -19.06 23.77 30.63
CA ALA D 924 -18.70 22.50 31.26
C ALA D 924 -17.93 21.59 30.33
N SER D 925 -17.61 22.04 29.12
CA SER D 925 -16.85 21.25 28.17
C SER D 925 -15.38 21.65 28.23
N ASN D 926 -14.56 20.99 27.41
CA ASN D 926 -13.15 21.31 27.36
C ASN D 926 -12.92 22.74 26.86
N VAL D 927 -13.67 23.14 25.83
CA VAL D 927 -13.57 24.48 25.30
C VAL D 927 -14.86 25.22 25.61
N GLY D 928 -14.75 26.54 25.75
CA GLY D 928 -15.88 27.37 26.12
C GLY D 928 -16.66 27.86 24.92
N PHE D 929 -17.77 28.54 25.23
CA PHE D 929 -18.66 29.16 24.23
C PHE D 929 -19.26 28.17 23.26
N LEU D 930 -19.36 26.90 23.66
CA LEU D 930 -20.01 25.90 22.83
C LEU D 930 -21.53 26.01 22.95
N ASN D 931 -22.22 25.49 21.94
CA ASN D 931 -23.68 25.48 21.96
C ASN D 931 -24.18 24.46 22.97
N LYS D 932 -25.25 24.81 23.67
CA LYS D 932 -25.80 23.99 24.74
C LYS D 932 -27.26 23.67 24.44
N GLY D 933 -27.88 22.94 25.37
CA GLY D 933 -29.27 22.56 25.22
C GLY D 933 -30.24 23.70 25.57
N THR D 934 -31.48 23.51 25.16
CA THR D 934 -32.51 24.53 25.40
C THR D 934 -32.84 24.64 26.89
N ARG D 935 -32.89 23.51 27.59
CA ARG D 935 -33.26 23.52 29.00
C ARG D 935 -32.27 24.30 29.86
N LEU D 936 -31.08 24.59 29.33
CA LEU D 936 -30.14 25.46 30.03
C LEU D 936 -30.76 26.81 30.34
N LEU D 937 -31.73 27.26 29.53
CA LEU D 937 -32.39 28.53 29.80
C LEU D 937 -33.13 28.51 31.13
N ASN D 938 -33.58 27.33 31.56
CA ASN D 938 -34.30 27.20 32.83
C ASN D 938 -33.35 26.90 33.98
N ALA D 939 -32.32 27.72 34.13
CA ALA D 939 -31.34 27.55 35.20
C ALA D 939 -31.76 28.37 36.42
N TRP D 940 -31.19 28.01 37.57
CA TRP D 940 -31.51 28.70 38.80
C TRP D 940 -30.99 30.13 38.78
N SER D 941 -31.78 31.05 39.33
CA SER D 941 -31.42 32.45 39.41
C SER D 941 -32.28 33.09 40.48
N PRO D 942 -31.88 34.26 41.00
CA PRO D 942 -32.75 34.97 41.95
C PRO D 942 -34.11 35.31 41.37
N THR D 943 -34.18 35.56 40.06
CA THR D 943 -35.46 35.83 39.42
C THR D 943 -36.29 34.56 39.26
N ASN D 944 -35.64 33.40 39.13
CA ASN D 944 -36.32 32.12 38.91
C ASN D 944 -35.83 31.14 39.96
N PRO D 945 -36.34 31.23 41.19
CA PRO D 945 -35.86 30.33 42.25
C PRO D 945 -36.37 28.91 42.13
N ASN D 946 -37.46 28.68 41.41
CA ASN D 946 -38.06 27.34 41.30
C ASN D 946 -37.38 26.58 40.15
N SER D 947 -36.14 26.18 40.40
CA SER D 947 -35.37 25.43 39.42
C SER D 947 -34.27 24.66 40.14
N ASP D 948 -33.97 23.47 39.62
CA ASP D 948 -32.90 22.64 40.15
C ASP D 948 -31.64 22.68 39.31
N ILE D 949 -31.70 23.25 38.11
CA ILE D 949 -30.51 23.37 37.26
C ILE D 949 -29.57 24.40 37.86
N PRO D 950 -28.27 24.11 37.98
CA PRO D 950 -27.35 25.07 38.59
C PRO D 950 -27.25 26.36 37.78
N ALA D 951 -26.95 27.45 38.48
CA ALA D 951 -26.83 28.75 37.84
C ALA D 951 -25.67 28.77 36.85
N LEU D 952 -25.84 29.54 35.78
CA LEU D 952 -24.84 29.60 34.73
C LEU D 952 -23.58 30.28 35.23
N THR D 953 -22.43 29.81 34.74
CA THR D 953 -21.14 30.40 35.09
C THR D 953 -20.15 30.08 33.99
N ARG D 954 -19.20 30.99 33.79
CA ARG D 954 -18.16 30.79 32.79
C ARG D 954 -16.93 30.06 33.34
N SER D 955 -16.87 29.84 34.65
CA SER D 955 -15.75 29.16 35.28
C SER D 955 -16.27 27.99 36.09
N ASP D 956 -15.68 26.82 35.91
CA ASP D 956 -16.06 25.62 36.66
C ASP D 956 -15.25 25.51 37.95
N THR D 957 -15.42 26.50 38.81
CA THR D 957 -14.72 26.51 40.09
C THR D 957 -15.17 25.34 40.96
N ASN D 958 -16.46 25.04 40.96
CA ASN D 958 -16.98 23.94 41.76
C ASN D 958 -16.62 22.58 41.19
N ASN D 959 -16.08 22.51 39.98
CA ASN D 959 -15.72 21.26 39.31
C ASN D 959 -16.95 20.34 39.21
N GLU D 960 -17.95 20.82 38.47
CA GLU D 960 -19.19 20.09 38.29
C GLU D 960 -19.11 19.04 37.20
N GLN D 961 -17.98 18.91 36.51
CA GLN D 961 -17.77 17.84 35.54
C GLN D 961 -17.47 16.51 36.20
N ARG D 962 -17.28 16.49 37.52
CA ARG D 962 -16.97 15.25 38.23
C ARG D 962 -18.13 14.27 38.13
N VAL D 963 -17.81 12.98 38.24
CA VAL D 963 -18.84 11.96 38.22
C VAL D 963 -19.69 12.05 39.48
N SER D 964 -21.00 12.18 39.29
CA SER D 964 -21.90 12.35 40.42
C SER D 964 -23.28 11.85 40.02
N THR D 965 -24.19 11.82 41.00
CA THR D 965 -25.56 11.38 40.77
C THR D 965 -26.34 12.32 39.87
N TYR D 966 -25.83 13.54 39.63
CA TYR D 966 -26.54 14.47 38.76
C TYR D 966 -26.63 13.93 37.33
N PHE D 967 -25.57 13.30 36.85
CA PHE D 967 -25.55 12.75 35.50
C PHE D 967 -26.14 11.35 35.40
N VAL D 968 -26.54 10.76 36.53
CA VAL D 968 -27.19 9.46 36.53
C VAL D 968 -28.69 9.69 36.38
N GLU D 969 -29.29 9.08 35.36
CA GLU D 969 -30.70 9.27 35.07
C GLU D 969 -31.40 7.92 34.97
N ASN D 970 -32.71 7.94 35.20
CA ASN D 970 -33.53 6.74 35.13
C ASN D 970 -33.83 6.43 33.67
N GLY D 971 -33.27 5.34 33.17
CA GLY D 971 -33.41 4.94 31.79
C GLY D 971 -34.58 4.03 31.48
N SER D 972 -35.50 3.84 32.44
CA SER D 972 -36.65 2.97 32.21
C SER D 972 -37.51 3.54 31.09
N PHE D 973 -38.00 2.66 30.21
CA PHE D 973 -38.78 3.09 29.06
C PHE D 973 -39.69 1.96 28.63
N LEU D 974 -40.67 2.31 27.79
CA LEU D 974 -41.57 1.33 27.20
C LEU D 974 -41.94 1.85 25.81
N LYS D 975 -41.48 1.17 24.76
CA LYS D 975 -41.65 1.67 23.41
C LYS D 975 -42.29 0.61 22.52
N LEU D 976 -43.12 1.08 21.60
CA LEU D 976 -43.75 0.23 20.59
C LEU D 976 -42.72 -0.03 19.50
N ARG D 977 -42.06 -1.19 19.55
CA ARG D 977 -40.99 -1.48 18.62
C ARG D 977 -41.52 -1.61 17.19
N ASN D 978 -42.66 -2.27 17.01
CA ASN D 978 -43.19 -2.52 15.68
C ASN D 978 -44.70 -2.70 15.77
N ILE D 979 -45.43 -2.01 14.89
CA ILE D 979 -46.86 -2.21 14.72
C ILE D 979 -47.12 -2.39 13.23
N GLN D 980 -47.98 -3.33 12.88
CA GLN D 980 -48.22 -3.63 11.47
C GLN D 980 -49.68 -3.98 11.25
N LEU D 981 -50.31 -3.32 10.29
CA LEU D 981 -51.68 -3.62 9.88
C LEU D 981 -51.64 -4.12 8.45
N GLY D 982 -52.19 -5.31 8.21
CA GLY D 982 -52.15 -5.92 6.90
C GLY D 982 -53.52 -6.35 6.43
N TYR D 983 -53.63 -6.50 5.12
CA TYR D 983 -54.84 -6.99 4.47
C TYR D 983 -54.46 -8.08 3.49
N THR D 984 -55.15 -9.22 3.59
CA THR D 984 -54.94 -10.35 2.70
C THR D 984 -56.08 -10.40 1.68
N VAL D 985 -55.71 -10.44 0.40
CA VAL D 985 -56.72 -10.50 -0.66
C VAL D 985 -57.50 -11.81 -0.53
N PRO D 986 -58.82 -11.80 -0.70
CA PRO D 986 -59.59 -13.06 -0.61
C PRO D 986 -59.10 -14.08 -1.62
N ALA D 987 -59.22 -15.35 -1.25
CA ALA D 987 -58.63 -16.43 -2.03
C ALA D 987 -59.19 -16.49 -3.45
N VAL D 988 -60.46 -16.14 -3.63
CA VAL D 988 -61.06 -16.23 -4.96
C VAL D 988 -60.40 -15.25 -5.92
N ILE D 989 -60.18 -14.00 -5.49
CA ILE D 989 -59.54 -13.02 -6.36
C ILE D 989 -58.11 -13.43 -6.67
N SER D 990 -57.38 -13.92 -5.68
CA SER D 990 -56.00 -14.35 -5.90
C SER D 990 -55.94 -15.52 -6.87
N LYS D 991 -56.85 -16.48 -6.73
CA LYS D 991 -56.90 -17.60 -7.66
C LYS D 991 -57.27 -17.13 -9.06
N LYS D 992 -58.12 -16.11 -9.17
CA LYS D 992 -58.38 -15.50 -10.46
C LYS D 992 -57.10 -14.92 -11.05
N MET D 993 -56.30 -14.25 -10.23
CA MET D 993 -55.03 -13.68 -10.66
C MET D 993 -53.88 -14.68 -10.60
N ARG D 994 -54.18 -15.95 -10.35
CA ARG D 994 -53.24 -17.08 -10.33
C ARG D 994 -52.27 -17.04 -9.16
N MET D 995 -52.34 -16.02 -8.30
CA MET D 995 -51.47 -15.96 -7.12
C MET D 995 -52.07 -16.81 -6.00
N ASP D 996 -51.21 -17.59 -5.33
CA ASP D 996 -51.68 -18.38 -4.20
C ASP D 996 -51.92 -17.53 -2.97
N ARG D 997 -51.22 -16.40 -2.85
CA ARG D 997 -51.38 -15.53 -1.68
C ARG D 997 -50.89 -14.14 -2.05
N LEU D 998 -51.77 -13.15 -1.91
CA LEU D 998 -51.45 -11.74 -2.15
C LEU D 998 -51.81 -10.95 -0.91
N ARG D 999 -50.83 -10.24 -0.36
CA ARG D 999 -51.02 -9.51 0.90
C ARG D 999 -50.39 -8.14 0.80
N PHE D 1000 -51.02 -7.15 1.43
CA PHE D 1000 -50.46 -5.81 1.57
C PHE D 1000 -50.36 -5.48 3.05
N TYR D 1001 -49.44 -4.59 3.40
CA TYR D 1001 -49.29 -4.22 4.81
C TYR D 1001 -48.66 -2.85 4.93
N CYS D 1002 -49.01 -2.16 6.02
CA CYS D 1002 -48.38 -0.91 6.41
C CYS D 1002 -47.93 -1.03 7.85
N SER D 1003 -46.70 -0.62 8.13
CA SER D 1003 -46.09 -0.82 9.44
C SER D 1003 -45.39 0.45 9.90
N ALA D 1004 -45.26 0.57 11.21
CA ALA D 1004 -44.51 1.64 11.86
C ALA D 1004 -43.56 1.02 12.88
N GLN D 1005 -42.28 1.38 12.77
CA GLN D 1005 -41.24 0.92 13.67
C GLN D 1005 -40.73 2.10 14.48
N ASN D 1006 -40.62 1.89 15.80
CA ASN D 1006 -40.17 2.92 16.74
C ASN D 1006 -41.08 4.15 16.69
N LEU D 1007 -42.38 3.91 16.55
CA LEU D 1007 -43.33 5.02 16.38
C LEU D 1007 -43.54 5.78 17.69
N LEU D 1008 -43.73 5.07 18.79
CA LEU D 1008 -44.11 5.68 20.04
C LEU D 1008 -43.27 5.11 21.19
N THR D 1009 -43.01 5.96 22.18
CA THR D 1009 -42.26 5.55 23.35
C THR D 1009 -42.74 6.34 24.57
N ILE D 1010 -42.60 5.73 25.74
CA ILE D 1010 -42.90 6.36 27.02
C ILE D 1010 -41.67 6.27 27.89
N LYS D 1011 -41.28 7.40 28.48
CA LYS D 1011 -40.07 7.48 29.29
C LYS D 1011 -40.41 8.07 30.65
N SER D 1012 -39.57 7.76 31.64
CA SER D 1012 -39.77 8.28 32.99
C SER D 1012 -39.53 9.78 33.03
N LYS D 1013 -40.25 10.45 33.93
CA LYS D 1013 -40.12 11.89 34.08
C LYS D 1013 -38.74 12.30 34.60
N ASN D 1014 -38.03 11.40 35.29
CA ASN D 1014 -36.70 11.71 35.79
C ASN D 1014 -35.67 11.83 34.66
N PHE D 1015 -35.98 11.32 33.48
CA PHE D 1015 -35.06 11.37 32.35
C PHE D 1015 -35.24 12.72 31.64
N THR D 1016 -34.27 13.61 31.82
CA THR D 1016 -34.38 14.95 31.25
C THR D 1016 -34.26 14.93 29.73
N GLY D 1017 -33.39 14.06 29.20
CA GLY D 1017 -33.14 14.01 27.77
C GLY D 1017 -34.25 13.32 27.00
N GLU D 1018 -33.86 12.68 25.90
CA GLU D 1018 -34.79 11.97 25.03
C GLU D 1018 -34.15 10.68 24.55
N ASP D 1019 -35.00 9.76 24.08
CA ASP D 1019 -34.57 8.45 23.59
C ASP D 1019 -33.73 7.73 24.65
N PRO D 1020 -34.34 7.22 25.70
CA PRO D 1020 -33.56 6.55 26.76
C PRO D 1020 -32.74 5.37 26.26
N GLU D 1021 -33.16 4.72 25.18
CA GLU D 1021 -32.38 3.62 24.63
C GLU D 1021 -31.01 4.11 24.15
N ASN D 1022 -30.96 5.29 23.54
CA ASN D 1022 -29.72 5.88 23.05
C ASN D 1022 -29.60 7.28 23.65
N PRO D 1023 -29.19 7.40 24.91
CA PRO D 1023 -29.10 8.70 25.57
C PRO D 1023 -27.82 9.47 25.30
N ASN D 1024 -27.02 9.06 24.32
CA ASN D 1024 -25.74 9.70 24.06
C ASN D 1024 -25.63 10.14 22.60
N PHE D 1025 -24.42 10.51 22.17
CA PHE D 1025 -24.19 11.05 20.84
C PHE D 1025 -24.02 9.97 19.78
N SER D 1026 -24.52 8.76 20.02
CA SER D 1026 -24.46 7.70 19.02
C SER D 1026 -25.46 7.99 17.91
N TYR D 1027 -25.58 7.04 16.98
CA TYR D 1027 -26.50 7.23 15.86
C TYR D 1027 -27.93 7.29 16.36
N PRO D 1028 -28.74 8.23 15.87
CA PRO D 1028 -30.13 8.31 16.31
C PRO D 1028 -30.98 7.17 15.76
N ILE D 1029 -32.07 6.90 16.46
CA ILE D 1029 -33.02 5.86 16.07
C ILE D 1029 -34.23 6.54 15.43
N PRO D 1030 -34.48 6.34 14.15
CA PRO D 1030 -35.59 7.03 13.48
C PRO D 1030 -36.90 6.25 13.58
N VAL D 1031 -37.97 6.92 13.15
CA VAL D 1031 -39.30 6.31 13.04
C VAL D 1031 -39.47 5.85 11.60
N ASN D 1032 -39.79 4.57 11.41
CA ASN D 1032 -39.92 3.99 10.07
C ASN D 1032 -41.39 3.79 9.74
N ILE D 1033 -41.83 4.34 8.62
CA ILE D 1033 -43.17 4.13 8.09
C ILE D 1033 -43.01 3.35 6.79
N THR D 1034 -43.50 2.11 6.77
CA THR D 1034 -43.22 1.18 5.69
C THR D 1034 -44.52 0.70 5.05
N PHE D 1035 -44.49 0.58 3.72
CA PHE D 1035 -45.57 -0.05 2.97
C PHE D 1035 -44.97 -1.20 2.17
N GLY D 1036 -45.58 -2.38 2.28
CA GLY D 1036 -45.03 -3.56 1.64
C GLY D 1036 -46.12 -4.45 1.09
N LEU D 1037 -45.70 -5.32 0.17
CA LEU D 1037 -46.58 -6.29 -0.46
C LEU D 1037 -45.87 -7.63 -0.58
N ASN D 1038 -46.64 -8.71 -0.48
CA ASN D 1038 -46.16 -10.07 -0.63
C ASN D 1038 -47.00 -10.78 -1.67
N ILE D 1039 -46.34 -11.42 -2.63
CA ILE D 1039 -46.99 -12.16 -3.70
C ILE D 1039 -46.53 -13.61 -3.63
N GLY D 1040 -47.49 -14.53 -3.68
CA GLY D 1040 -47.19 -15.94 -3.55
C GLY D 1040 -47.51 -16.75 -4.80
N PHE D 1041 -47.13 -16.22 -5.96
CA PHE D 1041 -47.36 -16.85 -7.26
C PHE D 1041 -47.10 -18.36 -7.25
C1 FRU E . -5.87 -13.99 -19.16
C2 FRU E . -6.03 -14.22 -17.58
C3 FRU E . -7.34 -14.28 -17.26
C4 FRU E . -7.41 -13.76 -15.81
C5 FRU E . -6.12 -12.83 -15.64
C6 FRU E . -5.26 -13.32 -14.44
O1 FRU E . -6.70 -14.89 -19.86
O2 FRU E . -5.40 -15.36 -17.21
O3 FRU E . -7.81 -15.66 -17.32
O4 FRU E . -8.50 -13.05 -15.63
O5 FRU E . -5.42 -12.95 -16.76
O6 FRU E . -4.39 -14.35 -14.88
C1 FRU E . -4.23 -15.42 -12.69
C2 FRU E . -3.48 -14.77 -13.96
C3 FRU E . -2.65 -15.68 -14.50
C4 FRU E . -1.51 -14.84 -15.13
C5 FRU E . -1.53 -13.46 -14.34
C6 FRU E . -1.80 -12.27 -15.31
O1 FRU E . -5.12 -16.42 -13.13
O3 FRU E . -3.34 -16.44 -15.53
O4 FRU E . -0.35 -15.45 -14.96
O5 FRU E . -2.52 -13.53 -13.47
O6 FRU E . -0.91 -11.20 -14.99
C1 FRU E . -0.68 -10.15 -12.82
C2 FRU E . -1.43 -10.21 -14.23
C3 FRU E . -1.29 -9.02 -14.86
C4 FRU E . -2.57 -8.22 -14.55
C5 FRU E . -3.68 -9.32 -14.31
C6 FRU E . -4.51 -9.56 -15.60
O1 FRU E . -1.59 -9.80 -11.80
O3 FRU E . -1.16 -9.22 -16.31
O4 FRU E . -2.40 -7.48 -13.47
O5 FRU E . -3.05 -10.44 -13.99
O6 FRU E . -5.62 -8.65 -15.62
C1 FRU E . -7.28 -8.30 -17.33
C2 FRU E . -5.80 -8.00 -16.80
C3 FRU E . -5.65 -6.66 -16.61
C4 FRU E . -4.38 -6.25 -17.39
C5 FRU E . -4.23 -7.39 -18.50
C6 FRU E . -2.73 -7.59 -18.86
O1 FRU E . -7.80 -9.44 -16.70
O3 FRU E . -5.48 -6.37 -15.19
O4 FRU E . -4.56 -5.08 -17.96
O5 FRU E . -4.71 -8.48 -17.92
O6 FRU E . -2.34 -8.94 -18.52
C1 FRU F . -18.61 -7.58 13.88
C2 FRU F . -18.48 -7.37 12.30
C3 FRU F . -18.58 -8.57 11.67
C4 FRU F . -17.74 -8.41 10.39
C5 FRU F . -16.68 -7.27 10.72
C6 FRU F . -16.77 -6.13 9.67
O1 FRU F . -19.73 -8.38 14.15
O2 FRU F . -19.43 -6.52 11.84
O3 FRU F . -19.98 -8.84 11.34
O4 FRU F . -17.11 -9.55 10.12
O5 FRU F . -16.99 -6.80 11.91
O6 FRU F . -17.79 -5.22 10.07
C1 FRU F . -18.28 -4.47 7.81
C2 FRU F . -17.89 -4.09 9.32
C3 FRU F . -18.82 -3.26 9.84
C4 FRU F . -18.05 -2.41 10.87
C5 FRU F . -16.52 -2.48 10.40
C6 FRU F . -15.63 -3.11 11.51
O1 FRU F . -19.45 -5.27 7.80
O3 FRU F . -19.87 -4.03 10.50
O4 FRU F . -18.47 -1.17 10.85
O5 FRU F . -16.49 -3.25 9.33
O6 FRU F . -14.43 -2.34 11.65
C1 FRU F . -12.88 -1.83 9.85
C2 FRU F . -13.35 -2.85 11.01
C3 FRU F . -12.33 -3.00 11.90
C4 FRU F . -11.61 -4.29 11.48
C5 FRU F . -12.73 -5.17 10.75
C6 FRU F . -13.35 -6.19 11.74
O1 FRU F . -12.38 -2.57 8.75
O3 FRU F . -12.87 -3.14 13.25
O4 FRU F . -10.63 -4.02 10.64
O5 FRU F . -13.67 -4.32 10.36
O6 FRU F . -12.58 -7.39 11.69
C1 FRU F . -12.81 -9.41 13.03
C2 FRU F . -12.25 -7.91 12.91
C3 FRU F . -10.90 -7.92 13.06
C4 FRU F . -10.57 -6.91 14.17
C5 FRU F . -11.92 -6.82 15.01
C6 FRU F . -12.06 -5.42 15.66
O1 FRU F . -13.81 -9.62 12.05
O3 FRU F . -10.27 -7.52 11.80
O4 FRU F . -9.59 -7.38 14.92
O5 FRU F . -12.87 -7.00 14.13
O6 FRU F . -13.24 -4.77 15.15
C1 FRU G . 17.56 -13.36 -16.27
C2 FRU G . 19.15 -13.31 -16.52
C3 FRU G . 19.71 -12.36 -15.74
C4 FRU G . 20.05 -11.18 -16.67
C5 FRU G . 19.47 -11.59 -18.09
C6 FRU G . 20.41 -11.11 -19.23
O1 FRU G . 17.15 -12.20 -15.58
O2 FRU G . 19.70 -14.52 -16.24
O3 FRU G . 20.93 -12.87 -15.11
O4 FRU G . 19.46 -10.07 -16.25
O5 FRU G . 19.46 -12.90 -18.07
O6 FRU G . 19.61 -10.55 -20.28
C1 FRU G . 20.40 -9.29 -22.20
C2 FRU G . 19.97 -9.29 -20.65
C3 FRU G . 18.92 -8.44 -20.48
C4 FRU G . 19.53 -7.14 -19.91
C5 FRU G . 21.09 -7.41 -19.79
C6 FRU G . 21.66 -6.79 -18.49
O1 FRU G . 20.50 -10.61 -22.67
O3 FRU G . 17.96 -8.99 -19.53
O4 FRU G . 19.31 -6.14 -20.76
O5 FRU G . 21.19 -8.72 -19.74
O6 FRU G . 22.94 -7.35 -18.24
C1 FRU G . 23.74 -6.45 -16.14
C2 FRU G . 23.85 -6.48 -17.74
C3 FRU G . 25.10 -6.86 -18.10
C4 FRU G . 25.46 -5.96 -19.29
C5 FRU G . 24.71 -4.60 -18.96
C6 FRU G . 24.33 -3.84 -20.26
O1 FRU G . 23.19 -7.65 -15.67
O3 FRU G . 25.10 -8.25 -18.50
O4 FRU G . 26.77 -5.75 -19.33
O5 FRU G . 23.61 -4.97 -18.33
O6 FRU G . 24.34 -4.75 -21.36
C1 FRU G . 25.46 -3.25 -22.90
C2 FRU G . 24.19 -4.17 -22.57
C3 FRU G . 24.08 -5.13 -23.52
C4 FRU G . 22.57 -5.31 -23.70
C5 FRU G . 21.98 -3.86 -23.47
C6 FRU G . 20.57 -3.92 -22.81
O1 FRU G . 25.23 -2.53 -24.09
O3 FRU G . 24.70 -6.36 -23.06
O4 FRU G . 22.30 -5.71 -24.94
O5 FRU G . 22.83 -3.26 -22.63
O6 FRU G . 20.07 -2.59 -22.69
C1 FRU G . 18.07 -2.93 -21.34
C2 FRU G . 18.71 -2.50 -22.74
C3 FRU G . 18.36 -1.22 -23.03
C4 FRU G . 18.31 -1.19 -24.57
C5 FRU G . 17.86 -2.66 -24.99
C6 FRU G . 18.69 -3.17 -26.20
O1 FRU G . 17.80 -1.79 -20.56
O3 FRU G . 19.37 -0.30 -22.54
O4 FRU G . 17.42 -0.30 -24.98
O5 FRU G . 18.10 -3.43 -23.94
O6 FRU G . 18.47 -4.56 -26.35
C1 FRU G . 19.03 -5.74 -28.40
C2 FRU G . 17.95 -4.92 -27.55
C3 FRU G . 16.84 -5.68 -27.36
C4 FRU G . 15.92 -5.39 -28.56
C5 FRU G . 16.52 -4.05 -29.23
C6 FRU G . 15.39 -2.99 -29.38
O1 FRU G . 19.90 -6.42 -27.53
O3 FRU G . 16.18 -5.33 -26.12
O4 FRU G . 15.97 -6.38 -29.44
O5 FRU G . 17.43 -3.62 -28.40
O6 FRU G . 15.31 -2.21 -28.17
C1 FRU G . 21.36 -8.16 -14.14
C2 FRU G . 22.87 -7.68 -14.31
C3 FRU G . 23.70 -8.54 -13.66
C4 FRU G . 24.63 -7.68 -12.78
C5 FRU G . 23.78 -6.36 -12.52
C6 FRU G . 24.72 -5.14 -12.31
O1 FRU G . 20.66 -7.23 -13.34
O3 FRU G . 24.48 -9.32 -14.62
O4 FRU G . 24.89 -8.29 -11.64
O5 FRU G . 23.07 -6.20 -13.63
O6 FRU G . 24.02 -4.12 -11.57
C1 FRU H . -15.41 15.42 17.17
C2 FRU H . -15.22 16.90 17.74
C3 FRU H . -14.07 17.44 17.26
C4 FRU H . -13.06 17.43 18.43
C5 FRU H . -13.81 16.67 19.61
C6 FRU H . -13.45 17.29 20.99
O1 FRU H . -14.20 14.95 16.61
O2 FRU H . -16.28 17.68 17.38
O3 FRU H . -14.31 18.81 16.82
O4 FRU H . -11.98 16.75 18.08
O5 FRU H . -15.09 16.86 19.36
O6 FRU H . -13.20 16.24 21.92
C1 FRU H . -12.26 16.47 24.15
C2 FRU H . -12.02 16.33 22.56
C3 FRU H . -11.27 15.22 22.32
C4 FRU H . -9.82 15.71 22.12
C5 FRU H . -9.88 17.29 22.28
C6 FRU H . -8.97 17.98 21.24
O1 FRU H . -13.63 16.70 24.40
O3 FRU H . -11.75 14.54 21.12
O4 FRU H . -9.04 15.18 23.06
O5 FRU H . -11.14 17.60 22.03
O6 FRU H . -9.30 19.36 21.17
C1 FRU H . -7.92 20.37 19.47
C2 FRU H . -8.25 20.20 21.02
C3 FRU H . -8.54 21.41 21.56
C4 FRU H . -7.86 21.41 22.94
C5 FRU H . -6.55 20.52 22.69
C6 FRU H . -6.11 19.80 24.00
O1 FRU H . -9.07 20.11 18.70
O3 FRU H . -9.98 21.56 21.71
O4 FRU H . -7.51 22.64 23.28
O5 FRU H . -6.92 19.62 21.80
O6 FRU H . -7.21 19.76 24.90
C1 FRU H . -5.91 20.33 26.87
C2 FRU H . -6.89 19.30 26.14
C3 FRU H . -8.02 19.17 26.87
C4 FRU H . -8.42 17.69 26.71
C5 FRU H . -7.02 16.95 26.61
C6 FRU H . -7.13 15.71 25.67
O1 FRU H . -5.48 19.78 28.09
O3 FRU H . -9.07 20.04 26.35
O4 FRU H . -9.09 17.28 27.77
O5 FRU H . -6.19 17.82 26.07
O6 FRU H . -5.88 15.03 25.67
C1 FRU H . -6.18 13.39 23.91
C2 FRU H . -5.96 13.69 25.46
C3 FRU H . -4.81 13.10 25.88
C4 FRU H . -5.08 12.77 27.35
C5 FRU H . -6.64 12.48 27.42
C6 FRU H . -7.27 13.15 28.66
O1 FRU H . -4.93 13.09 23.29
O3 FRU H . -3.69 14.03 25.77
O4 FRU H . -4.41 11.69 27.71
O5 FRU H . -7.16 13.02 26.33
O6 FRU H . -8.69 13.12 28.54
C1 FRU H . -10.16 13.48 30.44
C2 FRU H . -9.33 12.45 29.53
C3 FRU H . -10.18 11.54 29.00
C4 FRU H . -10.21 10.37 30.02
C5 FRU H . -8.99 10.62 31.00
C6 FRU H . -8.10 9.35 31.10
O1 FRU H . -10.56 14.59 29.66
O3 FRU H . -9.66 11.05 27.72
O4 FRU H . -11.35 10.41 30.70
O5 FRU H . -8.29 11.61 30.46
O6 FRU H . -7.13 9.36 30.03
C1 FRU H . -9.48 18.69 16.76
C2 FRU H . -8.86 20.06 17.31
C3 FRU H . -9.49 21.11 16.72
C4 FRU H . -8.36 22.04 16.21
C5 FRU H . -7.13 21.05 16.00
C6 FRU H . -5.79 21.82 16.19
O1 FRU H . -8.50 18.01 16.00
O3 FRU H . -10.33 21.81 17.67
O4 FRU H . -8.71 22.59 15.06
O5 FRU H . -7.27 20.14 16.95
O6 FRU H . -4.74 21.11 15.50
MG MG I . 23.18 15.94 -6.56
MG MG J . 24.97 -6.06 -51.38
MG MG K . 16.11 18.61 15.13
MG MG L . -15.69 14.21 53.40
#